data_2PGW
#
_entry.id   2PGW
#
_cell.length_a   85.315
_cell.length_b   178.139
_cell.length_c   115.176
_cell.angle_alpha   90.00
_cell.angle_beta   106.20
_cell.angle_gamma   90.00
#
_symmetry.space_group_name_H-M   'P 1 21 1'
#
loop_
_entity.id
_entity.type
_entity.pdbx_description
1 polymer 'Muconate cycloisomerase'
2 non-polymer GLYCEROL
3 water water
#
_entity_poly.entity_id   1
_entity_poly.type   'polypeptide(L)'
_entity_poly.pdbx_seq_one_letter_code
;(MSE)SLVKISNVRVRPLVLPLKQPYHWSYGIRESFAVNLIEIEADDGTVGIGECTVAPDQTGTAAILYRLAKHLVGHSP
HDVAPLIARIFHQEYLGHGANI(MSE)RAANQIFSGID(MSE)A(MSE)WDLQGKLAGLPVHQLLGGAHRKAVGYFYFLQ
GETAEELARDAAVGHAQGERVFYLKVGRGEKLDLEITAAVRGEIGDARLRLDANEGWSVHDAIN(MSE)CRKLEKYDIEF
IEQPTVSWSIPA(MSE)AHVREKVGIPIVADQAAFTLYDVYEICRQRAAD(MSE)ICIGPREIGGIQP(MSE)(MSE)KA
AAVAEAAGLKICIHSSFTTGITTCAEHHIGLAIPNLDDGNQI(MSE)WQLVQEDIVSSPDLTPKNGWLDAFRKPGLGFQL
AEDLVAEGEGRYAASREGHHHHHH
;
_entity_poly.pdbx_strand_id   A,B,C,D,E,F,G,H
#
loop_
_chem_comp.id
_chem_comp.type
_chem_comp.name
_chem_comp.formula
GOL non-polymer GLYCEROL 'C3 H8 O3'
#
# COMPACT_ATOMS: atom_id res chain seq x y z
N VAL A 4 -37.11 12.66 36.08
CA VAL A 4 -38.03 11.67 35.43
C VAL A 4 -37.29 10.37 35.16
N LYS A 5 -37.97 9.26 35.44
CA LYS A 5 -37.40 7.93 35.21
C LYS A 5 -38.37 7.12 34.39
N ILE A 6 -37.88 6.06 33.77
CA ILE A 6 -38.71 5.19 32.97
C ILE A 6 -39.46 4.27 33.92
N SER A 7 -40.79 4.23 33.80
CA SER A 7 -41.59 3.40 34.69
C SER A 7 -42.12 2.11 34.05
N ASN A 8 -42.29 2.13 32.73
CA ASN A 8 -42.82 0.96 32.04
C ASN A 8 -42.33 0.85 30.60
N VAL A 9 -42.39 -0.37 30.06
CA VAL A 9 -42.02 -0.64 28.69
C VAL A 9 -42.95 -1.75 28.21
N ARG A 10 -43.34 -1.68 26.94
CA ARG A 10 -44.22 -2.69 26.37
C ARG A 10 -43.84 -2.94 24.92
N VAL A 11 -43.93 -4.21 24.53
CA VAL A 11 -43.61 -4.62 23.18
C VAL A 11 -44.91 -5.12 22.56
N ARG A 12 -45.26 -4.56 21.40
CA ARG A 12 -46.51 -4.93 20.74
C ARG A 12 -46.28 -5.43 19.33
N PRO A 13 -46.26 -6.76 19.16
CA PRO A 13 -46.05 -7.35 17.84
C PRO A 13 -47.24 -7.03 16.94
N LEU A 14 -46.97 -6.63 15.70
CA LEU A 14 -48.02 -6.27 14.76
C LEU A 14 -47.83 -6.94 13.41
N VAL A 15 -48.94 -7.21 12.73
CA VAL A 15 -48.90 -7.77 11.39
C VAL A 15 -49.82 -6.83 10.60
N LEU A 16 -49.28 -6.22 9.56
CA LEU A 16 -50.02 -5.26 8.74
C LEU A 16 -50.02 -5.61 7.26
N PRO A 17 -51.20 -5.67 6.62
CA PRO A 17 -51.28 -5.99 5.20
C PRO A 17 -50.68 -4.92 4.28
N LEU A 18 -50.24 -5.34 3.10
CA LEU A 18 -49.66 -4.43 2.11
C LEU A 18 -50.70 -4.06 1.07
N LYS A 19 -50.59 -2.86 0.50
CA LYS A 19 -51.55 -2.44 -0.53
C LYS A 19 -51.58 -3.47 -1.64
N GLN A 20 -50.41 -3.88 -2.11
CA GLN A 20 -50.32 -4.87 -3.18
C GLN A 20 -49.28 -5.92 -2.82
N PRO A 21 -49.27 -7.05 -3.54
CA PRO A 21 -48.30 -8.12 -3.27
C PRO A 21 -46.84 -7.67 -3.49
N TYR A 22 -45.95 -8.06 -2.59
CA TYR A 22 -44.54 -7.71 -2.70
C TYR A 22 -43.76 -8.94 -3.16
N HIS A 23 -43.11 -8.82 -4.31
CA HIS A 23 -42.32 -9.91 -4.87
C HIS A 23 -40.90 -10.01 -4.32
N TRP A 24 -40.43 -11.24 -4.16
CA TRP A 24 -39.08 -11.47 -3.69
C TRP A 24 -38.63 -12.86 -4.13
N SER A 25 -37.39 -13.20 -3.81
CA SER A 25 -36.83 -14.49 -4.20
C SER A 25 -37.66 -15.71 -3.80
N TYR A 26 -38.43 -15.57 -2.74
CA TYR A 26 -39.26 -16.68 -2.26
C TYR A 26 -40.75 -16.40 -2.29
N GLY A 27 -41.32 -16.37 -3.50
CA GLY A 27 -42.73 -16.13 -3.67
C GLY A 27 -43.15 -14.68 -3.54
N ILE A 28 -44.29 -14.46 -2.88
CA ILE A 28 -44.82 -13.12 -2.69
C ILE A 28 -45.24 -12.88 -1.25
N ARG A 29 -44.96 -11.68 -0.75
CA ARG A 29 -45.32 -11.30 0.62
C ARG A 29 -46.53 -10.37 0.52
N GLU A 30 -47.45 -10.49 1.48
CA GLU A 30 -48.63 -9.65 1.44
C GLU A 30 -48.88 -8.87 2.71
N SER A 31 -47.85 -8.78 3.55
CA SER A 31 -47.96 -8.03 4.79
C SER A 31 -46.58 -7.91 5.45
N PHE A 32 -46.33 -6.78 6.10
CA PHE A 32 -45.07 -6.59 6.81
C PHE A 32 -45.39 -6.84 8.27
N ALA A 33 -44.34 -7.07 9.07
CA ALA A 33 -44.51 -7.31 10.49
C ALA A 33 -43.45 -6.53 11.24
N VAL A 34 -43.85 -5.80 12.26
CA VAL A 34 -42.93 -5.04 13.06
C VAL A 34 -43.29 -5.25 14.53
N ASN A 35 -42.34 -4.99 15.41
CA ASN A 35 -42.57 -5.11 16.83
C ASN A 35 -42.43 -3.73 17.41
N LEU A 36 -43.53 -3.18 17.93
CA LEU A 36 -43.48 -1.85 18.50
C LEU A 36 -42.87 -1.90 19.89
N ILE A 37 -42.21 -0.82 20.28
CA ILE A 37 -41.62 -0.74 21.59
C ILE A 37 -42.05 0.59 22.15
N GLU A 38 -42.73 0.55 23.29
CA GLU A 38 -43.20 1.75 23.95
C GLU A 38 -42.48 1.91 25.27
N ILE A 39 -41.92 3.08 25.52
CA ILE A 39 -41.20 3.32 26.76
C ILE A 39 -41.92 4.46 27.49
N GLU A 40 -42.55 4.12 28.61
CA GLU A 40 -43.29 5.11 29.38
C GLU A 40 -42.53 5.66 30.58
N ALA A 41 -42.52 6.98 30.70
CA ALA A 41 -41.84 7.66 31.80
C ALA A 41 -42.84 7.78 32.95
N ASP A 42 -42.32 7.94 34.17
CA ASP A 42 -43.18 8.02 35.34
C ASP A 42 -44.11 9.23 35.37
N ASP A 43 -44.03 10.09 34.38
CA ASP A 43 -44.89 11.27 34.33
C ASP A 43 -46.03 11.05 33.33
N GLY A 44 -46.04 9.86 32.71
CA GLY A 44 -47.07 9.56 31.74
C GLY A 44 -46.64 9.68 30.29
N THR A 45 -45.57 10.41 30.03
CA THR A 45 -45.08 10.59 28.66
C THR A 45 -44.56 9.26 28.11
N VAL A 46 -44.92 8.96 26.87
CA VAL A 46 -44.50 7.71 26.26
C VAL A 46 -43.73 7.87 24.94
N GLY A 47 -42.58 7.20 24.87
CA GLY A 47 -41.76 7.26 23.68
C GLY A 47 -42.07 6.02 22.87
N ILE A 48 -42.13 6.14 21.54
CA ILE A 48 -42.46 4.99 20.72
C ILE A 48 -41.48 4.74 19.58
N GLY A 49 -41.15 3.47 19.38
CA GLY A 49 -40.27 3.08 18.30
C GLY A 49 -40.72 1.74 17.75
N GLU A 50 -39.96 1.17 16.81
CA GLU A 50 -40.30 -0.12 16.24
C GLU A 50 -39.08 -0.85 15.67
N CYS A 51 -39.15 -2.18 15.66
CA CYS A 51 -38.06 -3.02 15.16
C CYS A 51 -38.55 -3.95 14.08
N THR A 52 -37.64 -4.36 13.20
CA THR A 52 -37.99 -5.33 12.16
C THR A 52 -37.98 -6.65 12.91
N VAL A 53 -38.58 -7.69 12.33
CA VAL A 53 -38.73 -8.96 13.03
C VAL A 53 -37.99 -10.23 12.62
N ALA A 54 -37.33 -10.22 11.47
CA ALA A 54 -36.60 -11.41 11.04
C ALA A 54 -35.57 -11.84 12.11
N PRO A 55 -35.30 -13.14 12.23
CA PRO A 55 -35.84 -14.29 11.49
C PRO A 55 -37.14 -14.87 12.05
N ASP A 56 -37.65 -14.30 13.13
CA ASP A 56 -38.90 -14.77 13.74
C ASP A 56 -39.48 -13.70 14.65
N GLN A 57 -40.65 -13.18 14.29
CA GLN A 57 -41.27 -12.13 15.06
C GLN A 57 -41.45 -12.46 16.54
N THR A 58 -41.96 -13.66 16.83
CA THR A 58 -42.16 -14.06 18.22
C THR A 58 -40.83 -14.08 18.96
N GLY A 59 -39.82 -14.68 18.34
CA GLY A 59 -38.50 -14.74 18.96
C GLY A 59 -37.84 -13.38 19.19
N THR A 60 -37.86 -12.51 18.18
CA THR A 60 -37.23 -11.19 18.31
C THR A 60 -38.05 -10.25 19.19
N ALA A 61 -39.36 -10.48 19.27
CA ALA A 61 -40.19 -9.65 20.11
C ALA A 61 -39.77 -9.96 21.56
N ALA A 62 -39.52 -11.24 21.82
CA ALA A 62 -39.10 -11.67 23.15
C ALA A 62 -37.75 -11.03 23.52
N ILE A 63 -36.86 -10.93 22.53
CA ILE A 63 -35.56 -10.34 22.76
C ILE A 63 -35.71 -8.84 23.05
N LEU A 64 -36.50 -8.16 22.22
CA LEU A 64 -36.74 -6.74 22.40
C LEU A 64 -37.30 -6.44 23.80
N TYR A 65 -38.23 -7.27 24.26
CA TYR A 65 -38.82 -7.07 25.58
C TYR A 65 -37.80 -7.29 26.68
N ARG A 66 -36.96 -8.31 26.55
CA ARG A 66 -35.94 -8.59 27.55
C ARG A 66 -34.97 -7.43 27.67
N LEU A 67 -34.53 -6.89 26.53
CA LEU A 67 -33.61 -5.78 26.51
C LEU A 67 -34.23 -4.51 27.08
N ALA A 68 -35.43 -4.17 26.60
CA ALA A 68 -36.15 -2.97 27.04
C ALA A 68 -36.38 -2.92 28.53
N LYS A 69 -36.57 -4.08 29.14
CA LYS A 69 -36.82 -4.18 30.57
C LYS A 69 -35.69 -3.59 31.41
N HIS A 70 -34.47 -3.61 30.89
CA HIS A 70 -33.31 -3.07 31.60
C HIS A 70 -33.40 -1.54 31.75
N LEU A 71 -34.28 -0.91 30.99
CA LEU A 71 -34.42 0.55 31.03
C LEU A 71 -35.23 1.08 32.20
N VAL A 72 -36.20 0.30 32.66
CA VAL A 72 -37.04 0.73 33.77
C VAL A 72 -36.25 1.13 35.00
N GLY A 73 -36.58 2.30 35.54
CA GLY A 73 -35.88 2.82 36.71
C GLY A 73 -34.74 3.75 36.34
N HIS A 74 -34.52 3.96 35.05
CA HIS A 74 -33.45 4.84 34.59
C HIS A 74 -33.96 6.03 33.78
N SER A 75 -33.07 6.98 33.51
CA SER A 75 -33.41 8.20 32.76
C SER A 75 -33.35 8.03 31.24
N PRO A 76 -34.37 8.53 30.52
CA PRO A 76 -34.35 8.40 29.06
C PRO A 76 -33.22 9.23 28.45
N HIS A 77 -32.62 10.10 29.26
CA HIS A 77 -31.53 10.96 28.82
C HIS A 77 -30.20 10.19 28.86
N ASP A 78 -30.25 8.97 29.38
CA ASP A 78 -29.05 8.13 29.48
C ASP A 78 -29.08 7.01 28.43
N VAL A 79 -29.73 7.26 27.31
CA VAL A 79 -29.85 6.25 26.27
C VAL A 79 -28.55 5.59 25.79
N ALA A 80 -27.52 6.38 25.52
CA ALA A 80 -26.26 5.84 25.01
C ALA A 80 -25.58 4.84 25.96
N PRO A 81 -25.29 5.25 27.21
CA PRO A 81 -24.64 4.26 28.08
C PRO A 81 -25.55 3.09 28.45
N LEU A 82 -26.85 3.33 28.51
CA LEU A 82 -27.79 2.27 28.83
C LEU A 82 -27.73 1.16 27.78
N ILE A 83 -27.80 1.54 26.51
CA ILE A 83 -27.74 0.57 25.44
C ILE A 83 -26.39 -0.16 25.43
N ALA A 84 -25.29 0.58 25.65
CA ALA A 84 -23.97 -0.05 25.67
C ALA A 84 -23.89 -1.10 26.78
N ARG A 85 -24.40 -0.77 27.96
CA ARG A 85 -24.37 -1.70 29.08
C ARG A 85 -25.22 -2.93 28.76
N ILE A 86 -26.43 -2.72 28.24
CA ILE A 86 -27.31 -3.82 27.91
C ILE A 86 -26.69 -4.73 26.86
N PHE A 87 -26.01 -4.12 25.90
CA PHE A 87 -25.34 -4.88 24.83
C PHE A 87 -24.21 -5.72 25.46
N HIS A 88 -23.43 -5.10 26.32
CA HIS A 88 -22.32 -5.80 26.97
C HIS A 88 -22.84 -6.94 27.84
N GLN A 89 -23.92 -6.68 28.57
CA GLN A 89 -24.50 -7.68 29.46
C GLN A 89 -25.23 -8.85 28.80
N GLU A 90 -26.16 -8.54 27.91
CA GLU A 90 -26.95 -9.58 27.26
C GLU A 90 -26.32 -10.24 26.05
N TYR A 91 -25.28 -9.63 25.49
CA TYR A 91 -24.64 -10.18 24.30
C TYR A 91 -23.17 -10.52 24.48
N LEU A 92 -22.33 -9.50 24.62
CA LEU A 92 -20.90 -9.67 24.75
C LEU A 92 -20.47 -10.57 25.90
N GLY A 93 -21.12 -10.39 27.05
CA GLY A 93 -20.79 -11.20 28.21
C GLY A 93 -21.04 -12.67 27.99
N HIS A 94 -21.74 -13.01 26.91
CA HIS A 94 -22.02 -14.42 26.62
C HIS A 94 -21.29 -14.89 25.36
N GLY A 95 -20.39 -14.06 24.86
CA GLY A 95 -19.63 -14.41 23.67
C GLY A 95 -20.37 -14.23 22.35
N ALA A 96 -21.56 -13.65 22.41
CA ALA A 96 -22.35 -13.43 21.20
C ALA A 96 -22.05 -12.05 20.62
N ASN A 97 -20.90 -11.91 19.99
CA ASN A 97 -20.52 -10.63 19.40
C ASN A 97 -21.25 -10.43 18.08
N ILE A 98 -22.57 -10.32 18.15
CA ILE A 98 -23.39 -10.13 16.96
C ILE A 98 -23.95 -8.72 16.91
N MSE A 99 -23.07 -7.77 16.61
CA MSE A 99 -23.46 -6.36 16.56
C MSE A 99 -24.61 -6.03 15.61
O MSE A 99 -25.52 -5.27 15.99
CB MSE A 99 -22.26 -5.51 16.19
CG MSE A 99 -22.58 -4.03 16.09
SE MSE A 99 -20.94 -3.00 16.09
CE MSE A 99 -20.51 -3.00 17.97
N ARG A 100 -24.60 -6.57 14.40
CA ARG A 100 -25.67 -6.29 13.45
C ARG A 100 -27.03 -6.73 14.02
N ALA A 101 -27.08 -7.94 14.54
CA ALA A 101 -28.34 -8.43 15.12
C ALA A 101 -28.75 -7.57 16.32
N ALA A 102 -27.79 -7.19 17.14
CA ALA A 102 -28.11 -6.36 18.29
C ALA A 102 -28.63 -5.00 17.83
N ASN A 103 -28.01 -4.47 16.78
CA ASN A 103 -28.40 -3.17 16.23
C ASN A 103 -29.87 -3.21 15.80
N GLN A 104 -30.29 -4.35 15.28
CA GLN A 104 -31.66 -4.56 14.81
C GLN A 104 -32.68 -4.26 15.90
N ILE A 105 -32.35 -4.66 17.13
CA ILE A 105 -33.26 -4.45 18.25
C ILE A 105 -33.07 -3.09 18.90
N PHE A 106 -31.82 -2.68 19.12
CA PHE A 106 -31.54 -1.40 19.73
C PHE A 106 -32.07 -0.23 18.88
N SER A 107 -32.24 -0.46 17.57
CA SER A 107 -32.77 0.58 16.69
C SER A 107 -34.12 1.07 17.22
N GLY A 108 -35.00 0.12 17.53
CA GLY A 108 -36.31 0.46 18.05
C GLY A 108 -36.23 1.15 19.42
N ILE A 109 -35.39 0.62 20.29
CA ILE A 109 -35.22 1.18 21.62
C ILE A 109 -34.71 2.62 21.54
N ASP A 110 -33.64 2.83 20.77
CA ASP A 110 -33.08 4.17 20.62
C ASP A 110 -34.15 5.11 20.07
N MSE A 111 -34.91 4.65 19.09
CA MSE A 111 -35.99 5.44 18.51
C MSE A 111 -36.91 5.99 19.59
O MSE A 111 -37.07 7.21 19.71
CB MSE A 111 -36.84 4.59 17.58
CG MSE A 111 -36.38 4.63 16.17
SE MSE A 111 -37.81 3.87 15.10
CE MSE A 111 -39.14 5.33 15.08
N ALA A 112 -37.49 5.08 20.35
CA ALA A 112 -38.41 5.43 21.43
C ALA A 112 -37.79 6.37 22.46
N MSE A 113 -36.52 6.15 22.82
CA MSE A 113 -35.86 7.01 23.80
C MSE A 113 -35.74 8.46 23.34
O MSE A 113 -35.95 9.38 24.14
CB MSE A 113 -34.48 6.45 24.13
CG MSE A 113 -34.53 5.07 24.81
SE MSE A 113 -35.08 5.15 26.69
CE MSE A 113 -33.37 5.31 27.60
N TRP A 114 -35.41 8.68 22.07
CA TRP A 114 -35.28 10.05 21.60
C TRP A 114 -36.66 10.63 21.40
N ASP A 115 -37.62 9.78 21.04
CA ASP A 115 -38.98 10.24 20.88
C ASP A 115 -39.42 10.74 22.26
N LEU A 116 -39.13 9.96 23.29
CA LEU A 116 -39.48 10.32 24.66
C LEU A 116 -38.78 11.60 25.07
N GLN A 117 -37.48 11.69 24.79
CA GLN A 117 -36.72 12.89 25.14
C GLN A 117 -37.33 14.12 24.49
N GLY A 118 -37.71 14.00 23.22
CA GLY A 118 -38.30 15.11 22.51
C GLY A 118 -39.63 15.54 23.11
N LYS A 119 -40.48 14.56 23.41
CA LYS A 119 -41.79 14.83 24.01
C LYS A 119 -41.65 15.49 25.38
N LEU A 120 -40.66 15.07 26.16
CA LEU A 120 -40.43 15.66 27.48
C LEU A 120 -39.89 17.09 27.36
N ALA A 121 -39.12 17.35 26.32
CA ALA A 121 -38.55 18.68 26.12
C ALA A 121 -39.45 19.56 25.26
N GLY A 122 -40.43 18.95 24.59
CA GLY A 122 -41.34 19.70 23.72
C GLY A 122 -40.62 20.19 22.49
N LEU A 123 -39.74 19.34 21.95
CA LEU A 123 -38.95 19.65 20.77
C LEU A 123 -38.87 18.49 19.80
N PRO A 124 -38.75 18.79 18.49
CA PRO A 124 -38.66 17.72 17.51
C PRO A 124 -37.25 17.13 17.67
N VAL A 125 -37.12 15.83 17.42
CA VAL A 125 -35.84 15.15 17.56
C VAL A 125 -34.64 15.82 16.87
N HIS A 126 -34.83 16.30 15.64
CA HIS A 126 -33.71 16.93 14.94
C HIS A 126 -33.15 18.13 15.70
N GLN A 127 -33.96 18.76 16.55
CA GLN A 127 -33.48 19.91 17.32
C GLN A 127 -32.84 19.47 18.63
N LEU A 128 -32.76 18.15 18.83
CA LEU A 128 -32.10 17.58 20.00
C LEU A 128 -30.73 17.12 19.49
N LEU A 129 -30.59 17.09 18.17
CA LEU A 129 -29.36 16.63 17.54
C LEU A 129 -28.51 17.75 16.94
N GLY A 130 -28.82 19.00 17.25
CA GLY A 130 -28.03 20.08 16.72
C GLY A 130 -28.76 20.96 15.72
N GLY A 131 -29.89 20.48 15.20
CA GLY A 131 -30.66 21.30 14.27
C GLY A 131 -30.79 20.73 12.87
N ALA A 132 -31.77 21.24 12.13
CA ALA A 132 -32.03 20.80 10.77
C ALA A 132 -31.08 21.47 9.78
N HIS A 133 -30.46 20.67 8.92
CA HIS A 133 -29.53 21.23 7.94
C HIS A 133 -30.21 21.46 6.60
N ARG A 134 -31.54 21.38 6.60
CA ARG A 134 -32.32 21.58 5.40
C ARG A 134 -33.79 21.82 5.74
N LYS A 135 -34.51 22.48 4.83
CA LYS A 135 -35.92 22.78 5.05
C LYS A 135 -36.77 21.54 4.82
N ALA A 136 -36.25 20.59 4.06
CA ALA A 136 -36.97 19.38 3.76
C ALA A 136 -36.04 18.25 3.35
N VAL A 137 -36.50 17.02 3.57
CA VAL A 137 -35.74 15.82 3.22
C VAL A 137 -36.22 15.34 1.85
N GLY A 138 -35.28 15.03 0.97
CA GLY A 138 -35.62 14.55 -0.36
C GLY A 138 -35.70 13.03 -0.37
N TYR A 139 -36.64 12.49 -1.14
CA TYR A 139 -36.86 11.04 -1.23
C TYR A 139 -36.95 10.53 -2.66
N PHE A 140 -36.70 9.24 -2.84
CA PHE A 140 -36.79 8.63 -4.16
C PHE A 140 -38.22 8.19 -4.46
N TYR A 141 -38.41 7.55 -5.62
CA TYR A 141 -39.71 7.02 -5.99
C TYR A 141 -39.44 5.53 -6.12
N PHE A 142 -39.98 4.75 -5.19
CA PHE A 142 -39.79 3.30 -5.18
C PHE A 142 -40.64 2.59 -6.21
N LEU A 143 -40.11 2.43 -7.42
CA LEU A 143 -40.82 1.75 -8.50
C LEU A 143 -41.24 0.32 -8.11
N GLN A 144 -42.33 -0.14 -8.71
CA GLN A 144 -42.89 -1.47 -8.47
C GLN A 144 -43.34 -2.05 -9.80
N GLY A 145 -43.25 -3.36 -9.94
CA GLY A 145 -43.65 -4.01 -11.17
C GLY A 145 -42.73 -5.15 -11.53
N GLU A 146 -43.27 -6.18 -12.18
CA GLU A 146 -42.47 -7.33 -12.56
C GLU A 146 -42.15 -7.41 -14.05
N THR A 147 -42.89 -6.66 -14.85
CA THR A 147 -42.64 -6.67 -16.30
C THR A 147 -42.24 -5.26 -16.75
N ALA A 148 -41.72 -5.17 -17.96
CA ALA A 148 -41.31 -3.88 -18.51
C ALA A 148 -42.44 -2.88 -18.56
N GLU A 149 -43.61 -3.29 -19.03
CA GLU A 149 -44.71 -2.33 -19.13
C GLU A 149 -45.31 -1.94 -17.78
N GLU A 150 -45.23 -2.84 -16.79
CA GLU A 150 -45.76 -2.51 -15.47
C GLU A 150 -44.87 -1.41 -14.86
N LEU A 151 -43.55 -1.59 -14.98
CA LEU A 151 -42.61 -0.61 -14.45
C LEU A 151 -42.71 0.70 -15.25
N ALA A 152 -42.88 0.58 -16.57
CA ALA A 152 -43.01 1.74 -17.43
C ALA A 152 -44.23 2.54 -16.96
N ARG A 153 -45.31 1.82 -16.67
CA ARG A 153 -46.56 2.41 -16.23
C ARG A 153 -46.38 3.13 -14.90
N ASP A 154 -45.74 2.44 -13.94
CA ASP A 154 -45.52 3.03 -12.63
C ASP A 154 -44.59 4.24 -12.70
N ALA A 155 -43.59 4.18 -13.57
CA ALA A 155 -42.65 5.28 -13.75
C ALA A 155 -43.41 6.49 -14.30
N ALA A 156 -44.33 6.22 -15.23
CA ALA A 156 -45.14 7.27 -15.83
C ALA A 156 -45.91 8.01 -14.75
N VAL A 157 -46.50 7.27 -13.82
CA VAL A 157 -47.23 7.88 -12.73
C VAL A 157 -46.29 8.75 -11.90
N GLY A 158 -45.11 8.24 -11.60
CA GLY A 158 -44.15 9.00 -10.81
C GLY A 158 -43.79 10.33 -11.46
N HIS A 159 -43.49 10.28 -12.76
CA HIS A 159 -43.13 11.48 -13.50
C HIS A 159 -44.27 12.48 -13.47
N ALA A 160 -45.48 12.01 -13.71
CA ALA A 160 -46.66 12.86 -13.73
C ALA A 160 -46.86 13.62 -12.42
N GLN A 161 -46.34 13.09 -11.31
CA GLN A 161 -46.52 13.77 -10.03
C GLN A 161 -45.27 14.49 -9.51
N GLY A 162 -44.33 14.77 -10.41
CA GLY A 162 -43.13 15.49 -10.03
C GLY A 162 -42.01 14.77 -9.30
N GLU A 163 -41.96 13.44 -9.38
CA GLU A 163 -40.90 12.70 -8.72
C GLU A 163 -39.58 13.11 -9.36
N ARG A 164 -38.54 13.22 -8.53
CA ARG A 164 -37.22 13.64 -8.98
C ARG A 164 -36.18 12.54 -9.10
N VAL A 165 -36.30 11.50 -8.27
CA VAL A 165 -35.32 10.42 -8.27
C VAL A 165 -35.98 9.04 -8.31
N PHE A 166 -35.84 8.37 -9.44
CA PHE A 166 -36.42 7.05 -9.63
C PHE A 166 -35.50 5.91 -9.22
N TYR A 167 -36.08 4.95 -8.50
CA TYR A 167 -35.34 3.80 -7.98
C TYR A 167 -35.86 2.51 -8.60
N LEU A 168 -35.02 1.85 -9.38
CA LEU A 168 -35.38 0.62 -10.09
C LEU A 168 -34.52 -0.55 -9.66
N LYS A 169 -35.15 -1.69 -9.38
CA LYS A 169 -34.43 -2.89 -8.97
C LYS A 169 -34.01 -3.66 -10.22
N VAL A 170 -32.73 -4.02 -10.31
CA VAL A 170 -32.24 -4.78 -11.47
C VAL A 170 -31.65 -6.09 -10.98
N GLY A 171 -30.82 -6.71 -11.80
CA GLY A 171 -30.23 -7.98 -11.42
C GLY A 171 -31.20 -9.11 -11.70
N ARG A 172 -32.08 -8.91 -12.67
CA ARG A 172 -33.08 -9.90 -13.05
C ARG A 172 -32.66 -10.61 -14.33
N GLY A 173 -31.38 -10.54 -14.65
CA GLY A 173 -30.89 -11.15 -15.87
C GLY A 173 -30.64 -10.04 -16.85
N GLU A 174 -29.60 -10.16 -17.67
CA GLU A 174 -29.25 -9.14 -18.63
C GLU A 174 -30.38 -8.67 -19.54
N LYS A 175 -30.99 -9.60 -20.25
CA LYS A 175 -32.08 -9.26 -21.16
C LYS A 175 -33.18 -8.42 -20.51
N LEU A 176 -33.78 -8.94 -19.45
CA LEU A 176 -34.83 -8.23 -18.76
C LEU A 176 -34.38 -6.92 -18.11
N ASP A 177 -33.17 -6.90 -17.54
CA ASP A 177 -32.67 -5.67 -16.91
C ASP A 177 -32.61 -4.49 -17.90
N LEU A 178 -32.02 -4.72 -19.06
CA LEU A 178 -31.91 -3.67 -20.07
C LEU A 178 -33.30 -3.23 -20.56
N GLU A 179 -34.18 -4.21 -20.77
CA GLU A 179 -35.53 -3.92 -21.24
C GLU A 179 -36.31 -3.07 -20.24
N ILE A 180 -36.27 -3.43 -18.96
CA ILE A 180 -36.99 -2.63 -17.98
C ILE A 180 -36.32 -1.27 -17.75
N THR A 181 -35.00 -1.20 -17.82
CA THR A 181 -34.30 0.07 -17.63
C THR A 181 -34.65 1.00 -18.80
N ALA A 182 -34.62 0.45 -20.00
CA ALA A 182 -34.97 1.24 -21.18
C ALA A 182 -36.41 1.70 -21.02
N ALA A 183 -37.28 0.76 -20.65
CA ALA A 183 -38.69 1.04 -20.44
C ALA A 183 -38.93 2.21 -19.48
N VAL A 184 -38.25 2.20 -18.34
CA VAL A 184 -38.41 3.27 -17.35
C VAL A 184 -37.85 4.60 -17.84
N ARG A 185 -36.65 4.56 -18.42
CA ARG A 185 -36.01 5.79 -18.91
C ARG A 185 -36.92 6.51 -19.91
N GLY A 186 -37.64 5.74 -20.72
CA GLY A 186 -38.52 6.32 -21.72
C GLY A 186 -39.71 7.09 -21.15
N GLU A 187 -40.05 6.83 -19.89
CA GLU A 187 -41.17 7.49 -19.24
C GLU A 187 -40.81 8.65 -18.32
N ILE A 188 -39.53 8.80 -17.99
CA ILE A 188 -39.11 9.86 -17.07
C ILE A 188 -38.23 10.95 -17.68
N GLY A 189 -38.19 11.03 -19.00
CA GLY A 189 -37.37 12.04 -19.64
C GLY A 189 -35.92 11.97 -19.22
N ASP A 190 -35.40 13.07 -18.67
CA ASP A 190 -34.01 13.13 -18.22
C ASP A 190 -33.89 13.07 -16.70
N ALA A 191 -34.96 12.67 -16.02
CA ALA A 191 -34.93 12.59 -14.56
C ALA A 191 -33.89 11.58 -14.08
N ARG A 192 -33.48 11.73 -12.84
CA ARG A 192 -32.48 10.84 -12.26
C ARG A 192 -32.98 9.41 -12.11
N LEU A 193 -32.13 8.46 -12.47
CA LEU A 193 -32.47 7.04 -12.37
C LEU A 193 -31.39 6.29 -11.63
N ARG A 194 -31.78 5.59 -10.57
CA ARG A 194 -30.87 4.80 -9.75
C ARG A 194 -31.26 3.34 -9.84
N LEU A 195 -30.26 2.46 -9.91
CA LEU A 195 -30.51 1.03 -10.01
C LEU A 195 -30.01 0.26 -8.77
N ASP A 196 -30.79 -0.71 -8.33
CA ASP A 196 -30.42 -1.52 -7.17
C ASP A 196 -30.16 -2.95 -7.62
N ALA A 197 -28.89 -3.34 -7.66
CA ALA A 197 -28.50 -4.67 -8.08
C ALA A 197 -28.75 -5.67 -6.96
N ASN A 198 -29.07 -5.16 -5.78
CA ASN A 198 -29.41 -6.01 -4.65
C ASN A 198 -28.48 -7.20 -4.41
N GLU A 199 -27.18 -6.95 -4.33
CA GLU A 199 -26.19 -8.01 -4.10
C GLU A 199 -26.29 -9.14 -5.11
N GLY A 200 -26.90 -8.88 -6.26
CA GLY A 200 -27.12 -9.92 -7.24
C GLY A 200 -26.11 -10.25 -8.32
N TRP A 201 -25.05 -9.48 -8.46
CA TRP A 201 -24.07 -9.75 -9.51
C TRP A 201 -22.69 -10.19 -9.02
N SER A 202 -22.09 -11.15 -9.73
CA SER A 202 -20.75 -11.58 -9.41
C SER A 202 -19.88 -10.42 -9.90
N VAL A 203 -18.59 -10.46 -9.61
CA VAL A 203 -17.71 -9.37 -10.03
C VAL A 203 -17.69 -9.09 -11.55
N HIS A 204 -17.50 -10.09 -12.38
CA HIS A 204 -17.43 -9.83 -13.81
C HIS A 204 -18.78 -9.51 -14.45
N ASP A 205 -19.86 -10.05 -13.88
CA ASP A 205 -21.19 -9.74 -14.39
C ASP A 205 -21.52 -8.28 -14.07
N ALA A 206 -21.09 -7.83 -12.89
CA ALA A 206 -21.34 -6.47 -12.47
C ALA A 206 -20.61 -5.51 -13.43
N ILE A 207 -19.40 -5.87 -13.81
CA ILE A 207 -18.62 -5.04 -14.71
C ILE A 207 -19.32 -4.95 -16.07
N ASN A 208 -19.72 -6.09 -16.63
CA ASN A 208 -20.38 -6.10 -17.92
C ASN A 208 -21.76 -5.45 -17.89
N MSE A 209 -22.54 -5.72 -16.84
CA MSE A 209 -23.87 -5.12 -16.75
C MSE A 209 -23.77 -3.61 -16.64
O MSE A 209 -24.59 -2.90 -17.21
CB MSE A 209 -24.65 -5.66 -15.55
CG MSE A 209 -25.18 -7.11 -15.77
SE MSE A 209 -26.24 -7.25 -17.42
CE MSE A 209 -27.55 -5.81 -17.19
N CYS A 210 -22.79 -3.12 -15.89
CA CYS A 210 -22.62 -1.68 -15.75
C CYS A 210 -22.31 -1.07 -17.11
N ARG A 211 -21.44 -1.73 -17.85
CA ARG A 211 -21.06 -1.28 -19.19
C ARG A 211 -22.31 -1.20 -20.09
N LYS A 212 -23.15 -2.23 -20.02
CA LYS A 212 -24.36 -2.28 -20.85
C LYS A 212 -25.48 -1.35 -20.42
N LEU A 213 -25.48 -0.93 -19.15
CA LEU A 213 -26.51 -0.03 -18.64
C LEU A 213 -26.16 1.44 -18.80
N GLU A 214 -24.89 1.72 -19.05
CA GLU A 214 -24.41 3.09 -19.20
C GLU A 214 -25.26 3.99 -20.10
N LYS A 215 -25.72 3.46 -21.23
CA LYS A 215 -26.51 4.26 -22.16
C LYS A 215 -27.83 4.84 -21.60
N TYR A 216 -28.27 4.34 -20.45
CA TYR A 216 -29.53 4.83 -19.88
C TYR A 216 -29.39 5.95 -18.86
N ASP A 217 -28.18 6.52 -18.76
CA ASP A 217 -27.88 7.62 -17.84
C ASP A 217 -28.27 7.29 -16.41
N ILE A 218 -27.50 6.40 -15.80
CA ILE A 218 -27.74 5.93 -14.45
C ILE A 218 -26.95 6.77 -13.45
N GLU A 219 -27.63 7.34 -12.45
CA GLU A 219 -26.94 8.16 -11.46
C GLU A 219 -26.00 7.30 -10.63
N PHE A 220 -26.44 6.08 -10.31
CA PHE A 220 -25.63 5.11 -9.59
C PHE A 220 -26.27 3.73 -9.47
N ILE A 221 -25.45 2.73 -9.22
CA ILE A 221 -25.92 1.36 -9.03
C ILE A 221 -25.62 1.01 -7.59
N GLU A 222 -26.65 0.56 -6.89
CA GLU A 222 -26.54 0.23 -5.48
C GLU A 222 -26.21 -1.23 -5.21
N GLN A 223 -25.19 -1.43 -4.38
CA GLN A 223 -24.73 -2.76 -3.96
C GLN A 223 -24.77 -3.85 -5.03
N PRO A 224 -23.90 -3.74 -6.06
CA PRO A 224 -23.88 -4.74 -7.14
C PRO A 224 -23.43 -6.13 -6.67
N THR A 225 -22.44 -6.18 -5.77
CA THR A 225 -21.90 -7.45 -5.29
C THR A 225 -22.34 -7.92 -3.91
N VAL A 226 -22.02 -9.17 -3.61
CA VAL A 226 -22.36 -9.80 -2.34
C VAL A 226 -21.85 -8.85 -1.25
N SER A 227 -22.74 -8.50 -0.33
CA SER A 227 -22.43 -7.54 0.73
C SER A 227 -21.31 -7.87 1.71
N TRP A 228 -21.01 -9.15 1.90
CA TRP A 228 -19.99 -9.55 2.88
C TRP A 228 -18.58 -9.09 2.54
N SER A 229 -18.30 -8.93 1.24
CA SER A 229 -16.97 -8.53 0.83
C SER A 229 -16.82 -7.08 0.42
N ILE A 230 -16.21 -6.30 1.28
CA ILE A 230 -16.00 -4.89 0.97
C ILE A 230 -14.95 -4.78 -0.14
N PRO A 231 -13.89 -5.61 -0.11
CA PRO A 231 -12.90 -5.51 -1.19
C PRO A 231 -13.52 -5.83 -2.57
N ALA A 232 -14.44 -6.78 -2.62
CA ALA A 232 -15.09 -7.13 -3.88
C ALA A 232 -15.84 -5.92 -4.45
N MSE A 233 -16.51 -5.18 -3.56
CA MSE A 233 -17.24 -4.01 -3.99
C MSE A 233 -16.27 -2.93 -4.53
O MSE A 233 -16.52 -2.35 -5.59
CB MSE A 233 -18.06 -3.43 -2.83
CG MSE A 233 -18.83 -2.17 -3.21
SE MSE A 233 -20.09 -1.71 -1.84
CE MSE A 233 -18.93 -1.46 -0.31
N ALA A 234 -15.18 -2.70 -3.82
CA ALA A 234 -14.17 -1.73 -4.26
C ALA A 234 -13.63 -2.12 -5.64
N HIS A 235 -13.40 -3.42 -5.82
CA HIS A 235 -12.91 -4.00 -7.07
C HIS A 235 -13.82 -3.60 -8.23
N VAL A 236 -15.12 -3.81 -8.08
CA VAL A 236 -16.08 -3.44 -9.11
C VAL A 236 -16.11 -1.92 -9.31
N ARG A 237 -16.16 -1.17 -8.20
CA ARG A 237 -16.22 0.29 -8.29
C ARG A 237 -15.07 0.88 -9.09
N GLU A 238 -13.87 0.40 -8.83
CA GLU A 238 -12.69 0.91 -9.51
C GLU A 238 -12.67 0.61 -11.00
N LYS A 239 -13.48 -0.36 -11.42
CA LYS A 239 -13.53 -0.74 -12.82
C LYS A 239 -14.69 -0.13 -13.63
N VAL A 240 -15.87 0.02 -13.03
CA VAL A 240 -17.02 0.54 -13.76
C VAL A 240 -17.14 2.06 -13.85
N GLY A 241 -17.83 2.51 -14.90
CA GLY A 241 -18.02 3.93 -15.14
C GLY A 241 -19.18 4.56 -14.38
N ILE A 242 -20.07 3.72 -13.86
CA ILE A 242 -21.21 4.20 -13.09
C ILE A 242 -20.85 4.18 -11.61
N PRO A 243 -21.15 5.28 -10.89
CA PRO A 243 -20.83 5.29 -9.46
C PRO A 243 -21.49 4.11 -8.74
N ILE A 244 -20.82 3.59 -7.71
CA ILE A 244 -21.34 2.47 -6.94
C ILE A 244 -21.63 2.89 -5.50
N VAL A 245 -22.84 2.56 -5.02
CA VAL A 245 -23.24 2.90 -3.67
C VAL A 245 -23.37 1.68 -2.77
N ALA A 246 -22.84 1.79 -1.55
CA ALA A 246 -22.90 0.69 -0.59
C ALA A 246 -24.22 0.69 0.16
N ASP A 247 -24.78 -0.50 0.34
CA ASP A 247 -26.03 -0.65 1.06
C ASP A 247 -25.85 -1.74 2.12
N GLN A 248 -26.19 -2.96 1.76
CA GLN A 248 -26.09 -4.10 2.69
C GLN A 248 -24.67 -4.35 3.20
N ALA A 249 -23.66 -3.80 2.52
CA ALA A 249 -22.27 -3.97 2.96
C ALA A 249 -22.00 -3.07 4.18
N ALA A 250 -22.82 -2.05 4.36
CA ALA A 250 -22.64 -1.12 5.46
C ALA A 250 -23.73 -1.23 6.54
N PHE A 251 -23.45 -1.95 7.62
CA PHE A 251 -24.39 -2.11 8.72
C PHE A 251 -23.91 -1.40 9.98
N THR A 252 -22.68 -1.69 10.42
CA THR A 252 -22.15 -1.10 11.64
C THR A 252 -21.25 0.11 11.42
N LEU A 253 -20.91 0.79 12.52
CA LEU A 253 -20.04 1.96 12.47
C LEU A 253 -18.69 1.53 11.89
N TYR A 254 -18.28 0.31 12.21
CA TYR A 254 -17.02 -0.23 11.73
C TYR A 254 -17.07 -0.56 10.24
N ASP A 255 -18.20 -1.06 9.76
CA ASP A 255 -18.38 -1.35 8.33
C ASP A 255 -18.24 -0.03 7.56
N VAL A 256 -18.85 1.03 8.09
CA VAL A 256 -18.81 2.34 7.46
C VAL A 256 -17.35 2.80 7.36
N TYR A 257 -16.64 2.74 8.49
CA TYR A 257 -15.24 3.13 8.52
C TYR A 257 -14.42 2.34 7.49
N GLU A 258 -14.67 1.05 7.42
CA GLU A 258 -13.96 0.19 6.48
C GLU A 258 -14.24 0.58 5.04
N ILE A 259 -15.50 0.83 4.72
CA ILE A 259 -15.85 1.23 3.35
C ILE A 259 -15.16 2.55 3.00
N CYS A 260 -15.14 3.48 3.94
CA CYS A 260 -14.52 4.78 3.75
C CYS A 260 -13.00 4.66 3.56
N ARG A 261 -12.32 4.00 4.48
CA ARG A 261 -10.87 3.90 4.38
C ARG A 261 -10.38 3.13 3.15
N GLN A 262 -11.21 2.25 2.59
CA GLN A 262 -10.84 1.48 1.40
C GLN A 262 -11.44 2.14 0.16
N ARG A 263 -12.12 3.27 0.34
CA ARG A 263 -12.78 3.99 -0.76
C ARG A 263 -13.56 2.97 -1.59
N ALA A 264 -14.32 2.12 -0.88
CA ALA A 264 -15.10 1.06 -1.50
C ALA A 264 -16.40 1.46 -2.18
N ALA A 265 -16.87 2.67 -1.92
CA ALA A 265 -18.11 3.15 -2.52
C ALA A 265 -18.09 4.67 -2.68
N ASP A 266 -19.01 5.19 -3.49
CA ASP A 266 -19.08 6.62 -3.74
C ASP A 266 -20.06 7.35 -2.84
N MSE A 267 -20.87 6.58 -2.13
CA MSE A 267 -21.85 7.08 -1.17
C MSE A 267 -22.27 5.87 -0.34
O MSE A 267 -22.16 4.73 -0.79
CB MSE A 267 -23.09 7.68 -1.86
CG MSE A 267 -24.03 8.42 -0.89
SE MSE A 267 -25.51 9.22 -1.89
CE MSE A 267 -26.48 7.69 -2.45
N ILE A 268 -22.73 6.11 0.88
CA ILE A 268 -23.11 5.01 1.74
C ILE A 268 -24.60 5.07 2.09
N CYS A 269 -25.31 4.02 1.75
CA CYS A 269 -26.74 3.95 2.03
C CYS A 269 -26.92 3.07 3.28
N ILE A 270 -27.28 3.72 4.38
CA ILE A 270 -27.44 3.04 5.66
C ILE A 270 -28.63 3.65 6.42
N GLY A 271 -29.25 2.85 7.28
CA GLY A 271 -30.39 3.32 8.07
C GLY A 271 -30.36 2.87 9.53
N PRO A 272 -31.25 3.42 10.36
CA PRO A 272 -31.27 3.04 11.78
C PRO A 272 -31.37 1.55 12.10
N ARG A 273 -32.06 0.79 11.24
CA ARG A 273 -32.22 -0.65 11.46
C ARG A 273 -30.84 -1.33 11.45
N GLU A 274 -29.99 -0.93 10.51
CA GLU A 274 -28.66 -1.53 10.39
C GLU A 274 -27.64 -1.06 11.43
N ILE A 275 -27.61 0.25 11.67
CA ILE A 275 -26.65 0.87 12.59
C ILE A 275 -27.01 0.86 14.08
N GLY A 276 -28.29 0.64 14.40
CA GLY A 276 -28.66 0.61 15.80
C GLY A 276 -29.46 1.79 16.32
N GLY A 277 -30.03 2.58 15.41
CA GLY A 277 -30.83 3.71 15.85
C GLY A 277 -30.51 5.08 15.30
N ILE A 278 -31.10 6.08 15.93
CA ILE A 278 -30.93 7.47 15.53
C ILE A 278 -29.53 7.99 15.82
N GLN A 279 -29.13 7.91 17.09
CA GLN A 279 -27.82 8.40 17.48
C GLN A 279 -26.67 7.74 16.71
N PRO A 280 -26.73 6.41 16.53
CA PRO A 280 -25.65 5.75 15.79
C PRO A 280 -25.51 6.30 14.36
N MSE A 281 -26.63 6.69 13.75
CA MSE A 281 -26.60 7.26 12.41
C MSE A 281 -25.76 8.53 12.39
O MSE A 281 -25.05 8.78 11.41
CB MSE A 281 -28.00 7.58 11.90
CG MSE A 281 -28.78 6.34 11.43
SE MSE A 281 -27.98 5.60 9.84
CE MSE A 281 -28.43 6.98 8.49
N MSE A 282 -25.85 9.33 13.45
CA MSE A 282 -25.09 10.58 13.55
C MSE A 282 -23.60 10.25 13.52
O MSE A 282 -22.80 10.97 12.92
CB MSE A 282 -25.40 11.33 14.84
CG MSE A 282 -26.88 11.73 15.00
SE MSE A 282 -27.57 12.72 13.46
CE MSE A 282 -28.48 11.36 12.49
N LYS A 283 -23.23 9.15 14.18
CA LYS A 283 -21.84 8.74 14.22
C LYS A 283 -21.38 8.23 12.84
N ALA A 284 -22.22 7.43 12.20
CA ALA A 284 -21.90 6.91 10.89
C ALA A 284 -21.78 8.06 9.89
N ALA A 285 -22.62 9.07 10.05
CA ALA A 285 -22.60 10.23 9.17
C ALA A 285 -21.31 11.02 9.37
N ALA A 286 -20.85 11.11 10.61
CA ALA A 286 -19.62 11.83 10.93
C ALA A 286 -18.43 11.13 10.30
N VAL A 287 -18.41 9.80 10.32
CA VAL A 287 -17.29 9.08 9.72
C VAL A 287 -17.28 9.34 8.21
N ALA A 288 -18.44 9.17 7.59
CA ALA A 288 -18.58 9.39 6.16
C ALA A 288 -18.15 10.82 5.82
N GLU A 289 -18.61 11.79 6.61
CA GLU A 289 -18.28 13.19 6.37
C GLU A 289 -16.75 13.40 6.37
N ALA A 290 -16.08 12.84 7.36
CA ALA A 290 -14.63 12.95 7.46
C ALA A 290 -13.94 12.31 6.24
N ALA A 291 -14.59 11.34 5.61
CA ALA A 291 -14.02 10.67 4.44
C ALA A 291 -14.47 11.32 3.13
N GLY A 292 -15.20 12.43 3.24
CA GLY A 292 -15.68 13.13 2.07
C GLY A 292 -16.84 12.43 1.37
N LEU A 293 -17.62 11.66 2.12
CA LEU A 293 -18.75 10.94 1.54
C LEU A 293 -20.07 11.35 2.18
N LYS A 294 -21.16 11.14 1.44
CA LYS A 294 -22.49 11.48 1.91
C LYS A 294 -23.30 10.25 2.31
N ILE A 295 -24.38 10.49 3.04
CA ILE A 295 -25.26 9.44 3.53
C ILE A 295 -26.61 9.52 2.84
N CYS A 296 -27.10 8.36 2.44
CA CYS A 296 -28.43 8.24 1.84
C CYS A 296 -29.10 7.32 2.85
N ILE A 297 -30.30 7.67 3.29
CA ILE A 297 -30.97 6.84 4.28
C ILE A 297 -31.59 5.59 3.68
N HIS A 298 -31.19 4.44 4.21
CA HIS A 298 -31.72 3.16 3.75
C HIS A 298 -32.87 2.80 4.67
N SER A 299 -34.02 2.47 4.11
CA SER A 299 -35.18 2.14 4.93
C SER A 299 -35.37 0.64 5.09
N SER A 300 -36.58 0.24 5.46
CA SER A 300 -36.89 -1.17 5.64
C SER A 300 -38.39 -1.40 5.42
N PHE A 301 -38.82 -2.65 5.57
CA PHE A 301 -40.23 -3.00 5.39
C PHE A 301 -40.96 -2.70 6.70
N THR A 302 -41.03 -1.41 7.05
CA THR A 302 -41.66 -1.00 8.30
C THR A 302 -42.85 -0.05 8.13
N THR A 303 -43.18 0.69 9.20
CA THR A 303 -44.32 1.60 9.17
C THR A 303 -43.92 3.08 9.19
N GLY A 304 -44.91 3.95 9.31
CA GLY A 304 -44.65 5.37 9.35
C GLY A 304 -43.80 5.78 10.54
N ILE A 305 -43.74 4.94 11.56
CA ILE A 305 -42.92 5.26 12.73
C ILE A 305 -41.46 5.37 12.30
N THR A 306 -41.00 4.41 11.52
CA THR A 306 -39.62 4.42 11.04
C THR A 306 -39.44 5.60 10.06
N THR A 307 -40.47 5.89 9.28
CA THR A 307 -40.40 7.00 8.34
C THR A 307 -40.11 8.28 9.11
N CYS A 308 -40.74 8.45 10.26
CA CYS A 308 -40.52 9.66 11.05
C CYS A 308 -39.14 9.74 11.67
N ALA A 309 -38.64 8.59 12.15
CA ALA A 309 -37.30 8.55 12.73
C ALA A 309 -36.27 8.88 11.65
N GLU A 310 -36.37 8.18 10.53
CA GLU A 310 -35.45 8.38 9.41
C GLU A 310 -35.53 9.82 8.88
N HIS A 311 -36.70 10.45 9.04
CA HIS A 311 -36.88 11.84 8.60
C HIS A 311 -36.08 12.79 9.49
N HIS A 312 -36.18 12.61 10.81
CA HIS A 312 -35.45 13.47 11.74
C HIS A 312 -33.95 13.21 11.63
N ILE A 313 -33.57 11.96 11.38
CA ILE A 313 -32.16 11.62 11.23
C ILE A 313 -31.64 12.39 10.01
N GLY A 314 -32.42 12.37 8.94
CA GLY A 314 -32.04 13.06 7.72
C GLY A 314 -31.85 14.55 7.92
N LEU A 315 -32.78 15.19 8.59
CA LEU A 315 -32.69 16.63 8.84
C LEU A 315 -31.43 16.98 9.62
N ALA A 316 -31.07 16.14 10.58
CA ALA A 316 -29.91 16.38 11.44
C ALA A 316 -28.55 16.07 10.83
N ILE A 317 -28.55 15.45 9.64
CA ILE A 317 -27.31 15.10 8.97
C ILE A 317 -26.94 16.13 7.91
N PRO A 318 -25.75 16.75 8.04
CA PRO A 318 -25.33 17.75 7.07
C PRO A 318 -24.98 17.15 5.70
N ASN A 319 -24.27 16.03 5.70
CA ASN A 319 -23.87 15.37 4.46
C ASN A 319 -24.89 14.32 4.03
N LEU A 320 -26.07 14.78 3.64
CA LEU A 320 -27.17 13.91 3.25
C LEU A 320 -27.56 13.97 1.78
N ASP A 321 -27.93 12.82 1.24
CA ASP A 321 -28.38 12.66 -0.13
C ASP A 321 -29.78 13.30 -0.19
N ASP A 322 -30.35 13.43 -1.39
CA ASP A 322 -31.67 14.01 -1.55
C ASP A 322 -32.59 13.01 -2.25
N GLY A 323 -32.22 11.74 -2.20
CA GLY A 323 -33.00 10.67 -2.81
C GLY A 323 -33.10 9.55 -1.79
N ASN A 324 -33.36 9.95 -0.54
CA ASN A 324 -33.48 8.99 0.55
C ASN A 324 -34.62 8.00 0.38
N GLN A 325 -34.48 6.82 0.95
CA GLN A 325 -35.52 5.79 0.84
C GLN A 325 -36.69 6.03 1.77
N ILE A 326 -37.88 5.60 1.35
CA ILE A 326 -39.10 5.76 2.13
C ILE A 326 -40.02 4.59 1.75
N MSE A 327 -40.60 3.93 2.76
CA MSE A 327 -41.42 2.74 2.53
C MSE A 327 -42.83 2.67 3.13
O MSE A 327 -43.56 1.73 2.85
CB MSE A 327 -40.66 1.52 3.05
CG MSE A 327 -39.22 1.42 2.57
SE MSE A 327 -39.19 0.81 0.72
CE MSE A 327 -39.13 -1.15 0.91
N TRP A 328 -43.20 3.64 3.97
CA TRP A 328 -44.51 3.61 4.60
C TRP A 328 -45.65 3.49 3.59
N GLN A 329 -45.45 4.00 2.38
CA GLN A 329 -46.50 3.98 1.36
C GLN A 329 -46.87 2.58 0.84
N LEU A 330 -46.11 1.57 1.25
CA LEU A 330 -46.40 0.21 0.80
C LEU A 330 -47.46 -0.49 1.64
N VAL A 331 -47.75 0.03 2.83
CA VAL A 331 -48.74 -0.60 3.69
C VAL A 331 -50.17 -0.18 3.37
N GLN A 332 -51.09 -1.14 3.43
CA GLN A 332 -52.51 -0.92 3.16
C GLN A 332 -53.01 0.30 3.94
N GLU A 333 -52.80 0.28 5.25
CA GLU A 333 -53.21 1.37 6.12
C GLU A 333 -52.13 1.55 7.17
N ASP A 334 -51.39 2.67 7.08
CA ASP A 334 -50.32 2.94 8.02
C ASP A 334 -50.84 3.32 9.40
N ILE A 335 -50.03 3.05 10.43
CA ILE A 335 -50.42 3.29 11.81
C ILE A 335 -50.14 4.69 12.34
N VAL A 336 -49.53 5.54 11.52
CA VAL A 336 -49.27 6.90 11.92
C VAL A 336 -50.44 7.71 11.37
N SER A 337 -51.17 8.38 12.25
CA SER A 337 -52.33 9.17 11.82
C SER A 337 -51.91 10.56 11.38
N SER A 338 -50.83 11.05 11.98
CA SER A 338 -50.28 12.36 11.66
C SER A 338 -48.79 12.35 11.97
N PRO A 339 -48.00 13.12 11.22
CA PRO A 339 -48.41 13.98 10.11
C PRO A 339 -48.60 13.19 8.81
N ASP A 340 -48.76 13.91 7.73
CA ASP A 340 -48.91 13.31 6.41
C ASP A 340 -47.50 13.01 5.90
N LEU A 341 -47.20 11.72 5.73
CA LEU A 341 -45.89 11.26 5.27
C LEU A 341 -45.80 11.19 3.73
N THR A 342 -46.78 11.75 3.05
CA THR A 342 -46.80 11.74 1.59
C THR A 342 -45.90 12.85 1.02
N PRO A 343 -44.84 12.46 0.31
CA PRO A 343 -43.91 13.45 -0.27
C PRO A 343 -44.53 14.24 -1.42
N LYS A 344 -44.16 15.51 -1.52
CA LYS A 344 -44.63 16.38 -2.59
C LYS A 344 -43.41 16.67 -3.48
N ASN A 345 -43.44 16.18 -4.70
CA ASN A 345 -42.32 16.35 -5.62
C ASN A 345 -41.05 15.76 -4.99
N GLY A 346 -41.21 14.63 -4.29
CA GLY A 346 -40.09 13.96 -3.65
C GLY A 346 -39.50 14.68 -2.45
N TRP A 347 -40.27 15.56 -1.83
CA TRP A 347 -39.80 16.27 -0.65
C TRP A 347 -40.80 16.20 0.50
N LEU A 348 -40.27 16.22 1.72
CA LEU A 348 -41.10 16.25 2.92
C LEU A 348 -40.53 17.38 3.75
N ASP A 349 -41.27 18.48 3.89
CA ASP A 349 -40.77 19.60 4.69
C ASP A 349 -40.57 19.08 6.10
N ALA A 350 -39.66 19.71 6.84
CA ALA A 350 -39.33 19.31 8.20
C ALA A 350 -40.50 19.19 9.17
N PHE A 351 -40.57 18.06 9.88
CA PHE A 351 -41.62 17.85 10.87
C PHE A 351 -41.20 18.60 12.13
N ARG A 352 -42.15 19.27 12.78
CA ARG A 352 -41.83 20.07 13.96
C ARG A 352 -42.47 19.71 15.30
N LYS A 353 -43.39 18.74 15.32
CA LYS A 353 -44.03 18.35 16.57
C LYS A 353 -43.01 17.68 17.49
N PRO A 354 -43.29 17.63 18.80
CA PRO A 354 -42.36 17.02 19.78
C PRO A 354 -41.94 15.57 19.50
N GLY A 355 -40.70 15.23 19.86
CA GLY A 355 -40.20 13.89 19.63
C GLY A 355 -40.12 13.57 18.15
N LEU A 356 -40.49 12.36 17.78
CA LEU A 356 -40.45 11.96 16.38
C LEU A 356 -41.61 12.61 15.62
N GLY A 357 -42.41 13.38 16.36
CA GLY A 357 -43.51 14.11 15.77
C GLY A 357 -44.75 13.41 15.26
N PHE A 358 -44.98 12.15 15.64
CA PHE A 358 -46.15 11.45 15.15
C PHE A 358 -47.23 11.12 16.17
N GLN A 359 -48.39 10.77 15.64
CA GLN A 359 -49.54 10.36 16.44
C GLN A 359 -49.92 9.01 15.84
N LEU A 360 -50.24 8.06 16.70
CA LEU A 360 -50.60 6.74 16.21
C LEU A 360 -52.10 6.53 16.15
N ALA A 361 -52.52 5.72 15.18
CA ALA A 361 -53.92 5.37 15.04
C ALA A 361 -54.06 4.11 15.88
N GLU A 362 -54.38 4.30 17.15
CA GLU A 362 -54.53 3.18 18.09
C GLU A 362 -55.41 2.06 17.55
N ASP A 363 -56.49 2.40 16.86
CA ASP A 363 -57.37 1.39 16.31
C ASP A 363 -56.63 0.50 15.32
N LEU A 364 -55.81 1.10 14.45
CA LEU A 364 -55.05 0.33 13.47
C LEU A 364 -53.96 -0.51 14.14
N VAL A 365 -53.36 0.02 15.20
CA VAL A 365 -52.31 -0.69 15.94
C VAL A 365 -52.93 -1.93 16.58
N ALA A 366 -53.97 -1.72 17.38
CA ALA A 366 -54.67 -2.81 18.05
C ALA A 366 -55.09 -3.86 17.01
N GLU A 367 -55.50 -3.41 15.84
CA GLU A 367 -55.91 -4.33 14.79
C GLU A 367 -54.70 -5.14 14.34
N GLY A 368 -53.54 -4.50 14.34
CA GLY A 368 -52.32 -5.19 13.95
C GLY A 368 -51.96 -6.26 14.95
N GLU A 369 -52.15 -5.95 16.23
CA GLU A 369 -51.87 -6.90 17.29
C GLU A 369 -52.80 -8.09 17.09
N GLY A 370 -54.03 -7.80 16.70
CA GLY A 370 -55.01 -8.84 16.44
C GLY A 370 -54.55 -9.80 15.36
N ARG A 371 -54.00 -9.26 14.27
CA ARG A 371 -53.52 -10.11 13.20
C ARG A 371 -52.35 -10.96 13.69
N TYR A 372 -51.55 -10.39 14.58
CA TYR A 372 -50.41 -11.13 15.13
C TYR A 372 -50.96 -12.32 15.90
N ALA A 373 -52.02 -12.06 16.67
CA ALA A 373 -52.66 -13.10 17.49
C ALA A 373 -52.82 -14.42 16.74
N ALA A 374 -53.11 -14.36 15.45
CA ALA A 374 -53.25 -15.57 14.66
C ALA A 374 -51.90 -15.87 14.00
N VAL B 4 -38.66 30.06 21.39
CA VAL B 4 -37.56 30.85 21.99
C VAL B 4 -36.42 31.11 20.99
N LYS B 5 -36.03 32.37 20.87
CA LYS B 5 -34.97 32.76 19.95
C LYS B 5 -33.90 33.58 20.65
N ILE B 6 -32.71 33.61 20.05
CA ILE B 6 -31.61 34.38 20.61
C ILE B 6 -31.93 35.86 20.41
N SER B 7 -31.81 36.64 21.49
CA SER B 7 -32.12 38.07 21.39
C SER B 7 -30.88 38.95 21.34
N ASN B 8 -29.83 38.57 22.08
CA ASN B 8 -28.60 39.33 22.11
C ASN B 8 -27.37 38.45 22.28
N VAL B 9 -26.22 39.01 21.93
CA VAL B 9 -24.94 38.32 22.08
C VAL B 9 -23.95 39.38 22.54
N ARG B 10 -23.06 39.01 23.44
CA ARG B 10 -22.06 39.96 23.88
C ARG B 10 -20.71 39.27 24.09
N VAL B 11 -19.65 39.98 23.72
CA VAL B 11 -18.29 39.47 23.84
C VAL B 11 -17.56 40.25 24.92
N ARG B 12 -16.94 39.52 25.84
CA ARG B 12 -16.23 40.16 26.94
C ARG B 12 -14.77 39.71 27.05
N PRO B 13 -13.85 40.56 26.57
CA PRO B 13 -12.42 40.24 26.62
C PRO B 13 -11.92 40.33 28.06
N LEU B 14 -11.25 39.27 28.52
CA LEU B 14 -10.73 39.25 29.89
C LEU B 14 -9.24 38.95 29.90
N VAL B 15 -8.59 39.40 30.96
CA VAL B 15 -7.17 39.14 31.19
C VAL B 15 -7.14 38.67 32.65
N LEU B 16 -6.65 37.46 32.89
CA LEU B 16 -6.65 36.91 34.23
C LEU B 16 -5.25 36.49 34.70
N PRO B 17 -4.79 37.03 35.84
CA PRO B 17 -3.46 36.68 36.36
C PRO B 17 -3.34 35.21 36.77
N LEU B 18 -2.14 34.68 36.66
CA LEU B 18 -1.88 33.29 37.05
C LEU B 18 -1.33 33.26 38.45
N LYS B 19 -1.36 32.09 39.10
CA LYS B 19 -0.84 31.94 40.45
C LYS B 19 0.67 32.19 40.45
N GLN B 20 1.34 31.66 39.44
CA GLN B 20 2.79 31.84 39.30
C GLN B 20 3.19 31.89 37.84
N PRO B 21 4.38 32.44 37.55
CA PRO B 21 4.86 32.54 36.16
C PRO B 21 4.76 31.21 35.41
N TYR B 22 4.29 31.28 34.17
CA TYR B 22 4.20 30.09 33.32
C TYR B 22 5.32 30.22 32.30
N HIS B 23 6.24 29.27 32.31
CA HIS B 23 7.38 29.32 31.39
C HIS B 23 7.09 28.76 30.00
N TRP B 24 7.45 29.53 28.99
CA TRP B 24 7.27 29.11 27.60
C TRP B 24 8.46 29.54 26.74
N SER B 25 8.42 29.12 25.47
CA SER B 25 9.47 29.41 24.50
C SER B 25 9.95 30.85 24.50
N TYR B 26 9.06 31.79 24.80
CA TYR B 26 9.44 33.19 24.80
C TYR B 26 9.38 33.87 26.16
N GLY B 27 9.97 33.21 27.15
CA GLY B 27 10.02 33.78 28.48
C GLY B 27 9.01 33.33 29.51
N ILE B 28 8.32 34.31 30.09
CA ILE B 28 7.35 34.04 31.12
C ILE B 28 5.99 34.66 30.81
N ARG B 29 4.95 33.91 31.15
CA ARG B 29 3.57 34.35 30.96
C ARG B 29 3.00 34.44 32.37
N GLU B 30 2.68 35.65 32.82
CA GLU B 30 2.15 35.82 34.16
C GLU B 30 0.64 35.87 34.22
N SER B 31 0.00 35.66 33.07
CA SER B 31 -1.45 35.67 32.99
C SER B 31 -1.83 35.33 31.58
N PHE B 32 -3.10 35.06 31.36
CA PHE B 32 -3.55 34.84 30.01
C PHE B 32 -4.94 35.41 29.80
N ALA B 33 -5.43 35.35 28.56
CA ALA B 33 -6.72 35.94 28.26
C ALA B 33 -7.71 35.03 27.59
N VAL B 34 -8.99 35.40 27.72
CA VAL B 34 -10.08 34.67 27.12
C VAL B 34 -11.12 35.67 26.68
N ASN B 35 -11.87 35.30 25.65
CA ASN B 35 -12.95 36.15 25.16
C ASN B 35 -14.25 35.43 25.45
N LEU B 36 -14.99 35.93 26.44
CA LEU B 36 -16.25 35.34 26.80
C LEU B 36 -17.28 35.68 25.76
N ILE B 37 -18.18 34.74 25.52
CA ILE B 37 -19.27 34.95 24.58
C ILE B 37 -20.54 34.55 25.32
N GLU B 38 -21.46 35.50 25.44
CA GLU B 38 -22.71 35.25 26.12
C GLU B 38 -23.83 35.39 25.10
N ILE B 39 -24.63 34.35 24.99
CA ILE B 39 -25.74 34.33 24.06
C ILE B 39 -27.02 34.34 24.89
N GLU B 40 -27.79 35.40 24.76
CA GLU B 40 -29.03 35.53 25.53
C GLU B 40 -30.29 35.26 24.70
N ALA B 41 -31.19 34.47 25.27
CA ALA B 41 -32.46 34.15 24.61
C ALA B 41 -33.49 35.19 25.04
N ASP B 42 -34.56 35.35 24.27
CA ASP B 42 -35.60 36.34 24.58
C ASP B 42 -36.31 36.12 25.92
N ASP B 43 -36.16 34.92 26.50
CA ASP B 43 -36.79 34.62 27.77
C ASP B 43 -35.85 34.96 28.94
N GLY B 44 -34.71 35.56 28.61
CA GLY B 44 -33.76 35.94 29.63
C GLY B 44 -32.65 34.95 29.92
N THR B 45 -32.82 33.70 29.49
CA THR B 45 -31.80 32.68 29.72
C THR B 45 -30.52 33.03 28.98
N VAL B 46 -29.37 32.81 29.62
CA VAL B 46 -28.09 33.12 29.00
C VAL B 46 -27.08 31.96 28.97
N GLY B 47 -26.61 31.63 27.76
CA GLY B 47 -25.62 30.58 27.59
C GLY B 47 -24.25 31.24 27.60
N ILE B 48 -23.27 30.61 28.23
CA ILE B 48 -21.96 31.22 28.31
C ILE B 48 -20.83 30.30 27.87
N GLY B 49 -19.96 30.83 27.02
CA GLY B 49 -18.81 30.07 26.55
C GLY B 49 -17.60 30.99 26.51
N GLU B 50 -16.47 30.51 26.00
CA GLU B 50 -15.26 31.33 25.90
C GLU B 50 -14.34 30.82 24.78
N CYS B 51 -13.51 31.73 24.27
CA CYS B 51 -12.55 31.42 23.21
C CYS B 51 -11.13 31.83 23.59
N THR B 52 -10.15 31.13 23.01
CA THR B 52 -8.76 31.49 23.22
C THR B 52 -8.62 32.74 22.34
N VAL B 53 -7.56 33.52 22.54
CA VAL B 53 -7.43 34.77 21.80
C VAL B 53 -6.28 34.97 20.81
N ALA B 54 -5.29 34.08 20.81
CA ALA B 54 -4.17 34.22 19.88
C ALA B 54 -4.71 34.38 18.46
N PRO B 55 -4.01 35.16 17.61
CA PRO B 55 -2.76 35.88 17.89
C PRO B 55 -2.92 37.30 18.47
N ASP B 56 -4.16 37.78 18.55
CA ASP B 56 -4.42 39.11 19.10
C ASP B 56 -5.82 39.13 19.72
N GLN B 57 -5.88 39.31 21.02
CA GLN B 57 -7.17 39.31 21.71
C GLN B 57 -8.21 40.28 21.15
N THR B 58 -7.82 41.51 20.89
CA THR B 58 -8.76 42.49 20.36
C THR B 58 -9.28 42.04 19.01
N GLY B 59 -8.35 41.63 18.15
CA GLY B 59 -8.73 41.18 16.82
C GLY B 59 -9.62 39.97 16.82
N THR B 60 -9.31 38.98 17.64
CA THR B 60 -10.12 37.78 17.70
C THR B 60 -11.44 38.05 18.42
N ALA B 61 -11.46 39.05 19.30
CA ALA B 61 -12.70 39.40 20.01
C ALA B 61 -13.65 40.00 18.96
N ALA B 62 -13.10 40.84 18.09
CA ALA B 62 -13.90 41.46 17.05
C ALA B 62 -14.45 40.37 16.13
N ILE B 63 -13.61 39.37 15.85
CA ILE B 63 -14.04 38.29 14.98
C ILE B 63 -15.17 37.48 15.64
N LEU B 64 -15.01 37.19 16.93
CA LEU B 64 -16.03 36.43 17.66
C LEU B 64 -17.36 37.19 17.68
N TYR B 65 -17.30 38.51 17.88
CA TYR B 65 -18.51 39.32 17.92
C TYR B 65 -19.21 39.31 16.56
N ARG B 66 -18.46 39.50 15.48
CA ARG B 66 -19.04 39.48 14.15
C ARG B 66 -19.73 38.16 13.84
N LEU B 67 -19.08 37.05 14.17
CA LEU B 67 -19.69 35.75 13.91
C LEU B 67 -20.92 35.51 14.78
N ALA B 68 -20.84 35.88 16.06
CA ALA B 68 -21.95 35.67 16.98
C ALA B 68 -23.23 36.47 16.66
N LYS B 69 -23.08 37.68 16.12
CA LYS B 69 -24.26 38.48 15.79
C LYS B 69 -25.19 37.76 14.83
N HIS B 70 -24.63 36.91 13.98
CA HIS B 70 -25.43 36.14 13.01
C HIS B 70 -26.47 35.27 13.71
N LEU B 71 -26.21 34.94 14.96
CA LEU B 71 -27.12 34.07 15.72
C LEU B 71 -28.40 34.76 16.20
N VAL B 72 -28.36 36.09 16.30
CA VAL B 72 -29.51 36.83 16.78
C VAL B 72 -30.76 36.60 15.93
N GLY B 73 -31.86 36.27 16.61
CA GLY B 73 -33.12 36.02 15.94
C GLY B 73 -33.32 34.56 15.53
N HIS B 74 -32.37 33.70 15.91
CA HIS B 74 -32.48 32.29 15.56
C HIS B 74 -32.59 31.41 16.80
N SER B 75 -32.90 30.14 16.59
CA SER B 75 -33.06 29.17 17.68
C SER B 75 -31.75 28.59 18.22
N PRO B 76 -31.66 28.43 19.55
CA PRO B 76 -30.45 27.88 20.17
C PRO B 76 -30.30 26.41 19.79
N HIS B 77 -31.39 25.83 19.28
CA HIS B 77 -31.41 24.43 18.90
C HIS B 77 -30.97 24.18 17.46
N ASP B 78 -30.49 25.22 16.80
CA ASP B 78 -30.01 25.07 15.43
C ASP B 78 -28.53 25.41 15.35
N VAL B 79 -27.83 25.22 16.46
CA VAL B 79 -26.41 25.49 16.57
C VAL B 79 -25.58 24.93 15.41
N ALA B 80 -25.81 23.66 15.04
CA ALA B 80 -25.03 23.05 13.96
C ALA B 80 -25.22 23.71 12.60
N PRO B 81 -26.46 23.77 12.09
CA PRO B 81 -26.60 24.40 10.78
C PRO B 81 -26.26 25.89 10.79
N LEU B 82 -26.43 26.54 11.94
CA LEU B 82 -26.10 27.97 12.03
C LEU B 82 -24.59 28.19 11.88
N ILE B 83 -23.79 27.44 12.63
CA ILE B 83 -22.34 27.57 12.56
C ILE B 83 -21.84 27.24 11.13
N ALA B 84 -22.42 26.21 10.52
CA ALA B 84 -22.02 25.83 9.17
C ALA B 84 -22.25 26.98 8.17
N ARG B 85 -23.39 27.66 8.29
CA ARG B 85 -23.70 28.76 7.38
C ARG B 85 -22.76 29.93 7.63
N ILE B 86 -22.55 30.28 8.89
CA ILE B 86 -21.68 31.39 9.24
C ILE B 86 -20.27 31.12 8.71
N PHE B 87 -19.85 29.86 8.82
CA PHE B 87 -18.54 29.46 8.36
C PHE B 87 -18.44 29.66 6.84
N HIS B 88 -19.44 29.18 6.12
CA HIS B 88 -19.47 29.31 4.67
C HIS B 88 -19.56 30.77 4.24
N GLN B 89 -20.33 31.56 4.99
CA GLN B 89 -20.53 32.96 4.63
C GLN B 89 -19.37 33.90 4.93
N GLU B 90 -18.79 33.78 6.13
CA GLU B 90 -17.71 34.68 6.53
C GLU B 90 -16.30 34.20 6.21
N TYR B 91 -16.17 32.91 5.93
CA TYR B 91 -14.86 32.33 5.63
C TYR B 91 -14.72 31.77 4.22
N LEU B 92 -15.38 30.64 3.99
CA LEU B 92 -15.29 29.96 2.69
C LEU B 92 -15.65 30.81 1.46
N GLY B 93 -16.71 31.60 1.58
CA GLY B 93 -17.13 32.44 0.47
C GLY B 93 -16.10 33.47 0.06
N HIS B 94 -15.07 33.67 0.87
CA HIS B 94 -14.03 34.64 0.58
C HIS B 94 -12.69 33.94 0.30
N GLY B 95 -12.75 32.62 0.12
CA GLY B 95 -11.54 31.86 -0.14
C GLY B 95 -10.68 31.59 1.07
N ALA B 96 -11.17 31.93 2.26
CA ALA B 96 -10.40 31.69 3.48
C ALA B 96 -10.76 30.35 4.13
N ASN B 97 -10.29 29.25 3.54
CA ASN B 97 -10.56 27.91 4.07
C ASN B 97 -9.64 27.62 5.24
N ILE B 98 -9.79 28.40 6.31
CA ILE B 98 -8.97 28.23 7.49
C ILE B 98 -9.80 27.60 8.61
N MSE B 99 -10.13 26.33 8.41
CA MSE B 99 -10.95 25.60 9.37
C MSE B 99 -10.47 25.65 10.81
O MSE B 99 -11.27 25.93 11.72
CB MSE B 99 -11.07 24.15 8.92
CG MSE B 99 -12.00 23.29 9.79
SE MSE B 99 -12.42 21.62 8.98
CE MSE B 99 -13.87 22.14 7.77
N ARG B 100 -9.20 25.40 11.05
CA ARG B 100 -8.68 25.44 12.41
C ARG B 100 -8.91 26.80 13.07
N ALA B 101 -8.60 27.88 12.33
CA ALA B 101 -8.79 29.23 12.86
C ALA B 101 -10.25 29.47 13.17
N ALA B 102 -11.14 29.00 12.32
CA ALA B 102 -12.57 29.15 12.55
C ALA B 102 -13.00 28.34 13.79
N ASN B 103 -12.54 27.10 13.90
CA ASN B 103 -12.89 26.27 15.04
C ASN B 103 -12.59 27.00 16.36
N GLN B 104 -11.47 27.73 16.38
CA GLN B 104 -11.05 28.47 17.57
C GLN B 104 -12.16 29.38 18.06
N ILE B 105 -12.83 30.04 17.12
CA ILE B 105 -13.91 30.96 17.47
C ILE B 105 -15.21 30.22 17.72
N PHE B 106 -15.58 29.33 16.79
CA PHE B 106 -16.82 28.58 16.94
C PHE B 106 -16.87 27.76 18.22
N SER B 107 -15.71 27.40 18.76
CA SER B 107 -15.65 26.63 19.99
C SER B 107 -16.43 27.32 21.11
N GLY B 108 -16.19 28.61 21.27
CA GLY B 108 -16.89 29.36 22.31
C GLY B 108 -18.36 29.49 22.00
N ILE B 109 -18.69 29.66 20.73
CA ILE B 109 -20.08 29.81 20.31
C ILE B 109 -20.86 28.53 20.60
N ASP B 110 -20.32 27.39 20.15
CA ASP B 110 -20.96 26.10 20.36
C ASP B 110 -21.09 25.87 21.87
N MSE B 111 -20.03 26.20 22.58
CA MSE B 111 -19.98 26.05 24.02
C MSE B 111 -21.17 26.75 24.67
O MSE B 111 -21.86 26.17 25.52
CB MSE B 111 -18.70 26.67 24.54
CG MSE B 111 -18.20 25.97 25.75
SE MSE B 111 -16.51 26.75 26.23
CE MSE B 111 -15.25 25.82 25.04
N ALA B 112 -21.39 28.01 24.29
CA ALA B 112 -22.48 28.80 24.82
C ALA B 112 -23.85 28.30 24.36
N MSE B 113 -23.94 27.88 23.10
CA MSE B 113 -25.21 27.38 22.59
C MSE B 113 -25.69 26.14 23.33
O MSE B 113 -26.90 26.01 23.59
CB MSE B 113 -25.10 27.05 21.10
CG MSE B 113 -24.92 28.28 20.21
SE MSE B 113 -26.51 29.39 20.04
CE MSE B 113 -27.49 28.45 18.65
N TRP B 114 -24.80 25.23 23.70
CA TRP B 114 -25.24 24.03 24.42
C TRP B 114 -25.49 24.35 25.89
N ASP B 115 -24.81 25.37 26.41
CA ASP B 115 -25.03 25.80 27.78
C ASP B 115 -26.45 26.35 27.82
N LEU B 116 -26.79 27.17 26.83
CA LEU B 116 -28.12 27.75 26.72
C LEU B 116 -29.17 26.65 26.51
N GLN B 117 -28.86 25.69 25.65
CA GLN B 117 -29.80 24.59 25.42
C GLN B 117 -30.05 23.81 26.69
N GLY B 118 -28.98 23.65 27.48
CA GLY B 118 -29.11 22.92 28.73
C GLY B 118 -29.96 23.65 29.76
N LYS B 119 -29.68 24.92 29.94
CA LYS B 119 -30.42 25.74 30.90
C LYS B 119 -31.89 25.82 30.52
N LEU B 120 -32.19 25.88 29.23
CA LEU B 120 -33.57 25.97 28.78
C LEU B 120 -34.33 24.68 29.11
N ALA B 121 -33.67 23.54 29.02
CA ALA B 121 -34.32 22.27 29.30
C ALA B 121 -34.12 21.81 30.75
N GLY B 122 -33.29 22.53 31.50
CA GLY B 122 -33.03 22.17 32.88
C GLY B 122 -32.26 20.87 32.94
N LEU B 123 -31.32 20.68 32.01
CA LEU B 123 -30.52 19.45 31.96
C LEU B 123 -29.04 19.72 31.78
N PRO B 124 -28.18 18.86 32.33
CA PRO B 124 -26.74 19.05 32.18
C PRO B 124 -26.43 18.71 30.73
N VAL B 125 -25.47 19.40 30.14
CA VAL B 125 -25.13 19.16 28.75
C VAL B 125 -24.91 17.69 28.36
N HIS B 126 -24.24 16.92 29.21
CA HIS B 126 -24.00 15.51 28.85
C HIS B 126 -25.28 14.71 28.65
N GLN B 127 -26.38 15.17 29.24
CA GLN B 127 -27.65 14.47 29.09
C GLN B 127 -28.41 14.96 27.86
N LEU B 128 -27.77 15.82 27.09
CA LEU B 128 -28.35 16.32 25.85
C LEU B 128 -27.59 15.60 24.75
N LEU B 129 -26.48 14.96 25.12
CA LEU B 129 -25.62 14.27 24.17
C LEU B 129 -25.72 12.75 24.25
N GLY B 130 -26.73 12.25 24.95
CA GLY B 130 -26.89 10.80 25.02
C GLY B 130 -26.70 10.19 26.39
N GLY B 131 -26.12 10.94 27.32
CA GLY B 131 -25.91 10.42 28.67
C GLY B 131 -24.46 10.16 29.02
N ALA B 132 -24.18 10.17 30.32
CA ALA B 132 -22.83 9.97 30.83
C ALA B 132 -22.41 8.50 30.83
N HIS B 133 -21.21 8.25 30.33
CA HIS B 133 -20.65 6.91 30.24
C HIS B 133 -19.77 6.57 31.44
N ARG B 134 -19.74 7.45 32.42
CA ARG B 134 -18.94 7.25 33.62
C ARG B 134 -19.46 8.14 34.76
N LYS B 135 -19.15 7.73 35.99
CA LYS B 135 -19.59 8.48 37.17
C LYS B 135 -18.71 9.70 37.40
N ALA B 136 -17.50 9.65 36.88
CA ALA B 136 -16.57 10.75 37.04
C ALA B 136 -15.56 10.80 35.90
N VAL B 137 -14.97 11.98 35.69
CA VAL B 137 -13.97 12.15 34.64
C VAL B 137 -12.59 12.10 35.29
N GLY B 138 -11.68 11.35 34.69
CA GLY B 138 -10.33 11.26 35.21
C GLY B 138 -9.44 12.34 34.62
N TYR B 139 -8.60 12.95 35.46
CA TYR B 139 -7.71 14.03 35.05
C TYR B 139 -6.26 13.78 35.45
N PHE B 140 -5.33 14.42 34.74
CA PHE B 140 -3.92 14.27 35.04
C PHE B 140 -3.46 15.29 36.08
N TYR B 141 -2.18 15.22 36.43
CA TYR B 141 -1.59 16.16 37.36
C TYR B 141 -0.57 16.91 36.53
N PHE B 142 -0.87 18.16 36.20
CA PHE B 142 -0.01 19.02 35.38
C PHE B 142 1.20 19.50 36.19
N LEU B 143 2.32 18.79 36.05
CA LEU B 143 3.54 19.14 36.78
C LEU B 143 4.14 20.47 36.32
N GLN B 144 4.71 21.19 37.27
CA GLN B 144 5.32 22.49 37.00
C GLN B 144 6.69 22.57 37.68
N GLY B 145 7.60 23.33 37.08
CA GLY B 145 8.93 23.48 37.62
C GLY B 145 9.92 23.56 36.46
N GLU B 146 11.04 24.23 36.69
CA GLU B 146 12.05 24.37 35.64
C GLU B 146 13.31 23.55 35.88
N THR B 147 13.44 23.00 37.08
CA THR B 147 14.60 22.16 37.39
C THR B 147 14.15 20.82 37.96
N ALA B 148 15.08 19.86 37.98
CA ALA B 148 14.76 18.54 38.51
C ALA B 148 14.23 18.62 39.94
N GLU B 149 14.87 19.42 40.78
CA GLU B 149 14.43 19.54 42.17
C GLU B 149 13.01 20.08 42.30
N GLU B 150 12.68 21.10 41.53
CA GLU B 150 11.33 21.67 41.59
C GLU B 150 10.29 20.66 41.09
N LEU B 151 10.61 19.98 39.99
CA LEU B 151 9.67 19.01 39.45
C LEU B 151 9.50 17.84 40.42
N ALA B 152 10.59 17.46 41.09
CA ALA B 152 10.54 16.37 42.05
C ALA B 152 9.63 16.72 43.23
N ARG B 153 9.73 17.95 43.74
CA ARG B 153 8.91 18.37 44.85
C ARG B 153 7.44 18.44 44.46
N ASP B 154 7.15 18.92 43.26
CA ASP B 154 5.77 19.02 42.80
C ASP B 154 5.19 17.62 42.61
N ALA B 155 6.02 16.69 42.15
CA ALA B 155 5.59 15.32 41.95
C ALA B 155 5.25 14.69 43.32
N ALA B 156 6.12 14.93 44.30
CA ALA B 156 5.92 14.41 45.65
C ALA B 156 4.59 14.93 46.20
N VAL B 157 4.30 16.19 45.93
CA VAL B 157 3.05 16.80 46.37
C VAL B 157 1.88 16.06 45.73
N GLY B 158 1.95 15.90 44.41
CA GLY B 158 0.91 15.21 43.68
C GLY B 158 0.66 13.80 44.20
N HIS B 159 1.74 13.05 44.37
CA HIS B 159 1.66 11.68 44.86
C HIS B 159 1.00 11.63 46.24
N ALA B 160 1.40 12.54 47.12
CA ALA B 160 0.86 12.59 48.47
C ALA B 160 -0.65 12.75 48.49
N GLN B 161 -1.19 13.58 47.60
CA GLN B 161 -2.63 13.80 47.57
C GLN B 161 -3.42 12.81 46.72
N GLY B 162 -2.76 11.72 46.32
CA GLY B 162 -3.44 10.70 45.55
C GLY B 162 -3.57 10.87 44.04
N GLU B 163 -2.73 11.70 43.41
CA GLU B 163 -2.80 11.87 41.97
C GLU B 163 -2.47 10.52 41.33
N ARG B 164 -3.14 10.22 40.23
CA ARG B 164 -2.97 8.95 39.53
C ARG B 164 -2.18 9.05 38.23
N VAL B 165 -2.34 10.16 37.52
CA VAL B 165 -1.66 10.33 36.25
C VAL B 165 -0.81 11.58 36.22
N PHE B 166 0.51 11.39 36.18
CA PHE B 166 1.45 12.50 36.15
C PHE B 166 1.82 12.88 34.72
N TYR B 167 1.80 14.17 34.44
CA TYR B 167 2.11 14.70 33.12
C TYR B 167 3.34 15.60 33.20
N LEU B 168 4.41 15.20 32.52
CA LEU B 168 5.66 15.95 32.55
C LEU B 168 6.12 16.42 31.17
N LYS B 169 6.49 17.68 31.07
CA LYS B 169 6.94 18.25 29.82
C LYS B 169 8.43 17.97 29.61
N VAL B 170 8.78 17.39 28.46
CA VAL B 170 10.17 17.13 28.16
C VAL B 170 10.58 17.89 26.89
N GLY B 171 11.65 17.47 26.25
CA GLY B 171 12.11 18.14 25.04
C GLY B 171 12.97 19.31 25.42
N ARG B 172 13.58 19.26 26.61
CA ARG B 172 14.43 20.32 27.09
C ARG B 172 15.91 19.95 26.93
N GLY B 173 16.19 19.02 26.02
CA GLY B 173 17.56 18.58 25.84
C GLY B 173 17.68 17.23 26.52
N GLU B 174 18.47 16.34 25.93
CA GLU B 174 18.63 14.98 26.48
C GLU B 174 19.00 14.90 27.95
N LYS B 175 20.10 15.53 28.33
CA LYS B 175 20.57 15.50 29.71
C LYS B 175 19.51 15.91 30.73
N LEU B 176 18.93 17.10 30.56
CA LEU B 176 17.91 17.60 31.46
C LEU B 176 16.63 16.75 31.42
N ASP B 177 16.22 16.31 30.23
CA ASP B 177 15.02 15.47 30.10
C ASP B 177 15.19 14.21 30.94
N LEU B 178 16.33 13.54 30.79
CA LEU B 178 16.57 12.32 31.55
C LEU B 178 16.62 12.59 33.06
N GLU B 179 17.26 13.70 33.44
CA GLU B 179 17.39 14.06 34.85
C GLU B 179 16.03 14.30 35.49
N ILE B 180 15.20 15.14 34.88
CA ILE B 180 13.89 15.43 35.46
C ILE B 180 12.94 14.23 35.45
N THR B 181 13.01 13.40 34.41
CA THR B 181 12.14 12.23 34.36
C THR B 181 12.52 11.25 35.46
N ALA B 182 13.81 11.07 35.68
CA ALA B 182 14.27 10.18 36.75
C ALA B 182 13.81 10.76 38.09
N ALA B 183 13.96 12.07 38.23
CA ALA B 183 13.56 12.77 39.46
C ALA B 183 12.08 12.58 39.78
N VAL B 184 11.24 12.75 38.76
CA VAL B 184 9.81 12.61 38.94
C VAL B 184 9.45 11.16 39.26
N ARG B 185 9.97 10.23 38.47
CA ARG B 185 9.70 8.81 38.70
C ARG B 185 10.06 8.40 40.14
N GLY B 186 11.16 8.93 40.66
CA GLY B 186 11.58 8.58 42.00
C GLY B 186 10.68 9.09 43.11
N GLU B 187 9.71 9.95 42.77
CA GLU B 187 8.81 10.50 43.77
C GLU B 187 7.38 9.98 43.66
N ILE B 188 7.04 9.33 42.57
CA ILE B 188 5.67 8.84 42.36
C ILE B 188 5.51 7.34 42.45
N GLY B 189 6.54 6.65 42.91
CA GLY B 189 6.46 5.20 43.03
C GLY B 189 6.21 4.57 41.68
N ASP B 190 5.14 3.77 41.58
CA ASP B 190 4.81 3.11 40.32
C ASP B 190 3.71 3.80 39.54
N ALA B 191 3.31 4.99 39.99
CA ALA B 191 2.24 5.72 39.32
C ALA B 191 2.51 5.95 37.83
N ARG B 192 1.44 6.17 37.08
CA ARG B 192 1.53 6.42 35.65
C ARG B 192 2.19 7.76 35.34
N LEU B 193 3.07 7.75 34.35
CA LEU B 193 3.79 8.96 33.96
C LEU B 193 3.72 9.17 32.45
N ARG B 194 3.25 10.35 32.05
CA ARG B 194 3.11 10.73 30.65
C ARG B 194 4.05 11.88 30.34
N LEU B 195 4.69 11.85 29.17
CA LEU B 195 5.63 12.89 28.79
C LEU B 195 5.16 13.66 27.56
N ASP B 196 5.17 14.99 27.67
CA ASP B 196 4.77 15.84 26.55
C ASP B 196 6.04 16.37 25.88
N ALA B 197 6.29 15.89 24.66
CA ALA B 197 7.47 16.28 23.90
C ALA B 197 7.21 17.61 23.19
N ASN B 198 5.95 17.99 23.15
CA ASN B 198 5.55 19.28 22.59
C ASN B 198 6.14 19.65 21.22
N GLU B 199 6.01 18.76 20.24
CA GLU B 199 6.51 18.98 18.88
C GLU B 199 8.00 19.31 18.85
N GLY B 200 8.69 19.09 19.96
CA GLY B 200 10.09 19.44 20.04
C GLY B 200 11.19 18.55 19.46
N TRP B 201 10.86 17.35 18.98
CA TRP B 201 11.92 16.50 18.44
C TRP B 201 11.88 16.18 16.94
N SER B 202 13.08 16.08 16.35
CA SER B 202 13.20 15.70 14.96
C SER B 202 12.88 14.21 14.99
N VAL B 203 12.70 13.61 13.83
CA VAL B 203 12.39 12.19 13.78
C VAL B 203 13.45 11.31 14.48
N HIS B 204 14.75 11.51 14.19
CA HIS B 204 15.74 10.64 14.84
C HIS B 204 15.94 10.93 16.32
N ASP B 205 15.80 12.19 16.73
CA ASP B 205 15.94 12.52 18.14
C ASP B 205 14.80 11.87 18.92
N ALA B 206 13.60 11.89 18.34
CA ALA B 206 12.44 11.30 18.99
C ALA B 206 12.68 9.81 19.22
N ILE B 207 13.25 9.14 18.22
CA ILE B 207 13.52 7.72 18.31
C ILE B 207 14.56 7.43 19.39
N ASN B 208 15.64 8.20 19.40
CA ASN B 208 16.66 7.99 20.41
C ASN B 208 16.17 8.34 21.82
N MSE B 209 15.43 9.44 21.93
CA MSE B 209 14.94 9.83 23.26
C MSE B 209 13.96 8.81 23.81
O MSE B 209 13.99 8.53 25.01
CB MSE B 209 14.30 11.22 23.21
CG MSE B 209 15.35 12.36 23.07
SE MSE B 209 16.64 12.33 24.56
CE MSE B 209 15.49 12.50 26.08
N CYS B 210 13.09 8.25 22.97
CA CYS B 210 12.13 7.27 23.47
C CYS B 210 12.87 6.07 24.03
N ARG B 211 13.94 5.67 23.35
CA ARG B 211 14.73 4.53 23.80
C ARG B 211 15.34 4.80 25.17
N LYS B 212 15.91 5.99 25.34
CA LYS B 212 16.54 6.38 26.59
C LYS B 212 15.57 6.63 27.75
N LEU B 213 14.34 6.98 27.43
CA LEU B 213 13.34 7.26 28.45
C LEU B 213 12.56 6.03 28.88
N GLU B 214 12.65 4.98 28.07
CA GLU B 214 11.94 3.74 28.32
C GLU B 214 12.13 3.17 29.74
N LYS B 215 13.34 3.27 30.26
CA LYS B 215 13.64 2.74 31.60
C LYS B 215 12.82 3.39 32.71
N TYR B 216 12.21 4.54 32.44
CA TYR B 216 11.43 5.22 33.45
C TYR B 216 9.94 4.88 33.47
N ASP B 217 9.56 3.83 32.73
CA ASP B 217 8.16 3.38 32.69
C ASP B 217 7.18 4.49 32.28
N ILE B 218 7.21 4.82 31.00
CA ILE B 218 6.38 5.89 30.45
C ILE B 218 5.10 5.34 29.80
N GLU B 219 3.95 5.85 30.22
CA GLU B 219 2.69 5.39 29.65
C GLU B 219 2.63 5.78 28.16
N PHE B 220 3.08 6.99 27.85
CA PHE B 220 3.16 7.45 26.47
C PHE B 220 3.84 8.81 26.37
N ILE B 221 4.27 9.14 25.15
CA ILE B 221 4.90 10.43 24.89
C ILE B 221 3.97 11.12 23.92
N GLU B 222 3.61 12.35 24.25
CA GLU B 222 2.68 13.11 23.43
C GLU B 222 3.38 14.00 22.41
N GLN B 223 2.86 13.96 21.18
CA GLN B 223 3.35 14.75 20.05
C GLN B 223 4.86 14.97 20.02
N PRO B 224 5.62 13.90 19.74
CA PRO B 224 7.08 14.08 19.72
C PRO B 224 7.57 14.93 18.55
N THR B 225 6.90 14.82 17.40
CA THR B 225 7.33 15.55 16.19
C THR B 225 6.46 16.73 15.76
N VAL B 226 6.97 17.51 14.81
CA VAL B 226 6.24 18.67 14.30
C VAL B 226 4.85 18.21 13.88
N SER B 227 3.85 18.89 14.43
CA SER B 227 2.44 18.59 14.20
C SER B 227 1.94 18.61 12.75
N TRP B 228 2.57 19.39 11.89
CA TRP B 228 2.12 19.50 10.50
C TRP B 228 2.23 18.21 9.67
N SER B 229 3.11 17.30 10.09
CA SER B 229 3.32 16.06 9.35
C SER B 229 2.79 14.82 10.07
N ILE B 230 1.65 14.30 9.61
CA ILE B 230 1.08 13.10 10.20
C ILE B 230 1.97 11.91 9.81
N PRO B 231 2.51 11.88 8.56
CA PRO B 231 3.37 10.75 8.19
C PRO B 231 4.62 10.67 9.08
N ALA B 232 5.22 11.80 9.40
CA ALA B 232 6.39 11.82 10.26
C ALA B 232 6.07 11.26 11.66
N MSE B 233 4.84 11.52 12.12
CA MSE B 233 4.45 11.02 13.43
C MSE B 233 4.27 9.50 13.39
O MSE B 233 4.70 8.81 14.30
CB MSE B 233 3.15 11.69 13.88
CG MSE B 233 2.72 11.17 15.23
SE MSE B 233 1.24 12.22 15.96
CE MSE B 233 -0.09 11.97 14.59
N ALA B 234 3.68 9.00 12.31
CA ALA B 234 3.48 7.56 12.15
C ALA B 234 4.86 6.90 12.03
N HIS B 235 5.77 7.58 11.35
CA HIS B 235 7.14 7.13 11.14
C HIS B 235 7.76 6.85 12.51
N VAL B 236 7.67 7.82 13.41
CA VAL B 236 8.23 7.66 14.74
C VAL B 236 7.49 6.62 15.59
N ARG B 237 6.15 6.62 15.49
CA ARG B 237 5.37 5.66 16.27
C ARG B 237 5.76 4.23 15.95
N GLU B 238 5.89 3.93 14.66
CA GLU B 238 6.25 2.60 14.22
C GLU B 238 7.64 2.13 14.66
N LYS B 239 8.52 3.07 15.00
CA LYS B 239 9.88 2.70 15.42
C LYS B 239 10.09 2.58 16.93
N VAL B 240 9.43 3.42 17.71
CA VAL B 240 9.63 3.40 19.15
C VAL B 240 8.77 2.42 19.96
N GLY B 241 9.29 2.05 21.13
CA GLY B 241 8.59 1.13 22.01
C GLY B 241 7.53 1.77 22.91
N ILE B 242 7.62 3.08 23.10
CA ILE B 242 6.66 3.80 23.92
C ILE B 242 5.48 4.26 23.06
N PRO B 243 4.25 4.09 23.57
CA PRO B 243 3.09 4.54 22.78
C PRO B 243 3.19 6.04 22.48
N ILE B 244 2.73 6.41 21.29
CA ILE B 244 2.76 7.81 20.86
C ILE B 244 1.35 8.39 20.76
N VAL B 245 1.14 9.53 21.39
CA VAL B 245 -0.16 10.18 21.37
C VAL B 245 -0.15 11.47 20.55
N ALA B 246 -1.10 11.58 19.63
CA ALA B 246 -1.21 12.77 18.79
C ALA B 246 -1.89 13.90 19.56
N ASP B 247 -1.40 15.10 19.38
CA ASP B 247 -1.98 16.23 20.05
C ASP B 247 -2.18 17.35 19.04
N GLN B 248 -1.17 18.20 18.86
CA GLN B 248 -1.29 19.31 17.92
C GLN B 248 -1.50 18.88 16.47
N ALA B 249 -1.23 17.62 16.16
CA ALA B 249 -1.42 17.12 14.81
C ALA B 249 -2.91 16.95 14.51
N ALA B 250 -3.70 16.88 15.57
CA ALA B 250 -5.14 16.68 15.43
C ALA B 250 -5.98 17.89 15.85
N PHE B 251 -6.44 18.67 14.88
CA PHE B 251 -7.28 19.83 15.16
C PHE B 251 -8.71 19.65 14.60
N THR B 252 -8.81 19.31 13.32
CA THR B 252 -10.11 19.14 12.67
C THR B 252 -10.57 17.70 12.56
N LEU B 253 -11.84 17.52 12.16
CA LEU B 253 -12.41 16.20 12.00
C LEU B 253 -11.57 15.43 10.98
N TYR B 254 -11.10 16.16 9.97
CA TYR B 254 -10.31 15.56 8.91
C TYR B 254 -8.92 15.12 9.40
N ASP B 255 -8.31 15.89 10.29
CA ASP B 255 -7.00 15.52 10.81
C ASP B 255 -7.17 14.21 11.58
N VAL B 256 -8.23 14.14 12.40
CA VAL B 256 -8.51 12.94 13.19
C VAL B 256 -8.66 11.71 12.28
N TYR B 257 -9.43 11.83 11.21
CA TYR B 257 -9.64 10.74 10.28
C TYR B 257 -8.30 10.32 9.63
N GLU B 258 -7.49 11.30 9.30
CA GLU B 258 -6.19 11.03 8.68
C GLU B 258 -5.28 10.27 9.64
N ILE B 259 -5.27 10.69 10.90
CA ILE B 259 -4.44 10.03 11.89
C ILE B 259 -4.91 8.60 12.06
N CYS B 260 -6.24 8.39 12.06
CA CYS B 260 -6.82 7.06 12.19
C CYS B 260 -6.48 6.19 10.98
N ARG B 261 -6.78 6.74 9.81
CA ARG B 261 -6.54 6.07 8.53
C ARG B 261 -5.09 5.63 8.38
N GLN B 262 -4.16 6.47 8.85
CA GLN B 262 -2.74 6.17 8.73
C GLN B 262 -2.16 5.48 9.96
N ARG B 263 -3.01 5.20 10.96
CA ARG B 263 -2.53 4.56 12.18
C ARG B 263 -1.34 5.37 12.70
N ALA B 264 -1.47 6.69 12.66
CA ALA B 264 -0.39 7.57 13.07
C ALA B 264 -0.18 7.77 14.57
N ALA B 265 -1.17 7.40 15.38
CA ALA B 265 -1.04 7.57 16.83
C ALA B 265 -1.76 6.45 17.57
N ASP B 266 -1.45 6.28 18.85
CA ASP B 266 -2.05 5.23 19.66
C ASP B 266 -3.25 5.70 20.45
N MSE B 267 -3.46 7.01 20.44
CA MSE B 267 -4.60 7.66 21.10
C MSE B 267 -4.57 9.09 20.60
O MSE B 267 -3.53 9.57 20.19
CB MSE B 267 -4.46 7.64 22.62
CG MSE B 267 -5.61 8.35 23.30
SE MSE B 267 -5.63 7.92 25.19
CE MSE B 267 -4.04 8.69 25.88
N ILE B 268 -5.72 9.76 20.62
CA ILE B 268 -5.78 11.13 20.14
C ILE B 268 -6.17 12.11 21.25
N CYS B 269 -5.33 13.12 21.47
CA CYS B 269 -5.59 14.12 22.50
C CYS B 269 -6.10 15.34 21.75
N ILE B 270 -7.37 15.67 21.94
CA ILE B 270 -7.97 16.79 21.24
C ILE B 270 -9.07 17.44 22.09
N GLY B 271 -9.25 18.75 21.96
CA GLY B 271 -10.24 19.46 22.74
C GLY B 271 -11.14 20.39 21.94
N PRO B 272 -12.14 21.01 22.59
CA PRO B 272 -13.08 21.92 21.94
C PRO B 272 -12.45 23.08 21.16
N ARG B 273 -11.33 23.63 21.65
CA ARG B 273 -10.66 24.73 20.95
C ARG B 273 -10.15 24.34 19.56
N GLU B 274 -9.67 23.12 19.43
CA GLU B 274 -9.13 22.63 18.17
C GLU B 274 -10.18 22.19 17.16
N ILE B 275 -11.16 21.44 17.63
CA ILE B 275 -12.21 20.88 16.79
C ILE B 275 -13.43 21.80 16.56
N GLY B 276 -13.60 22.82 17.39
CA GLY B 276 -14.72 23.73 17.19
C GLY B 276 -15.90 23.63 18.14
N GLY B 277 -15.69 23.08 19.33
CA GLY B 277 -16.78 23.00 20.28
C GLY B 277 -17.09 21.65 20.88
N ILE B 278 -18.24 21.58 21.53
CA ILE B 278 -18.72 20.38 22.20
C ILE B 278 -19.19 19.32 21.21
N GLN B 279 -20.16 19.67 20.37
CA GLN B 279 -20.67 18.71 19.40
C GLN B 279 -19.62 18.20 18.43
N PRO B 280 -18.71 19.07 17.95
CA PRO B 280 -17.67 18.58 17.02
C PRO B 280 -16.82 17.51 17.69
N MSE B 281 -16.64 17.64 19.00
CA MSE B 281 -15.86 16.65 19.75
C MSE B 281 -16.54 15.28 19.71
O MSE B 281 -15.87 14.26 19.67
CB MSE B 281 -15.71 17.08 21.21
CG MSE B 281 -14.61 18.11 21.43
SE MSE B 281 -12.85 17.30 21.23
CE MSE B 281 -12.75 16.23 22.84
N MSE B 282 -17.87 15.28 19.73
CA MSE B 282 -18.62 14.02 19.69
C MSE B 282 -18.38 13.31 18.35
O MSE B 282 -18.35 12.09 18.28
CB MSE B 282 -20.13 14.27 19.85
CG MSE B 282 -20.50 15.05 21.13
SE MSE B 282 -19.93 14.04 22.71
CE MSE B 282 -21.08 12.45 22.52
N LYS B 283 -18.21 14.10 17.29
CA LYS B 283 -17.96 13.56 15.97
C LYS B 283 -16.53 13.03 15.89
N ALA B 284 -15.59 13.78 16.44
CA ALA B 284 -14.19 13.35 16.44
C ALA B 284 -14.08 12.05 17.22
N ALA B 285 -14.81 11.97 18.34
CA ALA B 285 -14.78 10.78 19.18
C ALA B 285 -15.34 9.57 18.42
N ALA B 286 -16.37 9.80 17.61
CA ALA B 286 -16.97 8.72 16.85
C ALA B 286 -15.99 8.17 15.80
N VAL B 287 -15.24 9.06 15.17
CA VAL B 287 -14.26 8.61 14.16
C VAL B 287 -13.18 7.79 14.86
N ALA B 288 -12.66 8.28 15.99
CA ALA B 288 -11.64 7.54 16.74
C ALA B 288 -12.21 6.16 17.13
N GLU B 289 -13.43 6.15 17.65
CA GLU B 289 -14.07 4.90 18.06
C GLU B 289 -14.11 3.91 16.88
N ALA B 290 -14.59 4.37 15.74
CA ALA B 290 -14.69 3.53 14.56
C ALA B 290 -13.33 2.96 14.18
N ALA B 291 -12.26 3.64 14.59
CA ALA B 291 -10.89 3.22 14.29
C ALA B 291 -10.24 2.47 15.46
N GLY B 292 -11.03 2.17 16.48
CA GLY B 292 -10.50 1.47 17.64
C GLY B 292 -9.58 2.32 18.51
N LEU B 293 -9.77 3.64 18.46
CA LEU B 293 -8.94 4.53 19.25
C LEU B 293 -9.72 5.34 20.28
N LYS B 294 -9.03 5.79 21.32
CA LYS B 294 -9.64 6.57 22.38
C LYS B 294 -9.26 8.04 22.29
N ILE B 295 -10.05 8.86 22.96
CA ILE B 295 -9.87 10.30 23.00
C ILE B 295 -9.45 10.76 24.39
N CYS B 296 -8.46 11.64 24.44
CA CYS B 296 -8.00 12.24 25.70
C CYS B 296 -8.29 13.71 25.48
N ILE B 297 -8.95 14.36 26.43
CA ILE B 297 -9.26 15.78 26.25
C ILE B 297 -8.05 16.69 26.38
N HIS B 298 -7.74 17.41 25.31
CA HIS B 298 -6.63 18.35 25.32
C HIS B 298 -7.25 19.66 25.81
N SER B 299 -6.64 20.26 26.83
CA SER B 299 -7.17 21.51 27.36
C SER B 299 -6.52 22.74 26.73
N SER B 300 -6.63 23.89 27.38
CA SER B 300 -6.03 25.13 26.86
C SER B 300 -5.82 26.16 27.98
N PHE B 301 -5.08 27.22 27.67
CA PHE B 301 -4.83 28.26 28.66
C PHE B 301 -6.12 29.07 28.82
N THR B 302 -7.07 28.49 29.53
CA THR B 302 -8.36 29.14 29.72
C THR B 302 -8.85 29.19 31.17
N THR B 303 -10.16 29.19 31.37
CA THR B 303 -10.72 29.26 32.72
C THR B 303 -11.63 28.11 33.05
N GLY B 304 -12.29 28.19 34.20
CA GLY B 304 -13.20 27.16 34.64
C GLY B 304 -14.35 26.89 33.69
N ILE B 305 -14.64 27.86 32.82
CA ILE B 305 -15.72 27.71 31.86
C ILE B 305 -15.35 26.59 30.90
N THR B 306 -14.14 26.63 30.36
CA THR B 306 -13.73 25.57 29.46
C THR B 306 -13.65 24.25 30.23
N THR B 307 -13.25 24.31 31.50
CA THR B 307 -13.17 23.11 32.32
C THR B 307 -14.53 22.43 32.36
N CYS B 308 -15.61 23.19 32.57
CA CYS B 308 -16.95 22.61 32.60
C CYS B 308 -17.35 22.07 31.23
N ALA B 309 -16.99 22.79 30.18
CA ALA B 309 -17.33 22.36 28.82
C ALA B 309 -16.64 21.03 28.53
N GLU B 310 -15.36 20.95 28.86
CA GLU B 310 -14.60 19.73 28.62
C GLU B 310 -15.05 18.59 29.53
N HIS B 311 -15.59 18.95 30.70
CA HIS B 311 -16.07 17.95 31.65
C HIS B 311 -17.29 17.23 31.09
N HIS B 312 -18.25 17.99 30.55
CA HIS B 312 -19.43 17.37 29.98
C HIS B 312 -19.09 16.62 28.70
N ILE B 313 -18.12 17.13 27.95
CA ILE B 313 -17.70 16.45 26.74
C ILE B 313 -17.16 15.09 27.15
N GLY B 314 -16.34 15.07 28.20
CA GLY B 314 -15.77 13.84 28.70
C GLY B 314 -16.80 12.81 29.14
N LEU B 315 -17.77 13.25 29.92
CA LEU B 315 -18.82 12.35 30.40
C LEU B 315 -19.58 11.72 29.23
N ALA B 316 -19.81 12.50 28.19
CA ALA B 316 -20.57 12.04 27.04
C ALA B 316 -19.83 11.14 26.04
N ILE B 317 -18.51 11.05 26.16
CA ILE B 317 -17.75 10.23 25.24
C ILE B 317 -17.50 8.82 25.78
N PRO B 318 -17.92 7.79 25.03
CA PRO B 318 -17.69 6.43 25.54
C PRO B 318 -16.22 5.99 25.51
N ASN B 319 -15.53 6.28 24.41
CA ASN B 319 -14.12 5.92 24.24
C ASN B 319 -13.19 7.02 24.76
N LEU B 320 -13.23 7.21 26.08
CA LEU B 320 -12.44 8.26 26.71
C LEU B 320 -11.34 7.76 27.63
N ASP B 321 -10.26 8.55 27.70
CA ASP B 321 -9.11 8.28 28.56
C ASP B 321 -9.47 8.72 29.99
N ASP B 322 -8.61 8.43 30.96
CA ASP B 322 -8.88 8.84 32.35
C ASP B 322 -7.79 9.76 32.91
N GLY B 323 -7.03 10.37 32.01
CA GLY B 323 -5.97 11.29 32.37
C GLY B 323 -6.11 12.55 31.53
N ASN B 324 -7.35 13.01 31.39
CA ASN B 324 -7.66 14.18 30.60
C ASN B 324 -7.01 15.43 31.18
N GLN B 325 -6.79 16.42 30.34
CA GLN B 325 -6.15 17.65 30.77
C GLN B 325 -7.12 18.58 31.52
N ILE B 326 -6.57 19.44 32.37
CA ILE B 326 -7.35 20.38 33.15
C ILE B 326 -6.42 21.54 33.47
N MSE B 327 -6.89 22.77 33.25
CA MSE B 327 -6.03 23.94 33.45
C MSE B 327 -6.50 25.11 34.32
O MSE B 327 -5.74 26.04 34.55
CB MSE B 327 -5.69 24.52 32.07
CG MSE B 327 -5.15 23.48 31.08
SE MSE B 327 -3.28 23.04 31.47
CE MSE B 327 -2.36 24.50 30.52
N TRP B 328 -7.74 25.06 34.81
CA TRP B 328 -8.25 26.17 35.61
C TRP B 328 -7.42 26.42 36.87
N GLN B 329 -6.84 25.35 37.41
CA GLN B 329 -6.06 25.48 38.64
C GLN B 329 -4.86 26.43 38.50
N LEU B 330 -4.51 26.80 37.28
CA LEU B 330 -3.37 27.69 37.05
C LEU B 330 -3.72 29.16 37.25
N VAL B 331 -5.00 29.48 37.20
CA VAL B 331 -5.44 30.86 37.36
C VAL B 331 -5.46 31.25 38.83
N GLN B 332 -5.05 32.48 39.13
CA GLN B 332 -5.01 33.00 40.49
C GLN B 332 -6.43 33.02 41.08
N GLU B 333 -7.37 33.59 40.34
CA GLU B 333 -8.75 33.67 40.78
C GLU B 333 -9.67 33.28 39.65
N ASP B 334 -9.93 31.99 39.51
CA ASP B 334 -10.81 31.53 38.44
C ASP B 334 -12.16 32.23 38.55
N ILE B 335 -12.79 32.46 37.39
CA ILE B 335 -14.06 33.17 37.32
C ILE B 335 -15.30 32.29 37.58
N VAL B 336 -15.10 31.00 37.77
CA VAL B 336 -16.19 30.09 38.05
C VAL B 336 -16.29 29.95 39.57
N SER B 337 -17.40 30.43 40.13
CA SER B 337 -17.60 30.38 41.58
C SER B 337 -18.17 29.05 42.06
N SER B 338 -18.79 28.32 41.14
CA SER B 338 -19.34 27.01 41.44
C SER B 338 -19.54 26.29 40.10
N PRO B 339 -19.40 24.96 40.07
CA PRO B 339 -19.07 24.05 41.16
C PRO B 339 -17.59 24.07 41.53
N ASP B 340 -17.19 23.16 42.42
CA ASP B 340 -15.80 23.05 42.83
C ASP B 340 -15.11 22.21 41.76
N LEU B 341 -14.14 22.80 41.07
CA LEU B 341 -13.44 22.09 40.00
C LEU B 341 -12.15 21.41 40.43
N THR B 342 -11.95 21.29 41.74
CA THR B 342 -10.75 20.65 42.29
C THR B 342 -10.89 19.12 42.28
N PRO B 343 -10.08 18.43 41.44
CA PRO B 343 -10.18 16.97 41.39
C PRO B 343 -9.75 16.33 42.70
N LYS B 344 -10.34 15.18 43.00
CA LYS B 344 -10.03 14.43 44.21
C LYS B 344 -9.49 13.09 43.73
N ASN B 345 -8.20 12.87 43.97
CA ASN B 345 -7.53 11.66 43.52
C ASN B 345 -7.65 11.57 42.00
N GLY B 346 -7.58 12.73 41.35
CA GLY B 346 -7.65 12.80 39.90
C GLY B 346 -9.00 12.51 39.29
N TRP B 347 -10.07 12.78 40.02
CA TRP B 347 -11.43 12.57 39.52
C TRP B 347 -12.33 13.75 39.86
N LEU B 348 -13.32 13.97 38.99
CA LEU B 348 -14.33 15.00 39.21
C LEU B 348 -15.66 14.32 38.92
N ASP B 349 -16.44 14.04 39.97
CA ASP B 349 -17.72 13.40 39.77
C ASP B 349 -18.59 14.24 38.86
N ALA B 350 -19.39 13.57 38.06
CA ALA B 350 -20.27 14.22 37.09
C ALA B 350 -21.07 15.41 37.63
N PHE B 351 -20.95 16.55 36.97
CA PHE B 351 -21.70 17.74 37.35
C PHE B 351 -23.13 17.52 36.86
N ARG B 352 -24.12 17.95 37.64
CA ARG B 352 -25.52 17.74 37.26
C ARG B 352 -26.35 19.00 37.06
N LYS B 353 -25.77 20.18 37.27
CA LYS B 353 -26.52 21.41 37.09
C LYS B 353 -26.84 21.66 35.60
N PRO B 354 -27.93 22.41 35.33
CA PRO B 354 -28.34 22.71 33.96
C PRO B 354 -27.23 23.33 33.08
N GLY B 355 -27.27 23.01 31.79
CA GLY B 355 -26.26 23.54 30.89
C GLY B 355 -24.89 23.01 31.27
N LEU B 356 -23.87 23.85 31.16
CA LEU B 356 -22.52 23.43 31.52
C LEU B 356 -22.41 23.41 33.04
N GLY B 357 -23.50 23.81 33.70
CA GLY B 357 -23.59 23.79 35.15
C GLY B 357 -22.72 24.69 36.01
N PHE B 358 -22.36 25.87 35.54
CA PHE B 358 -21.52 26.75 36.36
C PHE B 358 -22.15 28.10 36.66
N GLN B 359 -21.52 28.82 37.58
CA GLN B 359 -21.93 30.17 37.98
C GLN B 359 -20.65 30.98 37.92
N LEU B 360 -20.72 32.21 37.41
CA LEU B 360 -19.54 33.05 37.34
C LEU B 360 -19.47 34.03 38.49
N ALA B 361 -18.24 34.33 38.92
CA ALA B 361 -18.02 35.30 39.99
C ALA B 361 -18.00 36.65 39.29
N GLU B 362 -19.17 37.26 39.22
CA GLU B 362 -19.39 38.55 38.58
C GLU B 362 -18.26 39.56 38.80
N ASP B 363 -17.86 39.71 40.05
CA ASP B 363 -16.81 40.65 40.42
C ASP B 363 -15.44 40.31 39.81
N LEU B 364 -15.12 39.04 39.70
CA LEU B 364 -13.84 38.63 39.13
C LEU B 364 -13.82 38.88 37.62
N VAL B 365 -14.96 38.63 36.97
CA VAL B 365 -15.07 38.85 35.54
C VAL B 365 -14.91 40.34 35.22
N ALA B 366 -15.53 41.18 36.04
CA ALA B 366 -15.45 42.63 35.84
C ALA B 366 -14.00 43.11 35.96
N GLU B 367 -13.30 42.57 36.95
CA GLU B 367 -11.90 42.96 37.15
C GLU B 367 -11.10 42.46 35.95
N GLY B 368 -11.53 41.34 35.38
CA GLY B 368 -10.85 40.80 34.22
C GLY B 368 -11.03 41.74 33.04
N GLU B 369 -12.24 42.26 32.91
CA GLU B 369 -12.55 43.21 31.85
C GLU B 369 -11.70 44.45 32.07
N GLY B 370 -11.44 44.75 33.35
CA GLY B 370 -10.63 45.90 33.68
C GLY B 370 -9.20 45.77 33.19
N ARG B 371 -8.60 44.60 33.45
CA ARG B 371 -7.23 44.34 33.03
C ARG B 371 -7.09 44.40 31.51
N TYR B 372 -8.10 43.90 30.82
CA TYR B 372 -8.08 43.94 29.36
C TYR B 372 -8.01 45.39 28.91
N ALA B 373 -8.94 46.19 29.43
CA ALA B 373 -8.99 47.61 29.10
C ALA B 373 -7.67 48.30 29.40
N ALA B 374 -7.06 47.94 30.53
CA ALA B 374 -5.80 48.54 30.94
C ALA B 374 -4.61 48.15 30.06
N SER B 375 -4.73 47.04 29.35
CA SER B 375 -3.64 46.58 28.49
C SER B 375 -3.82 47.06 27.06
N VAL C 4 24.34 44.70 -15.62
CA VAL C 4 25.61 43.93 -15.50
C VAL C 4 25.49 42.56 -16.16
N LYS C 5 26.51 42.22 -16.95
CA LYS C 5 26.55 40.94 -17.66
C LYS C 5 27.87 40.23 -17.40
N ILE C 6 27.87 38.92 -17.57
CA ILE C 6 29.07 38.13 -17.38
C ILE C 6 30.00 38.34 -18.58
N SER C 7 31.26 38.67 -18.30
CA SER C 7 32.21 38.92 -19.38
C SER C 7 33.24 37.82 -19.60
N ASN C 8 33.60 37.10 -18.54
CA ASN C 8 34.58 36.03 -18.69
C ASN C 8 34.35 34.91 -17.71
N VAL C 9 34.83 33.71 -18.06
CA VAL C 9 34.76 32.56 -17.17
C VAL C 9 36.15 31.92 -17.25
N ARG C 10 36.61 31.41 -16.12
CA ARG C 10 37.90 30.77 -16.06
C ARG C 10 37.83 29.51 -15.22
N VAL C 11 38.52 28.47 -15.65
CA VAL C 11 38.57 27.20 -14.93
C VAL C 11 40.04 26.97 -14.58
N ARG C 12 40.30 26.69 -13.31
CA ARG C 12 41.68 26.48 -12.86
C ARG C 12 41.85 25.18 -12.09
N PRO C 13 42.33 24.11 -12.76
CA PRO C 13 42.52 22.82 -12.10
C PRO C 13 43.63 22.91 -11.04
N LEU C 14 43.36 22.39 -9.84
CA LEU C 14 44.32 22.43 -8.75
C LEU C 14 44.52 21.05 -8.12
N VAL C 15 45.68 20.87 -7.52
CA VAL C 15 46.04 19.65 -6.80
C VAL C 15 46.61 20.18 -5.49
N LEU C 16 45.99 19.82 -4.38
CA LEU C 16 46.40 20.29 -3.07
C LEU C 16 46.73 19.15 -2.12
N PRO C 17 47.90 19.19 -1.49
CA PRO C 17 48.27 18.11 -0.56
C PRO C 17 47.47 18.09 0.74
N LEU C 18 47.34 16.89 1.30
CA LEU C 18 46.61 16.68 2.55
C LEU C 18 47.58 16.69 3.73
N LYS C 19 47.08 17.06 4.91
CA LYS C 19 47.92 17.07 6.11
C LYS C 19 48.52 15.69 6.34
N GLN C 20 47.67 14.66 6.24
CA GLN C 20 48.11 13.29 6.42
C GLN C 20 47.47 12.42 5.34
N PRO C 21 48.04 11.23 5.09
CA PRO C 21 47.44 10.38 4.05
C PRO C 21 46.01 9.95 4.40
N TYR C 22 45.15 9.97 3.40
CA TYR C 22 43.74 9.59 3.56
C TYR C 22 43.61 8.15 3.09
N HIS C 23 43.18 7.27 3.98
CA HIS C 23 43.04 5.86 3.65
C HIS C 23 41.69 5.51 3.06
N TRP C 24 41.69 4.79 1.95
CA TRP C 24 40.46 4.35 1.32
C TRP C 24 40.60 2.95 0.74
N SER C 25 39.51 2.45 0.16
CA SER C 25 39.46 1.11 -0.41
C SER C 25 40.62 0.79 -1.34
N TYR C 26 41.25 1.84 -1.89
CA TYR C 26 42.38 1.66 -2.78
C TYR C 26 43.58 2.46 -2.30
N GLY C 27 44.38 1.84 -1.44
CA GLY C 27 45.56 2.48 -0.89
C GLY C 27 45.28 3.77 -0.16
N ILE C 28 46.26 4.66 -0.16
CA ILE C 28 46.13 5.94 0.50
C ILE C 28 46.03 7.08 -0.51
N ARG C 29 45.62 8.24 -0.02
CA ARG C 29 45.44 9.44 -0.83
C ARG C 29 46.30 10.55 -0.23
N GLU C 30 47.20 11.10 -1.03
CA GLU C 30 48.11 12.14 -0.57
C GLU C 30 47.62 13.57 -0.81
N SER C 31 46.61 13.72 -1.66
CA SER C 31 46.11 15.07 -1.97
C SER C 31 44.68 15.07 -2.51
N PHE C 32 44.10 16.26 -2.56
CA PHE C 32 42.75 16.46 -3.09
C PHE C 32 42.91 17.27 -4.35
N ALA C 33 41.98 17.11 -5.29
CA ALA C 33 42.01 17.85 -6.55
C ALA C 33 40.64 18.51 -6.74
N VAL C 34 40.65 19.76 -7.18
CA VAL C 34 39.43 20.50 -7.42
C VAL C 34 39.62 21.37 -8.66
N ASN C 35 38.52 21.73 -9.31
CA ASN C 35 38.56 22.60 -10.47
C ASN C 35 37.81 23.87 -10.09
N LEU C 36 38.56 24.96 -9.94
CA LEU C 36 37.95 26.23 -9.58
C LEU C 36 37.24 26.80 -10.80
N ILE C 37 36.15 27.52 -10.56
CA ILE C 37 35.43 28.17 -11.65
C ILE C 37 35.25 29.63 -11.24
N GLU C 38 35.81 30.54 -12.03
CA GLU C 38 35.68 31.96 -11.75
C GLU C 38 34.74 32.56 -12.79
N ILE C 39 33.80 33.37 -12.33
CA ILE C 39 32.85 34.00 -13.24
C ILE C 39 32.97 35.49 -13.02
N GLU C 40 33.45 36.19 -14.04
CA GLU C 40 33.66 37.62 -13.97
C GLU C 40 32.60 38.47 -14.67
N ALA C 41 32.13 39.50 -13.97
CA ALA C 41 31.12 40.39 -14.52
C ALA C 41 31.83 41.56 -15.20
N ASP C 42 31.14 42.24 -16.11
CA ASP C 42 31.76 43.36 -16.84
C ASP C 42 32.18 44.55 -15.98
N ASP C 43 31.90 44.51 -14.68
CA ASP C 43 32.28 45.61 -13.80
C ASP C 43 33.53 45.22 -13.00
N GLY C 44 34.08 44.05 -13.28
CA GLY C 44 35.27 43.61 -12.57
C GLY C 44 35.03 42.65 -11.42
N THR C 45 33.79 42.56 -10.96
CA THR C 45 33.45 41.67 -9.85
C THR C 45 33.63 40.22 -10.29
N VAL C 46 34.14 39.39 -9.40
CA VAL C 46 34.38 37.99 -9.73
C VAL C 46 33.79 37.00 -8.73
N GLY C 47 33.01 36.04 -9.23
CA GLY C 47 32.42 35.03 -8.38
C GLY C 47 33.29 33.78 -8.43
N ILE C 48 33.46 33.11 -7.29
CA ILE C 48 34.30 31.92 -7.26
C ILE C 48 33.64 30.69 -6.67
N GLY C 49 33.85 29.56 -7.32
CA GLY C 49 33.30 28.29 -6.86
C GLY C 49 34.26 27.18 -7.24
N GLU C 50 33.92 25.93 -6.92
CA GLU C 50 34.80 24.81 -7.26
C GLU C 50 33.98 23.53 -7.45
N CYS C 51 34.53 22.62 -8.24
CA CYS C 51 33.89 21.34 -8.52
C CYS C 51 34.82 20.19 -8.17
N THR C 52 34.25 19.03 -7.86
CA THR C 52 35.03 17.83 -7.59
C THR C 52 35.43 17.37 -8.99
N VAL C 53 36.45 16.52 -9.08
CA VAL C 53 36.98 16.12 -10.39
C VAL C 53 36.83 14.70 -10.96
N ALA C 54 36.44 13.72 -10.14
CA ALA C 54 36.30 12.35 -10.63
C ALA C 54 35.36 12.27 -11.84
N PRO C 55 35.59 11.32 -12.76
CA PRO C 55 36.64 10.31 -12.79
C PRO C 55 37.98 10.77 -13.39
N ASP C 56 38.02 12.01 -13.84
CA ASP C 56 39.24 12.54 -14.43
C ASP C 56 39.23 14.05 -14.40
N GLN C 57 40.17 14.64 -13.68
CA GLN C 57 40.26 16.10 -13.55
C GLN C 57 40.37 16.84 -14.87
N THR C 58 41.23 16.37 -15.77
CA THR C 58 41.41 17.03 -17.06
C THR C 58 40.11 16.99 -17.86
N GLY C 59 39.45 15.83 -17.87
CA GLY C 59 38.20 15.68 -18.58
C GLY C 59 37.06 16.50 -18.00
N THR C 60 36.92 16.49 -16.68
CA THR C 60 35.85 17.25 -16.05
C THR C 60 36.13 18.74 -16.08
N ALA C 61 37.41 19.12 -16.13
CA ALA C 61 37.76 20.53 -16.20
C ALA C 61 37.33 21.02 -17.59
N ALA C 62 37.50 20.17 -18.60
CA ALA C 62 37.11 20.53 -19.97
C ALA C 62 35.60 20.65 -20.05
N ILE C 63 34.88 19.81 -19.31
CA ILE C 63 33.42 19.88 -19.32
C ILE C 63 32.94 21.11 -18.56
N LEU C 64 33.56 21.40 -17.41
CA LEU C 64 33.18 22.55 -16.61
C LEU C 64 33.36 23.85 -17.42
N TYR C 65 34.46 23.94 -18.16
CA TYR C 65 34.73 25.12 -18.96
C TYR C 65 33.68 25.27 -20.07
N ARG C 66 33.43 24.19 -20.81
CA ARG C 66 32.44 24.24 -21.89
C ARG C 66 31.06 24.69 -21.41
N LEU C 67 30.63 24.22 -20.24
CA LEU C 67 29.32 24.61 -19.73
C LEU C 67 29.30 26.08 -19.30
N ALA C 68 30.37 26.49 -18.63
CA ALA C 68 30.48 27.86 -18.12
C ALA C 68 30.56 28.92 -19.21
N LYS C 69 31.14 28.58 -20.37
CA LYS C 69 31.24 29.54 -21.46
C LYS C 69 29.87 30.02 -21.92
N HIS C 70 28.85 29.18 -21.72
CA HIS C 70 27.49 29.52 -22.11
C HIS C 70 26.98 30.74 -21.34
N LEU C 71 27.56 30.98 -20.17
CA LEU C 71 27.16 32.08 -19.30
C LEU C 71 27.56 33.48 -19.80
N VAL C 72 28.68 33.56 -20.50
CA VAL C 72 29.17 34.85 -21.00
C VAL C 72 28.10 35.62 -21.76
N GLY C 73 27.91 36.87 -21.38
CA GLY C 73 26.91 37.71 -22.03
C GLY C 73 25.57 37.71 -21.31
N HIS C 74 25.45 36.87 -20.29
CA HIS C 74 24.20 36.78 -19.55
C HIS C 74 24.31 37.34 -18.13
N SER C 75 23.15 37.45 -17.46
CA SER C 75 23.08 37.99 -16.12
C SER C 75 23.33 36.98 -15.00
N PRO C 76 24.11 37.38 -13.98
CA PRO C 76 24.40 36.51 -12.83
C PRO C 76 23.12 36.22 -12.08
N HIS C 77 22.15 37.11 -12.23
CA HIS C 77 20.85 36.98 -11.56
C HIS C 77 19.91 35.99 -12.23
N ASP C 78 20.37 35.37 -13.32
CA ASP C 78 19.55 34.40 -14.04
C ASP C 78 20.17 33.01 -13.97
N VAL C 79 20.87 32.74 -12.87
CA VAL C 79 21.51 31.45 -12.67
C VAL C 79 20.61 30.24 -12.90
N ALA C 80 19.43 30.22 -12.27
CA ALA C 80 18.52 29.07 -12.41
C ALA C 80 18.14 28.72 -13.85
N PRO C 81 17.52 29.66 -14.59
CA PRO C 81 17.16 29.30 -15.96
C PRO C 81 18.36 29.03 -16.88
N LEU C 82 19.49 29.68 -16.60
CA LEU C 82 20.70 29.49 -17.40
C LEU C 82 21.20 28.06 -17.25
N ILE C 83 21.25 27.57 -16.02
CA ILE C 83 21.71 26.21 -15.78
C ILE C 83 20.74 25.22 -16.41
N ALA C 84 19.44 25.48 -16.26
CA ALA C 84 18.43 24.59 -16.81
C ALA C 84 18.61 24.47 -18.32
N ARG C 85 18.90 25.58 -18.98
CA ARG C 85 19.07 25.59 -20.43
C ARG C 85 20.35 24.85 -20.86
N ILE C 86 21.44 25.12 -20.16
CA ILE C 86 22.71 24.48 -20.46
C ILE C 86 22.61 22.96 -20.30
N PHE C 87 21.89 22.54 -19.27
CA PHE C 87 21.70 21.11 -19.00
C PHE C 87 20.93 20.46 -20.14
N HIS C 88 19.86 21.11 -20.57
CA HIS C 88 19.03 20.59 -21.65
C HIS C 88 19.80 20.54 -22.97
N GLN C 89 20.63 21.56 -23.22
CA GLN C 89 21.39 21.64 -24.46
C GLN C 89 22.56 20.68 -24.60
N GLU C 90 23.44 20.66 -23.60
CA GLU C 90 24.62 19.81 -23.64
C GLU C 90 24.42 18.36 -23.17
N TYR C 91 23.36 18.11 -22.43
CA TYR C 91 23.09 16.75 -21.94
C TYR C 91 21.82 16.09 -22.47
N LEU C 92 20.67 16.60 -22.05
CA LEU C 92 19.39 16.00 -22.43
C LEU C 92 19.13 15.93 -23.92
N GLY C 93 19.54 16.97 -24.64
CA GLY C 93 19.34 16.99 -26.07
C GLY C 93 20.14 15.94 -26.81
N HIS C 94 21.10 15.33 -26.11
CA HIS C 94 21.93 14.30 -26.70
C HIS C 94 21.60 12.92 -26.13
N GLY C 95 20.57 12.86 -25.29
CA GLY C 95 20.16 11.60 -24.70
C GLY C 95 20.93 11.23 -23.44
N ALA C 96 21.77 12.14 -22.95
CA ALA C 96 22.56 11.87 -21.76
C ALA C 96 21.85 12.40 -20.51
N ASN C 97 20.85 11.64 -20.04
CA ASN C 97 20.10 12.04 -18.85
C ASN C 97 20.87 11.68 -17.59
N ILE C 98 22.04 12.28 -17.42
CA ILE C 98 22.89 12.01 -16.27
C ILE C 98 22.88 13.18 -15.31
N MSE C 99 21.75 13.32 -14.63
CA MSE C 99 21.55 14.41 -13.68
C MSE C 99 22.63 14.50 -12.60
O MSE C 99 23.16 15.59 -12.35
CB MSE C 99 20.18 14.28 -13.01
CG MSE C 99 19.84 15.39 -12.01
SE MSE C 99 17.97 15.44 -11.60
CE MSE C 99 17.31 16.44 -13.14
N ARG C 100 22.95 13.38 -11.96
CA ARG C 100 23.98 13.39 -10.91
C ARG C 100 25.32 13.91 -11.44
N ALA C 101 25.73 13.43 -12.60
CA ALA C 101 26.99 13.86 -13.21
C ALA C 101 26.92 15.35 -13.54
N ALA C 102 25.80 15.78 -14.12
CA ALA C 102 25.62 17.18 -14.46
C ALA C 102 25.68 18.03 -13.20
N ASN C 103 25.04 17.55 -12.12
CA ASN C 103 25.03 18.27 -10.85
C ASN C 103 26.44 18.51 -10.32
N GLN C 104 27.32 17.53 -10.51
CA GLN C 104 28.70 17.64 -10.05
C GLN C 104 29.35 18.90 -10.60
N ILE C 105 29.08 19.19 -11.87
CA ILE C 105 29.65 20.35 -12.55
C ILE C 105 28.92 21.63 -12.20
N PHE C 106 27.60 21.61 -12.32
CA PHE C 106 26.79 22.79 -12.02
C PHE C 106 26.94 23.29 -10.57
N SER C 107 27.37 22.41 -9.67
CA SER C 107 27.54 22.83 -8.27
C SER C 107 28.51 24.00 -8.17
N GLY C 108 29.63 23.92 -8.87
CA GLY C 108 30.61 25.00 -8.82
C GLY C 108 30.12 26.24 -9.53
N ILE C 109 29.43 26.04 -10.65
CA ILE C 109 28.90 27.15 -11.40
C ILE C 109 27.92 27.92 -10.53
N ASP C 110 26.93 27.21 -9.99
CA ASP C 110 25.92 27.83 -9.13
C ASP C 110 26.60 28.49 -7.94
N MSE C 111 27.61 27.79 -7.41
CA MSE C 111 28.36 28.29 -6.28
C MSE C 111 28.93 29.67 -6.60
O MSE C 111 28.73 30.63 -5.87
CB MSE C 111 29.49 27.34 -5.97
CG MSE C 111 30.00 27.56 -4.61
SE MSE C 111 31.25 26.12 -4.26
CE MSE C 111 30.10 24.59 -3.90
N ALA C 112 29.63 29.73 -7.72
CA ALA C 112 30.24 30.99 -8.18
C ALA C 112 29.20 32.05 -8.50
N MSE C 113 28.07 31.65 -9.10
CA MSE C 113 27.04 32.62 -9.44
C MSE C 113 26.47 33.35 -8.24
O MSE C 113 26.27 34.57 -8.27
CB MSE C 113 25.92 31.94 -10.23
CG MSE C 113 26.33 31.48 -11.64
SE MSE C 113 26.49 32.97 -12.89
CE MSE C 113 24.71 32.97 -13.72
N TRP C 114 26.19 32.60 -7.16
CA TRP C 114 25.65 33.25 -5.97
C TRP C 114 26.71 34.09 -5.25
N ASP C 115 27.97 33.68 -5.35
CA ASP C 115 29.06 34.44 -4.74
C ASP C 115 29.09 35.79 -5.47
N LEU C 116 28.98 35.73 -6.80
CA LEU C 116 28.97 36.93 -7.63
C LEU C 116 27.78 37.83 -7.26
N GLN C 117 26.59 37.25 -7.16
CA GLN C 117 25.41 38.01 -6.81
C GLN C 117 25.57 38.70 -5.45
N GLY C 118 26.12 37.97 -4.48
CA GLY C 118 26.34 38.54 -3.15
C GLY C 118 27.35 39.67 -3.15
N LYS C 119 28.40 39.53 -3.95
CA LYS C 119 29.41 40.58 -4.02
C LYS C 119 28.84 41.82 -4.68
N LEU C 120 28.01 41.64 -5.71
CA LEU C 120 27.41 42.76 -6.42
C LEU C 120 26.45 43.51 -5.51
N ALA C 121 25.77 42.78 -4.63
CA ALA C 121 24.81 43.40 -3.72
C ALA C 121 25.44 43.80 -2.40
N GLY C 122 26.64 43.30 -2.11
CA GLY C 122 27.31 43.61 -0.86
C GLY C 122 26.68 42.86 0.30
N LEU C 123 26.14 41.68 0.02
CA LEU C 123 25.49 40.86 1.04
C LEU C 123 26.01 39.43 1.07
N PRO C 124 25.99 38.80 2.26
CA PRO C 124 26.46 37.41 2.33
C PRO C 124 25.37 36.60 1.63
N VAL C 125 25.74 35.46 1.06
CA VAL C 125 24.77 34.63 0.34
C VAL C 125 23.51 34.25 1.12
N HIS C 126 23.64 33.94 2.42
CA HIS C 126 22.46 33.54 3.18
C HIS C 126 21.38 34.62 3.27
N GLN C 127 21.77 35.88 3.10
CA GLN C 127 20.79 36.97 3.14
C GLN C 127 20.19 37.21 1.76
N LEU C 128 20.58 36.37 0.81
CA LEU C 128 20.02 36.44 -0.54
C LEU C 128 19.04 35.27 -0.62
N LEU C 129 19.07 34.44 0.42
CA LEU C 129 18.23 33.26 0.46
C LEU C 129 17.13 33.29 1.52
N GLY C 130 16.85 34.47 2.08
CA GLY C 130 15.81 34.57 3.09
C GLY C 130 16.27 34.90 4.50
N GLY C 131 17.57 34.79 4.75
CA GLY C 131 18.08 35.08 6.08
C GLY C 131 18.53 33.85 6.85
N ALA C 132 19.40 34.05 7.84
CA ALA C 132 19.94 32.98 8.65
C ALA C 132 18.96 32.52 9.70
N HIS C 133 18.78 31.20 9.80
CA HIS C 133 17.86 30.61 10.77
C HIS C 133 18.56 30.23 12.06
N ARG C 134 19.83 30.62 12.15
CA ARG C 134 20.63 30.33 13.34
C ARG C 134 21.84 31.27 13.39
N LYS C 135 22.35 31.52 14.59
CA LYS C 135 23.50 32.40 14.73
C LYS C 135 24.80 31.69 14.36
N ALA C 136 24.75 30.37 14.35
CA ALA C 136 25.93 29.60 13.98
C ALA C 136 25.58 28.22 13.43
N VAL C 137 26.43 27.72 12.54
CA VAL C 137 26.22 26.39 11.97
C VAL C 137 26.99 25.38 12.83
N GLY C 138 26.32 24.29 13.18
CA GLY C 138 26.96 23.25 13.97
C GLY C 138 27.62 22.21 13.09
N TYR C 139 28.82 21.79 13.49
CA TYR C 139 29.59 20.81 12.73
C TYR C 139 30.01 19.59 13.56
N PHE C 140 30.29 18.49 12.87
CA PHE C 140 30.72 17.28 13.53
C PHE C 140 32.25 17.30 13.74
N TYR C 141 32.79 16.22 14.28
CA TYR C 141 34.23 16.09 14.48
C TYR C 141 34.60 14.80 13.75
N PHE C 142 35.22 14.96 12.59
CA PHE C 142 35.61 13.83 11.75
C PHE C 142 36.83 13.13 12.32
N LEU C 143 36.60 12.05 13.07
CA LEU C 143 37.68 11.29 13.69
C LEU C 143 38.63 10.71 12.65
N GLN C 144 39.92 10.69 12.97
CA GLN C 144 40.94 10.17 12.08
C GLN C 144 41.79 9.10 12.77
N GLY C 145 42.14 8.06 12.01
CA GLY C 145 42.94 6.98 12.56
C GLY C 145 42.52 5.63 11.99
N GLU C 146 43.48 4.71 11.92
CA GLU C 146 43.24 3.37 11.39
C GLU C 146 43.11 2.31 12.48
N THR C 147 43.56 2.64 13.68
CA THR C 147 43.47 1.71 14.78
C THR C 147 42.58 2.29 15.87
N ALA C 148 42.13 1.42 16.77
CA ALA C 148 41.30 1.84 17.89
C ALA C 148 42.08 2.85 18.74
N GLU C 149 43.37 2.58 18.92
CA GLU C 149 44.22 3.47 19.73
C GLU C 149 44.27 4.89 19.20
N GLU C 150 44.55 5.03 17.91
CA GLU C 150 44.63 6.35 17.28
C GLU C 150 43.29 7.06 17.33
N LEU C 151 42.22 6.32 17.04
CA LEU C 151 40.87 6.89 17.03
C LEU C 151 40.41 7.37 18.41
N ALA C 152 40.69 6.57 19.43
CA ALA C 152 40.31 6.92 20.81
C ALA C 152 41.10 8.14 21.29
N ARG C 153 42.37 8.20 20.95
CA ARG C 153 43.24 9.30 21.33
C ARG C 153 42.74 10.59 20.69
N ASP C 154 42.38 10.50 19.40
CA ASP C 154 41.86 11.68 18.71
C ASP C 154 40.51 12.08 19.32
N ALA C 155 39.71 11.07 19.67
CA ALA C 155 38.41 11.33 20.28
C ALA C 155 38.61 12.03 21.64
N ALA C 156 39.59 11.55 22.40
CA ALA C 156 39.91 12.12 23.71
C ALA C 156 40.20 13.61 23.58
N VAL C 157 41.06 13.94 22.63
CA VAL C 157 41.46 15.31 22.37
C VAL C 157 40.27 16.18 21.94
N GLY C 158 39.52 15.70 20.95
CA GLY C 158 38.37 16.44 20.46
C GLY C 158 37.36 16.73 21.57
N HIS C 159 37.16 15.78 22.46
CA HIS C 159 36.21 15.95 23.56
C HIS C 159 36.72 17.03 24.52
N ALA C 160 38.00 16.96 24.87
CA ALA C 160 38.57 17.96 25.77
C ALA C 160 38.46 19.36 25.18
N GLN C 161 38.52 19.47 23.86
CA GLN C 161 38.44 20.77 23.19
C GLN C 161 37.02 21.31 23.07
N GLY C 162 36.02 20.50 23.40
CA GLY C 162 34.65 20.95 23.32
C GLY C 162 33.83 20.45 22.12
N GLU C 163 34.37 19.49 21.37
CA GLU C 163 33.65 18.95 20.23
C GLU C 163 32.37 18.29 20.75
N ARG C 164 31.30 18.45 20.00
CA ARG C 164 29.99 17.96 20.40
C ARG C 164 29.43 16.74 19.68
N VAL C 165 29.77 16.57 18.40
CA VAL C 165 29.25 15.46 17.60
C VAL C 165 30.37 14.69 16.95
N PHE C 166 30.66 13.50 17.48
CA PHE C 166 31.73 12.68 16.92
C PHE C 166 31.27 11.83 15.74
N TYR C 167 32.09 11.80 14.70
CA TYR C 167 31.80 11.06 13.47
C TYR C 167 32.88 9.99 13.28
N LEU C 168 32.44 8.73 13.25
CA LEU C 168 33.35 7.59 13.13
C LEU C 168 33.00 6.68 11.96
N LYS C 169 33.99 6.39 11.13
CA LYS C 169 33.81 5.53 9.97
C LYS C 169 33.86 4.05 10.37
N VAL C 170 32.84 3.29 10.01
CA VAL C 170 32.83 1.87 10.33
C VAL C 170 32.77 1.06 9.05
N GLY C 171 32.35 -0.20 9.14
CA GLY C 171 32.31 -1.02 7.96
C GLY C 171 33.70 -1.55 7.65
N ARG C 172 34.48 -1.82 8.69
CA ARG C 172 35.84 -2.34 8.51
C ARG C 172 35.92 -3.79 9.00
N GLY C 173 34.76 -4.45 9.07
CA GLY C 173 34.73 -5.81 9.56
C GLY C 173 34.12 -5.74 10.95
N GLU C 174 33.38 -6.78 11.35
CA GLU C 174 32.72 -6.77 12.66
C GLU C 174 33.65 -6.58 13.86
N LYS C 175 34.69 -7.40 13.98
CA LYS C 175 35.60 -7.32 15.12
C LYS C 175 36.21 -5.93 15.30
N LEU C 176 36.80 -5.39 14.23
CA LEU C 176 37.42 -4.06 14.31
C LEU C 176 36.39 -2.95 14.51
N ASP C 177 35.25 -3.07 13.84
CA ASP C 177 34.18 -2.07 13.96
C ASP C 177 33.77 -1.93 15.43
N LEU C 178 33.52 -3.07 16.07
CA LEU C 178 33.10 -3.05 17.47
C LEU C 178 34.24 -2.58 18.38
N GLU C 179 35.47 -2.90 18.02
CA GLU C 179 36.62 -2.48 18.81
C GLU C 179 36.86 -0.98 18.75
N ILE C 180 36.85 -0.40 17.56
CA ILE C 180 37.06 1.04 17.44
C ILE C 180 35.88 1.82 18.03
N THR C 181 34.67 1.30 17.86
CA THR C 181 33.49 1.97 18.40
C THR C 181 33.57 2.01 19.93
N ALA C 182 33.81 0.86 20.55
CA ALA C 182 33.91 0.78 22.00
C ALA C 182 35.00 1.75 22.50
N ALA C 183 36.15 1.72 21.83
CA ALA C 183 37.27 2.57 22.19
C ALA C 183 36.93 4.07 22.14
N VAL C 184 36.24 4.49 21.08
CA VAL C 184 35.87 5.90 20.94
C VAL C 184 34.86 6.25 22.02
N ARG C 185 33.84 5.41 22.17
CA ARG C 185 32.82 5.62 23.20
C ARG C 185 33.48 5.82 24.56
N GLY C 186 34.47 4.98 24.87
CA GLY C 186 35.16 5.05 26.15
C GLY C 186 35.91 6.35 26.43
N GLU C 187 36.17 7.14 25.39
CA GLU C 187 36.90 8.40 25.60
C GLU C 187 36.05 9.68 25.46
N ILE C 188 34.78 9.56 25.07
CA ILE C 188 33.96 10.75 24.91
C ILE C 188 32.78 10.85 25.88
N GLY C 189 32.90 10.18 27.02
CA GLY C 189 31.81 10.24 27.99
C GLY C 189 30.50 9.85 27.36
N ASP C 190 29.50 10.72 27.48
CA ASP C 190 28.17 10.46 26.91
C ASP C 190 27.92 11.29 25.66
N ALA C 191 28.97 11.90 25.12
CA ALA C 191 28.83 12.73 23.92
C ALA C 191 28.19 11.98 22.75
N ARG C 192 27.58 12.73 21.85
CA ARG C 192 26.96 12.12 20.70
C ARG C 192 27.97 11.46 19.78
N LEU C 193 27.60 10.28 19.27
CA LEU C 193 28.45 9.51 18.37
C LEU C 193 27.66 8.99 17.16
N ARG C 194 28.16 9.34 15.96
CA ARG C 194 27.53 8.94 14.71
C ARG C 194 28.49 8.04 13.93
N LEU C 195 27.95 6.98 13.34
CA LEU C 195 28.78 6.05 12.57
C LEU C 195 28.40 6.06 11.09
N ASP C 196 29.42 6.04 10.24
CA ASP C 196 29.25 6.04 8.79
C ASP C 196 29.64 4.67 8.24
N ALA C 197 28.64 3.91 7.80
CA ALA C 197 28.85 2.58 7.24
C ALA C 197 29.37 2.64 5.82
N ASN C 198 29.29 3.84 5.24
CA ASN C 198 29.82 4.08 3.89
C ASN C 198 29.39 3.04 2.86
N GLU C 199 28.10 2.74 2.82
CA GLU C 199 27.54 1.76 1.88
C GLU C 199 28.16 0.38 2.00
N GLY C 200 28.86 0.11 3.09
CA GLY C 200 29.53 -1.17 3.22
C GLY C 200 28.82 -2.46 3.62
N TRP C 201 27.58 -2.38 4.09
CA TRP C 201 26.88 -3.60 4.53
C TRP C 201 25.72 -4.12 3.70
N SER C 202 25.64 -5.44 3.62
CA SER C 202 24.54 -6.10 2.93
C SER C 202 23.38 -5.91 3.91
N VAL C 203 22.16 -6.19 3.47
CA VAL C 203 21.02 -6.02 4.35
C VAL C 203 21.05 -6.78 5.67
N HIS C 204 21.36 -8.09 5.67
CA HIS C 204 21.36 -8.79 6.94
C HIS C 204 22.57 -8.44 7.82
N ASP C 205 23.68 -8.06 7.21
CA ASP C 205 24.85 -7.68 7.99
C ASP C 205 24.59 -6.35 8.67
N ALA C 206 23.89 -5.46 7.97
CA ALA C 206 23.56 -4.16 8.52
C ALA C 206 22.68 -4.35 9.76
N ILE C 207 21.75 -5.28 9.67
CA ILE C 207 20.84 -5.54 10.78
C ILE C 207 21.60 -6.07 11.98
N ASN C 208 22.50 -7.03 11.74
CA ASN C 208 23.28 -7.62 12.82
C ASN C 208 24.28 -6.64 13.42
N MSE C 209 24.91 -5.84 12.58
CA MSE C 209 25.87 -4.85 13.07
C MSE C 209 25.16 -3.82 13.95
O MSE C 209 25.70 -3.42 14.96
CB MSE C 209 26.58 -4.12 11.94
CG MSE C 209 27.59 -4.99 11.19
SE MSE C 209 28.92 -5.68 12.47
CE MSE C 209 29.64 -4.05 13.24
N CYS C 210 23.95 -3.38 13.56
CA CYS C 210 23.23 -2.40 14.36
C CYS C 210 22.92 -2.97 15.73
N ARG C 211 22.50 -4.23 15.76
CA ARG C 211 22.19 -4.92 17.01
C ARG C 211 23.43 -4.94 17.93
N LYS C 212 24.59 -5.23 17.35
CA LYS C 212 25.81 -5.29 18.13
C LYS C 212 26.37 -3.93 18.52
N LEU C 213 26.06 -2.90 17.76
CA LEU C 213 26.55 -1.54 18.06
C LEU C 213 25.65 -0.72 18.99
N GLU C 214 24.40 -1.17 19.16
CA GLU C 214 23.45 -0.45 20.00
C GLU C 214 23.94 -0.10 21.40
N LYS C 215 24.66 -1.04 22.02
CA LYS C 215 25.17 -0.86 23.37
C LYS C 215 26.12 0.33 23.48
N TYR C 216 26.57 0.86 22.34
CA TYR C 216 27.48 2.00 22.39
C TYR C 216 26.80 3.36 22.25
N ASP C 217 25.46 3.38 22.34
CA ASP C 217 24.68 4.62 22.26
C ASP C 217 25.02 5.42 21.01
N ILE C 218 24.53 4.94 19.88
CA ILE C 218 24.79 5.55 18.58
C ILE C 218 23.67 6.48 18.15
N GLU C 219 23.98 7.75 17.88
CA GLU C 219 22.96 8.70 17.45
C GLU C 219 22.32 8.21 16.16
N PHE C 220 23.15 7.77 15.22
CA PHE C 220 22.66 7.20 13.96
C PHE C 220 23.76 6.56 13.15
N ILE C 221 23.38 5.77 12.17
CA ILE C 221 24.34 5.14 11.28
C ILE C 221 23.99 5.67 9.90
N GLU C 222 25.00 6.15 9.19
CA GLU C 222 24.83 6.75 7.88
C GLU C 222 25.06 5.74 6.76
N GLN C 223 24.12 5.73 5.80
CA GLN C 223 24.17 4.87 4.62
C GLN C 223 24.73 3.47 4.85
N PRO C 224 24.01 2.62 5.61
CA PRO C 224 24.54 1.28 5.86
C PRO C 224 24.57 0.41 4.61
N THR C 225 23.58 0.59 3.72
CA THR C 225 23.48 -0.21 2.52
C THR C 225 23.86 0.47 1.20
N VAL C 226 23.99 -0.35 0.16
CA VAL C 226 24.34 0.15 -1.17
C VAL C 226 23.37 1.27 -1.53
N SER C 227 23.94 2.41 -1.90
CA SER C 227 23.20 3.63 -2.23
C SER C 227 22.16 3.58 -3.34
N TRP C 228 22.35 2.70 -4.31
CA TRP C 228 21.42 2.62 -5.45
C TRP C 228 20.00 2.15 -5.09
N SER C 229 19.88 1.38 -4.01
CA SER C 229 18.57 0.86 -3.60
C SER C 229 17.95 1.57 -2.41
N ILE C 230 16.97 2.43 -2.68
CA ILE C 230 16.28 3.12 -1.61
C ILE C 230 15.43 2.12 -0.82
N PRO C 231 14.73 1.22 -1.53
CA PRO C 231 13.91 0.25 -0.79
C PRO C 231 14.74 -0.55 0.21
N ALA C 232 15.96 -0.91 -0.18
CA ALA C 232 16.85 -1.69 0.68
C ALA C 232 17.20 -0.91 1.94
N MSE C 233 17.34 0.41 1.81
CA MSE C 233 17.66 1.23 2.97
C MSE C 233 16.46 1.31 3.89
O MSE C 233 16.61 1.28 5.11
CB MSE C 233 18.06 2.63 2.55
CG MSE C 233 18.40 3.53 3.71
SE MSE C 233 19.18 5.19 3.04
CE MSE C 233 17.85 5.71 1.66
N ALA C 234 15.26 1.41 3.31
CA ALA C 234 14.03 1.46 4.08
C ALA C 234 13.87 0.13 4.81
N HIS C 235 14.20 -0.96 4.12
CA HIS C 235 14.12 -2.31 4.64
C HIS C 235 14.95 -2.39 5.94
N VAL C 236 16.17 -1.88 5.87
CA VAL C 236 17.05 -1.89 7.04
C VAL C 236 16.56 -0.96 8.15
N ARG C 237 16.15 0.26 7.79
CA ARG C 237 15.69 1.22 8.79
C ARG C 237 14.53 0.69 9.61
N GLU C 238 13.57 0.07 8.94
CA GLU C 238 12.38 -0.44 9.62
C GLU C 238 12.70 -1.60 10.53
N LYS C 239 13.84 -2.24 10.33
CA LYS C 239 14.20 -3.38 11.16
C LYS C 239 15.10 -3.06 12.36
N VAL C 240 16.06 -2.14 12.18
CA VAL C 240 16.99 -1.83 13.26
C VAL C 240 16.55 -0.77 14.25
N GLY C 241 17.17 -0.78 15.43
CA GLY C 241 16.82 0.15 16.49
C GLY C 241 17.55 1.47 16.44
N ILE C 242 18.67 1.52 15.73
CA ILE C 242 19.43 2.75 15.60
C ILE C 242 18.93 3.53 14.38
N PRO C 243 18.73 4.85 14.51
CA PRO C 243 18.24 5.64 13.37
C PRO C 243 19.17 5.53 12.17
N ILE C 244 18.60 5.56 10.97
CA ILE C 244 19.36 5.47 9.73
C ILE C 244 19.30 6.77 8.93
N VAL C 245 20.46 7.25 8.52
CA VAL C 245 20.56 8.49 7.75
C VAL C 245 20.98 8.22 6.31
N ALA C 246 20.27 8.83 5.39
CA ALA C 246 20.58 8.69 3.97
C ALA C 246 21.73 9.60 3.59
N ASP C 247 22.65 9.07 2.80
CA ASP C 247 23.77 9.86 2.33
C ASP C 247 23.89 9.69 0.81
N GLN C 248 24.70 8.75 0.37
CA GLN C 248 24.90 8.51 -1.05
C GLN C 248 23.64 8.12 -1.83
N ALA C 249 22.59 7.68 -1.13
CA ALA C 249 21.34 7.32 -1.80
C ALA C 249 20.62 8.59 -2.24
N ALA C 250 20.98 9.73 -1.64
CA ALA C 250 20.35 11.02 -1.96
C ALA C 250 21.26 12.01 -2.70
N PHE C 251 21.07 12.11 -4.02
CA PHE C 251 21.85 13.04 -4.83
C PHE C 251 20.97 14.11 -5.45
N THR C 252 19.92 13.68 -6.15
CA THR C 252 19.03 14.63 -6.82
C THR C 252 17.74 14.96 -6.05
N LEU C 253 17.03 15.97 -6.52
CA LEU C 253 15.78 16.41 -5.92
C LEU C 253 14.81 15.22 -5.89
N TYR C 254 14.82 14.43 -6.96
CA TYR C 254 13.94 13.27 -7.07
C TYR C 254 14.33 12.16 -6.10
N ASP C 255 15.62 12.02 -5.85
CA ASP C 255 16.09 11.00 -4.90
C ASP C 255 15.55 11.37 -3.52
N VAL C 256 15.67 12.66 -3.19
CA VAL C 256 15.21 13.18 -1.91
C VAL C 256 13.72 12.92 -1.74
N TYR C 257 12.94 13.23 -2.77
CA TYR C 257 11.49 13.01 -2.72
C TYR C 257 11.19 11.51 -2.53
N GLU C 258 11.91 10.64 -3.23
CA GLU C 258 11.68 9.20 -3.10
C GLU C 258 11.97 8.70 -1.69
N ILE C 259 13.06 9.19 -1.12
CA ILE C 259 13.45 8.81 0.23
C ILE C 259 12.34 9.25 1.21
N CYS C 260 11.85 10.47 1.01
CA CYS C 260 10.79 11.02 1.85
C CYS C 260 9.48 10.25 1.74
N ARG C 261 8.98 10.08 0.52
CA ARG C 261 7.73 9.37 0.33
C ARG C 261 7.78 7.92 0.80
N GLN C 262 8.97 7.33 0.75
CA GLN C 262 9.12 5.93 1.18
C GLN C 262 9.52 5.80 2.65
N ARG C 263 9.72 6.94 3.32
CA ARG C 263 10.16 7.00 4.72
C ARG C 263 11.38 6.09 4.86
N ALA C 264 12.27 6.14 3.88
CA ALA C 264 13.48 5.32 3.85
C ALA C 264 14.63 5.72 4.79
N ALA C 265 14.58 6.95 5.32
CA ALA C 265 15.65 7.42 6.20
C ALA C 265 15.08 8.37 7.26
N ASP C 266 15.79 8.51 8.37
CA ASP C 266 15.35 9.35 9.47
C ASP C 266 15.85 10.78 9.37
N MSE C 267 16.77 10.99 8.45
CA MSE C 267 17.33 12.30 8.17
C MSE C 267 18.09 12.17 6.86
O MSE C 267 18.55 11.07 6.52
CB MSE C 267 18.27 12.76 9.28
CG MSE C 267 18.78 14.19 9.05
SE MSE C 267 20.00 14.80 10.46
CE MSE C 267 21.55 13.66 10.21
N ILE C 268 18.21 13.25 6.12
CA ILE C 268 18.91 13.20 4.84
C ILE C 268 20.19 14.03 4.85
N CYS C 269 21.29 13.39 4.49
CA CYS C 269 22.58 14.08 4.44
C CYS C 269 22.93 14.32 2.97
N ILE C 270 22.93 15.57 2.55
CA ILE C 270 23.20 15.89 1.16
C ILE C 270 23.90 17.24 1.06
N GLY C 271 24.69 17.44 0.01
CA GLY C 271 25.41 18.69 -0.18
C GLY C 271 25.40 19.24 -1.60
N PRO C 272 25.92 20.46 -1.81
CA PRO C 272 25.94 21.05 -3.14
C PRO C 272 26.47 20.16 -4.28
N ARG C 273 27.53 19.42 -4.02
CA ARG C 273 28.15 18.56 -5.04
C ARG C 273 27.16 17.53 -5.61
N GLU C 274 26.28 17.02 -4.77
CA GLU C 274 25.32 16.02 -5.21
C GLU C 274 24.08 16.58 -5.90
N ILE C 275 23.48 17.60 -5.28
CA ILE C 275 22.25 18.22 -5.77
C ILE C 275 22.46 19.28 -6.86
N GLY C 276 23.70 19.74 -7.04
CA GLY C 276 23.95 20.72 -8.08
C GLY C 276 24.06 22.18 -7.69
N GLY C 277 24.36 22.45 -6.41
CA GLY C 277 24.49 23.84 -6.01
C GLY C 277 23.82 24.27 -4.73
N ILE C 278 23.89 25.57 -4.48
CA ILE C 278 23.32 26.21 -3.31
C ILE C 278 21.81 26.29 -3.45
N GLN C 279 21.33 26.87 -4.54
CA GLN C 279 19.89 26.98 -4.75
C GLN C 279 19.20 25.61 -4.75
N PRO C 280 19.81 24.61 -5.41
CA PRO C 280 19.15 23.30 -5.41
C PRO C 280 19.03 22.73 -3.99
N MSE C 281 20.01 23.02 -3.12
CA MSE C 281 19.97 22.56 -1.74
C MSE C 281 18.75 23.13 -1.05
O MSE C 281 18.13 22.47 -0.23
CB MSE C 281 21.22 23.01 -0.97
CG MSE C 281 22.47 22.11 -1.15
SE MSE C 281 22.14 20.35 -0.45
CE MSE C 281 21.83 20.72 1.50
N MSE C 282 18.39 24.37 -1.36
CA MSE C 282 17.21 24.99 -0.76
C MSE C 282 15.98 24.18 -1.15
O MSE C 282 15.05 24.03 -0.35
CB MSE C 282 17.03 26.44 -1.23
CG MSE C 282 18.21 27.38 -0.91
SE MSE C 282 18.62 27.41 0.99
CE MSE C 282 20.12 26.18 1.10
N LYS C 283 15.98 23.69 -2.39
CA LYS C 283 14.85 22.89 -2.88
C LYS C 283 14.79 21.54 -2.16
N ALA C 284 15.95 20.92 -1.96
CA ALA C 284 15.99 19.63 -1.29
C ALA C 284 15.50 19.84 0.14
N ALA C 285 15.96 20.91 0.77
CA ALA C 285 15.56 21.24 2.13
C ALA C 285 14.05 21.38 2.27
N ALA C 286 13.41 22.01 1.28
CA ALA C 286 11.96 22.21 1.33
C ALA C 286 11.21 20.88 1.24
N VAL C 287 11.68 19.99 0.36
CA VAL C 287 11.03 18.69 0.23
C VAL C 287 11.14 17.92 1.56
N ALA C 288 12.33 17.94 2.16
CA ALA C 288 12.54 17.25 3.43
C ALA C 288 11.64 17.85 4.50
N GLU C 289 11.63 19.18 4.56
CA GLU C 289 10.81 19.91 5.53
C GLU C 289 9.34 19.49 5.42
N ALA C 290 8.82 19.43 4.18
CA ALA C 290 7.44 19.04 3.94
C ALA C 290 7.18 17.62 4.44
N ALA C 291 8.23 16.78 4.44
CA ALA C 291 8.11 15.39 4.88
C ALA C 291 8.42 15.20 6.37
N GLY C 292 8.68 16.30 7.06
CA GLY C 292 9.00 16.21 8.47
C GLY C 292 10.41 15.74 8.75
N LEU C 293 11.33 15.95 7.81
CA LEU C 293 12.72 15.52 8.00
C LEU C 293 13.68 16.71 7.94
N LYS C 294 14.86 16.52 8.49
CA LYS C 294 15.89 17.56 8.50
C LYS C 294 17.04 17.24 7.55
N ILE C 295 17.84 18.26 7.27
CA ILE C 295 18.99 18.14 6.38
C ILE C 295 20.31 18.29 7.15
N CYS C 296 21.27 17.42 6.84
CA CYS C 296 22.61 17.50 7.41
C CYS C 296 23.47 17.71 6.16
N ILE C 297 24.34 18.70 6.18
CA ILE C 297 25.14 18.93 4.99
C ILE C 297 26.26 17.92 4.81
N HIS C 298 26.24 17.25 3.66
CA HIS C 298 27.25 16.25 3.33
C HIS C 298 28.33 17.04 2.62
N SER C 299 29.58 16.82 3.01
CA SER C 299 30.67 17.55 2.38
C SER C 299 31.38 16.71 1.34
N SER C 300 32.55 17.15 0.92
CA SER C 300 33.34 16.43 -0.08
C SER C 300 34.83 16.73 0.10
N PHE C 301 35.66 15.99 -0.63
CA PHE C 301 37.10 16.17 -0.58
C PHE C 301 37.39 17.44 -1.37
N THR C 302 37.08 18.57 -0.75
CA THR C 302 37.26 19.87 -1.40
C THR C 302 38.03 20.86 -0.53
N THR C 303 37.86 22.15 -0.78
CA THR C 303 38.57 23.18 -0.02
C THR C 303 37.64 24.12 0.74
N GLY C 304 38.23 25.15 1.35
CA GLY C 304 37.46 26.13 2.10
C GLY C 304 36.40 26.83 1.28
N ILE C 305 36.54 26.85 -0.04
CA ILE C 305 35.54 27.48 -0.90
C ILE C 305 34.20 26.75 -0.67
N THR C 306 34.23 25.42 -0.76
CA THR C 306 33.03 24.62 -0.54
C THR C 306 32.54 24.80 0.91
N THR C 307 33.47 24.89 1.86
CA THR C 307 33.12 25.06 3.27
C THR C 307 32.26 26.33 3.42
N CYS C 308 32.66 27.41 2.76
CA CYS C 308 31.90 28.66 2.84
C CYS C 308 30.52 28.51 2.19
N ALA C 309 30.48 27.85 1.03
CA ALA C 309 29.21 27.65 0.32
C ALA C 309 28.28 26.83 1.23
N GLU C 310 28.80 25.75 1.79
CA GLU C 310 28.01 24.90 2.67
C GLU C 310 27.59 25.65 3.93
N HIS C 311 28.45 26.56 4.38
CA HIS C 311 28.14 27.34 5.56
C HIS C 311 26.91 28.20 5.32
N HIS C 312 26.92 28.95 4.21
CA HIS C 312 25.78 29.79 3.89
C HIS C 312 24.54 28.98 3.59
N ILE C 313 24.72 27.81 3.00
CA ILE C 313 23.59 26.95 2.71
C ILE C 313 22.97 26.58 4.05
N GLY C 314 23.83 26.23 5.01
CA GLY C 314 23.37 25.85 6.34
C GLY C 314 22.59 26.93 7.06
N LEU C 315 23.11 28.15 7.06
CA LEU C 315 22.41 29.25 7.72
C LEU C 315 21.02 29.45 7.13
N ALA C 316 20.89 29.34 5.82
CA ALA C 316 19.61 29.53 5.11
C ALA C 316 18.56 28.41 5.29
N ILE C 317 18.99 27.21 5.66
CA ILE C 317 18.03 26.11 5.85
C ILE C 317 17.39 26.08 7.24
N PRO C 318 16.04 26.14 7.31
CA PRO C 318 15.41 26.11 8.63
C PRO C 318 15.49 24.75 9.34
N ASN C 319 15.29 23.67 8.58
CA ASN C 319 15.32 22.31 9.12
C ASN C 319 16.71 21.69 8.97
N LEU C 320 17.65 22.23 9.75
CA LEU C 320 19.03 21.78 9.68
C LEU C 320 19.54 21.09 10.93
N ASP C 321 20.42 20.12 10.71
CA ASP C 321 21.09 19.35 11.75
C ASP C 321 22.16 20.27 12.33
N ASP C 322 22.81 19.85 13.42
CA ASP C 322 23.86 20.65 14.04
C ASP C 322 25.17 19.85 14.08
N GLY C 323 25.26 18.85 13.22
CA GLY C 323 26.45 18.02 13.12
C GLY C 323 26.85 17.90 11.66
N ASN C 324 26.77 19.02 10.96
CA ASN C 324 27.09 19.09 9.55
C ASN C 324 28.54 18.71 9.26
N GLN C 325 28.79 18.25 8.05
CA GLN C 325 30.14 17.84 7.68
C GLN C 325 30.99 19.04 7.28
N ILE C 326 32.29 18.93 7.53
CA ILE C 326 33.26 19.98 7.21
C ILE C 326 34.58 19.25 6.89
N MSE C 327 35.25 19.66 5.81
CA MSE C 327 36.48 18.97 5.40
C MSE C 327 37.72 19.81 5.11
O MSE C 327 38.78 19.24 4.86
CB MSE C 327 36.19 18.13 4.16
CG MSE C 327 34.93 17.30 4.24
SE MSE C 327 35.43 15.70 5.24
CE MSE C 327 36.35 14.63 3.88
N TRP C 328 37.59 21.12 5.10
CA TRP C 328 38.74 21.97 4.77
C TRP C 328 39.93 21.71 5.69
N GLN C 329 39.67 21.21 6.90
CA GLN C 329 40.74 20.97 7.86
C GLN C 329 41.70 19.85 7.48
N LEU C 330 41.37 19.08 6.44
CA LEU C 330 42.23 17.99 6.01
C LEU C 330 43.34 18.45 5.07
N VAL C 331 43.14 19.60 4.43
CA VAL C 331 44.14 20.13 3.49
C VAL C 331 45.33 20.74 4.23
N GLN C 332 46.54 20.44 3.77
CA GLN C 332 47.77 20.94 4.38
C GLN C 332 47.79 22.47 4.46
N GLU C 333 47.46 23.12 3.34
CA GLU C 333 47.40 24.58 3.25
C GLU C 333 46.19 24.96 2.42
N ASP C 334 45.04 25.10 3.08
CA ASP C 334 43.81 25.46 2.38
C ASP C 334 43.96 26.78 1.64
N ILE C 335 43.26 26.91 0.50
CA ILE C 335 43.34 28.10 -0.33
C ILE C 335 42.53 29.31 0.13
N VAL C 336 41.81 29.19 1.23
CA VAL C 336 41.04 30.31 1.75
C VAL C 336 41.83 31.01 2.88
N SER C 337 42.21 32.26 2.66
CA SER C 337 42.96 33.01 3.65
C SER C 337 42.06 33.62 4.73
N SER C 338 40.79 33.84 4.39
CA SER C 338 39.82 34.39 5.34
C SER C 338 38.41 34.02 4.88
N PRO C 339 37.47 33.86 5.82
CA PRO C 339 37.64 33.98 7.27
C PRO C 339 38.22 32.70 7.87
N ASP C 340 38.37 32.70 9.19
CA ASP C 340 38.89 31.52 9.89
C ASP C 340 37.78 30.48 9.90
N LEU C 341 38.04 29.35 9.25
CA LEU C 341 37.05 28.26 9.15
C LEU C 341 37.15 27.22 10.25
N THR C 342 37.90 27.52 11.32
CA THR C 342 38.06 26.57 12.41
C THR C 342 36.90 26.67 13.41
N PRO C 343 36.07 25.62 13.51
CA PRO C 343 34.95 25.64 14.45
C PRO C 343 35.43 25.68 15.89
N LYS C 344 34.62 26.24 16.77
CA LYS C 344 34.97 26.28 18.19
C LYS C 344 33.79 25.61 18.88
N ASN C 345 34.06 24.55 19.63
CA ASN C 345 33.01 23.78 20.27
C ASN C 345 32.01 23.27 19.23
N GLY C 346 32.50 23.06 18.01
CA GLY C 346 31.64 22.54 16.95
C GLY C 346 30.72 23.56 16.31
N TRP C 347 31.07 24.84 16.41
CA TRP C 347 30.25 25.89 15.83
C TRP C 347 31.07 26.88 15.00
N LEU C 348 30.42 27.49 14.03
CA LEU C 348 31.04 28.50 13.18
C LEU C 348 29.98 29.60 13.12
N ASP C 349 30.21 30.70 13.84
CA ASP C 349 29.26 31.81 13.84
C ASP C 349 29.08 32.30 12.40
N ALA C 350 27.87 32.74 12.09
CA ALA C 350 27.53 33.19 10.74
C ALA C 350 28.53 34.13 10.09
N PHE C 351 29.03 33.76 8.92
CA PHE C 351 29.94 34.60 8.18
C PHE C 351 29.10 35.74 7.60
N ARG C 352 29.65 36.95 7.56
CA ARG C 352 28.90 38.10 7.07
C ARG C 352 29.46 38.94 5.93
N LYS C 353 30.60 38.54 5.36
CA LYS C 353 31.17 39.29 4.25
C LYS C 353 30.41 39.02 2.94
N PRO C 354 30.50 39.92 1.95
CA PRO C 354 29.80 39.75 0.68
C PRO C 354 29.98 38.39 -0.01
N GLY C 355 28.91 37.92 -0.64
CA GLY C 355 28.94 36.64 -1.33
C GLY C 355 29.18 35.48 -0.39
N LEU C 356 30.01 34.54 -0.81
CA LEU C 356 30.32 33.39 0.03
C LEU C 356 31.21 33.84 1.20
N GLY C 357 31.74 35.06 1.09
CA GLY C 357 32.55 35.64 2.16
C GLY C 357 34.02 35.32 2.31
N PHE C 358 34.64 34.66 1.36
CA PHE C 358 36.05 34.34 1.51
C PHE C 358 37.00 35.19 0.67
N GLN C 359 38.28 35.07 1.00
CA GLN C 359 39.37 35.73 0.29
C GLN C 359 40.29 34.56 -0.03
N LEU C 360 40.81 34.50 -1.25
CA LEU C 360 41.70 33.40 -1.60
C LEU C 360 43.16 33.76 -1.46
N ALA C 361 43.96 32.78 -1.11
CA ALA C 361 45.41 32.98 -0.99
C ALA C 361 45.93 32.70 -2.40
N GLU C 362 46.05 33.77 -3.19
CA GLU C 362 46.49 33.68 -4.57
C GLU C 362 47.73 32.79 -4.80
N ASP C 363 48.72 32.93 -3.94
CA ASP C 363 49.95 32.16 -4.08
C ASP C 363 49.75 30.65 -3.88
N LEU C 364 48.88 30.28 -2.95
CA LEU C 364 48.61 28.87 -2.69
C LEU C 364 47.82 28.28 -3.87
N VAL C 365 46.94 29.09 -4.45
CA VAL C 365 46.15 28.65 -5.60
C VAL C 365 47.12 28.42 -6.76
N ALA C 366 48.04 29.35 -6.93
CA ALA C 366 49.04 29.26 -8.00
C ALA C 366 49.88 28.00 -7.84
N GLU C 367 50.24 27.69 -6.60
CA GLU C 367 51.01 26.48 -6.32
C GLU C 367 50.14 25.28 -6.66
N GLY C 368 48.85 25.40 -6.39
CA GLY C 368 47.94 24.31 -6.69
C GLY C 368 47.89 24.10 -8.19
N GLU C 369 47.89 25.20 -8.94
CA GLU C 369 47.88 25.12 -10.40
C GLU C 369 49.18 24.49 -10.87
N GLY C 370 50.26 24.81 -10.15
CA GLY C 370 51.55 24.27 -10.48
C GLY C 370 51.58 22.76 -10.32
N ARG C 371 51.00 22.25 -9.23
CA ARG C 371 50.98 20.81 -9.02
C ARG C 371 50.19 20.13 -10.12
N TYR C 372 49.07 20.73 -10.52
CA TYR C 372 48.25 20.15 -11.57
C TYR C 372 49.10 20.01 -12.84
N ALA C 373 49.80 21.08 -13.21
CA ALA C 373 50.65 21.07 -14.40
C ALA C 373 51.67 19.93 -14.30
N ALA C 374 52.21 19.75 -13.09
CA ALA C 374 53.19 18.70 -12.85
C ALA C 374 52.59 17.33 -13.12
N SER C 375 51.42 17.09 -12.56
CA SER C 375 50.74 15.81 -12.73
C SER C 375 50.47 15.52 -14.20
N ARG C 376 50.57 16.54 -15.05
CA ARG C 376 50.30 16.34 -16.47
C ARG C 376 51.56 16.11 -17.31
N GLU C 377 52.73 16.11 -16.68
CA GLU C 377 53.97 15.90 -17.41
C GLU C 377 53.98 14.52 -18.11
N GLY C 378 53.44 13.52 -17.42
CA GLY C 378 53.40 12.17 -17.97
C GLY C 378 52.77 12.04 -19.35
N VAL D 4 30.03 -27.02 -34.59
CA VAL D 4 29.92 -28.20 -33.69
C VAL D 4 28.45 -28.46 -33.35
N LYS D 5 28.06 -29.72 -33.29
CA LYS D 5 26.70 -30.08 -32.96
C LYS D 5 26.69 -31.24 -31.96
N ILE D 6 25.56 -31.40 -31.29
CA ILE D 6 25.39 -32.46 -30.30
C ILE D 6 25.05 -33.76 -31.01
N SER D 7 25.90 -34.77 -30.83
CA SER D 7 25.71 -36.07 -31.49
C SER D 7 24.84 -37.02 -30.68
N ASN D 8 24.88 -36.90 -29.35
CA ASN D 8 24.06 -37.77 -28.52
C ASN D 8 24.05 -37.41 -27.04
N VAL D 9 23.10 -38.01 -26.32
CA VAL D 9 22.94 -37.78 -24.90
C VAL D 9 22.74 -39.11 -24.17
N ARG D 10 23.22 -39.17 -22.93
CA ARG D 10 23.09 -40.37 -22.11
C ARG D 10 22.66 -40.01 -20.69
N VAL D 11 21.81 -40.84 -20.11
CA VAL D 11 21.34 -40.64 -18.75
C VAL D 11 21.81 -41.85 -17.93
N ARG D 12 22.52 -41.58 -16.86
CA ARG D 12 23.06 -42.65 -16.03
C ARG D 12 22.64 -42.54 -14.57
N PRO D 13 21.60 -43.28 -14.17
CA PRO D 13 21.13 -43.25 -12.78
C PRO D 13 22.14 -43.90 -11.84
N LEU D 14 22.40 -43.25 -10.70
CA LEU D 14 23.35 -43.76 -9.71
C LEU D 14 22.77 -43.72 -8.32
N VAL D 15 23.28 -44.61 -7.46
CA VAL D 15 22.90 -44.63 -6.06
C VAL D 15 24.26 -44.65 -5.37
N LEU D 16 24.48 -43.66 -4.51
CA LEU D 16 25.76 -43.53 -3.83
C LEU D 16 25.63 -43.52 -2.31
N PRO D 17 26.35 -44.43 -1.62
CA PRO D 17 26.31 -44.51 -0.16
C PRO D 17 26.86 -43.28 0.54
N LEU D 18 26.31 -42.97 1.72
CA LEU D 18 26.73 -41.83 2.52
C LEU D 18 27.69 -42.33 3.59
N LYS D 19 28.55 -41.44 4.08
CA LYS D 19 29.50 -41.82 5.11
C LYS D 19 28.76 -42.34 6.34
N GLN D 20 27.69 -41.66 6.71
CA GLN D 20 26.88 -42.06 7.86
C GLN D 20 25.41 -41.80 7.57
N PRO D 21 24.52 -42.43 8.36
CA PRO D 21 23.09 -42.23 8.15
C PRO D 21 22.62 -40.78 8.28
N TYR D 22 21.85 -40.33 7.30
CA TYR D 22 21.30 -38.98 7.28
C TYR D 22 19.89 -39.04 7.85
N HIS D 23 19.67 -38.35 8.96
CA HIS D 23 18.35 -38.35 9.61
C HIS D 23 17.40 -37.34 9.00
N TRP D 24 16.17 -37.78 8.76
CA TRP D 24 15.13 -36.91 8.20
C TRP D 24 13.74 -37.29 8.72
N SER D 25 12.76 -36.43 8.44
CA SER D 25 11.39 -36.60 8.89
C SER D 25 10.77 -38.00 8.78
N TYR D 26 11.17 -38.78 7.78
CA TYR D 26 10.60 -40.11 7.62
C TYR D 26 11.59 -41.26 7.75
N GLY D 27 12.41 -41.19 8.80
CA GLY D 27 13.39 -42.23 9.04
C GLY D 27 14.83 -41.81 8.88
N ILE D 28 15.61 -42.66 8.23
CA ILE D 28 17.03 -42.41 8.02
C ILE D 28 17.41 -42.77 6.59
N ARG D 29 18.24 -41.92 5.98
CA ARG D 29 18.69 -42.12 4.60
C ARG D 29 20.15 -42.55 4.66
N GLU D 30 20.53 -43.51 3.83
CA GLU D 30 21.92 -43.96 3.83
C GLU D 30 22.64 -43.84 2.51
N SER D 31 22.02 -43.16 1.56
CA SER D 31 22.63 -42.94 0.26
C SER D 31 21.89 -41.85 -0.51
N PHE D 32 22.59 -41.20 -1.42
CA PHE D 32 21.96 -40.18 -2.26
C PHE D 32 21.80 -40.84 -3.63
N ALA D 33 20.87 -40.34 -4.44
CA ALA D 33 20.65 -40.87 -5.78
C ALA D 33 20.61 -39.69 -6.72
N VAL D 34 21.35 -39.77 -7.83
CA VAL D 34 21.37 -38.71 -8.82
C VAL D 34 21.26 -39.34 -10.20
N ASN D 35 20.80 -38.55 -11.16
CA ASN D 35 20.70 -39.01 -12.54
C ASN D 35 21.68 -38.18 -13.35
N LEU D 36 22.76 -38.81 -13.76
CA LEU D 36 23.77 -38.12 -14.55
C LEU D 36 23.26 -37.90 -15.97
N ILE D 37 23.62 -36.76 -16.54
CA ILE D 37 23.27 -36.43 -17.91
C ILE D 37 24.57 -36.10 -18.64
N GLU D 38 24.87 -36.86 -19.68
CA GLU D 38 26.06 -36.66 -20.48
C GLU D 38 25.65 -36.18 -21.87
N ILE D 39 26.20 -35.06 -22.30
CA ILE D 39 25.88 -34.52 -23.62
C ILE D 39 27.15 -34.52 -24.45
N GLU D 40 27.16 -35.31 -25.51
CA GLU D 40 28.33 -35.44 -26.38
C GLU D 40 28.23 -34.69 -27.70
N ALA D 41 29.30 -33.97 -28.03
CA ALA D 41 29.38 -33.21 -29.28
C ALA D 41 30.01 -34.09 -30.36
N ASP D 42 29.70 -33.81 -31.62
CA ASP D 42 30.24 -34.60 -32.73
C ASP D 42 31.77 -34.61 -32.82
N ASP D 43 32.44 -33.84 -31.98
CA ASP D 43 33.90 -33.79 -32.01
C ASP D 43 34.49 -34.66 -30.89
N GLY D 44 33.62 -35.28 -30.10
CA GLY D 44 34.08 -36.13 -29.02
C GLY D 44 33.99 -35.50 -27.64
N THR D 45 33.94 -34.18 -27.58
CA THR D 45 33.86 -33.48 -26.30
C THR D 45 32.56 -33.84 -25.61
N VAL D 46 32.64 -34.05 -24.29
CA VAL D 46 31.45 -34.41 -23.51
C VAL D 46 31.23 -33.50 -22.30
N GLY D 47 29.99 -33.01 -22.17
CA GLY D 47 29.64 -32.14 -21.05
C GLY D 47 28.85 -32.97 -20.06
N ILE D 48 29.10 -32.80 -18.77
CA ILE D 48 28.40 -33.59 -17.77
C ILE D 48 27.74 -32.77 -16.66
N GLY D 49 26.57 -33.24 -16.26
CA GLY D 49 25.80 -32.59 -15.21
C GLY D 49 24.95 -33.66 -14.52
N GLU D 50 24.19 -33.27 -13.50
CA GLU D 50 23.35 -34.23 -12.80
C GLU D 50 22.05 -33.60 -12.31
N CYS D 51 21.06 -34.46 -12.07
CA CYS D 51 19.74 -34.06 -11.60
C CYS D 51 19.35 -34.83 -10.34
N THR D 52 18.56 -34.19 -9.48
CA THR D 52 18.07 -34.84 -8.28
C THR D 52 16.99 -35.78 -8.82
N VAL D 53 16.55 -36.76 -8.03
CA VAL D 53 15.60 -37.74 -8.55
C VAL D 53 14.17 -37.86 -8.00
N ALA D 54 13.85 -37.16 -6.93
CA ALA D 54 12.49 -37.22 -6.36
C ALA D 54 11.47 -36.85 -7.43
N PRO D 55 10.26 -37.46 -7.37
CA PRO D 55 9.77 -38.46 -6.41
C PRO D 55 10.08 -39.93 -6.80
N ASP D 56 10.76 -40.13 -7.92
CA ASP D 56 11.10 -41.47 -8.35
C ASP D 56 12.24 -41.42 -9.36
N GLN D 57 13.39 -41.99 -8.98
CA GLN D 57 14.55 -41.95 -9.85
C GLN D 57 14.33 -42.53 -11.24
N THR D 58 13.65 -43.67 -11.31
CA THR D 58 13.40 -44.30 -12.60
C THR D 58 12.52 -43.42 -13.45
N GLY D 59 11.48 -42.87 -12.84
CA GLY D 59 10.57 -42.00 -13.58
C GLY D 59 11.25 -40.72 -14.02
N THR D 60 12.00 -40.07 -13.13
CA THR D 60 12.66 -38.83 -13.48
C THR D 60 13.81 -39.01 -14.47
N ALA D 61 14.43 -40.19 -14.45
CA ALA D 61 15.51 -40.47 -15.38
C ALA D 61 14.90 -40.55 -16.76
N ALA D 62 13.72 -41.17 -16.85
CA ALA D 62 13.03 -41.30 -18.13
C ALA D 62 12.67 -39.91 -18.65
N ILE D 63 12.25 -39.04 -17.75
CA ILE D 63 11.89 -37.67 -18.12
C ILE D 63 13.14 -36.92 -18.60
N LEU D 64 14.22 -37.01 -17.82
CA LEU D 64 15.47 -36.35 -18.18
C LEU D 64 15.98 -36.80 -19.55
N TYR D 65 15.90 -38.10 -19.82
CA TYR D 65 16.36 -38.63 -21.11
C TYR D 65 15.53 -38.05 -22.26
N ARG D 66 14.20 -38.10 -22.11
CA ARG D 66 13.30 -37.57 -23.13
C ARG D 66 13.59 -36.11 -23.44
N LEU D 67 13.77 -35.29 -22.41
CA LEU D 67 14.05 -33.88 -22.63
C LEU D 67 15.40 -33.68 -23.31
N ALA D 68 16.42 -34.38 -22.84
CA ALA D 68 17.77 -34.26 -23.39
C ALA D 68 17.86 -34.72 -24.85
N LYS D 69 17.00 -35.66 -25.24
CA LYS D 69 17.01 -36.17 -26.60
C LYS D 69 16.79 -35.05 -27.62
N HIS D 70 15.99 -34.05 -27.25
CA HIS D 70 15.70 -32.94 -28.15
C HIS D 70 16.93 -32.14 -28.56
N LEU D 71 17.98 -32.19 -27.75
CA LEU D 71 19.20 -31.44 -28.01
C LEU D 71 20.03 -31.99 -29.16
N VAL D 72 19.90 -33.29 -29.44
CA VAL D 72 20.68 -33.92 -30.50
C VAL D 72 20.49 -33.21 -31.84
N GLY D 73 21.61 -32.84 -32.46
CA GLY D 73 21.57 -32.16 -33.74
C GLY D 73 21.72 -30.65 -33.64
N HIS D 74 21.63 -30.11 -32.43
CA HIS D 74 21.73 -28.67 -32.22
C HIS D 74 23.03 -28.22 -31.58
N SER D 75 23.23 -26.90 -31.52
CA SER D 75 24.45 -26.32 -30.98
C SER D 75 24.48 -26.22 -29.46
N PRO D 76 25.64 -26.52 -28.85
CA PRO D 76 25.81 -26.45 -27.40
C PRO D 76 25.67 -25.00 -26.94
N HIS D 77 25.89 -24.08 -27.88
CA HIS D 77 25.83 -22.63 -27.63
C HIS D 77 24.42 -22.05 -27.68
N ASP D 78 23.42 -22.89 -27.89
CA ASP D 78 22.04 -22.42 -27.95
C ASP D 78 21.22 -22.98 -26.78
N VAL D 79 21.91 -23.28 -25.69
CA VAL D 79 21.26 -23.84 -24.50
C VAL D 79 19.99 -23.12 -24.02
N ALA D 80 20.03 -21.80 -23.93
CA ALA D 80 18.88 -21.05 -23.44
C ALA D 80 17.61 -21.22 -24.29
N PRO D 81 17.67 -20.91 -25.60
CA PRO D 81 16.45 -21.09 -26.38
C PRO D 81 16.02 -22.54 -26.55
N LEU D 82 16.99 -23.46 -26.57
CA LEU D 82 16.68 -24.89 -26.70
C LEU D 82 15.85 -25.33 -25.49
N ILE D 83 16.31 -24.97 -24.31
CA ILE D 83 15.59 -25.35 -23.11
C ILE D 83 14.21 -24.72 -23.11
N ALA D 84 14.12 -23.47 -23.55
CA ALA D 84 12.83 -22.79 -23.58
C ALA D 84 11.84 -23.50 -24.49
N ARG D 85 12.29 -23.94 -25.66
CA ARG D 85 11.42 -24.64 -26.59
C ARG D 85 10.99 -25.98 -26.03
N ILE D 86 11.93 -26.71 -25.44
CA ILE D 86 11.62 -28.01 -24.87
C ILE D 86 10.59 -27.88 -23.74
N PHE D 87 10.75 -26.86 -22.92
CA PHE D 87 9.83 -26.62 -21.81
C PHE D 87 8.42 -26.33 -22.34
N HIS D 88 8.36 -25.51 -23.40
CA HIS D 88 7.08 -25.15 -23.99
C HIS D 88 6.44 -26.32 -24.73
N GLN D 89 7.27 -27.17 -25.31
CA GLN D 89 6.78 -28.32 -26.06
C GLN D 89 6.33 -29.50 -25.21
N GLU D 90 7.14 -29.87 -24.22
CA GLU D 90 6.80 -31.02 -23.38
C GLU D 90 5.96 -30.73 -22.16
N TYR D 91 5.89 -29.46 -21.76
CA TYR D 91 5.14 -29.08 -20.58
C TYR D 91 3.95 -28.13 -20.83
N LEU D 92 4.27 -26.89 -21.17
CA LEU D 92 3.26 -25.87 -21.39
C LEU D 92 2.22 -26.27 -22.44
N GLY D 93 2.71 -26.85 -23.54
CA GLY D 93 1.83 -27.27 -24.62
C GLY D 93 0.77 -28.26 -24.16
N HIS D 94 1.04 -28.96 -23.06
CA HIS D 94 0.08 -29.93 -22.53
C HIS D 94 -0.65 -29.43 -21.29
N GLY D 95 -0.45 -28.15 -20.96
CA GLY D 95 -1.11 -27.57 -19.80
C GLY D 95 -0.44 -27.87 -18.46
N ALA D 96 0.76 -28.44 -18.51
CA ALA D 96 1.50 -28.76 -17.29
C ALA D 96 2.45 -27.60 -16.95
N ASN D 97 1.89 -26.53 -16.38
CA ASN D 97 2.69 -25.36 -16.02
C ASN D 97 3.44 -25.62 -14.72
N ILE D 98 4.26 -26.64 -14.73
CA ILE D 98 5.02 -27.02 -13.56
C ILE D 98 6.48 -26.60 -13.69
N MSE D 99 6.71 -25.29 -13.60
CA MSE D 99 8.05 -24.74 -13.75
C MSE D 99 9.07 -25.29 -12.74
O MSE D 99 10.20 -25.60 -13.12
CB MSE D 99 8.00 -23.23 -13.59
CG MSE D 99 9.35 -22.58 -13.83
SE MSE D 99 9.19 -20.66 -13.91
CE MSE D 99 8.62 -20.39 -15.79
N ARG D 100 8.70 -25.42 -11.48
CA ARG D 100 9.62 -25.93 -10.48
C ARG D 100 10.09 -27.34 -10.82
N ALA D 101 9.15 -28.20 -11.17
CA ALA D 101 9.46 -29.57 -11.53
C ALA D 101 10.35 -29.62 -12.77
N ALA D 102 10.07 -28.76 -13.74
CA ALA D 102 10.86 -28.73 -14.96
C ALA D 102 12.30 -28.25 -14.67
N ASN D 103 12.43 -27.27 -13.79
CA ASN D 103 13.76 -26.74 -13.45
C ASN D 103 14.64 -27.84 -12.86
N GLN D 104 14.02 -28.72 -12.08
CA GLN D 104 14.74 -29.83 -11.46
C GLN D 104 15.47 -30.64 -12.53
N ILE D 105 14.81 -30.80 -13.67
CA ILE D 105 15.37 -31.57 -14.77
C ILE D 105 16.32 -30.74 -15.61
N PHE D 106 15.88 -29.55 -16.02
CA PHE D 106 16.70 -28.67 -16.82
C PHE D 106 18.00 -28.26 -16.12
N SER D 107 18.00 -28.32 -14.79
CA SER D 107 19.21 -27.97 -14.03
C SER D 107 20.39 -28.83 -14.53
N GLY D 108 20.13 -30.12 -14.67
CA GLY D 108 21.18 -31.02 -15.12
C GLY D 108 21.58 -30.72 -16.55
N ILE D 109 20.58 -30.52 -17.41
CA ILE D 109 20.84 -30.24 -18.82
C ILE D 109 21.72 -29.00 -18.96
N ASP D 110 21.27 -27.90 -18.36
CA ASP D 110 22.00 -26.63 -18.39
C ASP D 110 23.42 -26.82 -17.86
N MSE D 111 23.53 -27.55 -16.76
CA MSE D 111 24.81 -27.85 -16.16
C MSE D 111 25.77 -28.43 -17.20
O MSE D 111 26.87 -27.94 -17.39
CB MSE D 111 24.64 -28.87 -15.05
CG MSE D 111 24.74 -28.31 -13.68
SE MSE D 111 25.11 -29.81 -12.52
CE MSE D 111 27.04 -30.00 -12.80
N ALA D 112 25.31 -29.49 -17.85
CA ALA D 112 26.09 -30.18 -18.88
C ALA D 112 26.42 -29.29 -20.08
N MSE D 113 25.46 -28.48 -20.52
CA MSE D 113 25.69 -27.62 -21.67
C MSE D 113 26.81 -26.61 -21.43
O MSE D 113 27.63 -26.39 -22.33
CB MSE D 113 24.39 -26.91 -22.06
CG MSE D 113 23.30 -27.87 -22.57
SE MSE D 113 23.71 -28.54 -24.34
CE MSE D 113 22.76 -27.28 -25.49
N TRP D 114 26.86 -25.99 -20.26
CA TRP D 114 27.93 -25.02 -20.01
C TRP D 114 29.25 -25.75 -19.81
N ASP D 115 29.22 -26.94 -19.24
CA ASP D 115 30.44 -27.71 -19.06
C ASP D 115 30.99 -27.97 -20.47
N LEU D 116 30.09 -28.38 -21.37
CA LEU D 116 30.45 -28.66 -22.74
C LEU D 116 30.98 -27.40 -23.44
N GLN D 117 30.37 -26.24 -23.18
CA GLN D 117 30.82 -25.00 -23.80
C GLN D 117 32.21 -24.63 -23.31
N GLY D 118 32.45 -24.86 -22.02
CA GLY D 118 33.74 -24.54 -21.43
C GLY D 118 34.84 -25.42 -21.94
N LYS D 119 34.55 -26.72 -22.10
CA LYS D 119 35.54 -27.66 -22.59
C LYS D 119 35.86 -27.34 -24.05
N LEU D 120 34.85 -27.00 -24.82
CA LEU D 120 35.04 -26.66 -26.23
C LEU D 120 35.86 -25.39 -26.38
N ALA D 121 35.72 -24.47 -25.43
CA ALA D 121 36.45 -23.21 -25.48
C ALA D 121 37.76 -23.25 -24.69
N GLY D 122 37.92 -24.28 -23.85
CA GLY D 122 39.11 -24.39 -23.04
C GLY D 122 39.08 -23.33 -21.95
N LEU D 123 37.89 -23.09 -21.40
CA LEU D 123 37.72 -22.08 -20.36
C LEU D 123 36.82 -22.58 -19.24
N PRO D 124 37.12 -22.17 -18.00
CA PRO D 124 36.28 -22.60 -16.89
C PRO D 124 34.96 -21.82 -17.02
N VAL D 125 33.86 -22.44 -16.60
CA VAL D 125 32.54 -21.82 -16.72
C VAL D 125 32.39 -20.36 -16.25
N HIS D 126 33.00 -19.98 -15.14
CA HIS D 126 32.85 -18.59 -14.69
C HIS D 126 33.38 -17.56 -15.67
N GLN D 127 34.36 -17.93 -16.49
CA GLN D 127 34.90 -17.00 -17.48
C GLN D 127 34.06 -16.97 -18.77
N LEU D 128 32.95 -17.71 -18.78
CA LEU D 128 32.03 -17.69 -19.91
C LEU D 128 30.86 -16.84 -19.43
N LEU D 129 30.82 -16.59 -18.13
CA LEU D 129 29.75 -15.84 -17.50
C LEU D 129 30.13 -14.40 -17.12
N GLY D 130 31.32 -13.96 -17.52
CA GLY D 130 31.71 -12.59 -17.21
C GLY D 130 32.93 -12.46 -16.31
N GLY D 131 33.37 -13.56 -15.71
CA GLY D 131 34.54 -13.51 -14.86
C GLY D 131 34.19 -13.72 -13.41
N ALA D 132 35.20 -14.04 -12.60
CA ALA D 132 35.02 -14.28 -11.18
C ALA D 132 35.14 -12.97 -10.40
N HIS D 133 34.26 -12.78 -9.43
CA HIS D 133 34.26 -11.57 -8.62
C HIS D 133 34.95 -11.79 -7.28
N ARG D 134 35.62 -12.92 -7.14
CA ARG D 134 36.32 -13.26 -5.89
C ARG D 134 37.36 -14.33 -6.19
N LYS D 135 38.38 -14.41 -5.33
CA LYS D 135 39.45 -15.38 -5.53
C LYS D 135 39.06 -16.77 -5.04
N ALA D 136 38.10 -16.83 -4.13
CA ALA D 136 37.64 -18.10 -3.58
C ALA D 136 36.19 -18.00 -3.14
N VAL D 137 35.50 -19.15 -3.14
CA VAL D 137 34.12 -19.19 -2.71
C VAL D 137 34.09 -19.64 -1.26
N GLY D 138 33.28 -18.96 -0.45
CA GLY D 138 33.18 -19.29 0.96
C GLY D 138 32.01 -20.22 1.23
N TYR D 139 32.24 -21.22 2.06
CA TYR D 139 31.22 -22.21 2.40
C TYR D 139 30.99 -22.36 3.90
N PHE D 140 29.86 -22.93 4.26
CA PHE D 140 29.52 -23.15 5.66
C PHE D 140 30.10 -24.48 6.18
N TYR D 141 29.79 -24.80 7.42
CA TYR D 141 30.20 -26.06 8.02
C TYR D 141 28.86 -26.68 8.40
N PHE D 142 28.42 -27.62 7.58
CA PHE D 142 27.15 -28.32 7.76
C PHE D 142 27.24 -29.29 8.94
N LEU D 143 26.82 -28.84 10.12
CA LEU D 143 26.85 -29.65 11.33
C LEU D 143 25.92 -30.87 11.26
N GLN D 144 26.33 -31.95 11.92
CA GLN D 144 25.54 -33.18 11.94
C GLN D 144 25.45 -33.73 13.36
N GLY D 145 24.35 -34.41 13.66
CA GLY D 145 24.18 -34.96 14.99
C GLY D 145 22.74 -34.82 15.46
N GLU D 146 22.30 -35.74 16.31
CA GLU D 146 20.94 -35.74 16.81
C GLU D 146 20.86 -35.28 18.26
N THR D 147 21.99 -35.27 18.95
CA THR D 147 21.99 -34.83 20.33
C THR D 147 22.89 -33.62 20.52
N ALA D 148 22.68 -32.91 21.62
CA ALA D 148 23.49 -31.73 21.93
C ALA D 148 24.96 -32.14 22.03
N GLU D 149 25.22 -33.27 22.68
CA GLU D 149 26.60 -33.73 22.84
C GLU D 149 27.24 -34.01 21.48
N GLU D 150 26.51 -34.68 20.59
CA GLU D 150 27.04 -34.97 19.25
C GLU D 150 27.30 -33.70 18.47
N LEU D 151 26.33 -32.78 18.46
CA LEU D 151 26.49 -31.53 17.73
C LEU D 151 27.65 -30.70 18.26
N ALA D 152 27.80 -30.68 19.59
CA ALA D 152 28.88 -29.92 20.20
C ALA D 152 30.21 -30.52 19.77
N ARG D 153 30.28 -31.85 19.73
CA ARG D 153 31.51 -32.53 19.31
C ARG D 153 31.86 -32.18 17.88
N ASP D 154 30.86 -32.17 17.01
CA ASP D 154 31.09 -31.84 15.61
C ASP D 154 31.52 -30.37 15.48
N ALA D 155 30.84 -29.50 16.20
CA ALA D 155 31.16 -28.08 16.19
C ALA D 155 32.62 -27.89 16.58
N ALA D 156 33.04 -28.62 17.61
CA ALA D 156 34.42 -28.53 18.08
C ALA D 156 35.39 -28.91 16.97
N VAL D 157 35.02 -29.91 16.19
CA VAL D 157 35.85 -30.36 15.07
C VAL D 157 35.95 -29.25 14.02
N GLY D 158 34.80 -28.73 13.60
CA GLY D 158 34.80 -27.67 12.60
C GLY D 158 35.60 -26.46 13.07
N HIS D 159 35.45 -26.11 14.34
CA HIS D 159 36.15 -24.96 14.90
C HIS D 159 37.67 -25.21 14.93
N ALA D 160 38.05 -26.41 15.31
CA ALA D 160 39.46 -26.77 15.39
C ALA D 160 40.15 -26.64 14.03
N GLN D 161 39.41 -26.92 12.96
CA GLN D 161 39.97 -26.82 11.61
C GLN D 161 39.76 -25.47 10.95
N GLY D 162 39.34 -24.50 11.74
CA GLY D 162 39.13 -23.15 11.24
C GLY D 162 37.90 -22.82 10.42
N GLU D 163 36.78 -23.52 10.65
CA GLU D 163 35.57 -23.21 9.90
C GLU D 163 35.14 -21.81 10.34
N ARG D 164 34.52 -21.06 9.43
CA ARG D 164 34.08 -19.69 9.72
C ARG D 164 32.58 -19.51 9.93
N VAL D 165 31.78 -20.34 9.26
CA VAL D 165 30.33 -20.22 9.32
C VAL D 165 29.66 -21.54 9.66
N PHE D 166 29.11 -21.65 10.87
CA PHE D 166 28.45 -22.87 11.29
C PHE D 166 26.97 -22.87 10.94
N TYR D 167 26.50 -23.99 10.39
CA TYR D 167 25.10 -24.16 9.98
C TYR D 167 24.46 -25.26 10.84
N LEU D 168 23.45 -24.89 11.62
CA LEU D 168 22.78 -25.84 12.51
C LEU D 168 21.27 -25.94 12.26
N LYS D 169 20.76 -27.17 12.19
CA LYS D 169 19.34 -27.39 11.97
C LYS D 169 18.56 -27.36 13.29
N VAL D 170 17.49 -26.59 13.32
CA VAL D 170 16.65 -26.50 14.51
C VAL D 170 15.23 -26.89 14.12
N GLY D 171 14.26 -26.48 14.92
CA GLY D 171 12.88 -26.84 14.64
C GLY D 171 12.61 -28.20 15.25
N ARG D 172 13.46 -28.59 16.21
CA ARG D 172 13.34 -29.88 16.87
C ARG D 172 12.60 -29.77 18.20
N GLY D 173 11.83 -28.69 18.38
CA GLY D 173 11.12 -28.48 19.64
C GLY D 173 11.90 -27.45 20.42
N GLU D 174 11.21 -26.60 21.19
CA GLU D 174 11.88 -25.57 21.96
C GLU D 174 12.99 -26.05 22.88
N LYS D 175 12.67 -27.01 23.75
CA LYS D 175 13.63 -27.55 24.72
C LYS D 175 14.96 -27.94 24.07
N LEU D 176 14.88 -28.84 23.09
CA LEU D 176 16.05 -29.33 22.38
C LEU D 176 16.75 -28.26 21.52
N ASP D 177 15.98 -27.46 20.79
CA ASP D 177 16.57 -26.43 19.95
C ASP D 177 17.48 -25.52 20.76
N LEU D 178 17.02 -25.09 21.93
CA LEU D 178 17.81 -24.21 22.76
C LEU D 178 19.03 -24.93 23.34
N GLU D 179 18.85 -26.20 23.69
CA GLU D 179 19.96 -26.99 24.23
C GLU D 179 21.07 -27.19 23.21
N ILE D 180 20.72 -27.57 21.99
CA ILE D 180 21.74 -27.79 20.98
C ILE D 180 22.37 -26.50 20.50
N THR D 181 21.59 -25.41 20.45
CA THR D 181 22.11 -24.12 20.02
C THR D 181 23.11 -23.63 21.06
N ALA D 182 22.75 -23.76 22.33
CA ALA D 182 23.63 -23.34 23.41
C ALA D 182 24.93 -24.16 23.36
N ALA D 183 24.80 -25.47 23.15
CA ALA D 183 25.96 -26.35 23.10
C ALA D 183 26.93 -25.98 21.97
N VAL D 184 26.40 -25.79 20.76
CA VAL D 184 27.23 -25.43 19.61
C VAL D 184 27.92 -24.10 19.85
N ARG D 185 27.16 -23.13 20.33
CA ARG D 185 27.68 -21.79 20.64
C ARG D 185 28.89 -21.92 21.57
N GLY D 186 28.76 -22.79 22.57
CA GLY D 186 29.84 -22.99 23.52
C GLY D 186 31.11 -23.61 22.96
N GLU D 187 31.02 -24.19 21.77
CA GLU D 187 32.19 -24.83 21.15
C GLU D 187 32.86 -24.01 20.04
N ILE D 188 32.20 -22.97 19.58
CA ILE D 188 32.74 -22.17 18.48
C ILE D 188 33.16 -20.75 18.81
N GLY D 189 33.27 -20.45 20.10
CA GLY D 189 33.65 -19.10 20.49
C GLY D 189 32.65 -18.09 19.97
N ASP D 190 33.15 -17.12 19.21
CA ASP D 190 32.28 -16.08 18.64
C ASP D 190 32.10 -16.25 17.14
N ALA D 191 32.37 -17.44 16.63
CA ALA D 191 32.22 -17.67 15.19
C ALA D 191 30.78 -17.45 14.77
N ARG D 192 30.55 -17.33 13.47
CA ARG D 192 29.20 -17.13 12.96
C ARG D 192 28.38 -18.41 13.03
N LEU D 193 27.13 -18.27 13.43
CA LEU D 193 26.21 -19.41 13.57
C LEU D 193 24.88 -19.11 12.86
N ARG D 194 24.47 -20.01 11.97
CA ARG D 194 23.22 -19.86 11.23
C ARG D 194 22.32 -21.04 11.55
N LEU D 195 21.02 -20.76 11.71
CA LEU D 195 20.07 -21.82 12.03
C LEU D 195 19.08 -22.10 10.90
N ASP D 196 18.87 -23.38 10.61
CA ASP D 196 17.93 -23.77 9.55
C ASP D 196 16.68 -24.33 10.19
N ALA D 197 15.57 -23.59 10.10
CA ALA D 197 14.30 -24.01 10.67
C ALA D 197 13.56 -24.95 9.71
N ASN D 198 14.09 -25.08 8.50
CA ASN D 198 13.53 -25.98 7.51
C ASN D 198 11.99 -26.01 7.43
N GLU D 199 11.37 -24.83 7.29
CA GLU D 199 9.92 -24.71 7.20
C GLU D 199 9.19 -25.33 8.39
N GLY D 200 9.88 -25.50 9.51
CA GLY D 200 9.25 -26.14 10.65
C GLY D 200 8.38 -25.39 11.64
N TRP D 201 8.35 -24.06 11.60
CA TRP D 201 7.55 -23.31 12.57
C TRP D 201 6.36 -22.56 12.02
N SER D 202 5.31 -22.49 12.84
CA SER D 202 4.12 -21.75 12.49
C SER D 202 4.55 -20.29 12.73
N VAL D 203 3.75 -19.33 12.30
CA VAL D 203 4.09 -17.94 12.47
C VAL D 203 4.39 -17.51 13.92
N HIS D 204 3.52 -17.84 14.87
CA HIS D 204 3.80 -17.42 16.23
C HIS D 204 4.93 -18.21 16.91
N ASP D 205 5.09 -19.49 16.57
CA ASP D 205 6.18 -20.28 17.15
C ASP D 205 7.52 -19.73 16.64
N ALA D 206 7.53 -19.30 15.39
CA ALA D 206 8.74 -18.74 14.78
C ALA D 206 9.12 -17.47 15.51
N ILE D 207 8.13 -16.65 15.83
CA ILE D 207 8.37 -15.39 16.53
C ILE D 207 8.91 -15.64 17.94
N ASN D 208 8.29 -16.55 18.68
CA ASN D 208 8.76 -16.83 20.02
C ASN D 208 10.12 -17.52 20.03
N MSE D 209 10.36 -18.42 19.08
CA MSE D 209 11.64 -19.11 19.05
C MSE D 209 12.78 -18.16 18.67
O MSE D 209 13.87 -18.27 19.19
CB MSE D 209 11.61 -20.29 18.08
CG MSE D 209 10.77 -21.47 18.57
SE MSE D 209 11.53 -22.18 20.23
CE MSE D 209 13.36 -22.61 19.72
N CYS D 210 12.53 -17.24 17.73
CA CYS D 210 13.57 -16.29 17.34
C CYS D 210 13.98 -15.49 18.55
N ARG D 211 12.98 -15.05 19.31
CA ARG D 211 13.22 -14.28 20.52
C ARG D 211 14.13 -15.05 21.49
N LYS D 212 13.77 -16.32 21.72
CA LYS D 212 14.52 -17.15 22.64
C LYS D 212 15.91 -17.55 22.15
N LEU D 213 16.10 -17.59 20.83
CA LEU D 213 17.39 -17.96 20.26
C LEU D 213 18.37 -16.78 20.14
N GLU D 214 17.85 -15.55 20.15
CA GLU D 214 18.69 -14.37 20.02
C GLU D 214 19.94 -14.35 20.89
N LYS D 215 19.81 -14.74 22.14
CA LYS D 215 20.92 -14.72 23.08
C LYS D 215 22.14 -15.55 22.64
N TYR D 216 21.99 -16.36 21.59
CA TYR D 216 23.12 -17.16 21.14
C TYR D 216 23.85 -16.58 19.93
N ASP D 217 23.61 -15.30 19.64
CA ASP D 217 24.26 -14.60 18.53
C ASP D 217 24.11 -15.35 17.21
N ILE D 218 22.91 -15.27 16.64
CA ILE D 218 22.55 -15.93 15.39
C ILE D 218 22.67 -14.97 14.19
N GLU D 219 23.41 -15.37 13.15
CA GLU D 219 23.57 -14.52 11.96
C GLU D 219 22.23 -14.39 11.23
N PHE D 220 21.53 -15.51 11.15
CA PHE D 220 20.20 -15.55 10.54
C PHE D 220 19.55 -16.92 10.71
N ILE D 221 18.24 -16.96 10.54
CA ILE D 221 17.49 -18.19 10.61
C ILE D 221 16.91 -18.39 9.23
N GLU D 222 17.12 -19.58 8.68
CA GLU D 222 16.68 -19.91 7.34
C GLU D 222 15.31 -20.59 7.30
N GLN D 223 14.46 -20.08 6.41
CA GLN D 223 13.12 -20.57 6.17
C GLN D 223 12.35 -21.06 7.41
N PRO D 224 12.01 -20.14 8.33
CA PRO D 224 11.27 -20.57 9.53
C PRO D 224 9.86 -21.09 9.24
N THR D 225 9.18 -20.50 8.26
CA THR D 225 7.80 -20.88 7.93
C THR D 225 7.58 -21.67 6.64
N VAL D 226 6.37 -22.22 6.51
CA VAL D 226 5.97 -23.00 5.34
C VAL D 226 6.35 -22.20 4.11
N SER D 227 7.13 -22.83 3.23
CA SER D 227 7.61 -22.19 2.02
C SER D 227 6.59 -21.64 1.01
N TRP D 228 5.41 -22.22 0.96
CA TRP D 228 4.37 -21.79 0.00
C TRP D 228 3.86 -20.35 0.15
N SER D 229 3.97 -19.81 1.37
CA SER D 229 3.48 -18.46 1.65
C SER D 229 4.55 -17.41 1.87
N ILE D 230 4.78 -16.59 0.85
CA ILE D 230 5.74 -15.52 0.92
C ILE D 230 5.26 -14.49 1.94
N PRO D 231 3.95 -14.15 1.91
CA PRO D 231 3.46 -13.17 2.89
C PRO D 231 3.69 -13.62 4.34
N ALA D 232 3.58 -14.92 4.60
CA ALA D 232 3.77 -15.43 5.96
C ALA D 232 5.22 -15.23 6.39
N MSE D 233 6.15 -15.44 5.46
CA MSE D 233 7.56 -15.26 5.77
C MSE D 233 7.86 -13.77 6.04
O MSE D 233 8.63 -13.45 6.95
CB MSE D 233 8.43 -15.77 4.64
CG MSE D 233 9.93 -15.64 4.94
SE MSE D 233 10.98 -16.49 3.56
CE MSE D 233 10.29 -15.64 1.97
N ALA D 234 7.23 -12.90 5.27
CA ALA D 234 7.44 -11.45 5.43
C ALA D 234 6.93 -11.02 6.79
N HIS D 235 5.80 -11.60 7.16
CA HIS D 235 5.12 -11.37 8.42
C HIS D 235 6.08 -11.68 9.58
N VAL D 236 6.71 -12.85 9.54
CA VAL D 236 7.65 -13.24 10.59
C VAL D 236 8.91 -12.36 10.56
N ARG D 237 9.49 -12.16 9.37
CA ARG D 237 10.68 -11.34 9.23
C ARG D 237 10.47 -9.95 9.83
N GLU D 238 9.33 -9.35 9.54
CA GLU D 238 9.03 -8.02 10.05
C GLU D 238 8.88 -7.96 11.58
N LYS D 239 8.59 -9.09 12.21
CA LYS D 239 8.43 -9.09 13.67
C LYS D 239 9.70 -9.47 14.43
N VAL D 240 10.43 -10.48 13.96
CA VAL D 240 11.62 -10.95 14.66
C VAL D 240 12.88 -10.08 14.51
N GLY D 241 13.76 -10.19 15.50
CA GLY D 241 15.00 -9.41 15.49
C GLY D 241 16.13 -10.04 14.70
N ILE D 242 16.07 -11.36 14.51
CA ILE D 242 17.13 -12.07 13.77
C ILE D 242 16.82 -12.02 12.27
N PRO D 243 17.85 -11.81 11.42
CA PRO D 243 17.58 -11.78 9.98
C PRO D 243 16.97 -13.11 9.54
N ILE D 244 16.07 -13.05 8.57
CA ILE D 244 15.43 -14.25 8.03
C ILE D 244 15.83 -14.44 6.58
N VAL D 245 16.32 -15.64 6.26
CA VAL D 245 16.74 -15.95 4.90
C VAL D 245 15.75 -16.91 4.23
N ALA D 246 15.36 -16.56 3.02
CA ALA D 246 14.43 -17.37 2.26
C ALA D 246 15.18 -18.53 1.63
N ASP D 247 14.58 -19.71 1.68
CA ASP D 247 15.18 -20.87 1.06
C ASP D 247 14.15 -21.57 0.15
N GLN D 248 13.38 -22.48 0.73
CA GLN D 248 12.40 -23.22 -0.05
C GLN D 248 11.30 -22.36 -0.67
N ALA D 249 11.12 -21.13 -0.17
CA ALA D 249 10.11 -20.23 -0.73
C ALA D 249 10.55 -19.71 -2.09
N ALA D 250 11.86 -19.79 -2.34
CA ALA D 250 12.42 -19.29 -3.59
C ALA D 250 12.92 -20.39 -4.53
N PHE D 251 12.15 -20.69 -5.57
CA PHE D 251 12.55 -21.69 -6.54
C PHE D 251 12.74 -21.07 -7.92
N THR D 252 11.69 -20.40 -8.40
CA THR D 252 11.73 -19.80 -9.73
C THR D 252 12.16 -18.33 -9.75
N LEU D 253 12.39 -17.83 -10.96
CA LEU D 253 12.78 -16.44 -11.15
C LEU D 253 11.69 -15.56 -10.58
N TYR D 254 10.44 -15.98 -10.79
CA TYR D 254 9.28 -15.24 -10.32
C TYR D 254 9.18 -15.28 -8.79
N ASP D 255 9.52 -16.42 -8.19
CA ASP D 255 9.49 -16.52 -6.74
C ASP D 255 10.49 -15.50 -6.18
N VAL D 256 11.68 -15.43 -6.80
CA VAL D 256 12.71 -14.51 -6.36
C VAL D 256 12.20 -13.08 -6.40
N TYR D 257 11.60 -12.70 -7.54
CA TYR D 257 11.07 -11.36 -7.71
C TYR D 257 9.99 -11.04 -6.68
N GLU D 258 9.13 -12.01 -6.38
CA GLU D 258 8.07 -11.77 -5.38
C GLU D 258 8.64 -11.50 -4.00
N ILE D 259 9.60 -12.33 -3.60
CA ILE D 259 10.25 -12.18 -2.31
C ILE D 259 10.91 -10.81 -2.26
N CYS D 260 11.55 -10.41 -3.36
CA CYS D 260 12.22 -9.11 -3.41
C CYS D 260 11.20 -7.99 -3.30
N ARG D 261 10.18 -8.09 -4.14
CA ARG D 261 9.10 -7.12 -4.23
C ARG D 261 8.39 -6.88 -2.90
N GLN D 262 8.23 -7.92 -2.11
CA GLN D 262 7.54 -7.82 -0.83
C GLN D 262 8.49 -7.70 0.35
N ARG D 263 9.78 -7.57 0.07
CA ARG D 263 10.77 -7.46 1.14
C ARG D 263 10.54 -8.60 2.12
N ALA D 264 10.29 -9.80 1.61
CA ALA D 264 10.00 -10.95 2.46
C ALA D 264 11.19 -11.66 3.14
N ALA D 265 12.41 -11.33 2.72
CA ALA D 265 13.59 -11.96 3.32
C ALA D 265 14.78 -11.01 3.30
N ASP D 266 15.77 -11.29 4.15
CA ASP D 266 16.95 -10.44 4.22
C ASP D 266 18.05 -10.89 3.27
N MSE D 267 17.94 -12.14 2.81
CA MSE D 267 18.86 -12.71 1.84
C MSE D 267 18.15 -13.88 1.20
O MSE D 267 17.21 -14.43 1.78
CB MSE D 267 20.16 -13.17 2.50
CG MSE D 267 21.18 -13.66 1.48
SE MSE D 267 22.96 -13.88 2.21
CE MSE D 267 22.75 -15.52 3.22
N ILE D 268 18.57 -14.26 0.00
CA ILE D 268 17.92 -15.37 -0.68
C ILE D 268 18.87 -16.56 -0.87
N CYS D 269 18.47 -17.72 -0.38
CA CYS D 269 19.31 -18.91 -0.53
C CYS D 269 18.67 -19.74 -1.65
N ILE D 270 19.35 -19.87 -2.77
CA ILE D 270 18.80 -20.59 -3.91
C ILE D 270 19.92 -21.24 -4.70
N GLY D 271 19.59 -22.34 -5.38
CA GLY D 271 20.55 -23.09 -6.17
C GLY D 271 20.07 -23.54 -7.55
N PRO D 272 20.95 -24.14 -8.36
CA PRO D 272 20.60 -24.61 -9.71
C PRO D 272 19.47 -25.62 -9.79
N ARG D 273 19.33 -26.46 -8.78
CA ARG D 273 18.28 -27.47 -8.75
C ARG D 273 16.91 -26.81 -8.76
N GLU D 274 16.78 -25.71 -8.02
CA GLU D 274 15.51 -24.99 -7.91
C GLU D 274 15.21 -24.06 -9.09
N ILE D 275 16.17 -23.24 -9.47
CA ILE D 275 15.98 -22.27 -10.54
C ILE D 275 16.15 -22.83 -11.95
N GLY D 276 16.70 -24.02 -12.06
CA GLY D 276 16.88 -24.63 -13.37
C GLY D 276 18.24 -24.53 -14.02
N GLY D 277 19.31 -24.43 -13.23
CA GLY D 277 20.62 -24.37 -13.84
C GLY D 277 21.54 -23.22 -13.46
N ILE D 278 22.64 -23.14 -14.21
CA ILE D 278 23.68 -22.14 -14.02
C ILE D 278 23.24 -20.78 -14.54
N GLN D 279 22.85 -20.72 -15.81
CA GLN D 279 22.41 -19.45 -16.39
C GLN D 279 21.24 -18.85 -15.63
N PRO D 280 20.24 -19.68 -15.27
CA PRO D 280 19.09 -19.17 -14.52
C PRO D 280 19.52 -18.54 -13.19
N MSE D 281 20.61 -19.06 -12.59
CA MSE D 281 21.11 -18.51 -11.34
C MSE D 281 21.63 -17.08 -11.56
O MSE D 281 21.49 -16.23 -10.69
CB MSE D 281 22.25 -19.37 -10.78
CG MSE D 281 21.79 -20.60 -10.01
SE MSE D 281 20.88 -20.15 -8.35
CE MSE D 281 22.36 -19.48 -7.26
N MSE D 282 22.22 -16.83 -12.72
CA MSE D 282 22.72 -15.48 -13.01
C MSE D 282 21.54 -14.50 -13.05
O MSE D 282 21.65 -13.35 -12.63
CB MSE D 282 23.44 -15.45 -14.35
CG MSE D 282 24.66 -16.40 -14.46
SE MSE D 282 26.00 -16.14 -13.06
CE MSE D 282 25.43 -17.43 -11.74
N LYS D 283 20.42 -14.97 -13.59
CA LYS D 283 19.22 -14.15 -13.71
C LYS D 283 18.62 -13.92 -12.32
N ALA D 284 18.55 -14.98 -11.52
CA ALA D 284 18.03 -14.86 -10.17
C ALA D 284 18.87 -13.86 -9.37
N ALA D 285 20.19 -13.98 -9.51
CA ALA D 285 21.11 -13.09 -8.79
C ALA D 285 20.95 -11.64 -9.23
N ALA D 286 20.64 -11.44 -10.51
CA ALA D 286 20.44 -10.10 -11.04
C ALA D 286 19.21 -9.45 -10.41
N VAL D 287 18.13 -10.22 -10.28
CA VAL D 287 16.91 -9.70 -9.69
C VAL D 287 17.21 -9.31 -8.25
N ALA D 288 17.88 -10.19 -7.52
CA ALA D 288 18.26 -9.95 -6.13
C ALA D 288 19.13 -8.70 -6.01
N GLU D 289 20.08 -8.56 -6.91
CA GLU D 289 20.99 -7.41 -6.92
C GLU D 289 20.21 -6.11 -7.12
N ALA D 290 19.27 -6.11 -8.07
CA ALA D 290 18.46 -4.94 -8.36
C ALA D 290 17.67 -4.53 -7.11
N ALA D 291 17.34 -5.51 -6.27
CA ALA D 291 16.59 -5.27 -5.04
C ALA D 291 17.47 -5.03 -3.80
N GLY D 292 18.77 -4.94 -4.01
CA GLY D 292 19.68 -4.72 -2.90
C GLY D 292 19.84 -5.90 -1.97
N LEU D 293 19.67 -7.11 -2.51
CA LEU D 293 19.80 -8.34 -1.73
C LEU D 293 20.91 -9.23 -2.28
N LYS D 294 21.41 -10.15 -1.45
CA LYS D 294 22.47 -11.06 -1.86
C LYS D 294 21.96 -12.48 -2.01
N ILE D 295 22.76 -13.31 -2.66
CA ILE D 295 22.44 -14.71 -2.90
C ILE D 295 23.40 -15.63 -2.13
N CYS D 296 22.85 -16.71 -1.56
CA CYS D 296 23.64 -17.73 -0.88
C CYS D 296 23.23 -18.97 -1.65
N ILE D 297 24.20 -19.75 -2.13
CA ILE D 297 23.85 -20.91 -2.91
C ILE D 297 23.27 -22.05 -2.08
N HIS D 298 22.07 -22.47 -2.46
CA HIS D 298 21.40 -23.58 -1.78
C HIS D 298 21.84 -24.84 -2.51
N SER D 299 22.41 -25.79 -1.77
CA SER D 299 22.88 -27.03 -2.37
C SER D 299 21.78 -28.09 -2.36
N SER D 300 22.17 -29.34 -2.58
CA SER D 300 21.22 -30.44 -2.61
C SER D 300 21.92 -31.76 -2.26
N PHE D 301 21.15 -32.81 -2.03
CA PHE D 301 21.72 -34.12 -1.69
C PHE D 301 22.25 -34.72 -2.98
N THR D 302 23.35 -34.16 -3.49
CA THR D 302 23.94 -34.62 -4.74
C THR D 302 25.43 -34.93 -4.61
N THR D 303 26.16 -34.83 -5.72
CA THR D 303 27.59 -35.16 -5.70
C THR D 303 28.51 -33.98 -6.01
N GLY D 304 29.80 -34.29 -6.13
CA GLY D 304 30.80 -33.27 -6.44
C GLY D 304 30.55 -32.56 -7.76
N ILE D 305 29.78 -33.18 -8.63
CA ILE D 305 29.45 -32.56 -9.91
C ILE D 305 28.68 -31.26 -9.65
N THR D 306 27.64 -31.35 -8.83
CA THR D 306 26.84 -30.17 -8.47
C THR D 306 27.73 -29.17 -7.71
N THR D 307 28.64 -29.67 -6.90
CA THR D 307 29.52 -28.76 -6.14
C THR D 307 30.30 -27.88 -7.10
N CYS D 308 30.82 -28.48 -8.17
CA CYS D 308 31.59 -27.73 -9.16
C CYS D 308 30.74 -26.71 -9.89
N ALA D 309 29.53 -27.09 -10.25
CA ALA D 309 28.64 -26.17 -10.95
C ALA D 309 28.33 -24.98 -10.02
N GLU D 310 27.99 -25.30 -8.78
CA GLU D 310 27.67 -24.27 -7.79
C GLU D 310 28.88 -23.41 -7.49
N HIS D 311 30.07 -23.98 -7.64
CA HIS D 311 31.30 -23.24 -7.38
C HIS D 311 31.49 -22.18 -8.45
N HIS D 312 31.28 -22.56 -9.71
CA HIS D 312 31.42 -21.62 -10.81
C HIS D 312 30.31 -20.56 -10.78
N ILE D 313 29.12 -20.98 -10.38
CA ILE D 313 28.00 -20.05 -10.27
C ILE D 313 28.42 -18.98 -9.25
N GLY D 314 28.91 -19.44 -8.10
CA GLY D 314 29.33 -18.55 -7.04
C GLY D 314 30.38 -17.54 -7.50
N LEU D 315 31.40 -17.99 -8.21
CA LEU D 315 32.45 -17.10 -8.69
C LEU D 315 31.89 -16.00 -9.62
N ALA D 316 30.91 -16.36 -10.44
CA ALA D 316 30.31 -15.43 -11.40
C ALA D 316 29.30 -14.43 -10.82
N ILE D 317 28.82 -14.67 -9.61
CA ILE D 317 27.86 -13.78 -8.98
C ILE D 317 28.50 -12.66 -8.16
N PRO D 318 28.23 -11.39 -8.53
CA PRO D 318 28.85 -10.31 -7.75
C PRO D 318 28.28 -10.21 -6.34
N ASN D 319 26.95 -10.31 -6.22
CA ASN D 319 26.30 -10.21 -4.92
C ASN D 319 26.15 -11.57 -4.23
N LEU D 320 27.27 -12.16 -3.84
CA LEU D 320 27.28 -13.47 -3.21
C LEU D 320 27.70 -13.50 -1.74
N ASP D 321 27.05 -14.40 -1.00
CA ASP D 321 27.30 -14.64 0.42
C ASP D 321 28.65 -15.37 0.50
N ASP D 322 29.15 -15.58 1.72
CA ASP D 322 30.42 -16.26 1.91
C ASP D 322 30.25 -17.48 2.80
N GLY D 323 29.02 -17.97 2.89
CA GLY D 323 28.71 -19.14 3.69
C GLY D 323 27.82 -20.06 2.87
N ASN D 324 28.13 -20.17 1.59
CA ASN D 324 27.36 -21.01 0.70
C ASN D 324 27.33 -22.48 1.13
N GLN D 325 26.30 -23.19 0.71
CA GLN D 325 26.15 -24.61 1.06
C GLN D 325 27.01 -25.50 0.19
N ILE D 326 27.38 -26.66 0.74
CA ILE D 326 28.21 -27.65 0.06
C ILE D 326 27.83 -28.99 0.68
N MSE D 327 27.68 -30.02 -0.15
CA MSE D 327 27.23 -31.32 0.36
C MSE D 327 27.97 -32.57 -0.09
O MSE D 327 27.67 -33.68 0.38
CB MSE D 327 25.77 -31.50 0.00
CG MSE D 327 24.90 -30.31 0.42
SE MSE D 327 24.47 -30.42 2.33
CE MSE D 327 22.93 -31.62 2.29
N TRP D 328 28.93 -32.43 -1.00
CA TRP D 328 29.66 -33.59 -1.51
C TRP D 328 30.36 -34.37 -0.39
N GLN D 329 30.79 -33.69 0.65
CA GLN D 329 31.50 -34.31 1.77
C GLN D 329 30.68 -35.38 2.52
N LEU D 330 29.38 -35.45 2.25
CA LEU D 330 28.52 -36.41 2.92
C LEU D 330 28.58 -37.78 2.26
N VAL D 331 28.96 -37.80 0.99
CA VAL D 331 29.06 -39.05 0.23
C VAL D 331 30.30 -39.83 0.64
N GLN D 332 30.14 -41.13 0.83
CA GLN D 332 31.24 -42.01 1.24
C GLN D 332 32.38 -42.01 0.24
N GLU D 333 32.05 -42.07 -1.05
CA GLU D 333 33.04 -42.04 -2.12
C GLU D 333 32.49 -41.21 -3.27
N ASP D 334 32.70 -39.90 -3.22
CA ASP D 334 32.20 -39.01 -4.25
C ASP D 334 32.79 -39.35 -5.62
N ILE D 335 32.01 -39.14 -6.68
CA ILE D 335 32.43 -39.46 -8.04
C ILE D 335 33.40 -38.50 -8.74
N VAL D 336 33.70 -37.37 -8.11
CA VAL D 336 34.65 -36.43 -8.69
C VAL D 336 36.04 -36.79 -8.18
N SER D 337 36.96 -37.10 -9.09
CA SER D 337 38.32 -37.47 -8.71
C SER D 337 39.23 -36.26 -8.64
N SER D 338 38.84 -35.19 -9.34
CA SER D 338 39.60 -33.95 -9.33
C SER D 338 38.64 -32.85 -9.78
N PRO D 339 38.79 -31.64 -9.25
CA PRO D 339 39.76 -31.17 -8.26
C PRO D 339 39.41 -31.57 -6.83
N ASP D 340 40.17 -31.06 -5.87
CA ASP D 340 39.94 -31.33 -4.46
C ASP D 340 38.82 -30.39 -4.01
N LEU D 341 37.70 -30.95 -3.59
CA LEU D 341 36.56 -30.15 -3.17
C LEU D 341 36.49 -29.89 -1.67
N THR D 342 37.60 -30.14 -0.98
CA THR D 342 37.68 -29.93 0.46
C THR D 342 38.00 -28.48 0.78
N PRO D 343 37.06 -27.76 1.40
CA PRO D 343 37.35 -26.35 1.70
C PRO D 343 38.46 -26.20 2.75
N LYS D 344 39.22 -25.11 2.66
CA LYS D 344 40.27 -24.82 3.62
C LYS D 344 39.84 -23.56 4.35
N ASN D 345 39.60 -23.68 5.65
CA ASN D 345 39.13 -22.56 6.46
C ASN D 345 37.82 -22.01 5.83
N GLY D 346 37.02 -22.93 5.30
CA GLY D 346 35.76 -22.54 4.69
C GLY D 346 35.88 -21.85 3.34
N TRP D 347 36.94 -22.11 2.60
CA TRP D 347 37.12 -21.51 1.28
C TRP D 347 37.59 -22.53 0.26
N LEU D 348 37.29 -22.25 -1.01
CA LEU D 348 37.75 -23.06 -2.13
C LEU D 348 38.23 -22.04 -3.15
N ASP D 349 39.54 -21.96 -3.35
CA ASP D 349 40.07 -21.02 -4.33
C ASP D 349 39.48 -21.42 -5.68
N ALA D 350 39.25 -20.43 -6.52
CA ALA D 350 38.65 -20.64 -7.82
C ALA D 350 39.27 -21.74 -8.68
N PHE D 351 38.46 -22.67 -9.15
CA PHE D 351 38.94 -23.73 -10.02
C PHE D 351 39.18 -23.08 -11.39
N ARG D 352 40.15 -23.58 -12.15
CA ARG D 352 40.46 -22.97 -13.44
C ARG D 352 40.48 -23.89 -14.67
N LYS D 353 40.23 -25.18 -14.48
CA LYS D 353 40.22 -26.10 -15.61
C LYS D 353 38.94 -25.91 -16.46
N PRO D 354 38.97 -26.33 -17.73
CA PRO D 354 37.83 -26.19 -18.66
C PRO D 354 36.46 -26.66 -18.17
N GLY D 355 35.43 -25.96 -18.62
CA GLY D 355 34.07 -26.30 -18.23
C GLY D 355 33.88 -26.21 -16.73
N LEU D 356 33.17 -27.18 -16.15
CA LEU D 356 32.97 -27.16 -14.71
C LEU D 356 34.25 -27.61 -14.01
N GLY D 357 35.24 -27.98 -14.82
CA GLY D 357 36.56 -28.37 -14.34
C GLY D 357 36.79 -29.65 -13.55
N PHE D 358 35.90 -30.63 -13.66
CA PHE D 358 36.10 -31.87 -12.94
C PHE D 358 36.45 -33.05 -13.83
N GLN D 359 36.86 -34.13 -13.17
CA GLN D 359 37.18 -35.40 -13.83
C GLN D 359 36.45 -36.41 -12.97
N LEU D 360 35.75 -37.35 -13.59
CA LEU D 360 35.03 -38.33 -12.81
C LEU D 360 35.78 -39.64 -12.61
N ALA D 361 35.55 -40.28 -11.47
CA ALA D 361 36.16 -41.56 -11.18
C ALA D 361 35.20 -42.57 -11.82
N GLU D 362 35.55 -43.02 -13.03
CA GLU D 362 34.73 -43.96 -13.77
C GLU D 362 34.34 -45.20 -12.97
N ASP D 363 35.27 -45.70 -12.17
CA ASP D 363 35.02 -46.89 -11.37
C ASP D 363 33.92 -46.65 -10.32
N LEU D 364 33.94 -45.47 -9.69
CA LEU D 364 32.93 -45.16 -8.69
C LEU D 364 31.56 -44.94 -9.34
N VAL D 365 31.56 -44.29 -10.50
CA VAL D 365 30.33 -44.04 -11.22
C VAL D 365 29.73 -45.39 -11.62
N ALA D 366 30.59 -46.31 -12.07
CA ALA D 366 30.14 -47.63 -12.49
C ALA D 366 29.47 -48.37 -11.33
N GLU D 367 30.09 -48.34 -10.16
CA GLU D 367 29.53 -49.01 -8.99
C GLU D 367 28.20 -48.36 -8.63
N GLY D 368 28.12 -47.05 -8.86
CA GLY D 368 26.90 -46.32 -8.60
C GLY D 368 25.79 -46.86 -9.49
N GLU D 369 26.13 -47.14 -10.74
CA GLU D 369 25.18 -47.67 -11.70
C GLU D 369 24.77 -49.06 -11.23
N GLY D 370 25.72 -49.76 -10.61
CA GLY D 370 25.43 -51.10 -10.11
C GLY D 370 24.41 -51.05 -8.99
N ARG D 371 24.60 -50.14 -8.03
CA ARG D 371 23.66 -50.02 -6.91
C ARG D 371 22.26 -49.67 -7.41
N TYR D 372 22.18 -48.80 -8.42
CA TYR D 372 20.88 -48.43 -8.96
C TYR D 372 20.20 -49.69 -9.49
N ALA D 373 20.94 -50.45 -10.29
CA ALA D 373 20.42 -51.69 -10.86
C ALA D 373 19.98 -52.63 -9.75
N ALA D 374 20.78 -52.74 -8.70
CA ALA D 374 20.47 -53.63 -7.58
C ALA D 374 19.21 -53.21 -6.83
N SER D 375 18.79 -51.96 -7.00
CA SER D 375 17.59 -51.45 -6.33
C SER D 375 16.36 -51.37 -7.24
N VAL E 4 -12.24 -51.58 6.08
CA VAL E 4 -12.34 -51.71 4.59
C VAL E 4 -10.99 -51.38 3.94
N LYS E 5 -10.10 -50.79 4.74
CA LYS E 5 -8.76 -50.39 4.30
C LYS E 5 -8.13 -51.03 3.05
N ILE E 6 -8.10 -50.24 1.98
CA ILE E 6 -7.53 -50.55 0.66
C ILE E 6 -6.61 -51.77 0.51
N SER E 7 -6.94 -52.63 -0.45
CA SER E 7 -6.15 -53.85 -0.66
C SER E 7 -5.20 -53.82 -1.86
N ASN E 8 -5.55 -53.10 -2.92
CA ASN E 8 -4.71 -53.03 -4.10
C ASN E 8 -4.87 -51.73 -4.89
N VAL E 9 -3.86 -51.40 -5.68
CA VAL E 9 -3.90 -50.22 -6.52
C VAL E 9 -3.24 -50.60 -7.85
N ARG E 10 -3.73 -50.03 -8.94
CA ARG E 10 -3.15 -50.32 -10.23
C ARG E 10 -3.19 -49.13 -11.18
N VAL E 11 -2.12 -48.98 -11.94
CA VAL E 11 -2.01 -47.88 -12.90
C VAL E 11 -2.15 -48.46 -14.30
N ARG E 12 -3.03 -47.85 -15.11
CA ARG E 12 -3.25 -48.32 -16.48
C ARG E 12 -3.04 -47.20 -17.49
N PRO E 13 -1.86 -47.13 -18.11
CA PRO E 13 -1.57 -46.08 -19.10
C PRO E 13 -2.37 -46.29 -20.39
N LEU E 14 -3.05 -45.24 -20.85
CA LEU E 14 -3.86 -45.31 -22.07
C LEU E 14 -3.47 -44.26 -23.10
N VAL E 15 -3.78 -44.56 -24.35
CA VAL E 15 -3.56 -43.65 -25.47
C VAL E 15 -4.87 -43.75 -26.22
N LEU E 16 -5.57 -42.62 -26.37
CA LEU E 16 -6.87 -42.61 -27.02
C LEU E 16 -6.98 -41.64 -28.19
N PRO E 17 -7.38 -42.14 -29.37
CA PRO E 17 -7.52 -41.30 -30.56
C PRO E 17 -8.58 -40.21 -30.42
N LEU E 18 -8.34 -39.09 -31.08
CA LEU E 18 -9.26 -37.95 -31.09
C LEU E 18 -10.15 -38.03 -32.32
N LYS E 19 -11.31 -37.38 -32.27
CA LYS E 19 -12.22 -37.38 -33.42
C LYS E 19 -11.57 -36.69 -34.61
N GLN E 20 -10.73 -35.71 -34.34
CA GLN E 20 -10.03 -34.99 -35.39
C GLN E 20 -8.75 -34.36 -34.88
N PRO E 21 -7.84 -33.97 -35.78
CA PRO E 21 -6.58 -33.36 -35.33
C PRO E 21 -6.77 -32.15 -34.43
N TYR E 22 -6.03 -32.12 -33.33
CA TYR E 22 -6.07 -31.01 -32.38
C TYR E 22 -4.83 -30.16 -32.65
N HIS E 23 -5.05 -28.93 -33.11
CA HIS E 23 -3.92 -28.05 -33.41
C HIS E 23 -3.38 -27.36 -32.18
N TRP E 24 -2.07 -27.39 -32.03
CA TRP E 24 -1.41 -26.73 -30.92
C TRP E 24 -0.14 -26.07 -31.41
N SER E 25 0.54 -25.38 -30.51
CA SER E 25 1.77 -24.67 -30.84
C SER E 25 2.76 -25.54 -31.61
N TYR E 26 2.84 -26.81 -31.25
CA TYR E 26 3.78 -27.71 -31.91
C TYR E 26 3.13 -28.74 -32.83
N GLY E 27 2.47 -28.24 -33.87
CA GLY E 27 1.84 -29.12 -34.83
C GLY E 27 0.44 -29.61 -34.51
N ILE E 28 0.19 -30.87 -34.83
CA ILE E 28 -1.09 -31.50 -34.62
C ILE E 28 -1.03 -32.69 -33.66
N ARG E 29 -2.06 -32.83 -32.84
CA ARG E 29 -2.18 -33.91 -31.87
C ARG E 29 -3.38 -34.74 -32.31
N GLU E 30 -3.20 -36.05 -32.47
CA GLU E 30 -4.31 -36.89 -32.90
C GLU E 30 -4.80 -37.89 -31.88
N SER E 31 -4.40 -37.71 -30.64
CA SER E 31 -4.82 -38.58 -29.55
C SER E 31 -4.41 -38.02 -28.21
N PHE E 32 -5.10 -38.43 -27.16
CA PHE E 32 -4.77 -38.01 -25.80
C PHE E 32 -4.21 -39.22 -25.06
N ALA E 33 -3.53 -38.97 -23.95
CA ALA E 33 -2.97 -40.05 -23.13
C ALA E 33 -3.27 -39.74 -21.67
N VAL E 34 -3.72 -40.75 -20.94
CA VAL E 34 -4.02 -40.60 -19.53
C VAL E 34 -3.55 -41.84 -18.78
N ASN E 35 -3.30 -41.68 -17.50
CA ASN E 35 -2.87 -42.79 -16.66
C ASN E 35 -3.98 -43.01 -15.64
N LEU E 36 -4.74 -44.08 -15.83
CA LEU E 36 -5.80 -44.40 -14.91
C LEU E 36 -5.22 -44.89 -13.62
N ILE E 37 -5.96 -44.71 -12.54
CA ILE E 37 -5.56 -45.18 -11.23
C ILE E 37 -6.78 -45.81 -10.57
N GLU E 38 -6.69 -47.12 -10.35
CA GLU E 38 -7.77 -47.88 -9.72
C GLU E 38 -7.33 -48.24 -8.31
N ILE E 39 -8.18 -47.95 -7.34
CA ILE E 39 -7.88 -48.26 -5.95
C ILE E 39 -8.95 -49.23 -5.47
N GLU E 40 -8.55 -50.48 -5.24
CA GLU E 40 -9.48 -51.50 -4.81
C GLU E 40 -9.48 -51.67 -3.30
N ALA E 41 -10.68 -51.73 -2.74
CA ALA E 41 -10.85 -51.94 -1.31
C ALA E 41 -10.87 -53.45 -1.09
N ASP E 42 -10.65 -53.88 0.14
CA ASP E 42 -10.63 -55.31 0.43
C ASP E 42 -12.01 -55.97 0.32
N ASP E 43 -13.05 -55.17 0.07
CA ASP E 43 -14.39 -55.71 -0.08
C ASP E 43 -14.74 -55.86 -1.56
N GLY E 44 -13.80 -55.53 -2.42
CA GLY E 44 -14.03 -55.65 -3.85
C GLY E 44 -14.32 -54.34 -4.56
N THR E 45 -14.84 -53.37 -3.80
CA THR E 45 -15.17 -52.05 -4.37
C THR E 45 -13.93 -51.38 -4.93
N VAL E 46 -14.07 -50.76 -6.10
CA VAL E 46 -12.95 -50.10 -6.74
C VAL E 46 -13.26 -48.65 -7.13
N GLY E 47 -12.39 -47.74 -6.71
CA GLY E 47 -12.55 -46.34 -7.05
C GLY E 47 -11.66 -46.07 -8.25
N ILE E 48 -12.11 -45.26 -9.19
CA ILE E 48 -11.29 -44.98 -10.37
C ILE E 48 -11.13 -43.49 -10.65
N GLY E 49 -9.90 -43.11 -10.98
CA GLY E 49 -9.58 -41.74 -11.32
C GLY E 49 -8.55 -41.77 -12.43
N GLU E 50 -8.03 -40.62 -12.82
CA GLU E 50 -7.01 -40.58 -13.87
C GLU E 50 -6.11 -39.36 -13.75
N CYS E 51 -4.94 -39.43 -14.40
CA CYS E 51 -3.95 -38.36 -14.36
C CYS E 51 -3.49 -37.95 -15.76
N THR E 52 -3.06 -36.69 -15.88
CA THR E 52 -2.52 -36.19 -17.13
C THR E 52 -1.12 -36.81 -17.13
N VAL E 53 -0.47 -36.88 -18.28
CA VAL E 53 0.83 -37.55 -18.38
C VAL E 53 2.10 -36.76 -18.65
N ALA E 54 1.99 -35.50 -19.03
CA ALA E 54 3.17 -34.69 -19.34
C ALA E 54 4.12 -34.65 -18.14
N PRO E 55 5.44 -34.60 -18.39
CA PRO E 55 6.16 -34.55 -19.66
C PRO E 55 6.45 -35.91 -20.32
N ASP E 56 6.06 -36.99 -19.64
CA ASP E 56 6.30 -38.33 -20.17
C ASP E 56 5.35 -39.32 -19.51
N GLN E 57 4.47 -39.91 -20.30
CA GLN E 57 3.48 -40.85 -19.77
C GLN E 57 4.10 -41.99 -18.98
N THR E 58 5.14 -42.61 -19.53
CA THR E 58 5.79 -43.73 -18.86
C THR E 58 6.33 -43.29 -17.48
N GLY E 59 7.08 -42.19 -17.48
CA GLY E 59 7.64 -41.70 -16.22
C GLY E 59 6.62 -41.24 -15.20
N THR E 60 5.58 -40.55 -15.65
CA THR E 60 4.57 -40.07 -14.72
C THR E 60 3.68 -41.22 -14.26
N ALA E 61 3.61 -42.30 -15.04
CA ALA E 61 2.80 -43.45 -14.65
C ALA E 61 3.52 -44.18 -13.52
N ALA E 62 4.84 -44.29 -13.66
CA ALA E 62 5.66 -44.95 -12.64
C ALA E 62 5.61 -44.13 -11.35
N ILE E 63 5.51 -42.81 -11.50
CA ILE E 63 5.44 -41.93 -10.34
C ILE E 63 4.06 -42.13 -9.70
N LEU E 64 3.01 -42.20 -10.52
CA LEU E 64 1.66 -42.40 -10.00
C LEU E 64 1.55 -43.71 -9.23
N TYR E 65 2.12 -44.78 -9.78
CA TYR E 65 2.08 -46.08 -9.12
C TYR E 65 2.81 -46.06 -7.77
N ARG E 66 4.00 -45.49 -7.75
CA ARG E 66 4.78 -45.41 -6.51
C ARG E 66 4.04 -44.69 -5.39
N LEU E 67 3.36 -43.60 -5.74
CA LEU E 67 2.62 -42.83 -4.73
C LEU E 67 1.39 -43.59 -4.25
N ALA E 68 0.68 -44.20 -5.20
CA ALA E 68 -0.53 -44.96 -4.90
C ALA E 68 -0.27 -46.17 -4.00
N LYS E 69 0.87 -46.82 -4.13
CA LYS E 69 1.16 -47.99 -3.30
C LYS E 69 1.14 -47.66 -1.81
N HIS E 70 1.46 -46.42 -1.46
CA HIS E 70 1.47 -45.99 -0.07
C HIS E 70 0.09 -46.13 0.57
N LEU E 71 -0.93 -46.14 -0.26
CA LEU E 71 -2.31 -46.23 0.21
C LEU E 71 -2.73 -47.63 0.66
N VAL E 72 -2.11 -48.65 0.10
CA VAL E 72 -2.45 -50.03 0.45
C VAL E 72 -2.39 -50.25 1.95
N GLY E 73 -3.47 -50.81 2.50
CA GLY E 73 -3.52 -51.08 3.93
C GLY E 73 -4.19 -49.99 4.74
N HIS E 74 -4.48 -48.85 4.12
CA HIS E 74 -5.12 -47.75 4.84
C HIS E 74 -6.57 -47.50 4.43
N SER E 75 -7.26 -46.66 5.19
CA SER E 75 -8.66 -46.35 4.93
C SER E 75 -8.92 -45.35 3.80
N PRO E 76 -9.94 -45.63 2.98
CA PRO E 76 -10.26 -44.73 1.87
C PRO E 76 -10.71 -43.39 2.44
N HIS E 77 -11.22 -43.43 3.67
CA HIS E 77 -11.70 -42.23 4.33
C HIS E 77 -10.61 -41.34 4.92
N ASP E 78 -9.35 -41.72 4.72
CA ASP E 78 -8.21 -40.94 5.23
C ASP E 78 -7.40 -40.29 4.12
N VAL E 79 -8.04 -40.11 2.96
CA VAL E 79 -7.39 -39.52 1.80
C VAL E 79 -6.58 -38.23 2.06
N ALA E 80 -7.15 -37.29 2.81
CA ALA E 80 -6.46 -36.02 3.08
C ALA E 80 -5.13 -36.17 3.79
N PRO E 81 -5.12 -36.82 4.98
CA PRO E 81 -3.82 -36.96 5.65
C PRO E 81 -2.86 -37.92 4.92
N LEU E 82 -3.41 -38.93 4.26
CA LEU E 82 -2.58 -39.88 3.53
C LEU E 82 -1.82 -39.18 2.42
N ILE E 83 -2.51 -38.34 1.67
CA ILE E 83 -1.88 -37.61 0.59
C ILE E 83 -0.87 -36.61 1.14
N ALA E 84 -1.17 -35.98 2.28
CA ALA E 84 -0.25 -35.01 2.86
C ALA E 84 1.04 -35.72 3.28
N ARG E 85 0.92 -36.93 3.80
CA ARG E 85 2.09 -37.67 4.25
C ARG E 85 2.93 -38.14 3.07
N ILE E 86 2.25 -38.60 2.02
CA ILE E 86 2.95 -39.07 0.82
C ILE E 86 3.71 -37.89 0.18
N PHE E 87 3.08 -36.72 0.15
CA PHE E 87 3.71 -35.53 -0.42
C PHE E 87 4.97 -35.18 0.38
N HIS E 88 4.83 -35.12 1.70
CA HIS E 88 5.95 -34.80 2.59
C HIS E 88 7.07 -35.84 2.48
N GLN E 89 6.68 -37.10 2.42
CA GLN E 89 7.63 -38.19 2.35
C GLN E 89 8.37 -38.37 1.02
N GLU E 90 7.64 -38.30 -0.10
CA GLU E 90 8.25 -38.51 -1.41
C GLU E 90 8.77 -37.25 -2.11
N TYR E 91 8.31 -36.08 -1.69
CA TYR E 91 8.74 -34.83 -2.32
C TYR E 91 9.47 -33.87 -1.39
N LEU E 92 8.76 -33.37 -0.39
CA LEU E 92 9.31 -32.40 0.55
C LEU E 92 10.57 -32.86 1.28
N GLY E 93 10.58 -34.11 1.72
CA GLY E 93 11.74 -34.61 2.45
C GLY E 93 12.98 -34.74 1.60
N HIS E 94 12.84 -34.54 0.30
CA HIS E 94 13.97 -34.64 -0.62
C HIS E 94 14.34 -33.27 -1.21
N GLY E 95 13.67 -32.22 -0.73
CA GLY E 95 13.95 -30.88 -1.22
C GLY E 95 13.21 -30.49 -2.49
N ALA E 96 12.35 -31.38 -2.97
CA ALA E 96 11.59 -31.11 -4.19
C ALA E 96 10.23 -30.52 -3.83
N ASN E 97 10.20 -29.23 -3.55
CA ASN E 97 8.96 -28.54 -3.22
C ASN E 97 8.23 -28.20 -4.50
N ILE E 98 7.83 -29.23 -5.23
CA ILE E 98 7.15 -29.04 -6.51
C ILE E 98 5.68 -29.37 -6.34
N MSE E 99 4.97 -28.47 -5.69
CA MSE E 99 3.55 -28.65 -5.43
C MSE E 99 2.72 -28.87 -6.69
O MSE E 99 1.91 -29.81 -6.74
CB MSE E 99 3.00 -27.45 -4.67
CG MSE E 99 1.55 -27.62 -4.27
SE MSE E 99 1.02 -26.35 -2.93
CE MSE E 99 1.66 -27.21 -1.25
N ARG E 100 2.90 -28.04 -7.70
CA ARG E 100 2.14 -28.20 -8.93
C ARG E 100 2.33 -29.57 -9.58
N ALA E 101 3.56 -30.02 -9.68
CA ALA E 101 3.83 -31.32 -10.29
C ALA E 101 3.18 -32.43 -9.47
N ALA E 102 3.28 -32.30 -8.14
CA ALA E 102 2.67 -33.29 -7.25
C ALA E 102 1.15 -33.29 -7.40
N ASN E 103 0.54 -32.11 -7.44
CA ASN E 103 -0.91 -31.99 -7.60
C ASN E 103 -1.38 -32.77 -8.81
N GLN E 104 -0.55 -32.78 -9.86
CA GLN E 104 -0.85 -33.47 -11.10
C GLN E 104 -1.12 -34.95 -10.84
N ILE E 105 -0.33 -35.56 -9.98
CA ILE E 105 -0.46 -36.98 -9.67
C ILE E 105 -1.53 -37.23 -8.61
N PHE E 106 -1.53 -36.45 -7.54
CA PHE E 106 -2.52 -36.62 -6.49
C PHE E 106 -3.95 -36.37 -6.97
N SER E 107 -4.10 -35.65 -8.08
CA SER E 107 -5.43 -35.36 -8.63
C SER E 107 -6.17 -36.66 -8.95
N GLY E 108 -5.47 -37.58 -9.59
CA GLY E 108 -6.09 -38.85 -9.94
C GLY E 108 -6.34 -39.70 -8.71
N ILE E 109 -5.40 -39.68 -7.78
CA ILE E 109 -5.52 -40.43 -6.55
C ILE E 109 -6.72 -39.94 -5.75
N ASP E 110 -6.85 -38.63 -5.63
CA ASP E 110 -7.96 -38.05 -4.89
C ASP E 110 -9.32 -38.37 -5.50
N MSE E 111 -9.49 -38.17 -6.81
CA MSE E 111 -10.79 -38.47 -7.38
C MSE E 111 -11.14 -39.96 -7.27
O MSE E 111 -12.31 -40.32 -7.16
CB MSE E 111 -10.92 -37.99 -8.85
CG MSE E 111 -9.86 -38.45 -9.84
SE MSE E 111 -10.35 -37.90 -11.69
CE MSE E 111 -9.93 -35.97 -11.67
N ALA E 112 -10.12 -40.81 -7.28
CA ALA E 112 -10.33 -42.25 -7.16
C ALA E 112 -10.78 -42.60 -5.74
N MSE E 113 -10.15 -41.96 -4.75
CA MSE E 113 -10.49 -42.18 -3.34
C MSE E 113 -11.91 -41.73 -3.02
O MSE E 113 -12.60 -42.36 -2.22
CB MSE E 113 -9.50 -41.43 -2.45
CG MSE E 113 -8.07 -42.01 -2.45
SE MSE E 113 -7.93 -43.66 -1.40
CE MSE E 113 -7.59 -42.96 0.40
N TRP E 114 -12.35 -40.62 -3.62
CA TRP E 114 -13.69 -40.13 -3.36
C TRP E 114 -14.72 -40.97 -4.12
N ASP E 115 -14.30 -41.50 -5.26
CA ASP E 115 -15.18 -42.37 -6.04
C ASP E 115 -15.43 -43.60 -5.17
N LEU E 116 -14.37 -44.09 -4.53
CA LEU E 116 -14.44 -45.26 -3.66
C LEU E 116 -15.33 -45.00 -2.44
N GLN E 117 -15.15 -43.84 -1.80
CA GLN E 117 -15.96 -43.50 -0.64
C GLN E 117 -17.44 -43.44 -1.05
N GLY E 118 -17.69 -42.86 -2.22
CA GLY E 118 -19.04 -42.75 -2.72
C GLY E 118 -19.66 -44.12 -2.95
N LYS E 119 -18.92 -44.99 -3.62
CA LYS E 119 -19.39 -46.34 -3.92
C LYS E 119 -19.64 -47.11 -2.61
N LEU E 120 -18.71 -46.99 -1.66
CA LEU E 120 -18.86 -47.67 -0.39
C LEU E 120 -20.10 -47.17 0.36
N ALA E 121 -20.35 -45.86 0.29
CA ALA E 121 -21.50 -45.28 0.98
C ALA E 121 -22.78 -45.30 0.15
N GLY E 122 -22.65 -45.64 -1.12
CA GLY E 122 -23.81 -45.67 -2.01
C GLY E 122 -24.35 -44.27 -2.20
N LEU E 123 -23.45 -43.29 -2.31
CA LEU E 123 -23.81 -41.89 -2.48
C LEU E 123 -22.98 -41.21 -3.55
N PRO E 124 -23.55 -40.19 -4.22
CA PRO E 124 -22.83 -39.48 -5.27
C PRO E 124 -21.78 -38.63 -4.55
N VAL E 125 -20.63 -38.43 -5.15
CA VAL E 125 -19.56 -37.65 -4.52
C VAL E 125 -20.01 -36.28 -4.00
N HIS E 126 -20.86 -35.58 -4.74
CA HIS E 126 -21.29 -34.26 -4.28
C HIS E 126 -22.08 -34.31 -2.97
N GLN E 127 -22.71 -35.45 -2.65
CA GLN E 127 -23.45 -35.54 -1.40
C GLN E 127 -22.56 -35.99 -0.25
N LEU E 128 -21.26 -36.09 -0.54
CA LEU E 128 -20.26 -36.45 0.45
C LEU E 128 -19.55 -35.14 0.77
N LEU E 129 -19.82 -34.13 -0.05
CA LEU E 129 -19.19 -32.83 0.08
C LEU E 129 -20.12 -31.74 0.59
N GLY E 130 -21.31 -32.12 1.03
CA GLY E 130 -22.23 -31.11 1.55
C GLY E 130 -23.53 -30.97 0.77
N GLY E 131 -23.59 -31.54 -0.42
CA GLY E 131 -24.80 -31.45 -1.22
C GLY E 131 -24.62 -30.58 -2.44
N ALA E 132 -25.53 -30.71 -3.39
CA ALA E 132 -25.48 -29.94 -4.63
C ALA E 132 -26.13 -28.57 -4.45
N HIS E 133 -25.48 -27.54 -5.00
CA HIS E 133 -25.97 -26.18 -4.90
C HIS E 133 -26.73 -25.75 -6.14
N ARG E 134 -26.98 -26.71 -7.03
CA ARG E 134 -27.70 -26.46 -8.27
C ARG E 134 -28.20 -27.79 -8.83
N LYS E 135 -29.22 -27.71 -9.69
CA LYS E 135 -29.80 -28.90 -10.29
C LYS E 135 -29.04 -29.40 -11.49
N ALA E 136 -28.17 -28.55 -12.03
CA ALA E 136 -27.36 -28.92 -13.18
C ALA E 136 -26.11 -28.05 -13.27
N VAL E 137 -25.08 -28.58 -13.92
CA VAL E 137 -23.83 -27.83 -14.09
C VAL E 137 -23.85 -27.27 -15.51
N GLY E 138 -23.54 -25.99 -15.64
CA GLY E 138 -23.51 -25.34 -16.94
C GLY E 138 -22.13 -25.41 -17.57
N TYR E 139 -22.08 -25.65 -18.88
CA TYR E 139 -20.83 -25.79 -19.61
C TYR E 139 -20.75 -24.89 -20.83
N PHE E 140 -19.54 -24.66 -21.31
CA PHE E 140 -19.35 -23.84 -22.49
C PHE E 140 -19.41 -24.72 -23.74
N TYR E 141 -19.20 -24.10 -24.90
CA TYR E 141 -19.17 -24.82 -26.15
C TYR E 141 -17.76 -24.54 -26.66
N PHE E 142 -16.90 -25.55 -26.56
CA PHE E 142 -15.51 -25.46 -26.99
C PHE E 142 -15.40 -25.40 -28.51
N LEU E 143 -15.29 -24.19 -29.06
CA LEU E 143 -15.19 -24.03 -30.51
C LEU E 143 -13.91 -24.61 -31.09
N GLN E 144 -13.98 -25.10 -32.32
CA GLN E 144 -12.83 -25.68 -33.01
C GLN E 144 -12.71 -25.11 -34.40
N GLY E 145 -11.47 -25.03 -34.90
CA GLY E 145 -11.23 -24.49 -36.22
C GLY E 145 -9.99 -23.61 -36.30
N GLU E 146 -9.39 -23.53 -37.49
CA GLU E 146 -8.20 -22.71 -37.69
C GLU E 146 -8.46 -21.49 -38.56
N THR E 147 -9.56 -21.51 -39.31
CA THR E 147 -9.91 -20.40 -40.18
C THR E 147 -11.20 -19.77 -39.68
N ALA E 148 -11.44 -18.53 -40.05
CA ALA E 148 -12.66 -17.84 -39.65
C ALA E 148 -13.86 -18.65 -40.12
N GLU E 149 -13.80 -19.14 -41.37
CA GLU E 149 -14.89 -19.92 -41.94
C GLU E 149 -15.24 -21.15 -41.11
N GLU E 150 -14.22 -21.94 -40.74
CA GLU E 150 -14.47 -23.14 -39.94
C GLU E 150 -15.06 -22.79 -38.58
N LEU E 151 -14.51 -21.75 -37.95
CA LEU E 151 -14.98 -21.32 -36.65
C LEU E 151 -16.42 -20.82 -36.70
N ALA E 152 -16.75 -20.03 -37.72
CA ALA E 152 -18.10 -19.51 -37.87
C ALA E 152 -19.10 -20.65 -38.09
N ARG E 153 -18.65 -21.70 -38.78
CA ARG E 153 -19.51 -22.85 -39.02
C ARG E 153 -19.72 -23.63 -37.74
N ASP E 154 -18.67 -23.84 -36.97
CA ASP E 154 -18.80 -24.57 -35.72
C ASP E 154 -19.71 -23.79 -34.77
N ALA E 155 -19.58 -22.46 -34.80
CA ALA E 155 -20.40 -21.61 -33.95
C ALA E 155 -21.87 -21.71 -34.34
N ALA E 156 -22.15 -21.74 -35.64
CA ALA E 156 -23.53 -21.85 -36.13
C ALA E 156 -24.12 -23.16 -35.62
N VAL E 157 -23.32 -24.22 -35.68
CA VAL E 157 -23.75 -25.52 -35.20
C VAL E 157 -24.10 -25.40 -33.73
N GLY E 158 -23.17 -24.80 -32.97
CA GLY E 158 -23.39 -24.63 -31.55
C GLY E 158 -24.67 -23.85 -31.26
N HIS E 159 -24.83 -22.73 -31.96
CA HIS E 159 -26.00 -21.89 -31.76
C HIS E 159 -27.31 -22.61 -32.09
N ALA E 160 -27.28 -23.50 -33.07
CA ALA E 160 -28.48 -24.24 -33.47
C ALA E 160 -28.87 -25.28 -32.42
N GLN E 161 -27.88 -25.77 -31.70
CA GLN E 161 -28.09 -26.78 -30.65
C GLN E 161 -28.55 -26.15 -29.34
N GLY E 162 -28.51 -24.83 -29.25
CA GLY E 162 -28.94 -24.18 -28.03
C GLY E 162 -27.81 -23.94 -27.04
N GLU E 163 -26.57 -23.92 -27.53
CA GLU E 163 -25.42 -23.67 -26.67
C GLU E 163 -25.58 -22.24 -26.14
N ARG E 164 -25.15 -22.02 -24.91
CA ARG E 164 -25.28 -20.71 -24.26
C ARG E 164 -24.00 -19.90 -24.10
N VAL E 165 -22.89 -20.58 -23.87
CA VAL E 165 -21.61 -19.89 -23.68
C VAL E 165 -20.55 -20.39 -24.65
N PHE E 166 -20.19 -19.53 -25.60
CA PHE E 166 -19.20 -19.88 -26.61
C PHE E 166 -17.78 -19.51 -26.17
N TYR E 167 -16.87 -20.45 -26.36
CA TYR E 167 -15.46 -20.28 -25.97
C TYR E 167 -14.55 -20.28 -27.20
N LEU E 168 -13.88 -19.17 -27.47
CA LEU E 168 -13.00 -19.03 -28.64
C LEU E 168 -11.54 -18.72 -28.31
N LYS E 169 -10.61 -19.44 -28.95
CA LYS E 169 -9.19 -19.24 -28.72
C LYS E 169 -8.65 -18.12 -29.61
N VAL E 170 -7.98 -17.14 -28.99
CA VAL E 170 -7.39 -16.03 -29.72
C VAL E 170 -5.88 -15.96 -29.49
N GLY E 171 -5.26 -14.83 -29.77
CA GLY E 171 -3.83 -14.69 -29.61
C GLY E 171 -3.15 -15.25 -30.85
N ARG E 172 -3.89 -15.23 -31.95
CA ARG E 172 -3.41 -15.75 -33.23
C ARG E 172 -2.97 -14.62 -34.15
N GLY E 173 -2.74 -13.44 -33.58
CA GLY E 173 -2.34 -12.29 -34.37
C GLY E 173 -3.55 -11.38 -34.45
N GLU E 174 -3.34 -10.07 -34.35
CA GLU E 174 -4.42 -9.10 -34.38
C GLU E 174 -5.42 -9.32 -35.52
N LYS E 175 -4.93 -9.27 -36.76
CA LYS E 175 -5.75 -9.42 -37.94
C LYS E 175 -6.65 -10.66 -37.88
N LEU E 176 -6.04 -11.83 -37.70
CA LEU E 176 -6.81 -13.07 -37.62
C LEU E 176 -7.73 -13.12 -36.41
N ASP E 177 -7.24 -12.65 -35.25
CA ASP E 177 -8.04 -12.64 -34.03
C ASP E 177 -9.32 -11.85 -34.24
N LEU E 178 -9.20 -10.67 -34.82
CA LEU E 178 -10.35 -9.82 -35.08
C LEU E 178 -11.30 -10.41 -36.09
N GLU E 179 -10.76 -11.08 -37.11
CA GLU E 179 -11.57 -11.70 -38.16
C GLU E 179 -12.36 -12.88 -37.60
N ILE E 180 -11.69 -13.75 -36.83
CA ILE E 180 -12.39 -14.90 -36.28
C ILE E 180 -13.40 -14.52 -35.21
N THR E 181 -13.12 -13.48 -34.43
CA THR E 181 -14.07 -13.05 -33.40
C THR E 181 -15.31 -12.48 -34.06
N ALA E 182 -15.11 -11.64 -35.08
CA ALA E 182 -16.22 -11.06 -35.81
C ALA E 182 -17.07 -12.18 -36.44
N ALA E 183 -16.39 -13.15 -37.05
CA ALA E 183 -17.09 -14.25 -37.70
C ALA E 183 -17.97 -15.03 -36.72
N VAL E 184 -17.43 -15.37 -35.55
CA VAL E 184 -18.19 -16.12 -34.56
C VAL E 184 -19.36 -15.27 -34.03
N ARG E 185 -19.09 -14.00 -33.78
CA ARG E 185 -20.12 -13.08 -33.29
C ARG E 185 -21.32 -13.05 -34.24
N GLY E 186 -21.05 -13.09 -35.54
CA GLY E 186 -22.13 -13.05 -36.51
C GLY E 186 -22.92 -14.33 -36.65
N GLU E 187 -22.50 -15.38 -35.95
CA GLU E 187 -23.21 -16.66 -36.04
C GLU E 187 -23.93 -17.04 -34.75
N ILE E 188 -23.69 -16.32 -33.67
CA ILE E 188 -24.32 -16.67 -32.39
C ILE E 188 -25.26 -15.61 -31.83
N GLY E 189 -25.69 -14.69 -32.68
CA GLY E 189 -26.59 -13.63 -32.23
C GLY E 189 -25.95 -12.85 -31.09
N ASP E 190 -26.67 -12.67 -30.00
CA ASP E 190 -26.14 -11.94 -28.85
C ASP E 190 -25.77 -12.87 -27.72
N ALA E 191 -25.53 -14.14 -28.05
CA ALA E 191 -25.14 -15.13 -27.05
C ALA E 191 -23.77 -14.79 -26.43
N ARG E 192 -23.53 -15.30 -25.23
CA ARG E 192 -22.28 -15.04 -24.54
C ARG E 192 -21.07 -15.61 -25.28
N LEU E 193 -20.00 -14.82 -25.32
CA LEU E 193 -18.76 -15.24 -25.98
C LEU E 193 -17.56 -14.94 -25.08
N ARG E 194 -16.77 -15.97 -24.81
CA ARG E 194 -15.58 -15.84 -23.98
C ARG E 194 -14.36 -16.11 -24.83
N LEU E 195 -13.32 -15.31 -24.65
CA LEU E 195 -12.09 -15.51 -25.42
C LEU E 195 -10.94 -16.00 -24.56
N ASP E 196 -10.18 -16.95 -25.10
CA ASP E 196 -9.03 -17.50 -24.39
C ASP E 196 -7.73 -17.04 -25.07
N ALA E 197 -7.04 -16.09 -24.44
CA ALA E 197 -5.81 -15.55 -24.97
C ALA E 197 -4.65 -16.51 -24.75
N ASN E 198 -4.90 -17.54 -23.94
CA ASN E 198 -3.90 -18.58 -23.69
C ASN E 198 -2.47 -18.07 -23.41
N GLU E 199 -2.32 -17.16 -22.47
CA GLU E 199 -1.01 -16.62 -22.09
C GLU E 199 -0.25 -16.02 -23.27
N GLY E 200 -0.90 -15.86 -24.41
CA GLY E 200 -0.21 -15.35 -25.58
C GLY E 200 0.11 -13.88 -25.78
N TRP E 201 -0.30 -13.00 -24.86
CA TRP E 201 -0.03 -11.58 -25.05
C TRP E 201 0.89 -10.92 -24.02
N SER E 202 1.68 -9.97 -24.49
CA SER E 202 2.55 -9.22 -23.61
C SER E 202 1.59 -8.22 -22.98
N VAL E 203 2.01 -7.52 -21.93
CA VAL E 203 1.14 -6.55 -21.29
C VAL E 203 0.51 -5.50 -22.21
N HIS E 204 1.32 -4.83 -23.03
CA HIS E 204 0.75 -3.79 -23.90
C HIS E 204 -0.07 -4.33 -25.06
N ASP E 205 0.26 -5.52 -25.55
CA ASP E 205 -0.50 -6.13 -26.63
C ASP E 205 -1.87 -6.54 -26.06
N ALA E 206 -1.87 -7.01 -24.83
CA ALA E 206 -3.10 -7.44 -24.16
C ALA E 206 -4.02 -6.23 -24.02
N ILE E 207 -3.44 -5.10 -23.66
CA ILE E 207 -4.21 -3.87 -23.47
C ILE E 207 -4.84 -3.42 -24.80
N ASN E 208 -4.02 -3.36 -25.84
CA ASN E 208 -4.51 -2.96 -27.15
C ASN E 208 -5.53 -3.95 -27.74
N MSE E 209 -5.25 -5.25 -27.62
CA MSE E 209 -6.19 -6.23 -28.15
C MSE E 209 -7.54 -6.17 -27.46
O MSE E 209 -8.56 -6.28 -28.12
CB MSE E 209 -5.62 -7.66 -28.05
CG MSE E 209 -4.50 -7.95 -29.07
SE MSE E 209 -5.14 -7.66 -30.92
CE MSE E 209 -6.61 -8.94 -31.03
N CYS E 210 -7.56 -6.01 -26.13
CA CYS E 210 -8.82 -5.93 -25.42
C CYS E 210 -9.65 -4.78 -25.94
N ARG E 211 -9.01 -3.65 -26.18
CA ARG E 211 -9.70 -2.49 -26.69
C ARG E 211 -10.33 -2.77 -28.06
N LYS E 212 -9.54 -3.40 -28.94
CA LYS E 212 -10.01 -3.71 -30.29
C LYS E 212 -11.05 -4.82 -30.33
N LEU E 213 -11.13 -5.62 -29.27
CA LEU E 213 -12.09 -6.70 -29.21
C LEU E 213 -13.41 -6.33 -28.54
N GLU E 214 -13.42 -5.26 -27.76
CA GLU E 214 -14.61 -4.83 -27.05
C GLU E 214 -15.88 -4.74 -27.89
N LYS E 215 -15.75 -4.31 -29.13
CA LYS E 215 -16.91 -4.15 -30.01
C LYS E 215 -17.70 -5.44 -30.22
N TYR E 216 -17.07 -6.59 -29.99
CA TYR E 216 -17.75 -7.86 -30.20
C TYR E 216 -18.48 -8.41 -28.98
N ASP E 217 -18.61 -7.58 -27.94
CA ASP E 217 -19.30 -7.96 -26.71
C ASP E 217 -18.74 -9.26 -26.12
N ILE E 218 -17.60 -9.13 -25.45
CA ILE E 218 -16.92 -10.26 -24.86
C ILE E 218 -17.22 -10.36 -23.37
N GLU E 219 -17.68 -11.54 -22.92
CA GLU E 219 -18.00 -11.72 -21.51
C GLU E 219 -16.72 -11.58 -20.68
N PHE E 220 -15.63 -12.13 -21.20
CA PHE E 220 -14.31 -12.00 -20.56
C PHE E 220 -13.23 -12.63 -21.39
N ILE E 221 -11.99 -12.27 -21.07
CA ILE E 221 -10.83 -12.81 -21.77
C ILE E 221 -10.06 -13.57 -20.71
N GLU E 222 -9.75 -14.83 -21.02
CA GLU E 222 -9.06 -15.69 -20.10
C GLU E 222 -7.54 -15.67 -20.27
N GLN E 223 -6.85 -15.55 -19.14
CA GLN E 223 -5.40 -15.54 -19.07
C GLN E 223 -4.69 -14.86 -20.24
N PRO E 224 -4.83 -13.54 -20.37
CA PRO E 224 -4.17 -12.83 -21.46
C PRO E 224 -2.65 -12.80 -21.38
N THR E 225 -2.11 -12.81 -20.16
CA THR E 225 -0.67 -12.73 -19.98
C THR E 225 0.03 -13.99 -19.45
N VAL E 226 1.35 -14.01 -19.61
CA VAL E 226 2.16 -15.13 -19.17
C VAL E 226 1.76 -15.46 -17.73
N SER E 227 1.42 -16.72 -17.51
CA SER E 227 0.95 -17.20 -16.22
C SER E 227 1.82 -17.06 -14.97
N TRP E 228 3.13 -17.03 -15.11
CA TRP E 228 4.01 -16.94 -13.94
C TRP E 228 3.92 -15.61 -13.17
N SER E 229 3.39 -14.57 -13.79
CA SER E 229 3.29 -13.27 -13.13
C SER E 229 1.87 -12.83 -12.79
N ILE E 230 1.50 -12.94 -11.53
CA ILE E 230 0.19 -12.51 -11.09
C ILE E 230 0.15 -10.98 -11.14
N PRO E 231 1.25 -10.29 -10.76
CA PRO E 231 1.20 -8.83 -10.82
C PRO E 231 0.95 -8.32 -12.23
N ALA E 232 1.54 -8.98 -13.23
CA ALA E 232 1.37 -8.59 -14.63
C ALA E 232 -0.10 -8.74 -15.06
N MSE E 233 -0.76 -9.78 -14.53
CA MSE E 233 -2.14 -10.00 -14.86
C MSE E 233 -3.02 -8.91 -14.22
O MSE E 233 -3.92 -8.36 -14.87
CB MSE E 233 -2.59 -11.38 -14.36
CG MSE E 233 -4.05 -11.60 -14.56
SE MSE E 233 -4.47 -13.49 -14.31
CE MSE E 233 -4.00 -13.75 -12.44
N ALA E 234 -2.73 -8.57 -12.96
CA ALA E 234 -3.49 -7.52 -12.30
C ALA E 234 -3.29 -6.20 -13.06
N HIS E 235 -2.05 -5.99 -13.51
CA HIS E 235 -1.67 -4.81 -14.28
C HIS E 235 -2.60 -4.67 -15.49
N VAL E 236 -2.76 -5.74 -16.24
CA VAL E 236 -3.62 -5.70 -17.42
C VAL E 236 -5.10 -5.54 -17.04
N ARG E 237 -5.55 -6.30 -16.05
CA ARG E 237 -6.94 -6.22 -15.62
C ARG E 237 -7.37 -4.80 -15.27
N GLU E 238 -6.54 -4.13 -14.47
CA GLU E 238 -6.85 -2.78 -14.05
C GLU E 238 -6.95 -1.80 -15.20
N LYS E 239 -6.32 -2.11 -16.32
CA LYS E 239 -6.35 -1.23 -17.48
C LYS E 239 -7.46 -1.48 -18.50
N VAL E 240 -7.79 -2.73 -18.77
CA VAL E 240 -8.80 -3.06 -19.77
C VAL E 240 -10.28 -3.06 -19.36
N GLY E 241 -11.15 -2.81 -20.33
CA GLY E 241 -12.59 -2.78 -20.07
C GLY E 241 -13.28 -4.12 -20.04
N ILE E 242 -12.59 -5.15 -20.52
CA ILE E 242 -13.12 -6.51 -20.54
C ILE E 242 -12.65 -7.25 -19.29
N PRO E 243 -13.55 -7.96 -18.61
CA PRO E 243 -13.12 -8.68 -17.41
C PRO E 243 -12.03 -9.70 -17.77
N ILE E 244 -11.14 -9.96 -16.82
CA ILE E 244 -10.04 -10.91 -17.02
C ILE E 244 -10.17 -12.07 -16.06
N VAL E 245 -10.09 -13.28 -16.59
CA VAL E 245 -10.17 -14.49 -15.78
C VAL E 245 -8.82 -15.20 -15.74
N ALA E 246 -8.39 -15.56 -14.54
CA ALA E 246 -7.13 -16.25 -14.35
C ALA E 246 -7.32 -17.72 -14.62
N ASP E 247 -6.37 -18.29 -15.33
CA ASP E 247 -6.44 -19.70 -15.63
C ASP E 247 -5.13 -20.34 -15.22
N GLN E 248 -4.16 -20.39 -16.13
CA GLN E 248 -2.87 -20.99 -15.83
C GLN E 248 -2.13 -20.30 -14.68
N ALA E 249 -2.57 -19.10 -14.30
CA ALA E 249 -1.90 -18.39 -13.22
C ALA E 249 -2.26 -19.01 -11.87
N ALA E 250 -3.38 -19.74 -11.84
CA ALA E 250 -3.85 -20.38 -10.61
C ALA E 250 -3.79 -21.91 -10.67
N PHE E 251 -2.83 -22.47 -9.94
CA PHE E 251 -2.68 -23.92 -9.85
C PHE E 251 -2.89 -24.41 -8.43
N THR E 252 -2.16 -23.80 -7.49
CA THR E 252 -2.24 -24.23 -6.08
C THR E 252 -3.14 -23.36 -5.23
N LEU E 253 -3.38 -23.83 -4.01
CA LEU E 253 -4.23 -23.10 -3.06
C LEU E 253 -3.60 -21.74 -2.79
N TYR E 254 -2.27 -21.72 -2.75
CA TYR E 254 -1.54 -20.49 -2.47
C TYR E 254 -1.64 -19.51 -3.64
N ASP E 255 -1.68 -20.02 -4.87
CA ASP E 255 -1.81 -19.20 -6.07
C ASP E 255 -3.18 -18.52 -6.05
N VAL E 256 -4.22 -19.28 -5.68
CA VAL E 256 -5.58 -18.73 -5.61
C VAL E 256 -5.64 -17.59 -4.60
N TYR E 257 -5.05 -17.82 -3.42
CA TYR E 257 -5.04 -16.79 -2.37
C TYR E 257 -4.30 -15.55 -2.87
N GLU E 258 -3.19 -15.75 -3.57
CA GLU E 258 -2.45 -14.60 -4.09
C GLU E 258 -3.29 -13.81 -5.09
N ILE E 259 -3.92 -14.52 -6.03
CA ILE E 259 -4.76 -13.85 -7.01
C ILE E 259 -5.90 -13.08 -6.32
N CYS E 260 -6.53 -13.67 -5.30
CA CYS E 260 -7.61 -13.00 -4.57
C CYS E 260 -7.08 -11.77 -3.80
N ARG E 261 -5.95 -11.96 -3.13
CA ARG E 261 -5.30 -10.91 -2.33
C ARG E 261 -4.93 -9.69 -3.17
N GLN E 262 -4.44 -9.92 -4.38
CA GLN E 262 -4.04 -8.83 -5.26
C GLN E 262 -5.16 -8.38 -6.20
N ARG E 263 -6.32 -9.02 -6.11
CA ARG E 263 -7.44 -8.66 -6.99
C ARG E 263 -6.93 -8.77 -8.42
N ALA E 264 -6.13 -9.80 -8.69
CA ALA E 264 -5.53 -10.00 -10.01
C ALA E 264 -6.47 -10.49 -11.12
N ALA E 265 -7.64 -10.99 -10.75
CA ALA E 265 -8.59 -11.49 -11.75
C ALA E 265 -10.03 -11.27 -11.28
N ASP E 266 -10.96 -11.38 -12.23
CA ASP E 266 -12.36 -11.19 -11.93
C ASP E 266 -13.09 -12.51 -11.65
N MSE E 267 -12.42 -13.62 -11.95
CA MSE E 267 -12.93 -14.96 -11.72
C MSE E 267 -11.74 -15.89 -11.87
O MSE E 267 -10.77 -15.57 -12.56
CB MSE E 267 -14.02 -15.35 -12.70
CG MSE E 267 -14.66 -16.68 -12.32
SE MSE E 267 -16.24 -17.08 -13.43
CE MSE E 267 -15.40 -17.52 -15.12
N ILE E 268 -11.79 -17.04 -11.21
CA ILE E 268 -10.69 -17.98 -11.27
C ILE E 268 -11.08 -19.31 -11.90
N CYS E 269 -10.41 -19.65 -12.99
CA CYS E 269 -10.69 -20.87 -13.71
C CYS E 269 -9.63 -21.88 -13.27
N ILE E 270 -10.04 -22.90 -12.55
CA ILE E 270 -9.10 -23.89 -12.03
C ILE E 270 -9.78 -25.25 -11.95
N GLY E 271 -9.01 -26.32 -12.07
CA GLY E 271 -9.56 -27.66 -12.03
C GLY E 271 -8.79 -28.67 -11.19
N PRO E 272 -9.30 -29.90 -11.04
CA PRO E 272 -8.60 -30.90 -10.24
C PRO E 272 -7.14 -31.15 -10.62
N ARG E 273 -6.84 -31.13 -11.91
CA ARG E 273 -5.47 -31.37 -12.38
C ARG E 273 -4.47 -30.39 -11.78
N GLU E 274 -4.86 -29.12 -11.66
CA GLU E 274 -3.95 -28.12 -11.12
C GLU E 274 -3.87 -28.08 -9.60
N ILE E 275 -5.02 -28.14 -8.94
CA ILE E 275 -5.09 -28.06 -7.47
C ILE E 275 -4.81 -29.36 -6.72
N GLY E 276 -4.86 -30.50 -7.40
CA GLY E 276 -4.60 -31.76 -6.71
C GLY E 276 -5.79 -32.61 -6.32
N GLY E 277 -6.93 -32.45 -7.01
CA GLY E 277 -8.08 -33.27 -6.68
C GLY E 277 -9.40 -32.58 -6.40
N ILE E 278 -10.35 -33.39 -5.94
CA ILE E 278 -11.69 -32.96 -5.62
C ILE E 278 -11.74 -32.11 -4.34
N GLN E 279 -11.19 -32.66 -3.26
CA GLN E 279 -11.19 -31.93 -2.00
C GLN E 279 -10.42 -30.61 -2.08
N PRO E 280 -9.25 -30.61 -2.71
CA PRO E 280 -8.50 -29.36 -2.79
C PRO E 280 -9.32 -28.30 -3.52
N MSE E 281 -10.11 -28.72 -4.50
CA MSE E 281 -10.94 -27.80 -5.24
C MSE E 281 -11.92 -27.09 -4.32
O MSE E 281 -12.24 -25.94 -4.53
CB MSE E 281 -11.72 -28.49 -6.36
CG MSE E 281 -10.92 -28.73 -7.63
SE MSE E 281 -10.57 -27.02 -8.51
CE MSE E 281 -12.34 -26.51 -9.15
N MSE E 282 -12.42 -27.82 -3.31
CA MSE E 282 -13.37 -27.23 -2.34
C MSE E 282 -12.69 -26.13 -1.54
O MSE E 282 -13.31 -25.12 -1.20
CB MSE E 282 -13.89 -28.29 -1.35
CG MSE E 282 -14.66 -29.46 -2.00
SE MSE E 282 -16.19 -28.82 -3.05
CE MSE E 282 -15.51 -29.05 -4.85
N LYS E 283 -11.41 -26.34 -1.23
CA LYS E 283 -10.62 -25.38 -0.47
C LYS E 283 -10.32 -24.15 -1.34
N ALA E 284 -10.02 -24.36 -2.62
CA ALA E 284 -9.76 -23.25 -3.52
C ALA E 284 -11.06 -22.44 -3.65
N ALA E 285 -12.19 -23.13 -3.78
CA ALA E 285 -13.47 -22.44 -3.90
C ALA E 285 -13.80 -21.63 -2.66
N ALA E 286 -13.43 -22.15 -1.49
CA ALA E 286 -13.69 -21.45 -0.24
C ALA E 286 -12.91 -20.13 -0.20
N VAL E 287 -11.66 -20.17 -0.62
CA VAL E 287 -10.84 -18.96 -0.61
C VAL E 287 -11.40 -17.93 -1.58
N ALA E 288 -11.80 -18.38 -2.77
CA ALA E 288 -12.37 -17.49 -3.78
C ALA E 288 -13.66 -16.89 -3.23
N GLU E 289 -14.47 -17.71 -2.57
CA GLU E 289 -15.73 -17.24 -2.00
C GLU E 289 -15.50 -16.13 -0.97
N ALA E 290 -14.51 -16.33 -0.11
CA ALA E 290 -14.18 -15.35 0.93
C ALA E 290 -13.75 -14.02 0.30
N ALA E 291 -13.17 -14.10 -0.90
CA ALA E 291 -12.72 -12.92 -1.63
C ALA E 291 -13.81 -12.34 -2.54
N GLY E 292 -14.98 -12.96 -2.52
CA GLY E 292 -16.07 -12.49 -3.36
C GLY E 292 -15.92 -12.83 -4.82
N LEU E 293 -15.24 -13.93 -5.11
CA LEU E 293 -15.02 -14.37 -6.48
C LEU E 293 -15.64 -15.75 -6.69
N LYS E 294 -15.91 -16.08 -7.94
CA LYS E 294 -16.47 -17.37 -8.30
C LYS E 294 -15.43 -18.25 -8.97
N ILE E 295 -15.75 -19.53 -9.09
CA ILE E 295 -14.88 -20.53 -9.70
C ILE E 295 -15.50 -21.05 -10.99
N CYS E 296 -14.66 -21.24 -12.00
CA CYS E 296 -15.08 -21.81 -13.28
C CYS E 296 -14.15 -23.00 -13.37
N ILE E 297 -14.69 -24.19 -13.61
CA ILE E 297 -13.87 -25.37 -13.66
C ILE E 297 -13.04 -25.45 -14.95
N HIS E 298 -11.72 -25.50 -14.78
CA HIS E 298 -10.81 -25.61 -15.91
C HIS E 298 -10.62 -27.10 -16.13
N SER E 299 -10.80 -27.57 -17.36
CA SER E 299 -10.67 -28.99 -17.63
C SER E 299 -9.33 -29.30 -18.26
N SER E 300 -9.15 -30.53 -18.74
CA SER E 300 -7.90 -30.95 -19.35
C SER E 300 -8.14 -31.92 -20.51
N PHE E 301 -7.06 -32.31 -21.18
CA PHE E 301 -7.14 -33.23 -22.31
C PHE E 301 -7.23 -34.63 -21.73
N THR E 302 -8.41 -34.95 -21.18
CA THR E 302 -8.65 -36.24 -20.54
C THR E 302 -9.92 -36.94 -21.04
N THR E 303 -10.46 -37.84 -20.22
CA THR E 303 -11.65 -38.60 -20.59
C THR E 303 -12.88 -38.27 -19.75
N GLY E 304 -13.93 -39.07 -19.93
CA GLY E 304 -15.17 -38.87 -19.21
C GLY E 304 -14.98 -39.02 -17.71
N ILE E 305 -13.92 -39.70 -17.30
CA ILE E 305 -13.66 -39.87 -15.87
C ILE E 305 -13.48 -38.49 -15.25
N THR E 306 -12.61 -37.67 -15.83
CA THR E 306 -12.39 -36.32 -15.32
C THR E 306 -13.69 -35.51 -15.40
N THR E 307 -14.43 -35.69 -16.49
CA THR E 307 -15.71 -34.99 -16.66
C THR E 307 -16.61 -35.24 -15.47
N CYS E 308 -16.69 -36.51 -15.06
CA CYS E 308 -17.52 -36.87 -13.91
C CYS E 308 -16.99 -36.26 -12.62
N ALA E 309 -15.67 -36.20 -12.48
CA ALA E 309 -15.07 -35.65 -11.28
C ALA E 309 -15.40 -34.16 -11.23
N GLU E 310 -15.14 -33.46 -12.32
CA GLU E 310 -15.40 -32.03 -12.39
C GLU E 310 -16.88 -31.71 -12.25
N HIS E 311 -17.73 -32.62 -12.72
CA HIS E 311 -19.17 -32.42 -12.62
C HIS E 311 -19.58 -32.39 -11.14
N HIS E 312 -19.17 -33.41 -10.40
CA HIS E 312 -19.48 -33.49 -8.97
C HIS E 312 -18.84 -32.34 -8.21
N ILE E 313 -17.64 -31.92 -8.62
CA ILE E 313 -16.97 -30.81 -7.97
C ILE E 313 -17.86 -29.58 -8.17
N GLY E 314 -18.33 -29.39 -9.41
CA GLY E 314 -19.18 -28.25 -9.72
C GLY E 314 -20.43 -28.19 -8.87
N LEU E 315 -21.15 -29.31 -8.77
CA LEU E 315 -22.38 -29.36 -7.98
C LEU E 315 -22.19 -28.92 -6.53
N ALA E 316 -21.08 -29.36 -5.92
CA ALA E 316 -20.78 -29.04 -4.52
C ALA E 316 -20.19 -27.66 -4.24
N ILE E 317 -19.93 -26.88 -5.28
CA ILE E 317 -19.37 -25.53 -5.09
C ILE E 317 -20.47 -24.50 -5.19
N PRO E 318 -20.68 -23.72 -4.12
CA PRO E 318 -21.75 -22.72 -4.16
C PRO E 318 -21.46 -21.58 -5.11
N ASN E 319 -20.22 -21.08 -5.09
CA ASN E 319 -19.82 -19.96 -5.94
C ASN E 319 -19.23 -20.45 -7.28
N LEU E 320 -20.09 -21.04 -8.11
CA LEU E 320 -19.65 -21.59 -9.39
C LEU E 320 -20.18 -20.87 -10.63
N ASP E 321 -19.35 -20.88 -11.66
CA ASP E 321 -19.68 -20.29 -12.95
C ASP E 321 -20.69 -21.23 -13.64
N ASP E 322 -21.25 -20.82 -14.76
CA ASP E 322 -22.19 -21.68 -15.48
C ASP E 322 -21.70 -21.91 -16.90
N GLY E 323 -20.39 -21.71 -17.09
CA GLY E 323 -19.78 -21.90 -18.40
C GLY E 323 -18.51 -22.71 -18.24
N ASN E 324 -18.59 -23.70 -17.35
CA ASN E 324 -17.47 -24.57 -17.05
C ASN E 324 -16.95 -25.34 -18.25
N GLN E 325 -15.66 -25.66 -18.21
CA GLN E 325 -15.03 -26.38 -19.31
C GLN E 325 -15.42 -27.85 -19.27
N ILE E 326 -15.28 -28.49 -20.42
CA ILE E 326 -15.63 -29.90 -20.59
C ILE E 326 -14.88 -30.34 -21.84
N MSE E 327 -14.27 -31.52 -21.78
CA MSE E 327 -13.46 -32.00 -22.91
C MSE E 327 -13.64 -33.42 -23.41
O MSE E 327 -13.04 -33.79 -24.43
CB MSE E 327 -11.98 -31.84 -22.56
CG MSE E 327 -11.62 -30.46 -22.03
SE MSE E 327 -11.48 -29.27 -23.56
CE MSE E 327 -9.67 -29.59 -24.22
N TRP E 328 -14.42 -34.24 -22.72
CA TRP E 328 -14.62 -35.64 -23.13
C TRP E 328 -15.06 -35.79 -24.59
N GLN E 329 -15.81 -34.82 -25.09
CA GLN E 329 -16.32 -34.84 -26.45
C GLN E 329 -15.29 -34.83 -27.58
N LEU E 330 -14.03 -34.54 -27.25
CA LEU E 330 -12.99 -34.50 -28.27
C LEU E 330 -12.45 -35.90 -28.56
N VAL E 331 -12.68 -36.83 -27.63
CA VAL E 331 -12.23 -38.20 -27.77
C VAL E 331 -13.13 -38.95 -28.77
N GLN E 332 -12.50 -39.70 -29.68
CA GLN E 332 -13.23 -40.46 -30.69
C GLN E 332 -14.14 -41.49 -30.04
N GLU E 333 -13.61 -42.20 -29.04
CA GLU E 333 -14.37 -43.21 -28.33
C GLU E 333 -14.08 -43.09 -26.84
N ASP E 334 -14.85 -42.25 -26.15
CA ASP E 334 -14.63 -42.04 -24.72
C ASP E 334 -14.78 -43.35 -23.96
N ILE E 335 -14.07 -43.47 -22.85
CA ILE E 335 -14.10 -44.69 -22.03
C ILE E 335 -15.24 -44.79 -21.01
N VAL E 336 -16.11 -43.79 -20.96
CA VAL E 336 -17.25 -43.85 -20.05
C VAL E 336 -18.48 -44.31 -20.84
N SER E 337 -19.03 -45.46 -20.48
CA SER E 337 -20.20 -46.00 -21.16
C SER E 337 -21.49 -45.48 -20.57
N SER E 338 -21.41 -45.02 -19.32
CA SER E 338 -22.57 -44.50 -18.62
C SER E 338 -22.08 -43.54 -17.54
N PRO E 339 -22.77 -42.40 -17.37
CA PRO E 339 -23.95 -41.92 -18.11
C PRO E 339 -23.54 -41.16 -19.38
N ASP E 340 -24.52 -40.65 -20.11
CA ASP E 340 -24.24 -39.88 -21.30
C ASP E 340 -23.74 -38.52 -20.83
N LEU E 341 -22.55 -38.13 -21.29
CA LEU E 341 -21.95 -36.87 -20.88
C LEU E 341 -22.23 -35.73 -21.86
N THR E 342 -23.21 -35.92 -22.74
CA THR E 342 -23.56 -34.90 -23.71
C THR E 342 -24.47 -33.85 -23.10
N PRO E 343 -23.97 -32.62 -22.93
CA PRO E 343 -24.80 -31.56 -22.36
C PRO E 343 -25.94 -31.19 -23.30
N LYS E 344 -27.05 -30.72 -22.72
CA LYS E 344 -28.20 -30.30 -23.49
C LYS E 344 -28.40 -28.83 -23.16
N ASN E 345 -28.27 -27.98 -24.18
CA ASN E 345 -28.38 -26.53 -24.01
C ASN E 345 -27.30 -26.04 -23.06
N GLY E 346 -26.18 -26.75 -23.04
CA GLY E 346 -25.08 -26.35 -22.17
C GLY E 346 -25.26 -26.73 -20.71
N TRP E 347 -26.09 -27.73 -20.45
CA TRP E 347 -26.32 -28.19 -19.08
C TRP E 347 -26.24 -29.71 -18.94
N LEU E 348 -25.89 -30.16 -17.74
CA LEU E 348 -25.84 -31.57 -17.40
C LEU E 348 -26.50 -31.69 -16.03
N ASP E 349 -27.69 -32.27 -16.00
CA ASP E 349 -28.42 -32.44 -14.74
C ASP E 349 -27.57 -33.28 -13.81
N ALA E 350 -27.59 -32.96 -12.52
CA ALA E 350 -26.81 -33.66 -11.51
C ALA E 350 -26.84 -35.18 -11.64
N PHE E 351 -25.66 -35.80 -11.67
CA PHE E 351 -25.56 -37.25 -11.74
C PHE E 351 -25.77 -37.74 -10.30
N ARG E 352 -26.58 -38.77 -10.10
CA ARG E 352 -26.86 -39.25 -8.75
C ARG E 352 -26.32 -40.66 -8.42
N LYS E 353 -25.68 -41.32 -9.38
CA LYS E 353 -25.15 -42.66 -9.14
C LYS E 353 -24.05 -42.57 -8.08
N PRO E 354 -23.70 -43.71 -7.44
CA PRO E 354 -22.66 -43.69 -6.41
C PRO E 354 -21.26 -43.28 -6.91
N GLY E 355 -20.48 -42.66 -6.02
CA GLY E 355 -19.14 -42.23 -6.40
C GLY E 355 -19.20 -41.19 -7.50
N LEU E 356 -18.26 -41.25 -8.43
CA LEU E 356 -18.26 -40.30 -9.53
C LEU E 356 -19.38 -40.65 -10.52
N GLY E 357 -20.08 -41.73 -10.22
CA GLY E 357 -21.23 -42.18 -11.00
C GLY E 357 -21.08 -42.70 -12.42
N PHE E 358 -19.90 -43.20 -12.78
CA PHE E 358 -19.70 -43.71 -14.13
C PHE E 358 -19.43 -45.22 -14.24
N GLN E 359 -19.53 -45.70 -15.47
CA GLN E 359 -19.27 -47.10 -15.80
C GLN E 359 -18.26 -47.04 -16.94
N LEU E 360 -17.21 -47.85 -16.88
CA LEU E 360 -16.21 -47.83 -17.93
C LEU E 360 -16.39 -48.93 -18.97
N ALA E 361 -16.20 -48.57 -20.23
CA ALA E 361 -16.29 -49.54 -21.31
C ALA E 361 -14.95 -50.27 -21.28
N GLU E 362 -14.91 -51.37 -20.55
CA GLU E 362 -13.70 -52.18 -20.39
C GLU E 362 -12.98 -52.46 -21.70
N ASP E 363 -13.74 -52.78 -22.75
CA ASP E 363 -13.17 -53.06 -24.05
C ASP E 363 -12.36 -51.88 -24.58
N LEU E 364 -12.93 -50.68 -24.48
CA LEU E 364 -12.27 -49.47 -24.97
C LEU E 364 -11.05 -49.14 -24.12
N VAL E 365 -11.12 -49.43 -22.83
CA VAL E 365 -10.01 -49.16 -21.93
C VAL E 365 -8.86 -50.08 -22.31
N ALA E 366 -9.16 -51.36 -22.46
CA ALA E 366 -8.15 -52.35 -22.82
C ALA E 366 -7.49 -52.03 -24.14
N GLU E 367 -8.25 -51.41 -25.05
CA GLU E 367 -7.70 -51.04 -26.35
C GLU E 367 -6.78 -49.82 -26.21
N GLY E 368 -7.05 -48.98 -25.22
CA GLY E 368 -6.21 -47.82 -24.99
C GLY E 368 -4.88 -48.32 -24.46
N GLU E 369 -4.95 -49.37 -23.65
CA GLU E 369 -3.76 -49.99 -23.10
C GLU E 369 -2.91 -50.56 -24.24
N GLY E 370 -3.55 -51.22 -25.19
CA GLY E 370 -2.83 -51.77 -26.32
C GLY E 370 -2.18 -50.66 -27.12
N ARG E 371 -2.91 -49.57 -27.30
CA ARG E 371 -2.40 -48.43 -28.06
C ARG E 371 -1.14 -47.91 -27.36
N TYR E 372 -1.16 -47.92 -26.02
CA TYR E 372 -0.01 -47.46 -25.24
C TYR E 372 1.16 -48.43 -25.44
N ALA E 373 0.88 -49.72 -25.28
CA ALA E 373 1.91 -50.74 -25.43
C ALA E 373 2.62 -50.62 -26.77
N ALA E 374 1.83 -50.46 -27.83
CA ALA E 374 2.37 -50.32 -29.17
C ALA E 374 3.34 -49.16 -29.29
N SER E 375 3.02 -48.05 -28.61
CA SER E 375 3.88 -46.87 -28.67
C SER E 375 5.18 -47.11 -27.88
N VAL F 4 21.33 48.12 7.01
CA VAL F 4 19.99 48.73 6.83
C VAL F 4 18.95 47.96 7.65
N LYS F 5 18.14 48.70 8.41
CA LYS F 5 17.11 48.10 9.24
C LYS F 5 15.75 48.73 9.02
N ILE F 6 14.70 48.00 9.39
CA ILE F 6 13.32 48.46 9.24
C ILE F 6 13.01 49.48 10.34
N SER F 7 12.58 50.66 9.93
CA SER F 7 12.27 51.72 10.90
C SER F 7 10.81 51.86 11.29
N ASN F 8 9.91 51.53 10.37
CA ASN F 8 8.48 51.65 10.63
C ASN F 8 7.65 50.70 9.80
N VAL F 9 6.46 50.39 10.30
CA VAL F 9 5.51 49.53 9.61
C VAL F 9 4.15 50.17 9.75
N ARG F 10 3.32 50.06 8.72
CA ARG F 10 1.99 50.63 8.78
C ARG F 10 1.00 49.80 7.98
N VAL F 11 -0.20 49.69 8.52
CA VAL F 11 -1.27 48.93 7.87
C VAL F 11 -2.37 49.91 7.46
N ARG F 12 -2.82 49.80 6.21
CA ARG F 12 -3.85 50.69 5.71
C ARG F 12 -5.02 49.89 5.16
N PRO F 13 -6.10 49.75 5.95
CA PRO F 13 -7.27 49.00 5.49
C PRO F 13 -7.98 49.75 4.37
N LEU F 14 -8.32 49.04 3.29
CA LEU F 14 -9.00 49.67 2.16
C LEU F 14 -10.26 48.93 1.75
N VAL F 15 -11.15 49.67 1.11
CA VAL F 15 -12.40 49.12 0.57
C VAL F 15 -12.45 49.70 -0.84
N LEU F 16 -12.43 48.82 -1.84
CA LEU F 16 -12.40 49.26 -3.22
C LEU F 16 -13.55 48.72 -4.07
N PRO F 17 -14.34 49.62 -4.68
CA PRO F 17 -15.48 49.22 -5.51
C PRO F 17 -15.08 48.33 -6.69
N LEU F 18 -16.02 47.53 -7.16
CA LEU F 18 -15.79 46.63 -8.29
C LEU F 18 -16.43 47.19 -9.54
N LYS F 19 -15.97 46.76 -10.71
CA LYS F 19 -16.54 47.25 -11.96
C LYS F 19 -18.00 46.85 -12.05
N GLN F 20 -18.30 45.60 -11.68
CA GLN F 20 -19.67 45.11 -11.71
C GLN F 20 -19.92 44.20 -10.50
N PRO F 21 -21.20 43.92 -10.21
CA PRO F 21 -21.54 43.05 -9.08
C PRO F 21 -20.89 41.68 -9.18
N TYR F 22 -20.37 41.16 -8.08
CA TYR F 22 -19.76 39.83 -8.08
C TYR F 22 -20.73 38.89 -7.41
N HIS F 23 -21.12 37.82 -8.10
CA HIS F 23 -22.06 36.86 -7.54
C HIS F 23 -21.42 35.73 -6.75
N TRP F 24 -21.81 35.61 -5.49
CA TRP F 24 -21.30 34.53 -4.65
C TRP F 24 -22.47 33.82 -3.96
N SER F 25 -22.18 32.72 -3.29
CA SER F 25 -23.19 31.91 -2.61
C SER F 25 -24.14 32.63 -1.66
N TYR F 26 -23.72 33.79 -1.15
CA TYR F 26 -24.58 34.53 -0.22
C TYR F 26 -24.99 35.91 -0.73
N GLY F 27 -25.22 36.01 -2.03
CA GLY F 27 -25.65 37.27 -2.61
C GLY F 27 -24.73 37.88 -3.66
N ILE F 28 -24.46 39.17 -3.50
CA ILE F 28 -23.61 39.89 -4.44
C ILE F 28 -22.63 40.82 -3.72
N ARG F 29 -21.36 40.75 -4.10
CA ARG F 29 -20.35 41.60 -3.51
C ARG F 29 -20.13 42.82 -4.42
N GLU F 30 -20.24 44.01 -3.84
CA GLU F 30 -20.07 45.25 -4.59
C GLU F 30 -18.65 45.80 -4.54
N SER F 31 -17.81 45.24 -3.69
CA SER F 31 -16.43 45.72 -3.58
C SER F 31 -15.51 44.73 -2.88
N PHE F 32 -14.20 44.90 -3.11
CA PHE F 32 -13.20 44.06 -2.46
C PHE F 32 -12.60 44.89 -1.34
N ALA F 33 -11.97 44.21 -0.39
CA ALA F 33 -11.32 44.89 0.74
C ALA F 33 -9.97 44.22 0.94
N VAL F 34 -8.95 45.04 1.17
CA VAL F 34 -7.61 44.53 1.41
C VAL F 34 -6.97 45.36 2.51
N ASN F 35 -5.98 44.77 3.17
CA ASN F 35 -5.24 45.48 4.20
C ASN F 35 -3.82 45.61 3.69
N LEU F 36 -3.42 46.83 3.35
CA LEU F 36 -2.07 47.06 2.86
C LEU F 36 -1.09 47.03 4.02
N ILE F 37 0.12 46.56 3.74
CA ILE F 37 1.17 46.53 4.73
C ILE F 37 2.38 47.22 4.09
N GLU F 38 2.83 48.33 4.70
CA GLU F 38 3.99 49.05 4.19
C GLU F 38 5.11 48.88 5.20
N ILE F 39 6.28 48.49 4.71
CA ILE F 39 7.46 48.28 5.54
C ILE F 39 8.54 49.26 5.10
N GLU F 40 8.86 50.20 5.98
CA GLU F 40 9.85 51.22 5.66
C GLU F 40 11.20 50.95 6.31
N ALA F 41 12.27 51.13 5.52
CA ALA F 41 13.62 50.93 6.01
C ALA F 41 14.11 52.28 6.52
N ASP F 42 15.15 52.30 7.34
CA ASP F 42 15.64 53.57 7.87
C ASP F 42 16.21 54.50 6.82
N ASP F 43 16.43 53.99 5.60
CA ASP F 43 16.96 54.82 4.53
C ASP F 43 15.82 55.43 3.71
N GLY F 44 14.59 55.15 4.13
CA GLY F 44 13.43 55.71 3.44
C GLY F 44 12.75 54.78 2.46
N THR F 45 13.43 53.72 2.01
CA THR F 45 12.85 52.79 1.05
C THR F 45 11.65 52.11 1.69
N VAL F 46 10.58 51.92 0.92
CA VAL F 46 9.37 51.29 1.43
C VAL F 46 8.90 50.09 0.61
N GLY F 47 8.77 48.94 1.29
CA GLY F 47 8.26 47.74 0.64
C GLY F 47 6.76 47.69 0.85
N ILE F 48 6.00 47.26 -0.16
CA ILE F 48 4.56 47.22 -0.02
C ILE F 48 3.92 45.88 -0.39
N GLY F 49 2.96 45.45 0.42
CA GLY F 49 2.26 44.19 0.17
C GLY F 49 0.83 44.32 0.64
N GLU F 50 0.04 43.25 0.50
CA GLU F 50 -1.34 43.30 0.94
C GLU F 50 -1.83 41.93 1.39
N CYS F 51 -2.84 41.95 2.26
CA CYS F 51 -3.45 40.73 2.79
C CYS F 51 -4.95 40.76 2.53
N THR F 52 -5.56 39.57 2.46
CA THR F 52 -6.99 39.43 2.30
C THR F 52 -7.50 39.68 3.71
N VAL F 53 -8.79 39.95 3.88
CA VAL F 53 -9.29 40.32 5.20
C VAL F 53 -10.29 39.44 5.97
N ALA F 54 -10.86 38.41 5.35
CA ALA F 54 -11.82 37.55 6.04
C ALA F 54 -11.20 36.98 7.32
N PRO F 55 -12.02 36.73 8.36
CA PRO F 55 -13.47 36.92 8.45
C PRO F 55 -13.91 38.33 8.85
N ASP F 56 -12.96 39.21 9.13
CA ASP F 56 -13.27 40.58 9.54
C ASP F 56 -12.09 41.50 9.28
N GLN F 57 -12.27 42.47 8.39
CA GLN F 57 -11.17 43.39 8.05
C GLN F 57 -10.53 44.10 9.23
N THR F 58 -11.34 44.62 10.14
CA THR F 58 -10.81 45.33 11.30
C THR F 58 -9.98 44.39 12.16
N GLY F 59 -10.53 43.21 12.42
CA GLY F 59 -9.83 42.23 13.23
C GLY F 59 -8.53 41.74 12.60
N THR F 60 -8.55 41.48 11.30
CA THR F 60 -7.36 41.00 10.63
C THR F 60 -6.37 42.13 10.38
N ALA F 61 -6.86 43.36 10.34
CA ALA F 61 -6.00 44.52 10.17
C ALA F 61 -5.20 44.62 11.48
N ALA F 62 -5.89 44.41 12.59
CA ALA F 62 -5.25 44.46 13.90
C ALA F 62 -4.16 43.38 14.03
N ILE F 63 -4.47 42.18 13.56
CA ILE F 63 -3.48 41.09 13.64
C ILE F 63 -2.26 41.40 12.77
N LEU F 64 -2.50 41.80 11.52
CA LEU F 64 -1.41 42.12 10.59
C LEU F 64 -0.44 43.15 11.17
N TYR F 65 -0.98 44.17 11.85
CA TYR F 65 -0.17 45.23 12.45
C TYR F 65 0.65 44.72 13.63
N ARG F 66 0.04 43.88 14.45
CA ARG F 66 0.73 43.33 15.61
C ARG F 66 1.90 42.46 15.15
N LEU F 67 1.67 41.64 14.13
CA LEU F 67 2.74 40.78 13.62
C LEU F 67 3.84 41.59 12.95
N ALA F 68 3.45 42.59 12.16
CA ALA F 68 4.40 43.42 11.45
C ALA F 68 5.31 44.23 12.38
N LYS F 69 4.77 44.69 13.51
CA LYS F 69 5.57 45.47 14.45
C LYS F 69 6.81 44.75 14.94
N HIS F 70 6.81 43.42 14.88
CA HIS F 70 7.96 42.64 15.33
C HIS F 70 9.15 42.85 14.39
N LEU F 71 8.87 43.35 13.19
CA LEU F 71 9.90 43.57 12.21
C LEU F 71 10.76 44.79 12.49
N VAL F 72 10.18 45.79 13.12
CA VAL F 72 10.91 47.02 13.42
C VAL F 72 12.22 46.73 14.15
N GLY F 73 13.31 47.28 13.61
CA GLY F 73 14.62 47.06 14.20
C GLY F 73 15.41 45.94 13.56
N HIS F 74 14.78 45.20 12.67
CA HIS F 74 15.46 44.08 12.02
C HIS F 74 15.75 44.29 10.54
N SER F 75 16.54 43.39 9.96
CA SER F 75 16.91 43.47 8.56
C SER F 75 15.87 42.91 7.62
N PRO F 76 15.59 43.62 6.53
CA PRO F 76 14.60 43.12 5.58
C PRO F 76 15.10 41.83 4.92
N HIS F 77 16.39 41.56 5.05
CA HIS F 77 16.99 40.37 4.46
C HIS F 77 16.85 39.12 5.33
N ASP F 78 16.24 39.27 6.50
CA ASP F 78 16.04 38.15 7.41
C ASP F 78 14.56 37.77 7.47
N VAL F 79 13.86 38.00 6.36
CA VAL F 79 12.43 37.72 6.29
C VAL F 79 12.01 36.30 6.71
N ALA F 80 12.72 35.28 6.24
CA ALA F 80 12.35 33.91 6.59
C ALA F 80 12.40 33.60 8.09
N PRO F 81 13.56 33.79 8.74
CA PRO F 81 13.59 33.49 10.18
C PRO F 81 12.68 34.42 10.99
N LEU F 82 12.49 35.64 10.52
CA LEU F 82 11.64 36.60 11.22
C LEU F 82 10.19 36.11 11.27
N ILE F 83 9.66 35.72 10.12
CA ILE F 83 8.30 35.21 10.06
C ILE F 83 8.18 33.94 10.90
N ALA F 84 9.18 33.06 10.81
CA ALA F 84 9.14 31.81 11.58
C ALA F 84 9.07 32.09 13.07
N ARG F 85 9.86 33.07 13.52
CA ARG F 85 9.88 33.43 14.93
C ARG F 85 8.56 34.03 15.36
N ILE F 86 8.02 34.95 14.54
CA ILE F 86 6.76 35.61 14.85
C ILE F 86 5.64 34.56 14.92
N PHE F 87 5.65 33.63 13.98
CA PHE F 87 4.65 32.58 13.93
C PHE F 87 4.71 31.76 15.23
N HIS F 88 5.92 31.41 15.65
CA HIS F 88 6.11 30.61 16.86
C HIS F 88 5.70 31.35 18.12
N GLN F 89 6.05 32.63 18.23
CA GLN F 89 5.75 33.43 19.41
C GLN F 89 4.29 33.82 19.55
N GLU F 90 3.69 34.29 18.46
CA GLU F 90 2.32 34.77 18.48
C GLU F 90 1.24 33.72 18.25
N TYR F 91 1.60 32.60 17.63
CA TYR F 91 0.63 31.54 17.35
C TYR F 91 0.92 30.24 18.10
N LEU F 92 1.99 29.56 17.70
CA LEU F 92 2.35 28.27 18.30
C LEU F 92 2.54 28.28 19.81
N GLY F 93 3.13 29.35 20.34
CA GLY F 93 3.36 29.42 21.77
C GLY F 93 2.07 29.50 22.59
N HIS F 94 0.95 29.69 21.91
CA HIS F 94 -0.34 29.80 22.59
C HIS F 94 -1.27 28.63 22.23
N GLY F 95 -0.73 27.66 21.50
CA GLY F 95 -1.50 26.51 21.11
C GLY F 95 -2.36 26.74 19.89
N ALA F 96 -2.14 27.84 19.19
CA ALA F 96 -2.92 28.18 18.01
C ALA F 96 -2.19 27.72 16.76
N ASN F 97 -2.17 26.40 16.52
CA ASN F 97 -1.50 25.84 15.34
C ASN F 97 -2.36 26.04 14.09
N ILE F 98 -2.63 27.30 13.79
CA ILE F 98 -3.46 27.64 12.65
C ILE F 98 -2.59 28.18 11.51
N MSE F 99 -1.87 27.27 10.86
CA MSE F 99 -0.96 27.63 9.76
C MSE F 99 -1.63 28.35 8.59
O MSE F 99 -1.09 29.34 8.08
CB MSE F 99 -0.25 26.40 9.25
CG MSE F 99 0.72 26.68 8.10
SE MSE F 99 1.93 25.20 7.80
CE MSE F 99 3.21 25.47 9.24
N ARG F 100 -2.77 27.87 8.14
CA ARG F 100 -3.46 28.52 7.03
C ARG F 100 -3.84 29.96 7.38
N ALA F 101 -4.31 30.18 8.59
CA ALA F 101 -4.71 31.52 9.03
C ALA F 101 -3.50 32.44 9.10
N ALA F 102 -2.39 31.94 9.64
CA ALA F 102 -1.18 32.76 9.73
C ALA F 102 -0.60 33.08 8.34
N ASN F 103 -0.69 32.13 7.42
CA ASN F 103 -0.19 32.30 6.07
C ASN F 103 -0.89 33.49 5.41
N GLN F 104 -2.18 33.62 5.70
CA GLN F 104 -3.02 34.69 5.16
C GLN F 104 -2.42 36.05 5.48
N ILE F 105 -1.93 36.18 6.70
CA ILE F 105 -1.33 37.43 7.18
C ILE F 105 0.12 37.56 6.71
N PHE F 106 0.92 36.52 6.91
CA PHE F 106 2.32 36.56 6.48
C PHE F 106 2.46 36.75 4.97
N SER F 107 1.41 36.41 4.22
CA SER F 107 1.47 36.58 2.77
C SER F 107 1.84 38.02 2.44
N GLY F 108 1.09 38.97 3.02
CA GLY F 108 1.34 40.37 2.77
C GLY F 108 2.70 40.81 3.26
N ILE F 109 3.07 40.38 4.46
CA ILE F 109 4.36 40.72 5.05
C ILE F 109 5.51 40.27 4.15
N ASP F 110 5.52 38.98 3.79
CA ASP F 110 6.55 38.42 2.93
C ASP F 110 6.59 39.20 1.61
N MSE F 111 5.41 39.49 1.08
CA MSE F 111 5.27 40.24 -0.15
C MSE F 111 6.02 41.58 -0.08
O MSE F 111 6.77 41.94 -0.99
CB MSE F 111 3.79 40.49 -0.39
CG MSE F 111 3.45 40.55 -1.81
SE MSE F 111 1.55 40.79 -1.91
CE MSE F 111 0.85 38.95 -1.94
N ALA F 112 5.80 42.30 1.02
CA ALA F 112 6.43 43.59 1.24
C ALA F 112 7.93 43.49 1.48
N MSE F 113 8.36 42.44 2.18
CA MSE F 113 9.77 42.27 2.47
C MSE F 113 10.60 42.08 1.20
O MSE F 113 11.67 42.66 1.07
CB MSE F 113 9.98 41.08 3.42
CG MSE F 113 9.48 41.35 4.86
SE MSE F 113 10.54 42.62 5.88
CE MSE F 113 11.79 41.42 6.82
N TRP F 114 10.11 41.26 0.27
CA TRP F 114 10.84 41.05 -0.98
C TRP F 114 10.82 42.29 -1.85
N ASP F 115 9.71 43.01 -1.83
CA ASP F 115 9.58 44.26 -2.59
C ASP F 115 10.69 45.18 -2.07
N LEU F 116 10.81 45.27 -0.76
CA LEU F 116 11.83 46.10 -0.13
C LEU F 116 13.24 45.64 -0.53
N GLN F 117 13.49 44.34 -0.47
CA GLN F 117 14.79 43.80 -0.83
C GLN F 117 15.13 44.17 -2.27
N GLY F 118 14.18 44.02 -3.17
CA GLY F 118 14.41 44.33 -4.57
C GLY F 118 14.69 45.81 -4.78
N LYS F 119 13.91 46.65 -4.11
CA LYS F 119 14.10 48.10 -4.23
C LYS F 119 15.48 48.50 -3.71
N LEU F 120 15.88 47.93 -2.59
CA LEU F 120 17.20 48.25 -2.02
C LEU F 120 18.32 47.79 -2.96
N ALA F 121 18.11 46.66 -3.64
CA ALA F 121 19.10 46.11 -4.56
C ALA F 121 18.92 46.61 -6.00
N GLY F 122 17.79 47.25 -6.29
CA GLY F 122 17.56 47.72 -7.65
C GLY F 122 17.32 46.58 -8.63
N LEU F 123 16.70 45.51 -8.16
CA LEU F 123 16.43 44.34 -8.99
C LEU F 123 14.99 43.88 -8.82
N PRO F 124 14.37 43.35 -9.88
CA PRO F 124 12.99 42.89 -9.75
C PRO F 124 13.03 41.59 -8.92
N VAL F 125 11.99 41.34 -8.14
CA VAL F 125 11.94 40.15 -7.27
C VAL F 125 12.31 38.81 -7.91
N HIS F 126 11.89 38.54 -9.14
CA HIS F 126 12.25 37.26 -9.73
C HIS F 126 13.76 37.06 -9.92
N GLN F 127 14.51 38.16 -9.99
CA GLN F 127 15.96 38.05 -10.16
C GLN F 127 16.65 37.91 -8.81
N LEU F 128 15.84 37.88 -7.76
CA LEU F 128 16.36 37.69 -6.40
C LEU F 128 16.06 36.23 -6.06
N LEU F 129 15.25 35.61 -6.91
CA LEU F 129 14.83 34.23 -6.73
C LEU F 129 15.46 33.25 -7.72
N GLY F 130 16.51 33.67 -8.42
CA GLY F 130 17.16 32.77 -9.37
C GLY F 130 17.02 33.13 -10.83
N GLY F 131 16.09 34.04 -11.15
CA GLY F 131 15.90 34.44 -12.53
C GLY F 131 14.58 33.94 -13.14
N ALA F 132 14.16 34.57 -14.23
CA ALA F 132 12.91 34.20 -14.89
C ALA F 132 13.09 32.99 -15.82
N HIS F 133 12.17 32.05 -15.73
CA HIS F 133 12.22 30.85 -16.56
C HIS F 133 11.36 30.98 -17.82
N ARG F 134 10.89 32.19 -18.09
CA ARG F 134 10.06 32.47 -19.25
C ARG F 134 10.06 33.97 -19.50
N LYS F 135 9.80 34.39 -20.74
CA LYS F 135 9.78 35.80 -21.07
C LYS F 135 8.47 36.47 -20.66
N ALA F 136 7.44 35.65 -20.49
CA ALA F 136 6.13 36.16 -20.09
C ALA F 136 5.36 35.11 -19.30
N VAL F 137 4.49 35.58 -18.41
CA VAL F 137 3.64 34.69 -17.61
C VAL F 137 2.29 34.60 -18.34
N GLY F 138 1.78 33.38 -18.50
CA GLY F 138 0.50 33.20 -19.16
C GLY F 138 -0.66 33.21 -18.18
N TYR F 139 -1.76 33.84 -18.58
CA TYR F 139 -2.94 33.96 -17.73
C TYR F 139 -4.23 33.49 -18.39
N PHE F 140 -5.22 33.16 -17.56
CA PHE F 140 -6.51 32.72 -18.06
C PHE F 140 -7.42 33.92 -18.35
N TYR F 141 -8.65 33.63 -18.76
CA TYR F 141 -9.65 34.66 -19.00
C TYR F 141 -10.78 34.29 -18.04
N PHE F 142 -10.94 35.09 -16.99
CA PHE F 142 -11.93 34.86 -15.95
C PHE F 142 -13.32 35.25 -16.45
N LEU F 143 -14.07 34.27 -16.97
CA LEU F 143 -15.41 34.53 -17.48
C LEU F 143 -16.36 34.98 -16.37
N GLN F 144 -17.35 35.79 -16.74
CA GLN F 144 -18.33 36.31 -15.81
C GLN F 144 -19.72 36.28 -16.44
N GLY F 145 -20.75 36.09 -15.61
CA GLY F 145 -22.11 36.02 -16.09
C GLY F 145 -22.90 34.96 -15.34
N GLU F 146 -24.21 35.17 -15.22
CA GLU F 146 -25.08 34.24 -14.51
C GLU F 146 -25.92 33.34 -15.40
N THR F 147 -25.98 33.66 -16.69
CA THR F 147 -26.75 32.85 -17.63
C THR F 147 -25.88 32.44 -18.81
N ALA F 148 -26.37 31.50 -19.60
CA ALA F 148 -25.63 31.03 -20.76
C ALA F 148 -25.40 32.16 -21.76
N GLU F 149 -26.40 33.03 -21.93
CA GLU F 149 -26.31 34.14 -22.86
C GLU F 149 -25.19 35.09 -22.45
N GLU F 150 -25.17 35.45 -21.16
CA GLU F 150 -24.14 36.34 -20.65
C GLU F 150 -22.74 35.74 -20.81
N LEU F 151 -22.58 34.50 -20.36
CA LEU F 151 -21.28 33.83 -20.45
C LEU F 151 -20.84 33.65 -21.91
N ALA F 152 -21.78 33.41 -22.80
CA ALA F 152 -21.45 33.23 -24.22
C ALA F 152 -20.97 34.55 -24.80
N ARG F 153 -21.57 35.65 -24.34
CA ARG F 153 -21.20 36.97 -24.82
C ARG F 153 -19.79 37.32 -24.35
N ASP F 154 -19.53 37.16 -23.06
CA ASP F 154 -18.23 37.44 -22.46
C ASP F 154 -17.17 36.56 -23.12
N ALA F 155 -17.53 35.32 -23.43
CA ALA F 155 -16.61 34.39 -24.08
C ALA F 155 -16.26 34.93 -25.46
N ALA F 156 -17.28 35.38 -26.19
CA ALA F 156 -17.09 35.93 -27.53
C ALA F 156 -16.11 37.11 -27.48
N VAL F 157 -16.25 37.93 -26.44
CA VAL F 157 -15.39 39.08 -26.22
C VAL F 157 -13.95 38.61 -26.01
N GLY F 158 -13.78 37.62 -25.14
CA GLY F 158 -12.46 37.09 -24.86
C GLY F 158 -11.81 36.47 -26.08
N HIS F 159 -12.58 35.68 -26.82
CA HIS F 159 -12.04 35.04 -28.01
C HIS F 159 -11.66 36.11 -29.04
N ALA F 160 -12.45 37.17 -29.11
CA ALA F 160 -12.19 38.25 -30.05
C ALA F 160 -10.84 38.89 -29.76
N GLN F 161 -10.51 39.05 -28.49
CA GLN F 161 -9.24 39.68 -28.13
C GLN F 161 -8.06 38.72 -28.01
N GLY F 162 -8.24 37.50 -28.49
CA GLY F 162 -7.16 36.52 -28.47
C GLY F 162 -6.85 35.79 -27.18
N GLU F 163 -7.81 35.65 -26.28
CA GLU F 163 -7.56 34.93 -25.03
C GLU F 163 -7.24 33.50 -25.43
N ARG F 164 -6.42 32.82 -24.63
CA ARG F 164 -6.01 31.45 -24.93
C ARG F 164 -6.58 30.38 -24.00
N VAL F 165 -6.86 30.75 -22.76
CA VAL F 165 -7.37 29.81 -21.77
C VAL F 165 -8.59 30.38 -21.06
N PHE F 166 -9.75 29.83 -21.36
CA PHE F 166 -11.00 30.31 -20.77
C PHE F 166 -11.31 29.58 -19.47
N TYR F 167 -11.73 30.34 -18.47
CA TYR F 167 -12.05 29.80 -17.15
C TYR F 167 -13.53 30.02 -16.84
N LEU F 168 -14.25 28.92 -16.64
CA LEU F 168 -15.69 28.93 -16.38
C LEU F 168 -16.08 28.21 -15.09
N LYS F 169 -16.85 28.86 -14.24
CA LYS F 169 -17.25 28.21 -12.99
C LYS F 169 -18.51 27.37 -13.22
N VAL F 170 -18.49 26.13 -12.73
CA VAL F 170 -19.65 25.25 -12.85
C VAL F 170 -20.15 24.91 -11.45
N GLY F 171 -20.88 23.82 -11.30
CA GLY F 171 -21.41 23.47 -10.00
C GLY F 171 -22.71 24.23 -9.76
N ARG F 172 -23.39 24.60 -10.85
CA ARG F 172 -24.63 25.34 -10.75
C ARG F 172 -25.83 24.43 -11.04
N GLY F 173 -25.62 23.12 -10.94
CA GLY F 173 -26.67 22.18 -11.24
C GLY F 173 -26.39 21.63 -12.63
N GLU F 174 -26.72 20.37 -12.84
CA GLU F 174 -26.46 19.69 -14.11
C GLU F 174 -26.99 20.39 -15.37
N LYS F 175 -28.27 20.73 -15.37
CA LYS F 175 -28.87 21.38 -16.52
C LYS F 175 -28.19 22.69 -16.90
N LEU F 176 -28.00 23.57 -15.92
CA LEU F 176 -27.35 24.85 -16.19
C LEU F 176 -25.86 24.68 -16.54
N ASP F 177 -25.16 23.80 -15.83
CA ASP F 177 -23.75 23.57 -16.10
C ASP F 177 -23.50 23.15 -17.54
N LEU F 178 -24.29 22.19 -18.04
CA LEU F 178 -24.13 21.72 -19.41
C LEU F 178 -24.52 22.80 -20.42
N GLU F 179 -25.53 23.59 -20.09
CA GLU F 179 -25.98 24.65 -20.98
C GLU F 179 -24.95 25.78 -21.08
N ILE F 180 -24.31 26.15 -19.97
CA ILE F 180 -23.33 27.22 -20.03
C ILE F 180 -22.03 26.73 -20.66
N THR F 181 -21.66 25.47 -20.41
CA THR F 181 -20.43 24.93 -21.00
C THR F 181 -20.60 24.81 -22.51
N ALA F 182 -21.81 24.42 -22.93
CA ALA F 182 -22.09 24.27 -24.34
C ALA F 182 -22.03 25.63 -25.03
N ALA F 183 -22.64 26.64 -24.42
CA ALA F 183 -22.66 27.98 -24.99
C ALA F 183 -21.27 28.61 -25.07
N VAL F 184 -20.47 28.43 -24.02
CA VAL F 184 -19.13 29.00 -24.01
C VAL F 184 -18.26 28.32 -25.07
N ARG F 185 -18.33 27.00 -25.12
CA ARG F 185 -17.56 26.24 -26.10
C ARG F 185 -17.91 26.71 -27.51
N GLY F 186 -19.18 27.06 -27.71
CA GLY F 186 -19.64 27.50 -29.01
C GLY F 186 -19.09 28.85 -29.46
N GLU F 187 -18.51 29.60 -28.54
CA GLU F 187 -17.96 30.93 -28.86
C GLU F 187 -16.45 30.99 -28.91
N ILE F 188 -15.77 29.91 -28.51
CA ILE F 188 -14.31 29.91 -28.48
C ILE F 188 -13.63 28.93 -29.42
N GLY F 189 -14.36 28.40 -30.40
CA GLY F 189 -13.75 27.46 -31.32
C GLY F 189 -13.10 26.29 -30.60
N ASP F 190 -11.84 26.03 -30.90
CA ASP F 190 -11.11 24.94 -30.28
C ASP F 190 -10.21 25.43 -29.14
N ALA F 191 -10.49 26.61 -28.62
CA ALA F 191 -9.67 27.16 -27.54
C ALA F 191 -9.78 26.31 -26.28
N ARG F 192 -8.75 26.37 -25.45
CA ARG F 192 -8.72 25.62 -24.19
C ARG F 192 -9.78 26.11 -23.22
N LEU F 193 -10.47 25.16 -22.58
CA LEU F 193 -11.53 25.50 -21.64
C LEU F 193 -11.33 24.76 -20.32
N ARG F 194 -11.27 25.53 -19.22
CA ARG F 194 -11.10 24.97 -17.89
C ARG F 194 -12.35 25.25 -17.06
N LEU F 195 -12.76 24.28 -16.25
CA LEU F 195 -13.95 24.43 -15.42
C LEU F 195 -13.64 24.38 -13.94
N ASP F 196 -14.19 25.34 -13.19
CA ASP F 196 -13.97 25.40 -11.74
C ASP F 196 -15.24 24.90 -11.04
N ALA F 197 -15.14 23.74 -10.42
CA ALA F 197 -16.28 23.16 -9.71
C ALA F 197 -16.44 23.78 -8.33
N ASN F 198 -15.41 24.46 -7.86
CA ASN F 198 -15.47 25.18 -6.59
C ASN F 198 -15.95 24.34 -5.39
N GLU F 199 -15.38 23.15 -5.23
CA GLU F 199 -15.74 22.26 -4.12
C GLU F 199 -17.23 21.94 -4.09
N GLY F 200 -17.93 22.20 -5.19
CA GLY F 200 -19.37 21.99 -5.22
C GLY F 200 -19.99 20.63 -5.48
N TRP F 201 -19.20 19.60 -5.75
CA TRP F 201 -19.80 18.29 -6.01
C TRP F 201 -19.42 17.21 -5.03
N SER F 202 -20.37 16.30 -4.80
CA SER F 202 -20.15 15.14 -3.94
C SER F 202 -19.36 14.19 -4.84
N VAL F 203 -18.79 13.15 -4.26
CA VAL F 203 -18.00 12.20 -5.04
C VAL F 203 -18.75 11.62 -6.25
N HIS F 204 -19.97 11.12 -6.05
CA HIS F 204 -20.67 10.51 -7.18
C HIS F 204 -21.19 11.53 -8.20
N ASP F 205 -21.55 12.72 -7.76
CA ASP F 205 -22.01 13.75 -8.68
C ASP F 205 -20.82 14.23 -9.54
N ALA F 206 -19.64 14.30 -8.92
CA ALA F 206 -18.43 14.75 -9.60
C ALA F 206 -18.09 13.77 -10.71
N ILE F 207 -18.22 12.48 -10.42
CA ILE F 207 -17.94 11.45 -11.40
C ILE F 207 -18.92 11.57 -12.58
N ASN F 208 -20.21 11.71 -12.28
CA ASN F 208 -21.20 11.84 -13.36
C ASN F 208 -21.08 13.14 -14.16
N MSE F 209 -20.86 14.26 -13.47
CA MSE F 209 -20.73 15.52 -14.18
C MSE F 209 -19.53 15.50 -15.11
O MSE F 209 -19.62 16.01 -16.23
CB MSE F 209 -20.64 16.70 -13.21
CG MSE F 209 -21.97 17.02 -12.50
SE MSE F 209 -23.37 17.40 -13.82
CE MSE F 209 -22.64 18.99 -14.69
N CYS F 210 -18.41 14.93 -14.66
CA CYS F 210 -17.22 14.87 -15.51
C CYS F 210 -17.55 14.08 -16.76
N ARG F 211 -18.30 13.00 -16.60
CA ARG F 211 -18.70 12.17 -17.72
C ARG F 211 -19.54 12.96 -18.74
N LYS F 212 -20.47 13.77 -18.23
CA LYS F 212 -21.35 14.53 -19.10
C LYS F 212 -20.72 15.76 -19.71
N LEU F 213 -19.63 16.22 -19.10
CA LEU F 213 -18.94 17.40 -19.59
C LEU F 213 -17.83 17.10 -20.59
N GLU F 214 -17.39 15.85 -20.64
CA GLU F 214 -16.31 15.44 -21.54
C GLU F 214 -16.49 15.89 -23.00
N LYS F 215 -17.70 15.75 -23.52
CA LYS F 215 -17.99 16.09 -24.91
C LYS F 215 -17.59 17.52 -25.28
N TYR F 216 -17.43 18.38 -24.27
CA TYR F 216 -17.08 19.77 -24.54
C TYR F 216 -15.58 20.07 -24.57
N ASP F 217 -14.77 19.02 -24.56
CA ASP F 217 -13.31 19.15 -24.60
C ASP F 217 -12.81 20.08 -23.48
N ILE F 218 -12.71 19.52 -22.27
CA ILE F 218 -12.29 20.28 -21.10
C ILE F 218 -10.82 19.98 -20.75
N GLU F 219 -10.00 21.03 -20.64
CA GLU F 219 -8.58 20.84 -20.30
C GLU F 219 -8.47 20.22 -18.91
N PHE F 220 -9.27 20.72 -17.97
CA PHE F 220 -9.34 20.17 -16.61
C PHE F 220 -10.44 20.77 -15.77
N ILE F 221 -10.79 20.09 -14.67
CA ILE F 221 -11.80 20.62 -13.77
C ILE F 221 -11.06 20.84 -12.46
N GLU F 222 -11.26 22.01 -11.89
CA GLU F 222 -10.62 22.43 -10.67
C GLU F 222 -11.47 22.14 -9.44
N GLN F 223 -10.81 21.56 -8.44
CA GLN F 223 -11.41 21.22 -7.14
C GLN F 223 -12.87 20.80 -7.17
N PRO F 224 -13.16 19.62 -7.73
CA PRO F 224 -14.57 19.18 -7.78
C PRO F 224 -15.16 18.86 -6.41
N THR F 225 -14.34 18.32 -5.51
CA THR F 225 -14.80 17.92 -4.19
C THR F 225 -14.46 18.85 -3.03
N VAL F 226 -15.12 18.63 -1.90
CA VAL F 226 -14.89 19.44 -0.70
C VAL F 226 -13.39 19.38 -0.41
N SER F 227 -12.78 20.56 -0.30
CA SER F 227 -11.35 20.70 -0.09
C SER F 227 -10.68 20.06 1.12
N TRP F 228 -11.44 19.72 2.16
CA TRP F 228 -10.82 19.15 3.35
C TRP F 228 -10.36 17.70 3.21
N SER F 229 -10.83 17.01 2.18
CA SER F 229 -10.44 15.61 1.98
C SER F 229 -9.58 15.37 0.75
N ILE F 230 -8.28 15.19 0.98
CA ILE F 230 -7.36 14.90 -0.10
C ILE F 230 -7.74 13.54 -0.69
N PRO F 231 -8.06 12.54 0.16
CA PRO F 231 -8.46 11.21 -0.33
C PRO F 231 -9.67 11.24 -1.26
N ALA F 232 -10.66 12.06 -0.91
CA ALA F 232 -11.86 12.16 -1.73
C ALA F 232 -11.51 12.68 -3.13
N MSE F 233 -10.59 13.63 -3.20
CA MSE F 233 -10.16 14.18 -4.47
C MSE F 233 -9.43 13.13 -5.31
O MSE F 233 -9.69 12.99 -6.52
CB MSE F 233 -9.26 15.39 -4.25
CG MSE F 233 -8.93 16.09 -5.54
SE MSE F 233 -8.04 17.81 -5.26
CE MSE F 233 -6.57 17.27 -4.05
N ALA F 234 -8.52 12.37 -4.71
CA ALA F 234 -7.81 11.34 -5.44
C ALA F 234 -8.82 10.32 -5.96
N HIS F 235 -9.79 9.99 -5.11
CA HIS F 235 -10.88 9.06 -5.42
C HIS F 235 -11.58 9.48 -6.73
N VAL F 236 -11.95 10.76 -6.82
CA VAL F 236 -12.61 11.24 -8.03
C VAL F 236 -11.63 11.28 -9.22
N ARG F 237 -10.41 11.75 -8.99
CA ARG F 237 -9.44 11.83 -10.09
C ARG F 237 -9.19 10.51 -10.78
N GLU F 238 -8.99 9.46 -9.98
CA GLU F 238 -8.72 8.14 -10.50
C GLU F 238 -9.90 7.56 -11.30
N LYS F 239 -11.09 8.08 -11.06
CA LYS F 239 -12.26 7.57 -11.77
C LYS F 239 -12.61 8.33 -13.06
N VAL F 240 -12.51 9.65 -13.04
CA VAL F 240 -12.88 10.44 -14.22
C VAL F 240 -11.83 10.59 -15.32
N GLY F 241 -12.30 10.86 -16.54
CA GLY F 241 -11.42 11.00 -17.69
C GLY F 241 -10.81 12.37 -17.85
N ILE F 242 -11.43 13.38 -17.24
CA ILE F 242 -10.95 14.75 -17.29
C ILE F 242 -9.93 14.96 -16.18
N PRO F 243 -8.80 15.60 -16.48
CA PRO F 243 -7.80 15.83 -15.42
C PRO F 243 -8.41 16.66 -14.30
N ILE F 244 -7.93 16.44 -13.07
CA ILE F 244 -8.42 17.17 -11.90
C ILE F 244 -7.29 18.00 -11.29
N VAL F 245 -7.59 19.27 -11.02
CA VAL F 245 -6.62 20.18 -10.44
C VAL F 245 -7.02 20.57 -9.04
N ALA F 246 -6.09 20.42 -8.10
CA ALA F 246 -6.34 20.77 -6.71
C ALA F 246 -6.21 22.27 -6.55
N ASP F 247 -7.12 22.85 -5.78
CA ASP F 247 -7.11 24.26 -5.53
C ASP F 247 -7.19 24.47 -4.02
N GLN F 248 -8.42 24.61 -3.52
CA GLN F 248 -8.66 24.83 -2.10
C GLN F 248 -8.06 23.73 -1.19
N ALA F 249 -7.82 22.54 -1.73
CA ALA F 249 -7.27 21.45 -0.94
C ALA F 249 -5.81 21.73 -0.59
N ALA F 250 -5.18 22.64 -1.34
CA ALA F 250 -3.77 22.96 -1.15
C ALA F 250 -3.51 24.38 -0.66
N PHE F 251 -3.21 24.51 0.63
CA PHE F 251 -2.90 25.81 1.23
C PHE F 251 -1.47 25.85 1.74
N THR F 252 -1.08 24.84 2.50
CA THR F 252 0.25 24.81 3.08
C THR F 252 1.24 23.91 2.35
N LEU F 253 2.51 24.03 2.74
CA LEU F 253 3.57 23.24 2.16
C LEU F 253 3.25 21.75 2.34
N TYR F 254 2.70 21.43 3.51
CA TYR F 254 2.36 20.06 3.84
C TYR F 254 1.17 19.58 3.03
N ASP F 255 0.18 20.45 2.79
CA ASP F 255 -0.97 20.06 1.98
C ASP F 255 -0.42 19.67 0.59
N VAL F 256 0.47 20.50 0.06
CA VAL F 256 1.07 20.24 -1.24
C VAL F 256 1.77 18.87 -1.26
N TYR F 257 2.55 18.59 -0.23
CA TYR F 257 3.26 17.32 -0.14
C TYR F 257 2.28 16.13 -0.08
N GLU F 258 1.17 16.30 0.64
CA GLU F 258 0.18 15.22 0.74
C GLU F 258 -0.48 14.95 -0.59
N ILE F 259 -0.87 16.01 -1.30
CA ILE F 259 -1.49 15.84 -2.61
C ILE F 259 -0.50 15.13 -3.53
N CYS F 260 0.77 15.53 -3.49
CA CYS F 260 1.81 14.91 -4.31
C CYS F 260 1.98 13.42 -3.96
N ARG F 261 2.23 13.18 -2.69
CA ARG F 261 2.44 11.85 -2.12
C ARG F 261 1.31 10.88 -2.49
N GLN F 262 0.08 11.39 -2.44
CA GLN F 262 -1.08 10.58 -2.76
C GLN F 262 -1.51 10.66 -4.22
N ARG F 263 -0.76 11.41 -5.03
CA ARG F 263 -1.10 11.60 -6.45
C ARG F 263 -2.59 11.98 -6.53
N ALA F 264 -3.01 12.90 -5.67
CA ALA F 264 -4.40 13.32 -5.60
C ALA F 264 -4.85 14.32 -6.65
N ALA F 265 -3.92 14.90 -7.39
CA ALA F 265 -4.25 15.87 -8.41
C ALA F 265 -3.28 15.81 -9.59
N ASP F 266 -3.72 16.32 -10.73
CA ASP F 266 -2.89 16.32 -11.93
C ASP F 266 -2.04 17.58 -12.05
N MSE F 267 -2.40 18.59 -11.27
CA MSE F 267 -1.67 19.84 -11.21
C MSE F 267 -2.15 20.55 -9.95
O MSE F 267 -3.24 20.27 -9.46
CB MSE F 267 -1.96 20.71 -12.44
CG MSE F 267 -1.12 21.98 -12.43
SE MSE F 267 -1.23 23.01 -14.08
CE MSE F 267 -2.97 23.82 -13.90
N ILE F 268 -1.34 21.45 -9.41
CA ILE F 268 -1.71 22.13 -8.18
C ILE F 268 -1.87 23.64 -8.37
N CYS F 269 -3.05 24.14 -8.00
CA CYS F 269 -3.33 25.58 -8.14
C CYS F 269 -3.21 26.18 -6.74
N ILE F 270 -2.18 26.99 -6.55
CA ILE F 270 -1.93 27.58 -5.25
C ILE F 270 -1.32 28.98 -5.41
N GLY F 271 -1.61 29.86 -4.46
CA GLY F 271 -1.11 31.22 -4.50
C GLY F 271 -0.52 31.70 -3.18
N PRO F 272 0.11 32.88 -3.16
CA PRO F 272 0.71 33.42 -1.94
C PRO F 272 -0.20 33.54 -0.71
N ARG F 273 -1.47 33.89 -0.93
CA ARG F 273 -2.43 34.05 0.16
C ARG F 273 -2.60 32.78 0.95
N GLU F 274 -2.52 31.63 0.27
CA GLU F 274 -2.70 30.33 0.91
C GLU F 274 -1.44 29.79 1.57
N ILE F 275 -0.30 29.92 0.89
CA ILE F 275 0.93 29.36 1.43
C ILE F 275 1.77 30.31 2.27
N GLY F 276 1.41 31.59 2.29
CA GLY F 276 2.14 32.52 3.12
C GLY F 276 3.20 33.40 2.46
N GLY F 277 3.04 33.68 1.18
CA GLY F 277 4.00 34.55 0.52
C GLY F 277 4.67 34.08 -0.75
N ILE F 278 5.70 34.83 -1.11
CA ILE F 278 6.50 34.59 -2.30
C ILE F 278 7.50 33.46 -2.10
N GLN F 279 8.27 33.55 -1.03
CA GLN F 279 9.26 32.51 -0.75
C GLN F 279 8.62 31.13 -0.54
N PRO F 280 7.52 31.06 0.23
CA PRO F 280 6.88 29.76 0.44
C PRO F 280 6.36 29.14 -0.86
N MSE F 281 5.98 29.98 -1.83
CA MSE F 281 5.51 29.48 -3.13
C MSE F 281 6.67 28.77 -3.83
O MSE F 281 6.45 27.77 -4.51
CB MSE F 281 5.03 30.63 -4.02
CG MSE F 281 3.61 31.09 -3.74
SE MSE F 281 2.37 29.69 -4.24
CE MSE F 281 2.48 29.77 -6.19
N MSE F 282 7.89 29.29 -3.68
CA MSE F 282 9.06 28.66 -4.29
C MSE F 282 9.22 27.25 -3.70
O MSE F 282 9.54 26.29 -4.41
CB MSE F 282 10.33 29.47 -4.00
CG MSE F 282 10.34 30.87 -4.59
SE MSE F 282 9.95 30.86 -6.50
CE MSE F 282 8.14 31.56 -6.52
N LYS F 283 9.00 27.13 -2.40
CA LYS F 283 9.10 25.84 -1.73
C LYS F 283 8.01 24.89 -2.22
N ALA F 284 6.78 25.39 -2.32
CA ALA F 284 5.67 24.55 -2.82
C ALA F 284 5.97 24.08 -4.24
N ALA F 285 6.52 24.98 -5.05
CA ALA F 285 6.84 24.63 -6.43
C ALA F 285 7.91 23.53 -6.49
N ALA F 286 8.87 23.58 -5.57
CA ALA F 286 9.93 22.58 -5.53
C ALA F 286 9.35 21.22 -5.20
N VAL F 287 8.43 21.18 -4.23
CA VAL F 287 7.82 19.91 -3.86
C VAL F 287 7.06 19.34 -5.07
N ALA F 288 6.25 20.19 -5.72
CA ALA F 288 5.49 19.79 -6.89
C ALA F 288 6.44 19.28 -7.98
N GLU F 289 7.51 20.03 -8.20
CA GLU F 289 8.49 19.65 -9.21
C GLU F 289 9.07 18.26 -8.95
N ALA F 290 9.50 17.99 -7.72
CA ALA F 290 10.07 16.70 -7.37
C ALA F 290 9.06 15.55 -7.61
N ALA F 291 7.78 15.88 -7.53
CA ALA F 291 6.71 14.89 -7.72
C ALA F 291 6.28 14.81 -9.19
N GLY F 292 6.92 15.60 -10.04
CA GLY F 292 6.59 15.61 -11.46
C GLY F 292 5.32 16.37 -11.77
N LEU F 293 4.98 17.35 -10.94
CA LEU F 293 3.78 18.16 -11.15
C LEU F 293 4.11 19.65 -11.32
N LYS F 294 3.19 20.36 -11.97
CA LYS F 294 3.33 21.79 -12.19
C LYS F 294 2.43 22.59 -11.27
N ILE F 295 2.73 23.89 -11.20
CA ILE F 295 1.99 24.83 -10.38
C ILE F 295 1.25 25.83 -11.28
N CYS F 296 0.03 26.16 -10.87
CA CYS F 296 -0.78 27.18 -11.55
C CYS F 296 -1.04 28.15 -10.41
N ILE F 297 -0.84 29.44 -10.65
CA ILE F 297 -1.05 30.39 -9.56
C ILE F 297 -2.51 30.72 -9.31
N HIS F 298 -2.94 30.47 -8.07
CA HIS F 298 -4.30 30.76 -7.65
C HIS F 298 -4.28 32.19 -7.10
N SER F 299 -5.19 33.02 -7.58
CA SER F 299 -5.23 34.41 -7.12
C SER F 299 -6.26 34.60 -6.01
N SER F 300 -6.63 35.85 -5.76
CA SER F 300 -7.58 36.18 -4.72
C SER F 300 -8.29 37.49 -5.05
N PHE F 301 -9.33 37.81 -4.29
CA PHE F 301 -10.08 39.04 -4.50
C PHE F 301 -9.23 40.16 -3.91
N THR F 302 -8.19 40.55 -4.63
CA THR F 302 -7.28 41.60 -4.16
C THR F 302 -6.99 42.64 -5.25
N THR F 303 -5.85 43.32 -5.16
CA THR F 303 -5.52 44.37 -6.12
C THR F 303 -4.33 44.05 -7.02
N GLY F 304 -3.87 45.08 -7.73
CA GLY F 304 -2.73 44.94 -8.62
C GLY F 304 -1.46 44.61 -7.85
N ILE F 305 -1.43 44.94 -6.56
CA ILE F 305 -0.28 44.63 -5.73
C ILE F 305 -0.04 43.12 -5.76
N THR F 306 -1.09 42.35 -5.50
CA THR F 306 -0.98 40.89 -5.53
C THR F 306 -0.67 40.38 -6.94
N THR F 307 -1.24 41.04 -7.95
CA THR F 307 -0.98 40.63 -9.34
C THR F 307 0.52 40.67 -9.60
N CYS F 308 1.17 41.75 -9.17
CA CYS F 308 2.61 41.91 -9.37
C CYS F 308 3.37 40.84 -8.60
N ALA F 309 2.94 40.56 -7.38
CA ALA F 309 3.60 39.55 -6.57
C ALA F 309 3.47 38.20 -7.25
N GLU F 310 2.26 37.86 -7.68
CA GLU F 310 2.02 36.59 -8.34
C GLU F 310 2.75 36.52 -9.69
N HIS F 311 3.01 37.68 -10.29
CA HIS F 311 3.73 37.73 -11.57
C HIS F 311 5.17 37.32 -11.39
N HIS F 312 5.86 37.90 -10.41
CA HIS F 312 7.26 37.56 -10.16
C HIS F 312 7.40 36.12 -9.68
N ILE F 313 6.43 35.66 -8.91
CA ILE F 313 6.45 34.29 -8.43
C ILE F 313 6.40 33.38 -9.65
N GLY F 314 5.49 33.70 -10.56
CA GLY F 314 5.34 32.91 -11.78
C GLY F 314 6.60 32.83 -12.62
N LEU F 315 7.26 33.97 -12.82
CA LEU F 315 8.50 34.02 -13.61
C LEU F 315 9.61 33.15 -13.01
N ALA F 316 9.70 33.17 -11.68
CA ALA F 316 10.74 32.43 -10.97
C ALA F 316 10.49 30.94 -10.81
N ILE F 317 9.29 30.47 -11.16
CA ILE F 317 8.98 29.05 -11.06
C ILE F 317 9.21 28.31 -12.38
N PRO F 318 10.08 27.30 -12.39
CA PRO F 318 10.35 26.56 -13.62
C PRO F 318 9.16 25.72 -14.08
N ASN F 319 8.54 24.99 -13.16
CA ASN F 319 7.39 24.14 -13.49
C ASN F 319 6.06 24.89 -13.36
N LEU F 320 5.85 25.85 -14.26
CA LEU F 320 4.63 26.66 -14.20
C LEU F 320 3.65 26.48 -15.36
N ASP F 321 2.37 26.64 -15.04
CA ASP F 321 1.28 26.54 -15.99
C ASP F 321 1.29 27.84 -16.81
N ASP F 322 0.46 27.92 -17.85
CA ASP F 322 0.40 29.12 -18.67
C ASP F 322 -1.02 29.70 -18.72
N GLY F 323 -1.80 29.36 -17.70
CA GLY F 323 -3.17 29.84 -17.62
C GLY F 323 -3.42 30.26 -16.19
N ASN F 324 -2.43 30.94 -15.61
CA ASN F 324 -2.51 31.42 -14.24
C ASN F 324 -3.65 32.41 -14.01
N GLN F 325 -4.13 32.44 -12.77
CA GLN F 325 -5.23 33.32 -12.41
C GLN F 325 -4.77 34.77 -12.23
N ILE F 326 -5.67 35.69 -12.56
CA ILE F 326 -5.40 37.12 -12.46
C ILE F 326 -6.76 37.73 -12.10
N MSE F 327 -6.77 38.70 -11.18
CA MSE F 327 -8.02 39.29 -10.72
C MSE F 327 -8.12 40.82 -10.59
O MSE F 327 -9.19 41.34 -10.29
CB MSE F 327 -8.36 38.70 -9.35
CG MSE F 327 -8.34 37.18 -9.31
SE MSE F 327 -9.96 36.49 -10.11
CE MSE F 327 -11.25 36.75 -8.65
N TRP F 328 -7.02 41.53 -10.80
CA TRP F 328 -7.05 42.98 -10.66
C TRP F 328 -8.06 43.65 -11.60
N GLN F 329 -8.32 43.04 -12.75
CA GLN F 329 -9.24 43.63 -13.73
C GLN F 329 -10.69 43.74 -13.26
N LEU F 330 -10.99 43.18 -12.09
CA LEU F 330 -12.34 43.23 -11.54
C LEU F 330 -12.59 44.51 -10.74
N VAL F 331 -11.51 45.19 -10.34
CA VAL F 331 -11.62 46.42 -9.57
C VAL F 331 -11.97 47.60 -10.47
N GLN F 332 -12.82 48.49 -9.99
CA GLN F 332 -13.24 49.66 -10.76
C GLN F 332 -12.04 50.54 -11.08
N GLU F 333 -11.26 50.86 -10.05
CA GLU F 333 -10.06 51.67 -10.18
C GLU F 333 -8.93 51.02 -9.39
N ASP F 334 -8.20 50.11 -10.03
CA ASP F 334 -7.11 49.44 -9.34
C ASP F 334 -6.09 50.47 -8.84
N ILE F 335 -5.50 50.21 -7.67
CA ILE F 335 -4.54 51.12 -7.06
C ILE F 335 -3.13 51.13 -7.63
N VAL F 336 -2.84 50.26 -8.59
CA VAL F 336 -1.52 50.24 -9.19
C VAL F 336 -1.49 51.17 -10.40
N SER F 337 -0.74 52.26 -10.30
CA SER F 337 -0.65 53.23 -11.40
C SER F 337 0.29 52.75 -12.51
N SER F 338 1.24 51.88 -12.17
CA SER F 338 2.15 51.31 -13.17
C SER F 338 2.78 50.03 -12.61
N PRO F 339 3.09 49.07 -13.49
CA PRO F 339 2.91 49.10 -14.95
C PRO F 339 1.49 48.71 -15.33
N ASP F 340 1.27 48.59 -16.64
CA ASP F 340 -0.03 48.18 -17.17
C ASP F 340 -0.15 46.67 -16.91
N LEU F 341 -1.14 46.29 -16.11
CA LEU F 341 -1.33 44.88 -15.76
C LEU F 341 -2.28 44.15 -16.71
N THR F 342 -2.61 44.77 -17.84
CA THR F 342 -3.52 44.17 -18.81
C THR F 342 -2.82 43.17 -19.72
N PRO F 343 -3.19 41.88 -19.65
CA PRO F 343 -2.53 40.91 -20.52
C PRO F 343 -2.88 41.11 -22.00
N LYS F 344 -1.98 40.67 -22.87
CA LYS F 344 -2.17 40.76 -24.32
C LYS F 344 -2.13 39.32 -24.81
N ASN F 345 -3.27 38.83 -25.30
CA ASN F 345 -3.38 37.45 -25.78
C ASN F 345 -3.03 36.49 -24.65
N GLY F 346 -3.48 36.83 -23.44
CA GLY F 346 -3.22 36.00 -22.28
C GLY F 346 -1.79 36.00 -21.75
N TRP F 347 -1.01 37.02 -22.08
CA TRP F 347 0.38 37.11 -21.62
C TRP F 347 0.74 38.47 -21.02
N LEU F 348 1.68 38.45 -20.08
CA LEU F 348 2.20 39.69 -19.51
C LEU F 348 3.72 39.54 -19.57
N ASP F 349 4.36 40.27 -20.47
CA ASP F 349 5.81 40.20 -20.56
C ASP F 349 6.41 40.58 -19.21
N ALA F 350 7.48 39.88 -18.83
CA ALA F 350 8.15 40.09 -17.55
C ALA F 350 8.38 41.53 -17.09
N PHE F 351 7.88 41.85 -15.90
CA PHE F 351 8.06 43.18 -15.32
C PHE F 351 9.51 43.21 -14.84
N ARG F 352 10.21 44.33 -15.07
CA ARG F 352 11.61 44.41 -14.69
C ARG F 352 11.98 45.54 -13.71
N LYS F 353 11.02 46.36 -13.29
CA LYS F 353 11.34 47.44 -12.36
C LYS F 353 11.72 46.81 -11.01
N PRO F 354 12.45 47.55 -10.15
CA PRO F 354 12.88 47.07 -8.83
C PRO F 354 11.77 46.52 -7.93
N GLY F 355 12.14 45.56 -7.08
CA GLY F 355 11.16 44.96 -6.19
C GLY F 355 10.04 44.29 -6.94
N LEU F 356 8.80 44.53 -6.52
CA LEU F 356 7.65 43.93 -7.19
C LEU F 356 7.37 44.69 -8.49
N GLY F 357 8.03 45.83 -8.64
CA GLY F 357 7.89 46.61 -9.86
C GLY F 357 6.71 47.54 -10.05
N PHE F 358 6.04 47.92 -8.97
CA PHE F 358 4.90 48.81 -9.14
C PHE F 358 4.97 50.16 -8.44
N GLN F 359 4.08 51.05 -8.85
CA GLN F 359 3.93 52.38 -8.27
C GLN F 359 2.45 52.48 -7.96
N LEU F 360 2.12 52.99 -6.79
CA LEU F 360 0.72 53.12 -6.40
C LEU F 360 0.16 54.51 -6.67
N ALA F 361 -1.15 54.58 -6.91
CA ALA F 361 -1.83 55.84 -7.12
C ALA F 361 -2.33 56.25 -5.73
N GLU F 362 -1.48 56.97 -5.00
CA GLU F 362 -1.78 57.40 -3.65
C GLU F 362 -3.17 58.01 -3.47
N ASP F 363 -3.69 58.65 -4.50
CA ASP F 363 -5.01 59.26 -4.41
C ASP F 363 -6.08 58.17 -4.31
N LEU F 364 -5.92 57.11 -5.10
CA LEU F 364 -6.87 56.01 -5.10
C LEU F 364 -6.77 55.21 -3.81
N VAL F 365 -5.58 55.15 -3.23
CA VAL F 365 -5.38 54.45 -1.97
C VAL F 365 -6.05 55.24 -0.85
N ALA F 366 -5.79 56.55 -0.82
CA ALA F 366 -6.38 57.44 0.18
C ALA F 366 -7.90 57.33 0.10
N GLU F 367 -8.43 57.22 -1.12
CA GLU F 367 -9.87 57.07 -1.30
C GLU F 367 -10.33 55.74 -0.68
N GLY F 368 -9.56 54.69 -0.92
CA GLY F 368 -9.89 53.38 -0.37
C GLY F 368 -9.97 53.41 1.14
N GLU F 369 -9.05 54.15 1.76
CA GLU F 369 -9.02 54.27 3.21
C GLU F 369 -10.28 55.00 3.68
N GLY F 370 -10.75 55.92 2.85
CA GLY F 370 -11.94 56.69 3.19
C GLY F 370 -13.18 55.83 3.24
N ARG F 371 -13.31 54.92 2.28
CA ARG F 371 -14.47 54.03 2.24
C ARG F 371 -14.44 53.09 3.44
N TYR F 372 -13.25 52.69 3.86
CA TYR F 372 -13.13 51.80 5.00
C TYR F 372 -13.59 52.57 6.23
N ALA F 373 -13.04 53.78 6.40
CA ALA F 373 -13.41 54.62 7.53
C ALA F 373 -14.91 54.85 7.54
N ALA F 374 -15.50 55.01 6.35
CA ALA F 374 -16.92 55.24 6.23
C ALA F 374 -17.72 54.04 6.75
N SER F 375 -17.23 52.84 6.47
CA SER F 375 -17.92 51.63 6.92
C SER F 375 -17.70 51.44 8.42
N VAL G 4 -33.36 -41.79 1.95
CA VAL G 4 -33.62 -41.38 3.36
C VAL G 4 -33.96 -39.89 3.44
N LYS G 5 -34.95 -39.55 4.25
CA LYS G 5 -35.37 -38.17 4.40
C LYS G 5 -35.48 -37.77 5.87
N ILE G 6 -35.46 -36.47 6.11
CA ILE G 6 -35.60 -35.94 7.46
C ILE G 6 -37.10 -35.90 7.77
N SER G 7 -37.51 -36.63 8.79
CA SER G 7 -38.92 -36.72 9.17
C SER G 7 -39.37 -35.79 10.29
N ASN G 8 -38.50 -35.51 11.25
CA ASN G 8 -38.87 -34.64 12.36
C ASN G 8 -37.70 -33.83 12.89
N VAL G 9 -38.02 -32.72 13.54
CA VAL G 9 -37.01 -31.88 14.17
C VAL G 9 -37.60 -31.45 15.50
N ARG G 10 -36.73 -31.34 16.50
CA ARG G 10 -37.18 -30.91 17.81
C ARG G 10 -36.07 -30.15 18.53
N VAL G 11 -36.47 -29.12 19.27
CA VAL G 11 -35.56 -28.28 20.01
C VAL G 11 -35.85 -28.49 21.49
N ARG G 12 -34.81 -28.70 22.26
CA ARG G 12 -34.96 -28.94 23.69
C ARG G 12 -34.12 -27.97 24.51
N PRO G 13 -34.75 -26.91 25.04
CA PRO G 13 -34.03 -25.92 25.84
C PRO G 13 -33.63 -26.51 27.19
N LEU G 14 -32.37 -26.33 27.57
CA LEU G 14 -31.86 -26.86 28.84
C LEU G 14 -31.14 -25.81 29.67
N VAL G 15 -31.11 -26.04 30.98
CA VAL G 15 -30.41 -25.17 31.91
C VAL G 15 -29.60 -26.16 32.75
N LEU G 16 -28.28 -26.07 32.64
CA LEU G 16 -27.38 -26.98 33.34
C LEU G 16 -26.47 -26.28 34.34
N PRO G 17 -26.55 -26.67 35.61
CA PRO G 17 -25.71 -26.06 36.66
C PRO G 17 -24.21 -26.31 36.50
N LEU G 18 -23.42 -25.34 36.92
CA LEU G 18 -21.96 -25.45 36.85
C LEU G 18 -21.42 -25.99 38.17
N LYS G 19 -20.18 -26.47 38.14
CA LYS G 19 -19.53 -27.00 39.33
C LYS G 19 -19.34 -25.87 40.35
N GLN G 20 -18.90 -24.72 39.88
CA GLN G 20 -18.69 -23.56 40.75
C GLN G 20 -19.05 -22.29 40.01
N PRO G 21 -19.40 -21.22 40.74
CA PRO G 21 -19.75 -19.95 40.10
C PRO G 21 -18.74 -19.47 39.07
N TYR G 22 -19.23 -18.98 37.94
CA TYR G 22 -18.40 -18.47 36.85
C TYR G 22 -18.46 -16.95 36.92
N HIS G 23 -17.32 -16.31 37.17
CA HIS G 23 -17.27 -14.86 37.27
C HIS G 23 -17.20 -14.15 35.94
N TRP G 24 -18.21 -13.34 35.65
CA TRP G 24 -18.21 -12.59 34.40
C TRP G 24 -18.36 -11.10 34.67
N SER G 25 -18.37 -10.32 33.59
CA SER G 25 -18.47 -8.87 33.68
C SER G 25 -19.55 -8.32 34.59
N TYR G 26 -20.63 -9.06 34.80
CA TYR G 26 -21.72 -8.58 35.64
C TYR G 26 -22.00 -9.37 36.91
N GLY G 27 -21.09 -10.26 37.27
CA GLY G 27 -21.29 -11.05 38.48
C GLY G 27 -20.90 -12.50 38.35
N ILE G 28 -21.74 -13.39 38.90
CA ILE G 28 -21.49 -14.82 38.85
C ILE G 28 -22.60 -15.57 38.16
N ARG G 29 -22.22 -16.47 37.27
CA ARG G 29 -23.17 -17.29 36.52
C ARG G 29 -23.10 -18.66 37.18
N GLU G 30 -24.25 -19.18 37.59
CA GLU G 30 -24.30 -20.47 38.27
C GLU G 30 -24.70 -21.65 37.38
N SER G 31 -24.89 -21.40 36.10
CA SER G 31 -25.25 -22.45 35.17
C SER G 31 -25.18 -22.00 33.71
N PHE G 32 -25.09 -22.95 32.80
CA PHE G 32 -25.06 -22.65 31.38
C PHE G 32 -26.44 -23.03 30.84
N ALA G 33 -26.76 -22.54 29.64
CA ALA G 33 -28.03 -22.85 29.01
C ALA G 33 -27.80 -23.10 27.53
N VAL G 34 -28.30 -24.21 27.02
CA VAL G 34 -28.15 -24.53 25.60
C VAL G 34 -29.47 -24.94 25.01
N ASN G 35 -29.55 -24.92 23.69
CA ASN G 35 -30.76 -25.35 23.01
C ASN G 35 -30.39 -26.52 22.13
N LEU G 36 -30.85 -27.71 22.52
CA LEU G 36 -30.56 -28.89 21.73
C LEU G 36 -31.41 -28.92 20.47
N ILE G 37 -30.82 -29.45 19.40
CA ILE G 37 -31.53 -29.59 18.14
C ILE G 37 -31.33 -31.04 17.71
N GLU G 38 -32.44 -31.76 17.54
CA GLU G 38 -32.38 -33.16 17.15
C GLU G 38 -33.03 -33.31 15.78
N ILE G 39 -32.30 -33.92 14.84
CA ILE G 39 -32.80 -34.13 13.50
C ILE G 39 -32.97 -35.63 13.26
N GLU G 40 -34.22 -36.06 13.10
CA GLU G 40 -34.53 -37.47 12.89
C GLU G 40 -34.88 -37.84 11.44
N ALA G 41 -34.24 -38.89 10.94
CA ALA G 41 -34.51 -39.37 9.58
C ALA G 41 -35.69 -40.35 9.65
N ASP G 42 -36.32 -40.62 8.50
CA ASP G 42 -37.46 -41.52 8.47
C ASP G 42 -37.10 -42.97 8.74
N ASP G 43 -35.81 -43.25 8.89
CA ASP G 43 -35.36 -44.61 9.16
C ASP G 43 -35.18 -44.74 10.67
N GLY G 44 -35.34 -43.63 11.37
CA GLY G 44 -35.21 -43.63 12.81
C GLY G 44 -33.92 -43.01 13.35
N THR G 45 -32.92 -42.85 12.50
CA THR G 45 -31.65 -42.28 12.94
C THR G 45 -31.82 -40.82 13.36
N VAL G 46 -31.17 -40.46 14.46
CA VAL G 46 -31.27 -39.10 14.98
C VAL G 46 -29.90 -38.43 15.15
N GLY G 47 -29.77 -37.24 14.58
CA GLY G 47 -28.53 -36.50 14.71
C GLY G 47 -28.76 -35.42 15.76
N ILE G 48 -27.78 -35.19 16.62
CA ILE G 48 -27.94 -34.20 17.68
C ILE G 48 -26.88 -33.11 17.66
N GLY G 49 -27.32 -31.90 17.97
CA GLY G 49 -26.43 -30.75 18.02
C GLY G 49 -26.95 -29.81 19.09
N GLU G 50 -26.33 -28.65 19.25
CA GLU G 50 -26.79 -27.69 20.25
C GLU G 50 -26.35 -26.27 19.90
N CYS G 51 -27.10 -25.30 20.37
CA CYS G 51 -26.80 -23.89 20.14
C CYS G 51 -26.69 -23.10 21.44
N THR G 52 -25.88 -22.04 21.41
CA THR G 52 -25.75 -21.17 22.57
C THR G 52 -27.07 -20.38 22.53
N VAL G 53 -27.42 -19.71 23.62
CA VAL G 53 -28.71 -19.01 23.69
C VAL G 53 -28.85 -17.49 23.76
N ALA G 54 -27.76 -16.76 23.96
CA ALA G 54 -27.83 -15.30 24.04
C ALA G 54 -28.55 -14.76 22.80
N PRO G 55 -29.29 -13.65 22.95
CA PRO G 55 -29.54 -12.83 24.14
C PRO G 55 -30.74 -13.28 24.98
N ASP G 56 -31.41 -14.35 24.54
CA ASP G 56 -32.58 -14.86 25.25
C ASP G 56 -32.86 -16.29 24.81
N GLN G 57 -32.71 -17.23 25.74
CA GLN G 57 -32.92 -18.63 25.42
C GLN G 57 -34.26 -18.96 24.77
N THR G 58 -35.35 -18.42 25.30
CA THR G 58 -36.67 -18.69 24.74
C THR G 58 -36.75 -18.14 23.32
N GLY G 59 -36.32 -16.90 23.14
CA GLY G 59 -36.35 -16.31 21.81
C GLY G 59 -35.50 -17.09 20.82
N THR G 60 -34.27 -17.40 21.19
CA THR G 60 -33.40 -18.15 20.29
C THR G 60 -33.84 -19.60 20.09
N ALA G 61 -34.65 -20.11 21.01
CA ALA G 61 -35.14 -21.49 20.88
C ALA G 61 -36.19 -21.47 19.78
N ALA G 62 -36.99 -20.41 19.75
CA ALA G 62 -38.03 -20.26 18.75
C ALA G 62 -37.39 -20.10 17.37
N ILE G 63 -36.31 -19.32 17.29
CA ILE G 63 -35.64 -19.10 16.02
C ILE G 63 -35.08 -20.41 15.48
N LEU G 64 -34.34 -21.13 16.34
CA LEU G 64 -33.75 -22.40 15.96
C LEU G 64 -34.80 -23.40 15.44
N TYR G 65 -35.93 -23.50 16.12
CA TYR G 65 -36.97 -24.43 15.70
C TYR G 65 -37.53 -24.04 14.33
N ARG G 66 -37.74 -22.74 14.14
CA ARG G 66 -38.27 -22.25 12.87
C ARG G 66 -37.35 -22.59 11.69
N LEU G 67 -36.06 -22.39 11.88
CA LEU G 67 -35.11 -22.68 10.81
C LEU G 67 -35.00 -24.19 10.59
N ALA G 68 -34.99 -24.96 11.67
CA ALA G 68 -34.88 -26.41 11.58
C ALA G 68 -36.05 -27.08 10.86
N LYS G 69 -37.26 -26.54 11.03
CA LYS G 69 -38.44 -27.12 10.39
C LYS G 69 -38.33 -27.15 8.86
N HIS G 70 -37.55 -26.24 8.30
CA HIS G 70 -37.36 -26.18 6.85
C HIS G 70 -36.68 -27.45 6.34
N LEU G 71 -35.99 -28.15 7.25
CA LEU G 71 -35.26 -29.36 6.91
C LEU G 71 -36.15 -30.58 6.65
N VAL G 72 -37.29 -30.64 7.34
CA VAL G 72 -38.20 -31.76 7.20
C VAL G 72 -38.57 -32.02 5.74
N GLY G 73 -38.35 -33.25 5.29
CA GLY G 73 -38.67 -33.61 3.92
C GLY G 73 -37.48 -33.61 2.96
N HIS G 74 -36.30 -33.20 3.45
CA HIS G 74 -35.12 -33.16 2.61
C HIS G 74 -34.05 -34.15 3.07
N SER G 75 -32.99 -34.27 2.28
CA SER G 75 -31.90 -35.18 2.61
C SER G 75 -30.86 -34.61 3.55
N PRO G 76 -30.40 -35.41 4.53
CA PRO G 76 -29.40 -34.92 5.47
C PRO G 76 -28.04 -34.71 4.79
N HIS G 77 -27.95 -35.10 3.52
CA HIS G 77 -26.72 -34.96 2.74
C HIS G 77 -26.66 -33.67 1.95
N ASP G 78 -27.71 -32.87 2.03
CA ASP G 78 -27.76 -31.58 1.34
C ASP G 78 -27.69 -30.42 2.34
N VAL G 79 -27.04 -30.66 3.46
CA VAL G 79 -26.91 -29.66 4.51
C VAL G 79 -26.42 -28.27 4.06
N ALA G 80 -25.37 -28.21 3.25
CA ALA G 80 -24.85 -26.92 2.81
C ALA G 80 -25.86 -26.07 2.02
N PRO G 81 -26.42 -26.62 0.93
CA PRO G 81 -27.39 -25.79 0.18
C PRO G 81 -28.68 -25.52 0.97
N LEU G 82 -29.07 -26.45 1.83
CA LEU G 82 -30.26 -26.27 2.64
C LEU G 82 -30.06 -25.08 3.57
N ILE G 83 -28.91 -25.03 4.23
CA ILE G 83 -28.64 -23.93 5.14
C ILE G 83 -28.57 -22.61 4.36
N ALA G 84 -27.94 -22.65 3.19
CA ALA G 84 -27.83 -21.46 2.36
C ALA G 84 -29.24 -20.94 2.02
N ARG G 85 -30.12 -21.84 1.61
CA ARG G 85 -31.48 -21.47 1.25
C ARG G 85 -32.22 -20.87 2.44
N ILE G 86 -32.18 -21.56 3.57
CA ILE G 86 -32.84 -21.09 4.77
C ILE G 86 -32.32 -19.70 5.16
N PHE G 87 -31.01 -19.51 5.10
CA PHE G 87 -30.39 -18.24 5.45
C PHE G 87 -30.91 -17.14 4.52
N HIS G 88 -30.95 -17.43 3.23
CA HIS G 88 -31.41 -16.45 2.25
C HIS G 88 -32.90 -16.15 2.40
N GLN G 89 -33.69 -17.16 2.75
CA GLN G 89 -35.14 -16.99 2.88
C GLN G 89 -35.62 -16.33 4.17
N GLU G 90 -35.08 -16.76 5.30
CA GLU G 90 -35.50 -16.24 6.58
C GLU G 90 -34.73 -15.00 7.06
N TYR G 91 -33.58 -14.75 6.48
CA TYR G 91 -32.75 -13.61 6.87
C TYR G 91 -32.55 -12.55 5.78
N LEU G 92 -31.79 -12.92 4.76
CA LEU G 92 -31.45 -12.01 3.68
C LEU G 92 -32.66 -11.45 2.92
N GLY G 93 -33.65 -12.29 2.66
CA GLY G 93 -34.83 -11.84 1.96
C GLY G 93 -35.57 -10.74 2.71
N HIS G 94 -35.25 -10.57 3.99
CA HIS G 94 -35.89 -9.55 4.81
C HIS G 94 -34.95 -8.38 5.14
N GLY G 95 -33.75 -8.38 4.55
CA GLY G 95 -32.82 -7.31 4.81
C GLY G 95 -31.99 -7.48 6.07
N ALA G 96 -32.14 -8.62 6.74
CA ALA G 96 -31.38 -8.86 7.95
C ALA G 96 -30.09 -9.61 7.63
N ASN G 97 -29.09 -8.88 7.15
CA ASN G 97 -27.79 -9.48 6.81
C ASN G 97 -26.97 -9.68 8.09
N ILE G 98 -27.54 -10.44 9.01
CA ILE G 98 -26.86 -10.68 10.27
C ILE G 98 -26.21 -12.06 10.29
N MSE G 99 -25.14 -12.18 9.49
CA MSE G 99 -24.42 -13.44 9.37
C MSE G 99 -23.98 -14.07 10.69
O MSE G 99 -24.21 -15.26 10.92
CB MSE G 99 -23.20 -13.26 8.47
CG MSE G 99 -22.46 -14.57 8.21
SE MSE G 99 -21.26 -14.47 6.72
CE MSE G 99 -22.43 -14.82 5.19
N ARG G 100 -23.32 -13.28 11.54
CA ARG G 100 -22.86 -13.82 12.82
C ARG G 100 -23.99 -14.42 13.64
N ALA G 101 -25.11 -13.70 13.71
CA ALA G 101 -26.28 -14.16 14.45
C ALA G 101 -26.85 -15.43 13.83
N ALA G 102 -26.84 -15.52 12.50
CA ALA G 102 -27.36 -16.70 11.82
C ALA G 102 -26.44 -17.88 12.09
N ASN G 103 -25.14 -17.62 12.11
CA ASN G 103 -24.14 -18.65 12.36
C ASN G 103 -24.35 -19.32 13.71
N GLN G 104 -24.78 -18.53 14.70
CA GLN G 104 -25.05 -19.02 16.04
C GLN G 104 -26.09 -20.14 16.01
N ILE G 105 -27.09 -19.99 15.14
CA ILE G 105 -28.16 -20.97 15.03
C ILE G 105 -27.81 -22.13 14.11
N PHE G 106 -27.34 -21.83 12.90
CA PHE G 106 -26.96 -22.88 11.97
C PHE G 106 -25.83 -23.77 12.49
N SER G 107 -25.07 -23.27 13.47
CA SER G 107 -23.98 -24.05 14.06
C SER G 107 -24.55 -25.35 14.63
N GLY G 108 -25.62 -25.24 15.39
CA GLY G 108 -26.21 -26.43 15.98
C GLY G 108 -26.81 -27.34 14.93
N ILE G 109 -27.48 -26.74 13.94
CA ILE G 109 -28.10 -27.49 12.86
C ILE G 109 -27.03 -28.23 12.06
N ASP G 110 -25.97 -27.55 11.64
CA ASP G 110 -24.90 -28.19 10.88
C ASP G 110 -24.35 -29.35 11.73
N MSE G 111 -24.19 -29.12 13.02
CA MSE G 111 -23.71 -30.14 13.94
C MSE G 111 -24.53 -31.41 13.82
O MSE G 111 -24.01 -32.47 13.53
CB MSE G 111 -23.81 -29.65 15.37
CG MSE G 111 -22.55 -29.14 15.95
SE MSE G 111 -22.83 -29.03 17.87
CE MSE G 111 -22.30 -30.87 18.40
N ALA G 112 -25.83 -31.27 14.05
CA ALA G 112 -26.76 -32.39 14.00
C ALA G 112 -26.79 -33.08 12.64
N MSE G 113 -26.72 -32.29 11.57
CA MSE G 113 -26.75 -32.85 10.24
C MSE G 113 -25.56 -33.74 9.93
O MSE G 113 -25.71 -34.77 9.28
CB MSE G 113 -26.83 -31.72 9.21
CG MSE G 113 -28.16 -30.96 9.27
SE MSE G 113 -29.65 -31.95 8.48
CE MSE G 113 -29.23 -31.73 6.59
N TRP G 114 -24.36 -33.36 10.38
CA TRP G 114 -23.19 -34.20 10.14
C TRP G 114 -23.19 -35.39 11.09
N ASP G 115 -23.71 -35.18 12.29
CA ASP G 115 -23.80 -36.28 13.26
C ASP G 115 -24.75 -37.31 12.63
N LEU G 116 -25.82 -36.80 12.02
CA LEU G 116 -26.80 -37.65 11.36
C LEU G 116 -26.18 -38.38 10.18
N GLN G 117 -25.39 -37.69 9.36
CA GLN G 117 -24.75 -38.31 8.21
C GLN G 117 -23.78 -39.41 8.65
N GLY G 118 -23.06 -39.14 9.73
CA GLY G 118 -22.10 -40.11 10.23
C GLY G 118 -22.77 -41.36 10.77
N LYS G 119 -23.85 -41.19 11.52
CA LYS G 119 -24.58 -42.31 12.09
C LYS G 119 -25.18 -43.16 10.97
N LEU G 120 -25.67 -42.50 9.92
CA LEU G 120 -26.25 -43.19 8.78
C LEU G 120 -25.19 -43.98 8.01
N ALA G 121 -23.99 -43.42 7.89
CA ALA G 121 -22.92 -44.09 7.16
C ALA G 121 -22.07 -45.01 8.03
N GLY G 122 -22.20 -44.88 9.34
CA GLY G 122 -21.42 -45.68 10.25
C GLY G 122 -19.97 -45.22 10.29
N LEU G 123 -19.75 -43.90 10.28
CA LEU G 123 -18.40 -43.34 10.29
C LEU G 123 -18.33 -42.11 11.20
N PRO G 124 -17.15 -41.86 11.79
CA PRO G 124 -17.06 -40.67 12.65
C PRO G 124 -17.01 -39.49 11.69
N VAL G 125 -17.54 -38.35 12.10
CA VAL G 125 -17.56 -37.17 11.23
C VAL G 125 -16.24 -36.79 10.54
N HIS G 126 -15.11 -36.93 11.22
CA HIS G 126 -13.84 -36.55 10.61
C HIS G 126 -13.50 -37.38 9.37
N GLN G 127 -14.06 -38.58 9.28
CA GLN G 127 -13.79 -39.42 8.10
C GLN G 127 -14.79 -39.15 6.99
N LEU G 128 -15.60 -38.12 7.20
CA LEU G 128 -16.57 -37.69 6.19
C LEU G 128 -16.00 -36.37 5.68
N LEU G 129 -15.00 -35.86 6.41
CA LEU G 129 -14.35 -34.60 6.09
C LEU G 129 -12.96 -34.77 5.48
N GLY G 130 -12.57 -36.02 5.22
CA GLY G 130 -11.26 -36.26 4.64
C GLY G 130 -10.28 -37.05 5.48
N GLY G 131 -10.57 -37.23 6.76
CA GLY G 131 -9.67 -37.99 7.62
C GLY G 131 -8.98 -37.15 8.68
N ALA G 132 -8.49 -37.81 9.72
CA ALA G 132 -7.82 -37.13 10.82
C ALA G 132 -6.36 -36.89 10.52
N HIS G 133 -5.88 -35.68 10.79
CA HIS G 133 -4.49 -35.32 10.55
C HIS G 133 -3.63 -35.48 11.78
N ARG G 134 -4.18 -36.11 12.81
CA ARG G 134 -3.47 -36.35 14.05
C ARG G 134 -4.20 -37.42 14.84
N LYS G 135 -3.49 -38.16 15.68
CA LYS G 135 -4.14 -39.22 16.45
C LYS G 135 -4.82 -38.68 17.71
N ALA G 136 -4.52 -37.44 18.06
CA ALA G 136 -5.11 -36.84 19.25
C ALA G 136 -5.17 -35.32 19.12
N VAL G 137 -6.23 -34.72 19.68
CA VAL G 137 -6.39 -33.27 19.66
C VAL G 137 -5.83 -32.73 20.97
N GLY G 138 -5.00 -31.69 20.88
CA GLY G 138 -4.41 -31.08 22.06
C GLY G 138 -5.30 -30.00 22.62
N TYR G 139 -5.39 -29.92 23.94
CA TYR G 139 -6.23 -28.93 24.61
C TYR G 139 -5.51 -28.13 25.67
N PHE G 140 -6.01 -26.91 25.92
CA PHE G 140 -5.43 -26.04 26.94
C PHE G 140 -5.95 -26.41 28.34
N TYR G 141 -5.48 -25.69 29.36
CA TYR G 141 -5.96 -25.91 30.72
C TYR G 141 -6.57 -24.58 31.12
N PHE G 142 -7.90 -24.52 31.08
CA PHE G 142 -8.68 -23.33 31.39
C PHE G 142 -8.62 -22.98 32.88
N LEU G 143 -7.69 -22.11 33.25
CA LEU G 143 -7.54 -21.73 34.65
C LEU G 143 -8.74 -20.95 35.19
N GLN G 144 -9.01 -21.13 36.48
CA GLN G 144 -10.10 -20.44 37.14
C GLN G 144 -9.63 -19.90 38.49
N GLY G 145 -10.25 -18.82 38.94
CA GLY G 145 -9.87 -18.23 40.21
C GLY G 145 -9.91 -16.73 40.11
N GLU G 146 -10.17 -16.06 41.22
CA GLU G 146 -10.27 -14.61 41.23
C GLU G 146 -9.05 -13.88 41.82
N THR G 147 -8.29 -14.57 42.65
CA THR G 147 -7.10 -13.97 43.26
C THR G 147 -5.87 -14.70 42.76
N ALA G 148 -4.70 -14.09 42.98
CA ALA G 148 -3.44 -14.70 42.57
C ALA G 148 -3.25 -16.05 43.27
N GLU G 149 -3.65 -16.11 44.54
CA GLU G 149 -3.53 -17.33 45.33
C GLU G 149 -4.35 -18.49 44.76
N GLU G 150 -5.61 -18.22 44.44
CA GLU G 150 -6.48 -19.26 43.88
C GLU G 150 -5.97 -19.74 42.51
N LEU G 151 -5.56 -18.80 41.66
CA LEU G 151 -5.05 -19.16 40.35
C LEU G 151 -3.74 -19.94 40.49
N ALA G 152 -2.95 -19.58 41.49
CA ALA G 152 -1.68 -20.27 41.73
C ALA G 152 -1.96 -21.73 42.07
N ARG G 153 -2.95 -21.96 42.92
CA ARG G 153 -3.32 -23.31 43.33
C ARG G 153 -3.89 -24.16 42.19
N ASP G 154 -4.64 -23.54 41.29
CA ASP G 154 -5.20 -24.27 40.17
C ASP G 154 -4.09 -24.59 39.17
N ALA G 155 -3.18 -23.65 38.98
CA ALA G 155 -2.06 -23.84 38.07
C ALA G 155 -1.22 -25.04 38.53
N ALA G 156 -1.01 -25.13 39.85
CA ALA G 156 -0.22 -26.23 40.42
C ALA G 156 -0.93 -27.57 40.16
N VAL G 157 -2.25 -27.56 40.26
CA VAL G 157 -3.06 -28.75 40.02
C VAL G 157 -2.90 -29.18 38.57
N GLY G 158 -3.02 -28.23 37.66
CA GLY G 158 -2.88 -28.54 36.24
C GLY G 158 -1.50 -29.07 35.96
N HIS G 159 -0.49 -28.43 36.53
CA HIS G 159 0.88 -28.86 36.33
C HIS G 159 1.09 -30.27 36.87
N ALA G 160 0.51 -30.54 38.03
CA ALA G 160 0.62 -31.83 38.68
C ALA G 160 0.06 -32.96 37.85
N GLN G 161 -0.97 -32.67 37.05
CA GLN G 161 -1.57 -33.69 36.20
C GLN G 161 -1.07 -33.67 34.77
N GLY G 162 0.04 -32.98 34.55
CA GLY G 162 0.62 -32.94 33.22
C GLY G 162 -0.02 -32.11 32.13
N GLU G 163 -0.62 -30.97 32.48
CA GLU G 163 -1.22 -30.11 31.46
C GLU G 163 -0.06 -29.49 30.70
N ARG G 164 -0.22 -29.26 29.41
CA ARG G 164 0.85 -28.69 28.58
C ARG G 164 0.70 -27.21 28.25
N VAL G 165 -0.55 -26.76 28.14
CA VAL G 165 -0.82 -25.37 27.77
C VAL G 165 -1.79 -24.70 28.74
N PHE G 166 -1.28 -23.73 29.48
CA PHE G 166 -2.10 -23.01 30.44
C PHE G 166 -2.73 -21.75 29.84
N TYR G 167 -4.02 -21.55 30.09
CA TYR G 167 -4.76 -20.40 29.58
C TYR G 167 -5.21 -19.54 30.76
N LEU G 168 -4.69 -18.32 30.82
CA LEU G 168 -5.03 -17.39 31.91
C LEU G 168 -5.72 -16.13 31.42
N LYS G 169 -6.78 -15.71 32.12
CA LYS G 169 -7.49 -14.50 31.73
C LYS G 169 -6.91 -13.27 32.44
N VAL G 170 -6.51 -12.26 31.65
CA VAL G 170 -5.96 -11.04 32.21
C VAL G 170 -6.89 -9.88 31.89
N GLY G 171 -6.37 -8.66 31.87
CA GLY G 171 -7.21 -7.51 31.59
C GLY G 171 -7.95 -7.11 32.86
N ARG G 172 -7.43 -7.54 34.00
CA ARG G 172 -8.05 -7.23 35.30
C ARG G 172 -7.45 -5.98 35.96
N GLY G 173 -6.65 -5.25 35.20
CA GLY G 173 -5.98 -4.09 35.75
C GLY G 173 -4.51 -4.45 35.78
N GLU G 174 -3.63 -3.48 35.61
CA GLU G 174 -2.19 -3.76 35.60
C GLU G 174 -1.63 -4.50 36.80
N LYS G 175 -1.87 -3.97 38.00
CA LYS G 175 -1.34 -4.57 39.22
C LYS G 175 -1.74 -6.04 39.41
N LEU G 176 -3.03 -6.33 39.32
CA LEU G 176 -3.51 -7.70 39.49
C LEU G 176 -3.07 -8.59 38.32
N ASP G 177 -3.06 -8.04 37.12
CA ASP G 177 -2.65 -8.82 35.95
C ASP G 177 -1.23 -9.35 36.12
N LEU G 178 -0.30 -8.46 36.47
CA LEU G 178 1.09 -8.86 36.66
C LEU G 178 1.21 -9.83 37.84
N GLU G 179 0.45 -9.54 38.90
CA GLU G 179 0.47 -10.38 40.09
C GLU G 179 0.02 -11.81 39.82
N ILE G 180 -1.07 -11.99 39.09
CA ILE G 180 -1.55 -13.33 38.79
C ILE G 180 -0.73 -14.06 37.73
N THR G 181 -0.20 -13.31 36.76
CA THR G 181 0.62 -13.94 35.73
C THR G 181 1.89 -14.45 36.40
N ALA G 182 2.40 -13.67 37.36
CA ALA G 182 3.60 -14.06 38.11
C ALA G 182 3.31 -15.33 38.92
N ALA G 183 2.18 -15.32 39.64
CA ALA G 183 1.78 -16.45 40.46
C ALA G 183 1.62 -17.74 39.65
N VAL G 184 1.00 -17.64 38.49
CA VAL G 184 0.80 -18.81 37.64
C VAL G 184 2.12 -19.33 37.10
N ARG G 185 2.92 -18.45 36.51
CA ARG G 185 4.22 -18.85 35.97
C ARG G 185 5.05 -19.57 37.05
N GLY G 186 4.97 -19.08 38.28
CA GLY G 186 5.71 -19.69 39.37
C GLY G 186 5.33 -21.13 39.70
N GLU G 187 4.15 -21.58 39.26
CA GLU G 187 3.68 -22.94 39.54
C GLU G 187 3.75 -23.89 38.35
N ILE G 188 4.04 -23.38 37.16
CA ILE G 188 4.06 -24.22 35.97
C ILE G 188 5.42 -24.42 35.35
N GLY G 189 6.48 -24.06 36.05
CA GLY G 189 7.81 -24.21 35.50
C GLY G 189 7.97 -23.44 34.22
N ASP G 190 8.42 -24.12 33.16
CA ASP G 190 8.60 -23.46 31.88
C ASP G 190 7.51 -23.83 30.87
N ALA G 191 6.44 -24.44 31.35
CA ALA G 191 5.33 -24.83 30.47
C ALA G 191 4.78 -23.62 29.75
N ARG G 192 3.99 -23.86 28.70
CA ARG G 192 3.41 -22.78 27.92
C ARG G 192 2.28 -22.05 28.63
N LEU G 193 2.28 -20.73 28.50
CA LEU G 193 1.28 -19.89 29.12
C LEU G 193 0.69 -18.89 28.11
N ARG G 194 -0.63 -18.91 27.95
CA ARG G 194 -1.32 -18.03 27.03
C ARG G 194 -2.25 -17.12 27.83
N LEU G 195 -2.31 -15.85 27.47
CA LEU G 195 -3.16 -14.90 28.19
C LEU G 195 -4.30 -14.40 27.31
N ASP G 196 -5.49 -14.34 27.89
CA ASP G 196 -6.67 -13.85 27.19
C ASP G 196 -7.01 -12.47 27.72
N ALA G 197 -6.80 -11.45 26.89
CA ALA G 197 -7.07 -10.06 27.27
C ALA G 197 -8.53 -9.74 27.08
N ASN G 198 -9.27 -10.67 26.48
CA ASN G 198 -10.70 -10.52 26.30
C ASN G 198 -11.21 -9.14 25.86
N GLU G 199 -10.63 -8.60 24.78
CA GLU G 199 -11.02 -7.29 24.25
C GLU G 199 -10.96 -6.19 25.31
N GLY G 200 -10.27 -6.44 26.42
CA GLY G 200 -10.23 -5.44 27.48
C GLY G 200 -9.25 -4.28 27.42
N TRP G 201 -8.34 -4.26 26.44
CA TRP G 201 -7.35 -3.18 26.38
C TRP G 201 -7.48 -2.21 25.23
N SER G 202 -7.22 -0.94 25.53
CA SER G 202 -7.22 0.10 24.49
C SER G 202 -5.88 -0.16 23.79
N VAL G 203 -5.69 0.45 22.62
CA VAL G 203 -4.46 0.26 21.90
C VAL G 203 -3.19 0.58 22.68
N HIS G 204 -3.13 1.73 23.33
CA HIS G 204 -1.91 2.06 24.07
C HIS G 204 -1.71 1.21 25.34
N ASP G 205 -2.80 0.81 25.98
CA ASP G 205 -2.69 -0.02 27.18
C ASP G 205 -2.22 -1.41 26.78
N ALA G 206 -2.69 -1.89 25.63
CA ALA G 206 -2.31 -3.20 25.13
C ALA G 206 -0.79 -3.23 24.92
N ILE G 207 -0.27 -2.17 24.30
CA ILE G 207 1.16 -2.04 24.04
C ILE G 207 1.95 -2.13 25.35
N ASN G 208 1.60 -1.29 26.32
CA ASN G 208 2.29 -1.26 27.60
C ASN G 208 2.15 -2.55 28.38
N MSE G 209 0.95 -3.13 28.41
CA MSE G 209 0.77 -4.38 29.15
C MSE G 209 1.60 -5.50 28.55
O MSE G 209 2.19 -6.28 29.29
CB MSE G 209 -0.69 -4.80 29.20
CG MSE G 209 -1.54 -3.94 30.16
SE MSE G 209 -0.78 -3.89 31.97
CE MSE G 209 -0.60 -5.81 32.35
N CYS G 210 1.66 -5.57 27.21
CA CYS G 210 2.47 -6.61 26.57
C CYS G 210 3.94 -6.46 26.98
N ARG G 211 4.42 -5.21 27.03
CA ARG G 211 5.81 -4.98 27.41
C ARG G 211 6.09 -5.49 28.83
N LYS G 212 5.20 -5.15 29.76
CA LYS G 212 5.33 -5.54 31.16
C LYS G 212 5.09 -7.02 31.44
N LEU G 213 4.44 -7.72 30.52
CA LEU G 213 4.15 -9.15 30.69
C LEU G 213 5.18 -10.05 30.01
N GLU G 214 6.01 -9.48 29.14
CA GLU G 214 7.03 -10.24 28.42
C GLU G 214 7.94 -11.10 29.30
N LYS G 215 8.32 -10.58 30.46
CA LYS G 215 9.20 -11.29 31.37
C LYS G 215 8.67 -12.66 31.83
N TYR G 216 7.36 -12.85 31.75
CA TYR G 216 6.77 -14.12 32.18
C TYR G 216 6.70 -15.21 31.11
N ASP G 217 7.34 -14.95 29.96
CA ASP G 217 7.41 -15.92 28.85
C ASP G 217 6.02 -16.33 28.36
N ILE G 218 5.35 -15.42 27.66
CA ILE G 218 3.99 -15.65 27.16
C ILE G 218 4.00 -16.19 25.73
N GLU G 219 3.30 -17.29 25.49
CA GLU G 219 3.23 -17.88 24.14
C GLU G 219 2.50 -16.93 23.20
N PHE G 220 1.43 -16.32 23.72
CA PHE G 220 0.67 -15.33 22.97
C PHE G 220 -0.43 -14.71 23.82
N ILE G 221 -0.94 -13.57 23.36
CA ILE G 221 -2.03 -12.90 24.05
C ILE G 221 -3.22 -12.91 23.10
N GLU G 222 -4.35 -13.38 23.60
CA GLU G 222 -5.55 -13.48 22.78
C GLU G 222 -6.44 -12.25 22.85
N GLN G 223 -6.84 -11.79 21.67
CA GLN G 223 -7.74 -10.64 21.48
C GLN G 223 -7.54 -9.50 22.48
N PRO G 224 -6.42 -8.78 22.39
CA PRO G 224 -6.18 -7.67 23.31
C PRO G 224 -7.14 -6.49 23.13
N THR G 225 -7.46 -6.16 21.87
CA THR G 225 -8.32 -5.02 21.56
C THR G 225 -9.77 -5.33 21.19
N VAL G 226 -10.58 -4.28 21.13
CA VAL G 226 -11.99 -4.41 20.79
C VAL G 226 -12.11 -5.14 19.47
N SER G 227 -12.87 -6.23 19.50
CA SER G 227 -13.07 -7.11 18.35
C SER G 227 -13.58 -6.53 17.04
N TRP G 228 -14.37 -5.47 17.10
CA TRP G 228 -14.94 -4.87 15.88
C TRP G 228 -13.92 -4.27 14.92
N SER G 229 -12.74 -3.92 15.42
CA SER G 229 -11.72 -3.32 14.57
C SER G 229 -10.51 -4.21 14.27
N ILE G 230 -10.47 -4.74 13.06
CA ILE G 230 -9.36 -5.59 12.63
C ILE G 230 -8.10 -4.72 12.55
N PRO G 231 -8.19 -3.51 11.97
CA PRO G 231 -7.00 -2.66 11.89
C PRO G 231 -6.34 -2.37 13.23
N ALA G 232 -7.15 -2.16 14.26
CA ALA G 232 -6.59 -1.86 15.58
C ALA G 232 -5.82 -3.06 16.13
N MSE G 233 -6.30 -4.26 15.82
CA MSE G 233 -5.61 -5.46 16.28
C MSE G 233 -4.26 -5.55 15.58
O MSE G 233 -3.23 -5.79 16.22
CB MSE G 233 -6.44 -6.71 15.96
CG MSE G 233 -5.72 -7.97 16.38
SE MSE G 233 -6.97 -9.45 16.40
CE MSE G 233 -7.62 -9.43 14.57
N ALA G 234 -4.26 -5.33 14.27
CA ALA G 234 -3.02 -5.38 13.49
C ALA G 234 -2.07 -4.31 14.00
N HIS G 235 -2.65 -3.18 14.41
CA HIS G 235 -1.90 -2.05 14.91
C HIS G 235 -1.11 -2.50 16.14
N VAL G 236 -1.80 -3.17 17.06
CA VAL G 236 -1.14 -3.66 18.27
C VAL G 236 -0.15 -4.78 17.95
N ARG G 237 -0.55 -5.70 17.09
CA ARG G 237 0.35 -6.82 16.74
C ARG G 237 1.70 -6.37 16.21
N GLU G 238 1.68 -5.41 15.30
CA GLU G 238 2.91 -4.92 14.69
C GLU G 238 3.82 -4.19 15.68
N LYS G 239 3.25 -3.75 16.79
CA LYS G 239 4.04 -3.03 17.79
C LYS G 239 4.64 -3.91 18.89
N VAL G 240 3.85 -4.81 19.45
CA VAL G 240 4.31 -5.64 20.56
C VAL G 240 5.17 -6.87 20.24
N GLY G 241 5.92 -7.31 21.24
CA GLY G 241 6.81 -8.44 21.08
C GLY G 241 6.17 -9.81 21.27
N ILE G 242 5.00 -9.84 21.91
CA ILE G 242 4.32 -11.11 22.13
C ILE G 242 3.33 -11.36 20.99
N PRO G 243 3.27 -12.60 20.46
CA PRO G 243 2.35 -12.88 19.37
C PRO G 243 0.91 -12.58 19.79
N ILE G 244 0.10 -12.13 18.83
CA ILE G 244 -1.29 -11.79 19.08
C ILE G 244 -2.22 -12.73 18.30
N VAL G 245 -3.18 -13.31 19.01
CA VAL G 245 -4.15 -14.20 18.40
C VAL G 245 -5.55 -13.58 18.31
N ALA G 246 -6.20 -13.72 17.17
CA ALA G 246 -7.55 -13.18 17.00
C ALA G 246 -8.57 -14.17 17.55
N ASP G 247 -9.60 -13.64 18.19
CA ASP G 247 -10.66 -14.49 18.72
C ASP G 247 -12.01 -13.89 18.32
N GLN G 248 -12.53 -12.98 19.15
CA GLN G 248 -13.82 -12.36 18.87
C GLN G 248 -13.81 -11.54 17.57
N ALA G 249 -12.63 -11.29 17.04
CA ALA G 249 -12.50 -10.53 15.80
C ALA G 249 -12.84 -11.41 14.60
N ALA G 250 -12.74 -12.73 14.79
CA ALA G 250 -13.01 -13.70 13.72
C ALA G 250 -14.26 -14.55 13.95
N PHE G 251 -15.37 -14.17 13.31
CA PHE G 251 -16.60 -14.92 13.43
C PHE G 251 -16.98 -15.58 12.10
N THR G 252 -17.00 -14.77 11.04
CA THR G 252 -17.38 -15.24 9.70
C THR G 252 -16.20 -15.61 8.80
N LEU G 253 -16.51 -16.25 7.68
CA LEU G 253 -15.48 -16.64 6.72
C LEU G 253 -14.80 -15.38 6.20
N TYR G 254 -15.60 -14.34 6.02
CA TYR G 254 -15.10 -13.07 5.52
C TYR G 254 -14.23 -12.37 6.57
N ASP G 255 -14.53 -12.57 7.86
CA ASP G 255 -13.72 -11.97 8.92
C ASP G 255 -12.34 -12.63 8.86
N VAL G 256 -12.33 -13.94 8.72
CA VAL G 256 -11.08 -14.70 8.67
C VAL G 256 -10.22 -14.21 7.51
N TYR G 257 -10.83 -14.05 6.35
CA TYR G 257 -10.10 -13.60 5.17
C TYR G 257 -9.52 -12.21 5.42
N GLU G 258 -10.31 -11.32 6.01
CA GLU G 258 -9.84 -9.96 6.30
C GLU G 258 -8.64 -9.98 7.24
N ILE G 259 -8.68 -10.83 8.27
CA ILE G 259 -7.58 -10.92 9.20
C ILE G 259 -6.33 -11.43 8.48
N CYS G 260 -6.50 -12.45 7.64
CA CYS G 260 -5.39 -13.01 6.88
C CYS G 260 -4.82 -11.96 5.91
N ARG G 261 -5.72 -11.33 5.17
CA ARG G 261 -5.38 -10.30 4.19
C ARG G 261 -4.54 -9.18 4.80
N GLN G 262 -4.96 -8.72 5.97
CA GLN G 262 -4.29 -7.64 6.66
C GLN G 262 -3.17 -8.11 7.60
N ARG G 263 -2.92 -9.42 7.64
CA ARG G 263 -1.92 -9.99 8.54
C ARG G 263 -2.18 -9.40 9.95
N ALA G 264 -3.45 -9.37 10.35
CA ALA G 264 -3.83 -8.78 11.64
C ALA G 264 -3.61 -9.63 12.89
N ALA G 265 -3.21 -10.88 12.71
CA ALA G 265 -2.99 -11.78 13.84
C ALA G 265 -2.01 -12.91 13.46
N ASP G 266 -1.45 -13.55 14.47
CA ASP G 266 -0.48 -14.63 14.26
C ASP G 266 -1.11 -16.03 14.20
N MSE G 267 -2.35 -16.10 14.65
CA MSE G 267 -3.12 -17.34 14.63
C MSE G 267 -4.57 -16.92 14.81
O MSE G 267 -4.83 -15.83 15.32
CB MSE G 267 -2.72 -18.28 15.76
CG MSE G 267 -3.33 -19.68 15.56
SE MSE G 267 -2.62 -20.95 16.89
CE MSE G 267 -3.21 -20.15 18.52
N ILE G 268 -5.49 -17.77 14.39
CA ILE G 268 -6.91 -17.45 14.48
C ILE G 268 -7.67 -18.46 15.34
N CYS G 269 -8.27 -17.97 16.42
CA CYS G 269 -9.04 -18.82 17.31
C CYS G 269 -10.51 -18.64 16.97
N ILE G 270 -11.10 -19.69 16.39
CA ILE G 270 -12.48 -19.65 15.97
C ILE G 270 -13.12 -21.03 16.12
N GLY G 271 -14.42 -21.04 16.36
CA GLY G 271 -15.13 -22.30 16.54
C GLY G 271 -16.47 -22.37 15.82
N PRO G 272 -17.13 -23.53 15.84
CA PRO G 272 -18.42 -23.70 15.16
C PRO G 272 -19.49 -22.67 15.49
N ARG G 273 -19.55 -22.21 16.74
CA ARG G 273 -20.55 -21.23 17.14
C ARG G 273 -20.42 -19.90 16.40
N GLU G 274 -19.19 -19.52 16.08
CA GLU G 274 -18.97 -18.25 15.38
C GLU G 274 -19.09 -18.36 13.86
N ILE G 275 -18.48 -19.39 13.29
CA ILE G 275 -18.46 -19.59 11.85
C ILE G 275 -19.70 -20.26 11.23
N GLY G 276 -20.52 -20.91 12.06
CA GLY G 276 -21.71 -21.55 11.52
C GLY G 276 -21.71 -23.07 11.46
N GLY G 277 -20.80 -23.71 12.18
CA GLY G 277 -20.80 -25.16 12.17
C GLY G 277 -19.48 -25.84 11.82
N ILE G 278 -19.59 -27.14 11.58
CA ILE G 278 -18.47 -27.97 11.23
C ILE G 278 -17.91 -27.69 9.83
N GLN G 279 -18.76 -27.82 8.81
CA GLN G 279 -18.29 -27.57 7.45
C GLN G 279 -17.71 -26.16 7.27
N PRO G 280 -18.38 -25.13 7.79
CA PRO G 280 -17.84 -23.76 7.65
C PRO G 280 -16.45 -23.64 8.29
N MSE G 281 -16.19 -24.44 9.32
CA MSE G 281 -14.89 -24.43 9.98
C MSE G 281 -13.80 -24.92 9.04
O MSE G 281 -12.66 -24.48 9.13
CB MSE G 281 -14.89 -25.29 11.24
CG MSE G 281 -15.44 -24.56 12.48
SE MSE G 281 -14.31 -23.09 13.00
CE MSE G 281 -12.71 -24.05 13.61
N MSE G 282 -14.15 -25.84 8.15
CA MSE G 282 -13.18 -26.36 7.18
C MSE G 282 -12.83 -25.25 6.19
O MSE G 282 -11.70 -25.15 5.73
CB MSE G 282 -13.73 -27.54 6.40
CG MSE G 282 -14.28 -28.72 7.23
SE MSE G 282 -12.89 -29.52 8.41
CE MSE G 282 -11.36 -29.76 7.18
N LYS G 283 -13.81 -24.42 5.86
CA LYS G 283 -13.59 -23.32 4.92
C LYS G 283 -12.73 -22.24 5.56
N ALA G 284 -12.98 -21.96 6.83
CA ALA G 284 -12.21 -20.98 7.57
C ALA G 284 -10.77 -21.48 7.68
N ALA G 285 -10.63 -22.78 7.94
CA ALA G 285 -9.30 -23.39 8.06
C ALA G 285 -8.53 -23.31 6.76
N ALA G 286 -9.23 -23.51 5.64
CA ALA G 286 -8.60 -23.47 4.32
C ALA G 286 -8.08 -22.06 4.02
N VAL G 287 -8.85 -21.05 4.37
CA VAL G 287 -8.40 -19.67 4.12
C VAL G 287 -7.13 -19.41 4.93
N ALA G 288 -7.18 -19.75 6.21
CA ALA G 288 -6.05 -19.57 7.10
C ALA G 288 -4.83 -20.33 6.58
N GLU G 289 -5.05 -21.55 6.12
CA GLU G 289 -3.95 -22.36 5.61
C GLU G 289 -3.26 -21.67 4.43
N ALA G 290 -4.07 -21.16 3.51
CA ALA G 290 -3.57 -20.47 2.33
C ALA G 290 -2.76 -19.23 2.71
N ALA G 291 -3.09 -18.66 3.87
CA ALA G 291 -2.42 -17.47 4.38
C ALA G 291 -1.23 -17.85 5.27
N GLY G 292 -0.99 -19.15 5.39
CA GLY G 292 0.10 -19.63 6.23
C GLY G 292 -0.17 -19.47 7.71
N LEU G 293 -1.43 -19.59 8.11
CA LEU G 293 -1.80 -19.47 9.51
C LEU G 293 -2.53 -20.72 9.99
N LYS G 294 -2.48 -20.94 11.29
CA LYS G 294 -3.12 -22.10 11.91
C LYS G 294 -4.41 -21.70 12.63
N ILE G 295 -5.23 -22.70 12.92
CA ILE G 295 -6.50 -22.50 13.60
C ILE G 295 -6.46 -23.09 14.99
N CYS G 296 -7.01 -22.36 15.96
CA CYS G 296 -7.11 -22.85 17.33
C CYS G 296 -8.61 -22.85 17.54
N ILE G 297 -9.16 -23.95 18.01
CA ILE G 297 -10.60 -24.02 18.19
C ILE G 297 -11.09 -23.23 19.38
N HIS G 298 -11.98 -22.27 19.12
CA HIS G 298 -12.56 -21.46 20.17
C HIS G 298 -13.81 -22.17 20.62
N SER G 299 -13.98 -22.35 21.93
CA SER G 299 -15.15 -23.04 22.42
C SER G 299 -16.23 -22.08 22.91
N SER G 300 -17.13 -22.59 23.75
CA SER G 300 -18.24 -21.79 24.25
C SER G 300 -18.80 -22.39 25.54
N PHE G 301 -19.71 -21.67 26.17
CA PHE G 301 -20.34 -22.13 27.42
C PHE G 301 -21.40 -23.15 27.02
N THR G 302 -20.95 -24.31 26.58
CA THR G 302 -21.83 -25.37 26.11
C THR G 302 -21.59 -26.72 26.81
N THR G 303 -22.04 -27.81 26.19
CA THR G 303 -21.88 -29.14 26.78
C THR G 303 -20.90 -30.03 26.02
N GLY G 304 -20.86 -31.31 26.40
CA GLY G 304 -19.97 -32.25 25.74
C GLY G 304 -20.33 -32.46 24.28
N ILE G 305 -21.54 -32.09 23.92
CA ILE G 305 -21.99 -32.22 22.52
C ILE G 305 -21.11 -31.33 21.66
N THR G 306 -20.95 -30.08 22.06
CA THR G 306 -20.10 -29.15 21.33
C THR G 306 -18.66 -29.64 21.41
N THR G 307 -18.28 -30.17 22.57
CA THR G 307 -16.93 -30.69 22.76
C THR G 307 -16.62 -31.74 21.70
N CYS G 308 -17.59 -32.61 21.43
CA CYS G 308 -17.39 -33.66 20.42
C CYS G 308 -17.33 -33.09 19.02
N ALA G 309 -18.19 -32.13 18.72
CA ALA G 309 -18.16 -31.51 17.40
C ALA G 309 -16.80 -30.84 17.17
N GLU G 310 -16.36 -30.05 18.14
CA GLU G 310 -15.08 -29.35 18.02
C GLU G 310 -13.92 -30.34 17.91
N HIS G 311 -14.06 -31.51 18.51
CA HIS G 311 -13.01 -32.54 18.47
C HIS G 311 -12.87 -33.10 17.03
N HIS G 312 -14.00 -33.42 16.39
CA HIS G 312 -13.97 -33.94 15.03
C HIS G 312 -13.48 -32.87 14.05
N ILE G 313 -13.88 -31.63 14.31
CA ILE G 313 -13.44 -30.52 13.47
C ILE G 313 -11.91 -30.45 13.60
N GLY G 314 -11.41 -30.50 14.83
CA GLY G 314 -9.97 -30.44 15.07
C GLY G 314 -9.21 -31.54 14.35
N LEU G 315 -9.76 -32.74 14.34
CA LEU G 315 -9.11 -33.86 13.67
C LEU G 315 -8.98 -33.68 12.16
N ALA G 316 -10.01 -33.09 11.56
CA ALA G 316 -10.06 -32.92 10.11
C ALA G 316 -9.27 -31.73 9.57
N ILE G 317 -8.74 -30.88 10.46
CA ILE G 317 -7.98 -29.72 10.03
C ILE G 317 -6.47 -29.95 10.05
N PRO G 318 -5.80 -29.80 8.90
CA PRO G 318 -4.36 -30.01 8.87
C PRO G 318 -3.57 -28.95 9.63
N ASN G 319 -3.99 -27.69 9.48
CA ASN G 319 -3.32 -26.55 10.13
C ASN G 319 -3.93 -26.19 11.48
N LEU G 320 -3.84 -27.13 12.43
CA LEU G 320 -4.42 -26.94 13.76
C LEU G 320 -3.45 -26.74 14.91
N ASP G 321 -3.86 -25.93 15.88
CA ASP G 321 -3.11 -25.66 17.10
C ASP G 321 -3.23 -26.90 17.99
N ASP G 322 -2.49 -26.94 19.10
CA ASP G 322 -2.54 -28.08 20.02
C ASP G 322 -2.89 -27.62 21.42
N GLY G 323 -3.49 -26.44 21.50
CA GLY G 323 -3.91 -25.87 22.76
C GLY G 323 -5.34 -25.37 22.60
N ASN G 324 -6.14 -26.19 21.91
CA ASN G 324 -7.54 -25.88 21.64
C ASN G 324 -8.37 -25.77 22.91
N GLN G 325 -9.42 -24.96 22.83
CA GLN G 325 -10.28 -24.72 23.97
C GLN G 325 -11.24 -25.89 24.21
N ILE G 326 -11.70 -26.02 25.45
CA ILE G 326 -12.60 -27.09 25.84
C ILE G 326 -13.28 -26.57 27.10
N MSE G 327 -14.59 -26.77 27.20
CA MSE G 327 -15.37 -26.23 28.33
C MSE G 327 -16.35 -27.15 29.04
O MSE G 327 -16.96 -26.73 30.03
CB MSE G 327 -16.16 -25.01 27.83
CG MSE G 327 -15.31 -23.99 27.08
SE MSE G 327 -14.36 -22.93 28.40
CE MSE G 327 -15.77 -21.66 28.92
N TRP G 328 -16.52 -28.36 28.54
CA TRP G 328 -17.47 -29.29 29.14
C TRP G 328 -17.21 -29.56 30.61
N GLN G 329 -15.95 -29.43 31.04
CA GLN G 329 -15.59 -29.69 32.43
C GLN G 329 -16.10 -28.67 33.45
N LEU G 330 -16.75 -27.61 32.99
CA LEU G 330 -17.28 -26.59 33.90
C LEU G 330 -18.68 -26.98 34.35
N VAL G 331 -19.28 -27.94 33.65
CA VAL G 331 -20.63 -28.40 33.95
C VAL G 331 -20.58 -29.42 35.10
N GLN G 332 -21.47 -29.24 36.08
CA GLN G 332 -21.51 -30.13 37.24
C GLN G 332 -21.82 -31.55 36.77
N GLU G 333 -22.80 -31.69 35.88
CA GLU G 333 -23.18 -32.99 35.33
C GLU G 333 -23.39 -32.88 33.83
N ASP G 334 -22.35 -33.14 33.05
CA ASP G 334 -22.45 -33.04 31.59
C ASP G 334 -23.47 -34.03 31.05
N ILE G 335 -24.12 -33.68 29.93
CA ILE G 335 -25.14 -34.55 29.35
C ILE G 335 -24.62 -35.67 28.46
N VAL G 336 -23.31 -35.73 28.26
CA VAL G 336 -22.72 -36.78 27.44
C VAL G 336 -22.28 -37.92 28.36
N SER G 337 -22.93 -39.08 28.23
CA SER G 337 -22.59 -40.23 29.06
C SER G 337 -21.36 -40.94 28.49
N SER G 338 -21.15 -40.79 27.19
CA SER G 338 -20.02 -41.41 26.51
C SER G 338 -19.70 -40.58 25.27
N PRO G 339 -18.41 -40.47 24.92
CA PRO G 339 -17.20 -41.03 25.54
C PRO G 339 -16.67 -40.16 26.67
N ASP G 340 -15.50 -40.54 27.19
CA ASP G 340 -14.86 -39.79 28.26
C ASP G 340 -14.14 -38.59 27.64
N LEU G 341 -14.65 -37.39 27.93
CA LEU G 341 -14.11 -36.16 27.38
C LEU G 341 -12.98 -35.56 28.23
N THR G 342 -12.45 -36.35 29.17
CA THR G 342 -11.37 -35.90 30.04
C THR G 342 -10.02 -36.08 29.34
N PRO G 343 -9.34 -34.96 29.02
CA PRO G 343 -8.03 -35.07 28.35
C PRO G 343 -6.96 -35.66 29.25
N LYS G 344 -5.99 -36.33 28.65
CA LYS G 344 -4.87 -36.93 29.38
C LYS G 344 -3.63 -36.18 28.93
N ASN G 345 -2.99 -35.45 29.85
CA ASN G 345 -1.81 -34.66 29.52
C ASN G 345 -2.17 -33.67 28.39
N GLY G 346 -3.37 -33.11 28.46
CA GLY G 346 -3.81 -32.16 27.46
C GLY G 346 -4.09 -32.74 26.08
N TRP G 347 -4.39 -34.03 26.03
CA TRP G 347 -4.68 -34.70 24.76
C TRP G 347 -5.95 -35.53 24.85
N LEU G 348 -6.61 -35.68 23.71
CA LEU G 348 -7.81 -36.48 23.63
C LEU G 348 -7.69 -37.33 22.39
N ASP G 349 -7.46 -38.63 22.56
CA ASP G 349 -7.34 -39.53 21.42
C ASP G 349 -8.56 -39.45 20.50
N ALA G 350 -8.32 -39.52 19.21
CA ALA G 350 -9.38 -39.45 18.20
C ALA G 350 -10.55 -40.35 18.48
N PHE G 351 -11.75 -39.78 18.55
CA PHE G 351 -12.96 -40.56 18.77
C PHE G 351 -13.33 -41.16 17.42
N ARG G 352 -13.73 -42.43 17.41
CA ARG G 352 -14.06 -43.11 16.16
C ARG G 352 -15.49 -43.65 16.02
N LYS G 353 -16.33 -43.43 17.03
CA LYS G 353 -17.71 -43.88 16.97
C LYS G 353 -18.46 -43.09 15.89
N PRO G 354 -19.55 -43.68 15.35
CA PRO G 354 -20.33 -43.01 14.30
C PRO G 354 -20.79 -41.58 14.63
N GLY G 355 -20.88 -40.75 13.59
CA GLY G 355 -21.31 -39.38 13.76
C GLY G 355 -20.35 -38.63 14.66
N LEU G 356 -20.91 -37.85 15.57
CA LEU G 356 -20.10 -37.09 16.52
C LEU G 356 -19.61 -38.03 17.63
N GLY G 357 -20.13 -39.26 17.60
CA GLY G 357 -19.73 -40.29 18.54
C GLY G 357 -20.09 -40.21 20.01
N PHE G 358 -21.14 -39.49 20.36
CA PHE G 358 -21.50 -39.42 21.77
C PHE G 358 -22.85 -40.07 22.10
N GLN G 359 -23.06 -40.34 23.38
CA GLN G 359 -24.30 -40.90 23.88
C GLN G 359 -24.76 -39.90 24.91
N LEU G 360 -26.06 -39.59 24.93
CA LEU G 360 -26.56 -38.62 25.89
C LEU G 360 -27.15 -39.28 27.12
N ALA G 361 -27.03 -38.59 28.25
CA ALA G 361 -27.60 -39.08 29.50
C ALA G 361 -29.01 -38.52 29.50
N GLU G 362 -29.93 -39.29 28.93
CA GLU G 362 -31.34 -38.89 28.81
C GLU G 362 -31.93 -38.31 30.09
N ASP G 363 -31.64 -38.93 31.22
CA ASP G 363 -32.16 -38.45 32.49
C ASP G 363 -31.64 -37.05 32.84
N LEU G 364 -30.36 -36.80 32.56
CA LEU G 364 -29.77 -35.49 32.84
C LEU G 364 -30.32 -34.43 31.88
N VAL G 365 -30.58 -34.85 30.64
CA VAL G 365 -31.14 -33.94 29.64
C VAL G 365 -32.54 -33.55 30.10
N ALA G 366 -33.30 -34.54 30.57
CA ALA G 366 -34.65 -34.29 31.05
C ALA G 366 -34.62 -33.34 32.23
N GLU G 367 -33.61 -33.49 33.10
CA GLU G 367 -33.49 -32.61 34.25
C GLU G 367 -33.13 -31.21 33.79
N GLY G 368 -32.42 -31.11 32.68
CA GLY G 368 -32.05 -29.81 32.16
C GLY G 368 -33.31 -29.10 31.69
N GLU G 369 -34.20 -29.87 31.07
CA GLU G 369 -35.46 -29.34 30.57
C GLU G 369 -36.35 -28.91 31.72
N GLY G 370 -36.28 -29.64 32.82
CA GLY G 370 -37.09 -29.31 33.97
C GLY G 370 -36.65 -27.99 34.56
N ARG G 371 -35.35 -27.76 34.61
CA ARG G 371 -34.83 -26.52 35.14
C ARG G 371 -35.21 -25.35 34.24
N TYR G 372 -35.30 -25.61 32.93
CA TYR G 372 -35.71 -24.57 31.99
C TYR G 372 -37.18 -24.25 32.20
N ALA G 373 -38.00 -25.30 32.25
CA ALA G 373 -39.43 -25.13 32.46
C ALA G 373 -39.65 -24.38 33.78
N ALA G 374 -38.81 -24.68 34.77
CA ALA G 374 -38.90 -24.04 36.07
C ALA G 374 -38.68 -22.54 35.93
N SER G 375 -37.95 -22.15 34.90
CA SER G 375 -37.66 -20.74 34.63
C SER G 375 -38.89 -20.02 34.08
N VAL H 4 45.77 -15.60 -22.49
CA VAL H 4 45.69 -14.30 -23.24
C VAL H 4 45.43 -13.13 -22.30
N LYS H 5 46.12 -12.03 -22.56
CA LYS H 5 45.98 -10.82 -21.74
C LYS H 5 45.78 -9.63 -22.66
N ILE H 6 45.11 -8.60 -22.15
CA ILE H 6 44.88 -7.40 -22.93
C ILE H 6 46.20 -6.66 -23.01
N SER H 7 46.65 -6.38 -24.23
CA SER H 7 47.92 -5.70 -24.43
C SER H 7 47.84 -4.20 -24.63
N ASN H 8 46.80 -3.73 -25.31
CA ASN H 8 46.65 -2.30 -25.58
C ASN H 8 45.21 -1.84 -25.65
N VAL H 9 45.02 -0.55 -25.46
CA VAL H 9 43.71 0.07 -25.57
C VAL H 9 43.94 1.39 -26.28
N ARG H 10 43.03 1.72 -27.19
CA ARG H 10 43.14 2.96 -27.95
C ARG H 10 41.76 3.60 -28.06
N VAL H 11 41.71 4.90 -27.92
CA VAL H 11 40.47 5.65 -28.04
C VAL H 11 40.58 6.54 -29.28
N ARG H 12 39.61 6.45 -30.17
CA ARG H 12 39.65 7.23 -31.40
C ARG H 12 38.38 8.06 -31.56
N PRO H 13 38.44 9.37 -31.24
CA PRO H 13 37.28 10.26 -31.37
C PRO H 13 36.96 10.45 -32.85
N LEU H 14 35.68 10.37 -33.19
CA LEU H 14 35.24 10.54 -34.58
C LEU H 14 34.10 11.54 -34.70
N VAL H 15 34.02 12.20 -35.85
CA VAL H 15 32.95 13.13 -36.16
C VAL H 15 32.47 12.64 -37.52
N LEU H 16 31.21 12.24 -37.59
CA LEU H 16 30.66 11.68 -38.82
C LEU H 16 29.42 12.42 -39.32
N PRO H 17 29.45 12.86 -40.59
CA PRO H 17 28.32 13.58 -41.17
C PRO H 17 27.06 12.73 -41.31
N LEU H 18 25.91 13.38 -41.19
CA LEU H 18 24.63 12.70 -41.31
C LEU H 18 24.14 12.88 -42.74
N LYS H 19 23.22 12.03 -43.18
CA LYS H 19 22.70 12.13 -44.54
C LYS H 19 21.93 13.44 -44.72
N GLN H 20 21.26 13.87 -43.67
CA GLN H 20 20.48 15.10 -43.70
C GLN H 20 20.42 15.73 -42.32
N PRO H 21 20.22 17.06 -42.25
CA PRO H 21 20.14 17.76 -40.97
C PRO H 21 19.15 17.13 -39.99
N TYR H 22 19.60 16.95 -38.75
CA TYR H 22 18.78 16.36 -37.69
C TYR H 22 18.29 17.50 -36.82
N HIS H 23 16.98 17.72 -36.80
CA HIS H 23 16.42 18.80 -35.99
C HIS H 23 16.27 18.40 -34.53
N TRP H 24 16.79 19.24 -33.64
CA TRP H 24 16.67 18.97 -32.21
C TRP H 24 16.30 20.22 -31.44
N SER H 25 16.17 20.09 -30.12
CA SER H 25 15.80 21.20 -29.25
C SER H 25 16.54 22.50 -29.51
N TYR H 26 17.85 22.41 -29.72
CA TYR H 26 18.64 23.61 -29.94
C TYR H 26 19.27 23.68 -31.33
N GLY H 27 18.43 24.00 -32.32
CA GLY H 27 18.90 24.12 -33.70
C GLY H 27 18.97 22.84 -34.53
N ILE H 28 19.94 22.81 -35.43
CA ILE H 28 20.14 21.68 -36.31
C ILE H 28 21.44 20.94 -36.01
N ARG H 29 21.45 19.65 -36.31
CA ARG H 29 22.60 18.79 -36.08
C ARG H 29 22.95 18.16 -37.44
N GLU H 30 24.19 18.33 -37.88
CA GLU H 30 24.59 17.80 -39.18
C GLU H 30 25.57 16.64 -39.12
N SER H 31 25.95 16.24 -37.91
CA SER H 31 26.89 15.13 -37.74
C SER H 31 26.75 14.52 -36.36
N PHE H 32 27.14 13.25 -36.24
CA PHE H 32 27.12 12.54 -34.97
C PHE H 32 28.59 12.43 -34.58
N ALA H 33 28.86 12.22 -33.30
CA ALA H 33 30.23 12.07 -32.83
C ALA H 33 30.27 10.89 -31.89
N VAL H 34 31.28 10.03 -32.06
CA VAL H 34 31.45 8.87 -31.20
C VAL H 34 32.92 8.71 -30.84
N ASN H 35 33.16 8.00 -29.75
CA ASN H 35 34.52 7.72 -29.28
C ASN H 35 34.72 6.23 -29.37
N LEU H 36 35.52 5.78 -30.34
CA LEU H 36 35.77 4.35 -30.45
C LEU H 36 36.74 3.91 -29.36
N ILE H 37 36.59 2.67 -28.91
CA ILE H 37 37.48 2.09 -27.93
C ILE H 37 37.93 0.75 -28.52
N GLU H 38 39.23 0.60 -28.69
CA GLU H 38 39.79 -0.62 -29.24
C GLU H 38 40.61 -1.30 -28.16
N ILE H 39 40.35 -2.59 -27.96
CA ILE H 39 41.05 -3.37 -26.95
C ILE H 39 41.77 -4.49 -27.69
N GLU H 40 43.09 -4.47 -27.64
CA GLU H 40 43.89 -5.48 -28.31
C GLU H 40 44.46 -6.50 -27.34
N ALA H 41 44.32 -7.78 -27.68
CA ALA H 41 44.84 -8.85 -26.84
C ALA H 41 46.30 -9.11 -27.24
N ASP H 42 47.06 -9.78 -26.37
CA ASP H 42 48.47 -10.04 -26.67
C ASP H 42 48.70 -10.92 -27.89
N ASP H 43 47.65 -11.56 -28.40
CA ASP H 43 47.79 -12.41 -29.57
C ASP H 43 47.45 -11.64 -30.84
N GLY H 44 47.15 -10.35 -30.69
CA GLY H 44 46.84 -9.52 -31.84
C GLY H 44 45.38 -9.26 -32.12
N THR H 45 44.49 -10.08 -31.54
CA THR H 45 43.05 -9.92 -31.74
C THR H 45 42.57 -8.60 -31.14
N VAL H 46 41.61 -7.96 -31.80
CA VAL H 46 41.09 -6.68 -31.32
C VAL H 46 39.56 -6.60 -31.18
N GLY H 47 39.12 -6.12 -30.02
CA GLY H 47 37.70 -5.95 -29.75
C GLY H 47 37.40 -4.48 -29.97
N ILE H 48 36.26 -4.19 -30.58
CA ILE H 48 35.91 -2.81 -30.87
C ILE H 48 34.53 -2.42 -30.38
N GLY H 49 34.45 -1.23 -29.77
CA GLY H 49 33.19 -0.71 -29.27
C GLY H 49 33.20 0.78 -29.39
N GLU H 50 32.14 1.45 -28.94
CA GLU H 50 32.07 2.91 -29.04
C GLU H 50 31.19 3.50 -27.95
N CYS H 51 31.44 4.76 -27.63
CA CYS H 51 30.67 5.48 -26.61
C CYS H 51 30.11 6.76 -27.19
N THR H 52 29.01 7.23 -26.62
CA THR H 52 28.43 8.51 -27.00
C THR H 52 29.35 9.50 -26.31
N VAL H 53 29.32 10.77 -26.70
CA VAL H 53 30.28 11.73 -26.14
C VAL H 53 29.81 12.91 -25.30
N ALA H 54 28.50 13.13 -25.18
CA ALA H 54 28.02 14.26 -24.39
C ALA H 54 28.54 14.16 -22.95
N PRO H 55 28.76 15.30 -22.27
CA PRO H 55 28.58 16.67 -22.74
C PRO H 55 29.75 17.27 -23.52
N ASP H 56 30.85 16.52 -23.62
CA ASP H 56 32.03 17.00 -24.34
C ASP H 56 32.85 15.83 -24.85
N GLN H 57 32.94 15.70 -26.17
CA GLN H 57 33.69 14.60 -26.77
C GLN H 57 35.14 14.51 -26.32
N THR H 58 35.82 15.65 -26.25
CA THR H 58 37.23 15.63 -25.83
C THR H 58 37.32 15.20 -24.37
N GLY H 59 36.45 15.74 -23.53
CA GLY H 59 36.47 15.38 -22.12
C GLY H 59 36.11 13.93 -21.85
N THR H 60 35.07 13.44 -22.54
CA THR H 60 34.63 12.07 -22.33
C THR H 60 35.58 11.05 -22.95
N ALA H 61 36.33 11.48 -23.95
CA ALA H 61 37.32 10.62 -24.61
C ALA H 61 38.44 10.37 -23.59
N ALA H 62 38.83 11.44 -22.88
CA ALA H 62 39.88 11.35 -21.87
C ALA H 62 39.44 10.39 -20.77
N ILE H 63 38.16 10.49 -20.41
CA ILE H 63 37.62 9.63 -19.36
C ILE H 63 37.61 8.19 -19.84
N LEU H 64 37.14 7.96 -21.06
CA LEU H 64 37.09 6.62 -21.63
C LEU H 64 38.48 6.00 -21.65
N TYR H 65 39.47 6.77 -22.09
CA TYR H 65 40.85 6.28 -22.15
C TYR H 65 41.38 5.92 -20.75
N ARG H 66 41.15 6.81 -19.79
CA ARG H 66 41.61 6.59 -18.42
C ARG H 66 41.02 5.31 -17.83
N LEU H 67 39.73 5.08 -18.05
CA LEU H 67 39.11 3.87 -17.52
C LEU H 67 39.63 2.62 -18.21
N ALA H 68 39.73 2.65 -19.54
CA ALA H 68 40.19 1.50 -20.30
C ALA H 68 41.64 1.06 -20.02
N LYS H 69 42.52 2.00 -19.72
CA LYS H 69 43.91 1.65 -19.43
C LYS H 69 44.01 0.64 -18.27
N HIS H 70 43.03 0.65 -17.37
CA HIS H 70 43.02 -0.27 -16.24
C HIS H 70 42.94 -1.73 -16.72
N LEU H 71 42.44 -1.93 -17.93
CA LEU H 71 42.28 -3.27 -18.47
C LEU H 71 43.58 -3.92 -18.95
N VAL H 72 44.59 -3.10 -19.26
CA VAL H 72 45.84 -3.64 -19.76
C VAL H 72 46.44 -4.65 -18.78
N GLY H 73 46.77 -5.83 -19.28
CA GLY H 73 47.36 -6.86 -18.43
C GLY H 73 46.36 -7.83 -17.82
N HIS H 74 45.08 -7.63 -18.11
CA HIS H 74 44.05 -8.51 -17.57
C HIS H 74 43.40 -9.35 -18.65
N SER H 75 42.49 -10.24 -18.27
CA SER H 75 41.80 -11.12 -19.20
C SER H 75 40.50 -10.56 -19.75
N PRO H 76 40.25 -10.73 -21.06
CA PRO H 76 39.01 -10.23 -21.65
C PRO H 76 37.81 -10.97 -21.07
N HIS H 77 38.04 -12.14 -20.49
CA HIS H 77 36.96 -12.94 -19.91
C HIS H 77 36.61 -12.52 -18.48
N ASP H 78 37.24 -11.46 -17.99
CA ASP H 78 36.97 -10.99 -16.64
C ASP H 78 36.35 -9.59 -16.69
N VAL H 79 35.70 -9.29 -17.82
CA VAL H 79 35.08 -8.00 -18.04
C VAL H 79 34.18 -7.52 -16.89
N ALA H 80 33.35 -8.39 -16.34
CA ALA H 80 32.43 -7.99 -15.28
C ALA H 80 33.11 -7.50 -14.00
N PRO H 81 33.97 -8.33 -13.40
CA PRO H 81 34.62 -7.83 -12.18
C PRO H 81 35.58 -6.67 -12.42
N LEU H 82 36.16 -6.61 -13.62
CA LEU H 82 37.08 -5.53 -13.98
C LEU H 82 36.34 -4.19 -13.99
N ILE H 83 35.26 -4.11 -14.74
CA ILE H 83 34.46 -2.89 -14.80
C ILE H 83 33.98 -2.48 -13.38
N ALA H 84 33.52 -3.45 -12.60
CA ALA H 84 33.07 -3.12 -11.26
C ALA H 84 34.19 -2.48 -10.43
N ARG H 85 35.41 -3.00 -10.54
CA ARG H 85 36.56 -2.49 -9.79
C ARG H 85 36.90 -1.08 -10.26
N ILE H 86 36.97 -0.91 -11.58
CA ILE H 86 37.29 0.39 -12.15
C ILE H 86 36.23 1.40 -11.70
N PHE H 87 34.99 0.94 -11.59
CA PHE H 87 33.88 1.80 -11.19
C PHE H 87 34.06 2.22 -9.74
N HIS H 88 34.39 1.26 -8.88
CA HIS H 88 34.58 1.53 -7.47
C HIS H 88 35.81 2.41 -7.25
N GLN H 89 36.84 2.19 -8.04
CA GLN H 89 38.09 2.94 -7.91
C GLN H 89 38.10 4.37 -8.43
N GLU H 90 37.59 4.60 -9.63
CA GLU H 90 37.61 5.95 -10.22
C GLU H 90 36.38 6.79 -9.93
N TYR H 91 35.29 6.16 -9.47
CA TYR H 91 34.07 6.91 -9.19
C TYR H 91 33.63 6.89 -7.72
N LEU H 92 33.19 5.72 -7.26
CA LEU H 92 32.70 5.56 -5.90
C LEU H 92 33.70 5.96 -4.81
N GLY H 93 34.96 5.56 -4.97
CA GLY H 93 35.96 5.89 -3.97
C GLY H 93 36.13 7.38 -3.82
N HIS H 94 35.66 8.14 -4.80
CA HIS H 94 35.78 9.59 -4.75
C HIS H 94 34.46 10.29 -4.40
N GLY H 95 33.43 9.50 -4.12
CA GLY H 95 32.14 10.05 -3.76
C GLY H 95 31.28 10.41 -4.96
N ALA H 96 31.73 10.06 -6.14
CA ALA H 96 30.97 10.36 -7.35
C ALA H 96 30.09 9.18 -7.75
N ASN H 97 28.95 9.01 -7.06
CA ASN H 97 28.04 7.90 -7.34
C ASN H 97 27.18 8.25 -8.54
N ILE H 98 27.83 8.43 -9.68
CA ILE H 98 27.13 8.79 -10.91
C ILE H 98 27.07 7.60 -11.84
N MSE H 99 26.27 6.61 -11.45
CA MSE H 99 26.12 5.38 -12.22
C MSE H 99 25.75 5.56 -13.69
O MSE H 99 26.36 4.92 -14.56
CB MSE H 99 25.10 4.47 -11.55
CG MSE H 99 24.93 3.14 -12.27
SE MSE H 99 23.90 1.89 -11.22
CE MSE H 99 25.30 1.10 -10.09
N ARG H 100 24.77 6.41 -13.97
CA ARG H 100 24.35 6.64 -15.36
C ARG H 100 25.50 7.16 -16.22
N ALA H 101 26.24 8.12 -15.69
CA ALA H 101 27.37 8.69 -16.42
C ALA H 101 28.47 7.65 -16.61
N ALA H 102 28.68 6.81 -15.61
CA ALA H 102 29.69 5.76 -15.70
C ALA H 102 29.27 4.76 -16.78
N ASN H 103 27.98 4.43 -16.78
CA ASN H 103 27.41 3.49 -17.75
C ASN H 103 27.67 3.95 -19.19
N GLN H 104 27.60 5.25 -19.41
CA GLN H 104 27.80 5.82 -20.74
C GLN H 104 29.17 5.42 -21.28
N ILE H 105 30.16 5.38 -20.38
CA ILE H 105 31.52 5.04 -20.76
C ILE H 105 31.74 3.52 -20.81
N PHE H 106 31.36 2.81 -19.76
CA PHE H 106 31.55 1.37 -19.73
C PHE H 106 30.80 0.64 -20.85
N SER H 107 29.79 1.30 -21.42
CA SER H 107 29.05 0.68 -22.52
C SER H 107 30.00 0.29 -23.66
N GLY H 108 30.86 1.21 -24.06
CA GLY H 108 31.81 0.94 -25.12
C GLY H 108 32.84 -0.11 -24.70
N ILE H 109 33.31 0.01 -23.47
CA ILE H 109 34.28 -0.93 -22.93
C ILE H 109 33.69 -2.33 -22.96
N ASP H 110 32.47 -2.48 -22.45
CA ASP H 110 31.83 -3.77 -22.40
C ASP H 110 31.60 -4.36 -23.79
N MSE H 111 31.06 -3.59 -24.73
CA MSE H 111 30.84 -4.18 -26.06
C MSE H 111 32.15 -4.59 -26.74
O MSE H 111 32.18 -5.55 -27.49
CB MSE H 111 30.00 -3.25 -26.96
CG MSE H 111 30.57 -1.90 -27.39
SE MSE H 111 29.28 -0.94 -28.57
CE MSE H 111 27.95 -0.29 -27.30
N ALA H 112 33.23 -3.86 -26.45
CA ALA H 112 34.54 -4.19 -27.02
C ALA H 112 35.06 -5.50 -26.45
N MSE H 113 34.87 -5.70 -25.14
CA MSE H 113 35.33 -6.92 -24.48
C MSE H 113 34.62 -8.17 -24.99
O MSE H 113 35.24 -9.22 -25.13
CB MSE H 113 35.14 -6.82 -22.96
CG MSE H 113 35.96 -5.71 -22.29
SE MSE H 113 37.83 -6.27 -22.06
CE MSE H 113 37.78 -7.09 -20.28
N TRP H 114 33.32 -8.06 -25.25
CA TRP H 114 32.56 -9.21 -25.74
C TRP H 114 32.88 -9.46 -27.22
N ASP H 115 33.18 -8.39 -27.95
CA ASP H 115 33.55 -8.50 -29.35
C ASP H 115 34.86 -9.28 -29.34
N LEU H 116 35.76 -8.90 -28.44
CA LEU H 116 37.05 -9.57 -28.28
C LEU H 116 36.87 -11.04 -27.89
N GLN H 117 35.99 -11.30 -26.92
CA GLN H 117 35.76 -12.67 -26.46
C GLN H 117 35.21 -13.52 -27.59
N GLY H 118 34.30 -12.93 -28.37
CA GLY H 118 33.70 -13.63 -29.48
C GLY H 118 34.73 -13.97 -30.55
N LYS H 119 35.58 -13.00 -30.88
CA LYS H 119 36.62 -13.21 -31.88
C LYS H 119 37.62 -14.28 -31.43
N LEU H 120 37.98 -14.27 -30.14
CA LEU H 120 38.93 -15.27 -29.61
C LEU H 120 38.31 -16.66 -29.63
N ALA H 121 36.99 -16.73 -29.47
CA ALA H 121 36.30 -18.02 -29.46
C ALA H 121 35.82 -18.42 -30.84
N GLY H 122 35.73 -17.44 -31.74
CA GLY H 122 35.25 -17.73 -33.07
C GLY H 122 33.75 -17.94 -33.02
N LEU H 123 33.09 -17.15 -32.18
CA LEU H 123 31.64 -17.24 -32.00
C LEU H 123 30.99 -15.85 -31.98
N PRO H 124 29.74 -15.76 -32.46
CA PRO H 124 29.07 -14.46 -32.45
C PRO H 124 28.69 -14.21 -30.99
N VAL H 125 28.67 -12.96 -30.55
CA VAL H 125 28.36 -12.65 -29.16
C VAL H 125 27.10 -13.28 -28.57
N HIS H 126 26.00 -13.38 -29.33
CA HIS H 126 24.79 -13.95 -28.77
C HIS H 126 24.96 -15.42 -28.39
N GLN H 127 25.94 -16.10 -28.99
CA GLN H 127 26.17 -17.49 -28.66
C GLN H 127 27.10 -17.64 -27.46
N LEU H 128 27.46 -16.51 -26.88
CA LEU H 128 28.29 -16.49 -25.69
C LEU H 128 27.32 -16.15 -24.55
N LEU H 129 26.11 -15.73 -24.91
CA LEU H 129 25.12 -15.33 -23.92
C LEU H 129 23.96 -16.32 -23.75
N GLY H 130 24.12 -17.54 -24.25
CA GLY H 130 23.08 -18.53 -24.11
C GLY H 130 22.39 -18.92 -25.40
N GLY H 131 22.59 -18.16 -26.47
CA GLY H 131 21.96 -18.49 -27.73
C GLY H 131 20.91 -17.49 -28.18
N ALA H 132 20.54 -17.57 -29.46
CA ALA H 132 19.55 -16.68 -30.04
C ALA H 132 18.14 -17.19 -29.85
N HIS H 133 17.26 -16.30 -29.38
CA HIS H 133 15.87 -16.65 -29.15
C HIS H 133 14.96 -16.34 -30.34
N ARG H 134 15.56 -15.93 -31.44
CA ARG H 134 14.80 -15.60 -32.65
C ARG H 134 15.75 -15.64 -33.84
N LYS H 135 15.20 -15.91 -35.02
CA LYS H 135 16.00 -15.99 -36.22
C LYS H 135 16.38 -14.62 -36.75
N ALA H 136 15.61 -13.61 -36.36
CA ALA H 136 15.87 -12.23 -36.78
C ALA H 136 15.37 -11.22 -35.76
N VAL H 137 16.07 -10.10 -35.65
CA VAL H 137 15.64 -9.05 -34.74
C VAL H 137 14.75 -8.09 -35.52
N GLY H 138 13.64 -7.70 -34.91
CA GLY H 138 12.72 -6.78 -35.55
C GLY H 138 12.99 -5.33 -35.18
N TYR H 139 12.94 -4.44 -36.16
CA TYR H 139 13.22 -3.02 -35.94
C TYR H 139 12.08 -2.09 -36.40
N PHE H 140 12.05 -0.89 -35.84
CA PHE H 140 11.03 0.07 -36.22
C PHE H 140 11.48 0.83 -37.47
N TYR H 141 10.67 1.79 -37.89
CA TYR H 141 11.01 2.65 -39.01
C TYR H 141 10.99 4.05 -38.41
N PHE H 142 12.18 4.64 -38.29
CA PHE H 142 12.37 5.96 -37.71
C PHE H 142 11.98 7.05 -38.72
N LEU H 143 10.76 7.55 -38.61
CA LEU H 143 10.29 8.58 -39.53
C LEU H 143 11.03 9.89 -39.35
N GLN H 144 11.23 10.61 -40.45
CA GLN H 144 11.91 11.90 -40.39
C GLN H 144 11.10 12.96 -41.14
N GLY H 145 11.19 14.20 -40.69
CA GLY H 145 10.46 15.27 -41.32
C GLY H 145 9.98 16.27 -40.27
N GLU H 146 9.83 17.53 -40.68
CA GLU H 146 9.38 18.58 -39.76
C GLU H 146 7.93 18.97 -40.00
N THR H 147 7.42 18.65 -41.19
CA THR H 147 6.05 18.99 -41.54
C THR H 147 5.24 17.71 -41.75
N ALA H 148 3.92 17.84 -41.69
CA ALA H 148 3.06 16.68 -41.89
C ALA H 148 3.31 16.12 -43.29
N GLU H 149 3.49 17.00 -44.27
CA GLU H 149 3.73 16.56 -45.65
C GLU H 149 4.98 15.68 -45.77
N GLU H 150 6.08 16.14 -45.17
CA GLU H 150 7.32 15.38 -45.22
C GLU H 150 7.22 14.04 -44.50
N LEU H 151 6.63 14.04 -43.30
CA LEU H 151 6.49 12.82 -42.52
C LEU H 151 5.56 11.82 -43.22
N ALA H 152 4.51 12.31 -43.86
CA ALA H 152 3.58 11.44 -44.58
C ALA H 152 4.22 10.79 -45.80
N ARG H 153 5.06 11.55 -46.48
CA ARG H 153 5.76 11.07 -47.68
C ARG H 153 6.72 9.95 -47.26
N ASP H 154 7.44 10.20 -46.17
CA ASP H 154 8.38 9.23 -45.64
C ASP H 154 7.66 7.95 -45.21
N ALA H 155 6.51 8.10 -44.56
CA ALA H 155 5.73 6.95 -44.10
C ALA H 155 5.22 6.14 -45.30
N ALA H 156 4.82 6.84 -46.35
CA ALA H 156 4.33 6.21 -47.57
C ALA H 156 5.40 5.31 -48.18
N VAL H 157 6.62 5.83 -48.30
CA VAL H 157 7.72 5.07 -48.87
C VAL H 157 8.06 3.88 -47.99
N GLY H 158 8.19 4.13 -46.69
CA GLY H 158 8.52 3.07 -45.77
C GLY H 158 7.48 1.97 -45.82
N HIS H 159 6.21 2.36 -45.85
CA HIS H 159 5.15 1.36 -45.89
C HIS H 159 5.25 0.53 -47.17
N ALA H 160 5.52 1.18 -48.29
CA ALA H 160 5.64 0.46 -49.56
C ALA H 160 6.84 -0.46 -49.54
N GLN H 161 7.86 -0.12 -48.75
CA GLN H 161 9.06 -0.94 -48.68
C GLN H 161 8.91 -2.13 -47.73
N GLY H 162 7.74 -2.25 -47.11
CA GLY H 162 7.51 -3.36 -46.21
C GLY H 162 7.75 -3.12 -44.72
N GLU H 163 7.96 -1.87 -44.31
CA GLU H 163 8.17 -1.57 -42.90
C GLU H 163 6.91 -1.96 -42.12
N ARG H 164 7.11 -2.47 -40.91
CA ARG H 164 6.01 -2.95 -40.06
C ARG H 164 5.69 -2.09 -38.85
N VAL H 165 6.70 -1.43 -38.29
CA VAL H 165 6.47 -0.63 -37.08
C VAL H 165 6.98 0.81 -37.28
N PHE H 166 6.05 1.75 -37.41
CA PHE H 166 6.39 3.15 -37.62
C PHE H 166 6.56 3.91 -36.30
N TYR H 167 7.64 4.70 -36.24
CA TYR H 167 7.99 5.46 -35.05
C TYR H 167 7.95 6.95 -35.38
N LEU H 168 7.03 7.66 -34.73
CA LEU H 168 6.84 9.10 -34.96
C LEU H 168 7.02 9.92 -33.67
N LYS H 169 7.80 10.99 -33.74
CA LYS H 169 8.01 11.80 -32.55
C LYS H 169 6.95 12.90 -32.48
N VAL H 170 6.36 13.05 -31.29
CA VAL H 170 5.34 14.07 -31.09
C VAL H 170 5.80 15.00 -29.97
N GLY H 171 4.85 15.71 -29.36
CA GLY H 171 5.21 16.66 -28.32
C GLY H 171 5.58 17.99 -28.94
N ARG H 172 5.14 18.19 -30.18
CA ARG H 172 5.43 19.41 -30.92
C ARG H 172 4.28 20.43 -30.81
N GLY H 173 3.43 20.27 -29.80
CA GLY H 173 2.30 21.16 -29.64
C GLY H 173 1.08 20.35 -30.04
N GLU H 174 -0.08 20.66 -29.47
CA GLU H 174 -1.28 19.89 -29.78
C GLU H 174 -1.67 19.89 -31.25
N LYS H 175 -1.79 21.08 -31.84
CA LYS H 175 -2.21 21.17 -33.23
C LYS H 175 -1.32 20.38 -34.18
N LEU H 176 -0.02 20.66 -34.17
CA LEU H 176 0.92 19.96 -35.05
C LEU H 176 0.97 18.46 -34.76
N ASP H 177 0.93 18.08 -33.49
CA ASP H 177 0.97 16.67 -33.14
C ASP H 177 -0.17 15.88 -33.79
N LEU H 178 -1.40 16.40 -33.66
CA LEU H 178 -2.56 15.73 -34.23
C LEU H 178 -2.52 15.75 -35.76
N GLU H 179 -1.98 16.82 -36.34
CA GLU H 179 -1.90 16.91 -37.80
C GLU H 179 -0.90 15.89 -38.36
N ILE H 180 0.30 15.82 -37.79
CA ILE H 180 1.30 14.87 -38.28
C ILE H 180 0.91 13.41 -37.99
N THR H 181 0.29 13.16 -36.85
CA THR H 181 -0.14 11.81 -36.52
C THR H 181 -1.25 11.40 -37.53
N ALA H 182 -2.18 12.30 -37.79
CA ALA H 182 -3.26 12.00 -38.74
C ALA H 182 -2.65 11.75 -40.14
N ALA H 183 -1.70 12.59 -40.54
CA ALA H 183 -1.06 12.46 -41.85
C ALA H 183 -0.32 11.12 -42.00
N VAL H 184 0.44 10.72 -40.98
CA VAL H 184 1.17 9.46 -41.05
C VAL H 184 0.21 8.27 -41.10
N ARG H 185 -0.81 8.27 -40.24
CA ARG H 185 -1.78 7.17 -40.22
C ARG H 185 -2.43 7.06 -41.59
N GLY H 186 -2.68 8.21 -42.21
CA GLY H 186 -3.30 8.24 -43.52
C GLY H 186 -2.48 7.57 -44.63
N GLU H 187 -1.18 7.40 -44.41
CA GLU H 187 -0.33 6.79 -45.43
C GLU H 187 0.16 5.39 -45.11
N ILE H 188 -0.14 4.87 -43.92
CA ILE H 188 0.33 3.54 -43.56
C ILE H 188 -0.77 2.51 -43.31
N GLY H 189 -1.97 2.79 -43.81
CA GLY H 189 -3.09 1.87 -43.63
C GLY H 189 -3.33 1.56 -42.18
N ASP H 190 -3.31 0.27 -41.84
CA ASP H 190 -3.54 -0.15 -40.46
C ASP H 190 -2.24 -0.56 -39.74
N ALA H 191 -1.10 -0.28 -40.34
CA ALA H 191 0.17 -0.67 -39.73
C ALA H 191 0.35 -0.08 -38.33
N ARG H 192 1.18 -0.74 -37.53
CA ARG H 192 1.45 -0.30 -36.16
C ARG H 192 2.16 1.05 -36.13
N LEU H 193 1.66 1.96 -35.29
CA LEU H 193 2.23 3.30 -35.14
C LEU H 193 2.56 3.63 -33.68
N ARG H 194 3.82 3.94 -33.41
CA ARG H 194 4.26 4.27 -32.05
C ARG H 194 4.66 5.75 -31.99
N LEU H 195 4.29 6.40 -30.90
CA LEU H 195 4.60 7.81 -30.73
C LEU H 195 5.61 8.08 -29.63
N ASP H 196 6.57 8.94 -29.91
CA ASP H 196 7.58 9.29 -28.92
C ASP H 196 7.33 10.70 -28.44
N ALA H 197 6.90 10.83 -27.19
CA ALA H 197 6.60 12.13 -26.60
C ALA H 197 7.86 12.80 -26.08
N ASN H 198 8.95 12.04 -26.05
CA ASN H 198 10.23 12.56 -25.62
C ASN H 198 10.21 13.44 -24.37
N GLU H 199 9.57 12.95 -23.30
CA GLU H 199 9.49 13.68 -22.03
C GLU H 199 8.85 15.05 -22.14
N GLY H 200 8.15 15.30 -23.24
CA GLY H 200 7.60 16.62 -23.45
C GLY H 200 6.28 17.05 -22.82
N TRP H 201 5.59 16.17 -22.11
CA TRP H 201 4.31 16.56 -21.53
C TRP H 201 4.21 16.57 -20.02
N SER H 202 3.46 17.52 -19.50
CA SER H 202 3.21 17.59 -18.08
C SER H 202 2.17 16.48 -17.88
N VAL H 203 1.85 16.18 -16.64
CA VAL H 203 0.90 15.12 -16.35
C VAL H 203 -0.47 15.33 -17.00
N HIS H 204 -1.07 16.51 -16.82
CA HIS H 204 -2.40 16.73 -17.37
C HIS H 204 -2.41 16.88 -18.90
N ASP H 205 -1.31 17.37 -19.47
CA ASP H 205 -1.23 17.50 -20.91
C ASP H 205 -1.07 16.10 -21.52
N ALA H 206 -0.35 15.23 -20.83
CA ALA H 206 -0.14 13.87 -21.32
C ALA H 206 -1.48 13.15 -21.40
N ILE H 207 -2.28 13.31 -20.34
CA ILE H 207 -3.58 12.67 -20.31
C ILE H 207 -4.49 13.18 -21.43
N ASN H 208 -4.55 14.49 -21.61
CA ASN H 208 -5.40 15.06 -22.66
C ASN H 208 -4.93 14.70 -24.07
N MSE H 209 -3.61 14.69 -24.30
CA MSE H 209 -3.10 14.35 -25.61
C MSE H 209 -3.36 12.89 -25.93
O MSE H 209 -3.64 12.54 -27.06
CB MSE H 209 -1.59 14.63 -25.71
CG MSE H 209 -1.22 16.13 -25.71
SE MSE H 209 -2.03 16.96 -27.29
CE MSE H 209 -1.18 15.99 -28.75
N CYS H 210 -3.24 12.02 -24.93
CA CYS H 210 -3.47 10.60 -25.17
C CYS H 210 -4.91 10.39 -25.57
N ARG H 211 -5.80 11.16 -24.95
CA ARG H 211 -7.22 11.07 -25.25
C ARG H 211 -7.47 11.47 -26.71
N LYS H 212 -6.85 12.57 -27.12
CA LYS H 212 -7.03 13.08 -28.48
C LYS H 212 -6.31 12.28 -29.55
N LEU H 213 -5.30 11.49 -29.17
CA LEU H 213 -4.55 10.66 -30.12
C LEU H 213 -5.08 9.23 -30.30
N GLU H 214 -5.92 8.78 -29.38
CA GLU H 214 -6.47 7.43 -29.44
C GLU H 214 -7.09 7.07 -30.80
N LYS H 215 -7.83 8.01 -31.37
CA LYS H 215 -8.50 7.79 -32.64
C LYS H 215 -7.57 7.40 -33.78
N TYR H 216 -6.27 7.54 -33.58
CA TYR H 216 -5.32 7.20 -34.64
C TYR H 216 -4.69 5.82 -34.50
N ASP H 217 -5.22 5.03 -33.57
CA ASP H 217 -4.76 3.67 -33.33
C ASP H 217 -3.26 3.62 -33.03
N ILE H 218 -2.91 4.06 -31.83
CA ILE H 218 -1.53 4.12 -31.37
C ILE H 218 -1.12 2.87 -30.58
N GLU H 219 -0.06 2.19 -31.00
CA GLU H 219 0.40 0.99 -30.30
C GLU H 219 0.83 1.36 -28.88
N PHE H 220 1.59 2.45 -28.78
CA PHE H 220 2.01 2.98 -27.48
C PHE H 220 2.66 4.35 -27.62
N ILE H 221 2.77 5.04 -26.48
CA ILE H 221 3.42 6.34 -26.45
C ILE H 221 4.60 6.15 -25.51
N GLU H 222 5.77 6.55 -25.99
CA GLU H 222 7.00 6.42 -25.25
C GLU H 222 7.35 7.67 -24.44
N GLN H 223 7.69 7.46 -23.17
CA GLN H 223 8.08 8.52 -22.25
C GLN H 223 7.35 9.85 -22.39
N PRO H 224 6.06 9.90 -22.04
CA PRO H 224 5.32 11.18 -22.16
C PRO H 224 5.77 12.23 -21.15
N THR H 225 6.16 11.79 -19.97
CA THR H 225 6.54 12.71 -18.91
C THR H 225 8.03 12.80 -18.60
N VAL H 226 8.37 13.85 -17.84
CA VAL H 226 9.75 14.10 -17.42
C VAL H 226 10.29 12.82 -16.81
N SER H 227 11.37 12.31 -17.39
CA SER H 227 12.01 11.05 -16.99
C SER H 227 12.45 10.83 -15.55
N TRP H 228 12.73 11.90 -14.81
CA TRP H 228 13.23 11.75 -13.43
C TRP H 228 12.19 11.20 -12.44
N SER H 229 10.91 11.35 -12.78
CA SER H 229 9.86 10.88 -11.89
C SER H 229 9.12 9.62 -12.37
N ILE H 230 9.50 8.49 -11.78
CA ILE H 230 8.85 7.25 -12.12
C ILE H 230 7.40 7.31 -11.63
N PRO H 231 7.16 7.89 -10.43
CA PRO H 231 5.76 7.97 -9.96
C PRO H 231 4.86 8.74 -10.94
N ALA H 232 5.36 9.83 -11.49
CA ALA H 232 4.60 10.64 -12.44
C ALA H 232 4.22 9.83 -13.68
N MSE H 233 5.14 9.01 -14.17
CA MSE H 233 4.87 8.18 -15.33
C MSE H 233 3.78 7.17 -14.99
O MSE H 233 2.84 6.94 -15.77
CB MSE H 233 6.14 7.45 -15.77
CG MSE H 233 5.94 6.51 -16.92
SE MSE H 233 7.61 5.96 -17.73
CE MSE H 233 7.48 6.81 -19.49
N ALA H 234 3.87 6.57 -13.80
CA ALA H 234 2.86 5.60 -13.37
C ALA H 234 1.48 6.28 -13.31
N HIS H 235 1.48 7.49 -12.79
CA HIS H 235 0.29 8.32 -12.65
C HIS H 235 -0.40 8.45 -14.02
N VAL H 236 0.37 8.81 -15.04
CA VAL H 236 -0.19 8.96 -16.37
C VAL H 236 -0.64 7.62 -16.96
N ARG H 237 0.20 6.60 -16.85
CA ARG H 237 -0.12 5.27 -17.39
C ARG H 237 -1.47 4.74 -16.89
N GLU H 238 -1.67 4.81 -15.58
CA GLU H 238 -2.91 4.33 -14.99
C GLU H 238 -4.15 5.11 -15.40
N LYS H 239 -3.98 6.33 -15.88
CA LYS H 239 -5.12 7.13 -16.31
C LYS H 239 -5.44 7.03 -17.81
N VAL H 240 -4.42 6.95 -18.66
CA VAL H 240 -4.65 6.90 -20.11
C VAL H 240 -4.96 5.53 -20.71
N GLY H 241 -5.62 5.54 -21.88
CA GLY H 241 -6.00 4.30 -22.52
C GLY H 241 -4.96 3.72 -23.47
N ILE H 242 -3.95 4.51 -23.82
CA ILE H 242 -2.89 4.08 -24.72
C ILE H 242 -1.74 3.59 -23.86
N PRO H 243 -1.15 2.43 -24.19
CA PRO H 243 -0.03 1.95 -23.37
C PRO H 243 1.12 2.97 -23.30
N ILE H 244 1.82 2.96 -22.18
CA ILE H 244 2.94 3.87 -21.98
C ILE H 244 4.24 3.08 -21.82
N VAL H 245 5.25 3.45 -22.59
CA VAL H 245 6.54 2.77 -22.53
C VAL H 245 7.61 3.67 -21.93
N ALA H 246 8.37 3.14 -20.98
CA ALA H 246 9.42 3.92 -20.35
C ALA H 246 10.66 3.91 -21.24
N ASP H 247 11.32 5.05 -21.30
CA ASP H 247 12.54 5.19 -22.09
C ASP H 247 13.59 5.82 -21.20
N GLN H 248 13.70 7.14 -21.26
CA GLN H 248 14.70 7.84 -20.47
C GLN H 248 14.55 7.63 -18.96
N ALA H 249 13.37 7.20 -18.53
CA ALA H 249 13.13 6.95 -17.10
C ALA H 249 13.94 5.72 -16.66
N ALA H 250 14.32 4.90 -17.64
CA ALA H 250 15.06 3.69 -17.36
C ALA H 250 16.50 3.66 -17.86
N PHE H 251 17.46 3.93 -16.97
CA PHE H 251 18.88 3.89 -17.34
C PHE H 251 19.59 2.73 -16.64
N THR H 252 19.50 2.70 -15.32
CA THR H 252 20.20 1.66 -14.56
C THR H 252 19.37 0.43 -14.23
N LEU H 253 20.05 -0.59 -13.71
CA LEU H 253 19.41 -1.83 -13.32
C LEU H 253 18.36 -1.50 -12.26
N TYR H 254 18.72 -0.53 -11.40
CA TYR H 254 17.84 -0.11 -10.32
C TYR H 254 16.63 0.66 -10.81
N ASP H 255 16.80 1.46 -11.87
CA ASP H 255 15.68 2.20 -12.44
C ASP H 255 14.68 1.17 -12.99
N VAL H 256 15.20 0.19 -13.72
CA VAL H 256 14.38 -0.85 -14.30
C VAL H 256 13.56 -1.55 -13.21
N TYR H 257 14.22 -1.90 -12.12
CA TYR H 257 13.57 -2.56 -11.00
C TYR H 257 12.44 -1.68 -10.42
N GLU H 258 12.72 -0.40 -10.23
CA GLU H 258 11.73 0.52 -9.70
C GLU H 258 10.50 0.62 -10.60
N ILE H 259 10.74 0.71 -11.90
CA ILE H 259 9.67 0.79 -12.87
C ILE H 259 8.79 -0.45 -12.80
N CYS H 260 9.43 -1.61 -12.69
CA CYS H 260 8.74 -2.89 -12.59
C CYS H 260 7.89 -3.02 -11.32
N ARG H 261 8.49 -2.80 -10.15
CA ARG H 261 7.74 -2.95 -8.90
C ARG H 261 6.60 -1.94 -8.73
N GLN H 262 6.71 -0.80 -9.40
CA GLN H 262 5.67 0.23 -9.32
C GLN H 262 4.73 0.10 -10.52
N ARG H 263 4.95 -0.91 -11.36
CA ARG H 263 4.15 -1.11 -12.58
C ARG H 263 4.01 0.25 -13.28
N ALA H 264 5.11 0.97 -13.42
CA ALA H 264 5.08 2.31 -14.02
C ALA H 264 5.01 2.39 -15.55
N ALA H 265 5.20 1.26 -16.23
CA ALA H 265 5.17 1.26 -17.68
C ALA H 265 4.72 -0.11 -18.22
N ASP H 266 4.30 -0.15 -19.48
CA ASP H 266 3.82 -1.39 -20.08
C ASP H 266 4.89 -2.18 -20.80
N MSE H 267 6.05 -1.54 -20.95
CA MSE H 267 7.21 -2.15 -21.59
C MSE H 267 8.36 -1.20 -21.31
O MSE H 267 8.15 -0.01 -21.06
CB MSE H 267 7.01 -2.27 -23.10
CG MSE H 267 8.20 -2.92 -23.79
SE MSE H 267 7.84 -3.30 -25.69
CE MSE H 267 7.96 -1.58 -26.52
N ILE H 268 9.59 -1.72 -21.34
CA ILE H 268 10.75 -0.88 -21.06
C ILE H 268 11.70 -0.76 -22.25
N CYS H 269 11.97 0.47 -22.64
CA CYS H 269 12.89 0.72 -23.75
C CYS H 269 14.22 1.17 -23.18
N ILE H 270 15.23 0.32 -23.28
CA ILE H 270 16.54 0.63 -22.73
C ILE H 270 17.63 0.03 -23.64
N GLY H 271 18.80 0.66 -23.66
CA GLY H 271 19.89 0.19 -24.50
C GLY H 271 21.23 0.14 -23.78
N PRO H 272 22.28 -0.40 -24.42
CA PRO H 272 23.61 -0.48 -23.79
C PRO H 272 24.15 0.84 -23.25
N ARG H 273 23.94 1.92 -23.97
CA ARG H 273 24.42 3.24 -23.55
C ARG H 273 23.91 3.67 -22.17
N GLU H 274 22.67 3.31 -21.85
CA GLU H 274 22.08 3.67 -20.55
C GLU H 274 22.43 2.73 -19.40
N ILE H 275 22.39 1.43 -19.67
CA ILE H 275 22.62 0.40 -18.66
C ILE H 275 24.10 0.01 -18.48
N GLY H 276 24.94 0.36 -19.45
CA GLY H 276 26.35 0.06 -19.33
C GLY H 276 26.90 -1.13 -20.10
N GLY H 277 26.28 -1.49 -21.22
CA GLY H 277 26.82 -2.60 -21.99
C GLY H 277 25.90 -3.72 -22.35
N ILE H 278 26.51 -4.78 -22.85
CA ILE H 278 25.82 -5.98 -23.28
C ILE H 278 25.33 -6.80 -22.10
N GLN H 279 26.26 -7.19 -21.22
CA GLN H 279 25.92 -8.02 -20.07
C GLN H 279 24.91 -7.34 -19.14
N PRO H 280 25.07 -6.03 -18.89
CA PRO H 280 24.11 -5.37 -18.01
C PRO H 280 22.69 -5.42 -18.62
N MSE H 281 22.60 -5.43 -19.95
CA MSE H 281 21.31 -5.50 -20.60
C MSE H 281 20.61 -6.82 -20.30
O MSE H 281 19.40 -6.86 -20.15
CB MSE H 281 21.42 -5.33 -22.12
CG MSE H 281 21.57 -3.87 -22.58
SE MSE H 281 19.89 -2.93 -22.40
CE MSE H 281 18.74 -3.92 -23.60
N MSE H 282 21.38 -7.92 -20.24
CA MSE H 282 20.81 -9.23 -19.95
C MSE H 282 20.22 -9.19 -18.55
O MSE H 282 19.20 -9.82 -18.27
CB MSE H 282 21.88 -10.32 -19.99
CG MSE H 282 22.64 -10.43 -21.31
SE MSE H 282 21.47 -10.77 -22.84
CE MSE H 282 21.38 -9.05 -23.71
N LYS H 283 20.86 -8.44 -17.66
CA LYS H 283 20.37 -8.35 -16.28
C LYS H 283 19.09 -7.53 -16.23
N ALA H 284 19.05 -6.45 -17.01
CA ALA H 284 17.86 -5.60 -17.06
C ALA H 284 16.71 -6.44 -17.65
N ALA H 285 17.04 -7.24 -18.66
CA ALA H 285 16.06 -8.09 -19.32
C ALA H 285 15.48 -9.11 -18.36
N ALA H 286 16.32 -9.65 -17.47
CA ALA H 286 15.88 -10.63 -16.49
C ALA H 286 14.88 -10.03 -15.50
N VAL H 287 15.20 -8.85 -15.00
CA VAL H 287 14.32 -8.18 -14.05
C VAL H 287 12.97 -7.95 -14.70
N ALA H 288 12.99 -7.42 -15.93
CA ALA H 288 11.78 -7.14 -16.68
C ALA H 288 10.99 -8.44 -16.89
N GLU H 289 11.70 -9.50 -17.25
CA GLU H 289 11.04 -10.78 -17.49
C GLU H 289 10.33 -11.26 -16.21
N ALA H 290 11.03 -11.14 -15.08
CA ALA H 290 10.48 -11.56 -13.79
C ALA H 290 9.22 -10.77 -13.47
N ALA H 291 9.14 -9.54 -13.98
CA ALA H 291 7.98 -8.69 -13.72
C ALA H 291 6.94 -8.80 -14.82
N GLY H 292 7.12 -9.76 -15.73
CA GLY H 292 6.18 -9.95 -16.82
C GLY H 292 6.17 -8.88 -17.89
N LEU H 293 7.31 -8.20 -18.07
CA LEU H 293 7.42 -7.13 -19.05
C LEU H 293 8.49 -7.46 -20.09
N LYS H 294 8.39 -6.79 -21.24
CA LYS H 294 9.35 -7.00 -22.33
C LYS H 294 10.32 -5.83 -22.46
N ILE H 295 11.37 -6.07 -23.24
CA ILE H 295 12.41 -5.08 -23.50
C ILE H 295 12.39 -4.68 -24.98
N CYS H 296 12.55 -3.39 -25.22
CA CYS H 296 12.66 -2.85 -26.57
C CYS H 296 14.01 -2.16 -26.54
N ILE H 297 14.86 -2.40 -27.52
CA ILE H 297 16.16 -1.77 -27.51
C ILE H 297 16.14 -0.30 -27.90
N HIS H 298 16.62 0.55 -26.98
CA HIS H 298 16.68 1.98 -27.23
C HIS H 298 18.08 2.21 -27.81
N SER H 299 18.15 2.90 -28.95
CA SER H 299 19.45 3.13 -29.56
C SER H 299 20.03 4.49 -29.16
N SER H 300 20.93 5.00 -30.00
CA SER H 300 21.57 6.27 -29.72
C SER H 300 22.12 6.86 -31.02
N PHE H 301 22.58 8.11 -30.96
CA PHE H 301 23.14 8.75 -32.15
C PHE H 301 24.56 8.25 -32.31
N THR H 302 24.69 7.00 -32.74
CA THR H 302 25.98 6.35 -32.91
C THR H 302 26.14 5.72 -34.31
N THR H 303 27.05 4.74 -34.43
CA THR H 303 27.32 4.11 -35.72
C THR H 303 26.85 2.66 -35.81
N GLY H 304 27.24 2.00 -36.89
CA GLY H 304 26.89 0.61 -37.11
C GLY H 304 27.49 -0.31 -36.06
N ILE H 305 28.48 0.18 -35.33
CA ILE H 305 29.10 -0.63 -34.30
C ILE H 305 28.04 -0.92 -33.21
N THR H 306 27.40 0.14 -32.72
CA THR H 306 26.37 -0.01 -31.69
C THR H 306 25.24 -0.88 -32.26
N THR H 307 24.95 -0.70 -33.54
CA THR H 307 23.90 -1.48 -34.19
C THR H 307 24.16 -2.98 -34.00
N CYS H 308 25.41 -3.40 -34.25
CA CYS H 308 25.75 -4.81 -34.11
C CYS H 308 25.64 -5.27 -32.66
N ALA H 309 26.08 -4.44 -31.73
CA ALA H 309 25.99 -4.78 -30.33
C ALA H 309 24.53 -4.97 -29.92
N GLU H 310 23.70 -3.99 -30.28
CA GLU H 310 22.28 -4.05 -29.94
C GLU H 310 21.61 -5.24 -30.63
N HIS H 311 22.10 -5.61 -31.81
CA HIS H 311 21.55 -6.74 -32.55
C HIS H 311 21.79 -8.04 -31.76
N HIS H 312 23.04 -8.24 -31.33
CA HIS H 312 23.39 -9.43 -30.56
C HIS H 312 22.68 -9.42 -29.21
N ILE H 313 22.50 -8.24 -28.64
CA ILE H 313 21.80 -8.12 -27.35
C ILE H 313 20.38 -8.60 -27.58
N GLY H 314 19.79 -8.15 -28.69
CA GLY H 314 18.43 -8.53 -29.00
C GLY H 314 18.22 -10.01 -29.18
N LEU H 315 19.13 -10.67 -29.89
CA LEU H 315 19.03 -12.11 -30.12
C LEU H 315 19.09 -12.91 -28.83
N ALA H 316 19.91 -12.45 -27.88
CA ALA H 316 20.06 -13.14 -26.60
C ALA H 316 18.97 -12.90 -25.56
N ILE H 317 18.11 -11.89 -25.78
CA ILE H 317 17.01 -11.61 -24.85
C ILE H 317 15.72 -12.35 -25.26
N PRO H 318 15.20 -13.21 -24.37
CA PRO H 318 13.97 -13.94 -24.70
C PRO H 318 12.72 -13.05 -24.75
N ASN H 319 12.61 -12.12 -23.81
CA ASN H 319 11.46 -11.22 -23.75
C ASN H 319 11.73 -9.93 -24.51
N LEU H 320 11.87 -10.05 -25.83
CA LEU H 320 12.16 -8.89 -26.68
C LEU H 320 11.02 -8.44 -27.58
N ASP H 321 10.97 -7.13 -27.79
CA ASP H 321 10.00 -6.47 -28.66
C ASP H 321 10.45 -6.75 -30.11
N ASP H 322 9.61 -6.42 -31.09
CA ASP H 322 9.95 -6.65 -32.49
C ASP H 322 9.99 -5.32 -33.26
N GLY H 323 10.06 -4.21 -32.52
CA GLY H 323 10.13 -2.89 -33.12
C GLY H 323 11.28 -2.13 -32.48
N ASN H 324 12.42 -2.80 -32.37
CA ASN H 324 13.60 -2.21 -31.76
C ASN H 324 14.13 -1.00 -32.50
N GLN H 325 14.85 -0.14 -31.80
CA GLN H 325 15.40 1.05 -32.44
C GLN H 325 16.68 0.71 -33.21
N ILE H 326 16.97 1.52 -34.22
CA ILE H 326 18.17 1.34 -35.06
C ILE H 326 18.46 2.71 -35.64
N MSE H 327 19.73 3.12 -35.65
CA MSE H 327 20.10 4.46 -36.09
C MSE H 327 21.24 4.66 -37.09
O MSE H 327 21.47 5.80 -37.52
CB MSE H 327 20.41 5.33 -34.87
CG MSE H 327 19.33 5.28 -33.78
SE MSE H 327 17.86 6.47 -34.26
CE MSE H 327 18.51 8.17 -33.55
N TRP H 328 21.96 3.61 -37.44
CA TRP H 328 23.09 3.73 -38.35
C TRP H 328 22.67 4.32 -39.70
N GLN H 329 21.43 4.09 -40.11
CA GLN H 329 20.97 4.59 -41.41
C GLN H 329 20.99 6.12 -41.51
N LEU H 330 21.13 6.80 -40.38
CA LEU H 330 21.17 8.25 -40.38
C LEU H 330 22.54 8.80 -40.78
N VAL H 331 23.57 7.97 -40.69
CA VAL H 331 24.92 8.40 -41.04
C VAL H 331 25.13 8.43 -42.56
N GLN H 332 25.81 9.47 -43.03
CA GLN H 332 26.07 9.61 -44.46
C GLN H 332 26.92 8.42 -44.94
N GLU H 333 28.00 8.14 -44.21
CA GLU H 333 28.88 7.03 -44.55
C GLU H 333 29.23 6.26 -43.28
N ASP H 334 28.43 5.26 -42.96
CA ASP H 334 28.66 4.45 -41.76
C ASP H 334 30.01 3.76 -41.83
N ILE H 335 30.65 3.58 -40.68
CA ILE H 335 31.97 2.98 -40.63
C ILE H 335 32.03 1.46 -40.67
N VAL H 336 30.86 0.80 -40.69
CA VAL H 336 30.83 -0.66 -40.77
C VAL H 336 30.70 -1.06 -42.25
N SER H 337 31.72 -1.73 -42.77
CA SER H 337 31.69 -2.15 -44.17
C SER H 337 30.93 -3.46 -44.35
N SER H 338 30.82 -4.23 -43.27
CA SER H 338 30.10 -5.50 -43.31
C SER H 338 29.72 -5.89 -41.87
N PRO H 339 28.57 -6.56 -41.69
CA PRO H 339 27.59 -6.98 -42.70
C PRO H 339 26.66 -5.85 -43.16
N ASP H 340 25.65 -6.22 -43.93
CA ASP H 340 24.66 -5.27 -44.41
C ASP H 340 23.67 -5.05 -43.26
N LEU H 341 23.65 -3.84 -42.73
CA LEU H 341 22.78 -3.50 -41.61
C LEU H 341 21.40 -3.00 -42.04
N THR H 342 21.08 -3.13 -43.32
CA THR H 342 19.79 -2.68 -43.83
C THR H 342 18.68 -3.69 -43.56
N PRO H 343 17.72 -3.33 -42.70
CA PRO H 343 16.63 -4.27 -42.41
C PRO H 343 15.76 -4.54 -43.65
N LYS H 344 15.23 -5.76 -43.72
CA LYS H 344 14.35 -6.15 -44.83
C LYS H 344 12.98 -6.40 -44.20
N ASN H 345 12.00 -5.58 -44.56
CA ASN H 345 10.66 -5.67 -44.01
C ASN H 345 10.75 -5.52 -42.49
N GLY H 346 11.69 -4.68 -42.06
CA GLY H 346 11.88 -4.45 -40.64
C GLY H 346 12.50 -5.59 -39.86
N TRP H 347 13.30 -6.40 -40.54
CA TRP H 347 13.98 -7.52 -39.89
C TRP H 347 15.45 -7.62 -40.33
N LEU H 348 16.29 -8.09 -39.42
CA LEU H 348 17.70 -8.29 -39.69
C LEU H 348 17.94 -9.71 -39.21
N ASP H 349 18.17 -10.63 -40.14
CA ASP H 349 18.41 -12.02 -39.76
C ASP H 349 19.68 -12.07 -38.91
N ALA H 350 19.71 -12.99 -37.95
CA ALA H 350 20.83 -13.13 -37.02
C ALA H 350 22.23 -13.10 -37.67
N PHE H 351 23.07 -12.20 -37.18
CA PHE H 351 24.45 -12.08 -37.67
C PHE H 351 25.25 -13.24 -37.07
N ARG H 352 26.09 -13.88 -37.88
CA ARG H 352 26.84 -15.05 -37.41
C ARG H 352 28.36 -15.00 -37.34
N LYS H 353 28.97 -13.90 -37.76
CA LYS H 353 30.43 -13.79 -37.70
C LYS H 353 30.90 -13.65 -36.25
N PRO H 354 32.20 -13.88 -35.99
CA PRO H 354 32.76 -13.78 -34.64
C PRO H 354 32.61 -12.42 -33.96
N GLY H 355 32.47 -12.44 -32.63
CA GLY H 355 32.32 -11.22 -31.88
C GLY H 355 31.04 -10.51 -32.27
N LEU H 356 31.08 -9.19 -32.39
CA LEU H 356 29.91 -8.42 -32.77
C LEU H 356 29.63 -8.63 -34.27
N GLY H 357 30.56 -9.30 -34.94
CA GLY H 357 30.40 -9.63 -36.35
C GLY H 357 30.58 -8.59 -37.43
N PHE H 358 31.29 -7.52 -37.14
CA PHE H 358 31.47 -6.47 -38.15
C PHE H 358 32.91 -6.25 -38.58
N GLN H 359 33.06 -5.59 -39.72
CA GLN H 359 34.35 -5.22 -40.26
C GLN H 359 34.26 -3.71 -40.38
N LEU H 360 35.32 -3.01 -40.01
CA LEU H 360 35.29 -1.56 -40.09
C LEU H 360 35.93 -1.05 -41.37
N ALA H 361 35.40 0.06 -41.88
CA ALA H 361 35.93 0.70 -43.07
C ALA H 361 36.97 1.66 -42.55
N GLU H 362 38.20 1.17 -42.40
CA GLU H 362 39.31 1.96 -41.88
C GLU H 362 39.47 3.31 -42.58
N ASP H 363 39.17 3.37 -43.87
CA ASP H 363 39.30 4.63 -44.58
C ASP H 363 38.29 5.65 -44.06
N LEU H 364 37.06 5.21 -43.81
CA LEU H 364 36.02 6.10 -43.30
C LEU H 364 36.30 6.48 -41.84
N VAL H 365 36.89 5.57 -41.08
CA VAL H 365 37.23 5.85 -39.69
C VAL H 365 38.31 6.92 -39.66
N ALA H 366 39.30 6.78 -40.52
CA ALA H 366 40.39 7.75 -40.62
C ALA H 366 39.82 9.14 -40.91
N GLU H 367 38.88 9.20 -41.86
CA GLU H 367 38.26 10.47 -42.21
C GLU H 367 37.57 11.03 -40.98
N GLY H 368 36.93 10.16 -40.22
CA GLY H 368 36.24 10.59 -39.02
C GLY H 368 37.19 11.19 -38.01
N GLU H 369 38.37 10.59 -37.86
CA GLU H 369 39.36 11.13 -36.92
C GLU H 369 39.82 12.48 -37.43
N GLY H 370 40.01 12.56 -38.75
CA GLY H 370 40.43 13.81 -39.36
C GLY H 370 39.44 14.93 -39.09
N ARG H 371 38.15 14.64 -39.17
CA ARG H 371 37.15 15.67 -38.92
C ARG H 371 37.24 16.11 -37.47
N TYR H 372 37.45 15.14 -36.57
CA TYR H 372 37.57 15.46 -35.15
C TYR H 372 38.73 16.42 -34.93
N ALA H 373 39.89 16.09 -35.50
CA ALA H 373 41.06 16.94 -35.38
C ALA H 373 40.75 18.32 -35.93
N ALA H 374 40.04 18.36 -37.06
CA ALA H 374 39.66 19.62 -37.69
C ALA H 374 38.94 20.52 -36.70
N SER H 375 37.91 19.99 -36.06
CA SER H 375 37.14 20.76 -35.09
C SER H 375 37.98 21.12 -33.86
C1 GOL I . -17.98 -7.64 6.94
O1 GOL I . -17.68 -6.42 6.04
C2 GOL I . -17.49 -8.91 6.67
O2 GOL I . -18.37 -9.62 5.95
C3 GOL I . -16.39 -8.99 7.15
O3 GOL I . -15.12 -8.58 7.91
C1 GOL J . 20.97 11.66 20.52
O1 GOL J . 21.20 10.29 21.19
C2 GOL J . 19.72 12.10 20.11
O2 GOL J . 19.46 11.78 18.83
C3 GOL J . 19.21 12.64 21.04
O3 GOL J . 19.04 13.20 22.45
C1 GOL K . 18.15 5.66 -7.57
O1 GOL K . 17.32 5.80 -6.27
C2 GOL K . 18.30 4.45 -8.25
O2 GOL K . 19.42 3.83 -7.88
C3 GOL K . 17.36 4.32 -8.97
O3 GOL K . 16.02 4.64 -9.67
C1 GOL L . 6.36 -21.02 22.70
O1 GOL L . 7.27 -20.02 23.46
C2 GOL L . 6.37 -21.21 21.30
O2 GOL L . 5.44 -20.48 20.71
C3 GOL L . 7.24 -21.99 21.04
O3 GOL L . 8.42 -22.96 21.25
C1 GOL M . -0.47 -3.64 -31.53
O1 GOL M . -1.32 -2.49 -32.11
C2 GOL M . -0.80 -4.35 -30.39
O2 GOL M . -0.26 -3.80 -29.31
C3 GOL M . -1.53 -5.22 -30.70
O3 GOL M . -2.32 -6.13 -31.66
C1 GOL N . -26.35 12.92 -11.99
O1 GOL N . -25.84 12.36 -13.34
C2 GOL N . -25.51 13.52 -11.04
O2 GOL N . -25.07 12.62 -10.16
C3 GOL N . -25.40 14.67 -11.30
O3 GOL N . -25.65 15.99 -12.04
#